data_3OOJ
#
_entry.id   3OOJ
#
_cell.length_a   247.599
_cell.length_b   247.599
_cell.length_c   630.862
_cell.angle_alpha   90.00
_cell.angle_beta   90.00
_cell.angle_gamma   120.00
#
_symmetry.space_group_name_H-M   'H 3 2'
#
loop_
_entity.id
_entity.type
_entity.pdbx_description
1 polymer 'Glucosamine/fructose-6-phosphate aminotransferase, isomerizing'
2 non-polymer 'GLUTAMIC ACID'
3 non-polymer 6-O-phosphono-alpha-D-glucopyranose
4 non-polymer GLYCEROL
5 non-polymer GLUCOSE-6-PHOSPHATE
6 water water
#
_entity_poly.entity_id   1
_entity_poly.type   'polypeptide(L)'
_entity_poly.pdbx_seq_one_letter_code
;AGIVGAIAQRDVAEILLEGLRRLEYRGYDSAGLAVVDAEGHMTRLRRLGKVQMLAQAAEEHPLHGGTGIAHTRWATHGEP
SEVNAHPHVSEHIVVVHNGIIENHEPLREELKARGYTFVSETDTEVIAHLVNWELKQGGTLREAVLRAIPQLRGAYGTVI
MDSRHPDTLLAARSGSPLVIGLGMGENFIASDQLALLPVTRRFIFLEEGDIAEITRRSVNIFDKTGAEVKRQDIESNLQY
DAGDKGIYRHYMQKEIYEQPNAIKNTLTGRISHGQVDLSELGPNADELLSKVEHIQILACGTSYNSGMVSRYWFESLAGI
PCDVEIASEFRYRKSAVRRNSLMITLSQSGETADTLAGLRLSKELGYLGSLAICNVPGSSLVRESDLALMTNAGTEIGVA
STKAFTTQLTVLLMLVAKLSRLKGLDASIEHDIVHGLQALPSRIEQMLSQDKRIEALAEDFSDKHHALFLGRGDQYPIAL
EGALKLKEISYIHAEAYAAGELKHGPLALIDADMPVIVVAPNNELLEKLKSNIEEVRARGGQLYVFADQDAGFVSSDNMH
IIEMPHVEEVIAPIFYTVPLQLLAYHVALIKGTDVDQPRNLAKSVTVE
;
_entity_poly.pdbx_strand_id   A,B,C,D,E,F,G,H
#
# COMPACT_ATOMS: atom_id res chain seq x y z
N ALA A 1 57.69 12.63 -7.81
CA ALA A 1 56.64 13.40 -8.49
C ALA A 1 56.60 13.04 -9.96
N GLY A 2 57.71 13.29 -10.65
CA GLY A 2 57.77 12.89 -12.03
C GLY A 2 58.80 11.80 -12.21
N ILE A 3 58.46 10.76 -12.96
CA ILE A 3 59.45 9.74 -13.31
C ILE A 3 59.67 9.69 -14.81
N VAL A 4 60.93 9.55 -15.23
CA VAL A 4 61.25 9.25 -16.63
C VAL A 4 62.33 8.21 -16.67
N GLY A 5 62.17 7.19 -17.50
CA GLY A 5 63.18 6.18 -17.71
C GLY A 5 63.42 5.99 -19.20
N ALA A 6 64.62 5.55 -19.56
CA ALA A 6 64.96 5.35 -20.96
C ALA A 6 65.91 4.18 -21.17
N ILE A 7 65.72 3.45 -22.26
CA ILE A 7 66.65 2.40 -22.66
C ILE A 7 66.85 2.39 -24.18
N ALA A 8 68.02 2.88 -24.61
CA ALA A 8 68.30 3.11 -26.02
C ALA A 8 69.73 2.70 -26.40
N GLN A 9 70.05 2.86 -27.68
CA GLN A 9 71.43 2.73 -28.14
C GLN A 9 72.15 4.03 -27.85
N ARG A 10 71.55 5.14 -28.26
CA ARG A 10 72.10 6.47 -28.01
C ARG A 10 72.12 6.87 -26.52
N ASP A 11 72.82 7.97 -26.24
CA ASP A 11 72.83 8.55 -24.91
C ASP A 11 71.44 9.10 -24.57
N VAL A 12 70.99 8.84 -23.34
CA VAL A 12 69.63 9.20 -22.94
C VAL A 12 69.51 10.37 -21.95
N ALA A 13 70.63 10.91 -21.48
CA ALA A 13 70.59 11.93 -20.43
C ALA A 13 69.79 13.15 -20.84
N GLU A 14 70.09 13.64 -22.03
CA GLU A 14 69.41 14.79 -22.61
C GLU A 14 67.88 14.56 -22.68
N ILE A 15 67.51 13.34 -23.04
CA ILE A 15 66.11 12.94 -23.15
C ILE A 15 65.46 12.91 -21.77
N LEU A 16 66.12 12.27 -20.81
CA LEU A 16 65.60 12.23 -19.45
C LEU A 16 65.41 13.64 -18.85
N LEU A 17 66.36 14.52 -19.11
CA LEU A 17 66.25 15.90 -18.64
C LEU A 17 65.10 16.61 -19.33
N GLU A 18 64.97 16.44 -20.64
CA GLU A 18 63.87 17.08 -21.35
C GLU A 18 62.53 16.59 -20.80
N GLY A 19 62.47 15.30 -20.46
CA GLY A 19 61.30 14.70 -19.85
C GLY A 19 60.95 15.34 -18.52
N LEU A 20 61.96 15.48 -17.66
CA LEU A 20 61.76 16.16 -16.38
C LEU A 20 61.23 17.56 -16.63
N ARG A 21 61.86 18.28 -17.56
CA ARG A 21 61.41 19.63 -17.89
C ARG A 21 59.93 19.63 -18.22
N ARG A 22 59.53 18.69 -19.06
CA ARG A 22 58.13 18.58 -19.44
C ARG A 22 57.18 18.09 -18.34
N LEU A 23 57.74 17.60 -17.23
CA LEU A 23 56.90 17.19 -16.11
C LEU A 23 56.78 18.23 -15.02
N GLU A 24 57.39 19.38 -15.22
CA GLU A 24 57.45 20.37 -14.15
C GLU A 24 56.12 20.85 -13.60
N TYR A 25 55.04 20.67 -14.36
CA TYR A 25 53.74 21.14 -13.89
C TYR A 25 53.33 20.34 -12.64
N ARG A 26 54.01 19.24 -12.41
CA ARG A 26 53.82 18.48 -11.19
C ARG A 26 54.79 19.00 -10.14
N GLY A 27 54.27 19.69 -9.13
CA GLY A 27 55.11 20.33 -8.14
C GLY A 27 56.18 19.41 -7.59
N TYR A 28 57.37 19.97 -7.38
CA TYR A 28 58.50 19.20 -6.93
C TYR A 28 59.52 20.11 -6.25
N ASP A 29 60.30 19.55 -5.33
CA ASP A 29 61.29 20.32 -4.58
C ASP A 29 62.74 19.96 -4.95
N SER A 30 62.93 18.94 -5.76
CA SER A 30 64.28 18.48 -6.10
C SER A 30 64.27 17.48 -7.24
N ALA A 31 65.45 17.09 -7.70
CA ALA A 31 65.48 16.25 -8.87
C ALA A 31 66.82 15.57 -9.08
N GLY A 32 66.82 14.53 -9.90
CA GLY A 32 68.04 13.81 -10.18
C GLY A 32 67.88 12.80 -11.29
N LEU A 33 68.98 12.16 -11.66
CA LEU A 33 68.97 11.18 -12.72
C LEU A 33 70.21 10.30 -12.59
N ALA A 34 70.15 9.09 -13.15
CA ALA A 34 71.31 8.19 -13.19
C ALA A 34 71.32 7.46 -14.52
N VAL A 35 72.49 7.37 -15.14
CA VAL A 35 72.65 6.62 -16.37
C VAL A 35 73.84 5.67 -16.29
N VAL A 36 73.80 4.59 -17.07
CA VAL A 36 74.83 3.57 -17.05
C VAL A 36 75.32 3.34 -18.48
N ASP A 37 76.63 3.14 -18.66
CA ASP A 37 77.16 2.81 -19.99
C ASP A 37 77.21 1.29 -20.23
N ALA A 38 77.53 0.92 -21.47
CA ALA A 38 77.56 -0.50 -21.84
C ALA A 38 78.49 -1.30 -20.94
N GLU A 39 79.52 -0.64 -20.42
CA GLU A 39 80.49 -1.28 -19.52
C GLU A 39 80.00 -1.41 -18.07
N GLY A 40 78.92 -0.71 -17.72
CA GLY A 40 78.38 -0.80 -16.39
C GLY A 40 78.75 0.34 -15.46
N HIS A 41 79.42 1.36 -16.00
N HIS A 41 79.42 1.37 -15.99
CA HIS A 41 79.76 2.55 -15.22
CA HIS A 41 79.75 2.52 -15.18
C HIS A 41 78.52 3.41 -14.99
C HIS A 41 78.51 3.39 -14.99
N MET A 42 78.15 3.59 -13.72
CA MET A 42 76.94 4.32 -13.37
C MET A 42 77.23 5.74 -12.90
N THR A 43 76.53 6.73 -13.45
CA THR A 43 76.68 8.10 -13.03
C THR A 43 75.35 8.69 -12.57
N ARG A 44 75.36 9.26 -11.37
CA ARG A 44 74.16 9.80 -10.78
C ARG A 44 74.38 11.28 -10.43
N LEU A 45 73.38 12.13 -10.74
CA LEU A 45 73.43 13.54 -10.36
C LEU A 45 72.11 13.94 -9.72
N ARG A 46 72.17 14.60 -8.57
CA ARG A 46 70.96 15.00 -7.83
C ARG A 46 71.13 16.41 -7.28
N ARG A 47 70.12 17.26 -7.47
CA ARG A 47 70.18 18.62 -6.93
C ARG A 47 68.87 19.02 -6.27
N LEU A 48 69.02 19.79 -5.20
CA LEU A 48 67.91 20.46 -4.55
C LEU A 48 67.47 21.60 -5.46
N GLY A 49 66.16 21.80 -5.59
CA GLY A 49 65.65 22.90 -6.38
C GLY A 49 65.11 22.50 -7.74
N LYS A 50 65.19 23.44 -8.69
CA LYS A 50 64.53 23.31 -9.98
C LYS A 50 65.32 22.43 -10.96
N VAL A 51 64.60 21.83 -11.92
CA VAL A 51 65.24 20.97 -12.90
C VAL A 51 66.36 21.71 -13.63
N GLN A 52 66.21 23.02 -13.80
CA GLN A 52 67.24 23.84 -14.41
C GLN A 52 68.62 23.65 -13.74
N MET A 53 68.64 23.62 -12.41
CA MET A 53 69.87 23.37 -11.65
C MET A 53 70.47 22.02 -12.03
N LEU A 54 69.60 21.01 -12.16
CA LEU A 54 70.06 19.67 -12.47
C LEU A 54 70.67 19.63 -13.87
N ALA A 55 69.97 20.20 -14.84
CA ALA A 55 70.42 20.21 -16.22
C ALA A 55 71.77 20.91 -16.31
N GLN A 56 71.85 22.09 -15.72
CA GLN A 56 73.10 22.83 -15.70
C GLN A 56 74.24 22.00 -15.11
N ALA A 57 73.98 21.37 -13.97
CA ALA A 57 75.00 20.52 -13.36
C ALA A 57 75.41 19.42 -14.33
N ALA A 58 74.45 18.90 -15.09
CA ALA A 58 74.69 17.80 -16.02
C ALA A 58 75.50 18.26 -17.23
N GLU A 59 75.48 19.56 -17.49
CA GLU A 59 76.15 20.10 -18.68
C GLU A 59 77.67 20.17 -18.53
N GLU A 60 78.16 20.51 -17.35
CA GLU A 60 79.60 20.57 -17.14
C GLU A 60 80.20 19.17 -17.14
N HIS A 61 79.34 18.18 -16.89
CA HIS A 61 79.78 16.83 -16.59
C HIS A 61 78.95 15.79 -17.32
N PRO A 62 79.00 15.78 -18.67
CA PRO A 62 78.14 14.96 -19.55
C PRO A 62 78.04 13.50 -19.13
N LEU A 63 76.81 12.98 -19.10
CA LEU A 63 76.58 11.60 -18.72
C LEU A 63 76.42 10.71 -19.95
N HIS A 64 77.25 9.68 -20.01
CA HIS A 64 77.25 8.79 -21.16
C HIS A 64 76.53 7.49 -20.82
N GLY A 65 75.73 7.01 -21.77
CA GLY A 65 75.02 5.76 -21.59
C GLY A 65 73.62 5.73 -22.20
N GLY A 66 73.16 4.54 -22.53
CA GLY A 66 71.87 4.38 -23.19
C GLY A 66 70.78 3.90 -22.27
N THR A 67 71.14 3.62 -21.02
CA THR A 67 70.18 3.22 -20.01
C THR A 67 70.14 4.22 -18.85
N GLY A 68 68.95 4.63 -18.43
CA GLY A 68 68.88 5.58 -17.32
C GLY A 68 67.50 5.86 -16.73
N ILE A 69 67.48 6.44 -15.55
CA ILE A 69 66.23 6.83 -14.92
C ILE A 69 66.36 8.21 -14.30
N ALA A 70 65.23 8.83 -14.00
CA ALA A 70 65.20 10.25 -13.69
C ALA A 70 63.95 10.57 -12.90
N HIS A 71 64.00 11.61 -12.07
CA HIS A 71 62.95 11.85 -11.08
C HIS A 71 62.92 13.29 -10.59
N THR A 72 61.71 13.82 -10.48
CA THR A 72 61.48 15.00 -9.68
C THR A 72 60.72 14.51 -8.44
N ARG A 73 61.14 15.05 -7.29
CA ARG A 73 60.64 14.63 -5.98
C ARG A 73 59.70 15.65 -5.35
N TRP A 74 58.62 15.18 -4.73
CA TRP A 74 57.81 16.01 -3.84
C TRP A 74 57.87 15.34 -2.47
N ALA A 75 58.66 15.93 -1.57
CA ALA A 75 59.05 15.27 -0.33
C ALA A 75 57.89 14.86 0.58
N THR A 76 57.88 13.59 0.99
CA THR A 76 56.97 13.15 2.06
C THR A 76 57.70 12.60 3.28
N HIS A 77 58.76 11.83 3.04
CA HIS A 77 59.58 11.27 4.12
C HIS A 77 61.04 11.74 3.97
N GLY A 78 61.44 12.65 4.85
CA GLY A 78 62.74 13.32 4.73
C GLY A 78 62.69 14.67 4.03
N GLU A 79 63.26 15.68 4.66
CA GLU A 79 63.29 17.03 4.08
C GLU A 79 63.81 16.98 2.66
N PRO A 80 63.39 17.97 1.84
CA PRO A 80 64.02 18.20 0.54
C PRO A 80 65.52 18.44 0.73
N SER A 81 66.34 17.67 0.03
CA SER A 81 67.79 17.81 0.11
C SER A 81 68.43 16.92 -0.95
N GLU A 82 69.68 17.22 -1.33
CA GLU A 82 70.39 16.34 -2.26
C GLU A 82 70.45 14.92 -1.70
N VAL A 83 70.71 14.81 -0.40
CA VAL A 83 70.80 13.49 0.22
C VAL A 83 69.55 12.65 -0.02
N ASN A 84 68.39 13.29 0.05
CA ASN A 84 67.13 12.57 -0.08
C ASN A 84 66.58 12.45 -1.50
N ALA A 85 67.08 13.24 -2.44
CA ALA A 85 66.57 13.19 -3.82
C ALA A 85 66.79 11.81 -4.45
N HIS A 86 65.96 11.46 -5.43
CA HIS A 86 66.14 10.23 -6.20
C HIS A 86 67.04 10.54 -7.41
N PRO A 87 67.57 9.50 -8.08
CA PRO A 87 67.41 8.08 -7.73
C PRO A 87 68.16 7.69 -6.45
N HIS A 88 67.66 6.67 -5.77
CA HIS A 88 68.34 6.13 -4.62
C HIS A 88 69.05 4.83 -5.00
N VAL A 89 70.14 4.51 -4.27
CA VAL A 89 70.99 3.37 -4.62
C VAL A 89 71.16 2.36 -3.50
N SER A 90 71.29 1.11 -3.89
CA SER A 90 71.79 0.07 -3.02
C SER A 90 72.88 -0.59 -3.85
N GLU A 91 74.05 0.04 -3.90
CA GLU A 91 75.12 -0.40 -4.78
C GLU A 91 74.67 -0.38 -6.23
N HIS A 92 74.49 -1.56 -6.83
CA HIS A 92 74.13 -1.66 -8.24
C HIS A 92 72.63 -1.40 -8.50
N ILE A 93 71.82 -1.52 -7.47
CA ILE A 93 70.41 -1.23 -7.62
C ILE A 93 70.19 0.27 -7.60
N VAL A 94 69.45 0.77 -8.58
CA VAL A 94 69.15 2.18 -8.70
C VAL A 94 67.65 2.33 -8.96
N VAL A 95 67.02 3.18 -8.17
CA VAL A 95 65.57 3.20 -8.07
C VAL A 95 65.01 4.62 -8.10
N VAL A 96 63.91 4.80 -8.81
CA VAL A 96 63.12 6.02 -8.65
C VAL A 96 61.69 5.60 -8.27
N HIS A 97 61.04 6.45 -7.48
CA HIS A 97 59.82 6.08 -6.77
C HIS A 97 58.82 7.24 -6.60
N ASN A 98 57.56 7.03 -6.96
CA ASN A 98 56.51 7.97 -6.63
C ASN A 98 55.62 7.41 -5.54
N GLY A 99 55.39 8.19 -4.50
CA GLY A 99 54.42 7.78 -3.51
C GLY A 99 54.99 7.32 -2.19
N ILE A 100 54.14 6.66 -1.41
CA ILE A 100 54.40 6.40 -0.01
C ILE A 100 54.37 4.91 0.36
N ILE A 101 55.51 4.42 0.83
CA ILE A 101 55.62 3.07 1.38
C ILE A 101 55.08 3.10 2.80
N GLU A 102 53.94 2.45 3.02
CA GLU A 102 53.29 2.54 4.34
C GLU A 102 54.07 1.84 5.48
N ASN A 103 54.80 0.78 5.16
CA ASN A 103 55.53 0.04 6.18
C ASN A 103 57.03 0.21 6.07
N HIS A 104 57.49 1.44 5.92
CA HIS A 104 58.91 1.66 5.71
C HIS A 104 59.72 1.45 7.00
N GLU A 105 59.14 1.74 8.15
CA GLU A 105 59.84 1.56 9.42
C GLU A 105 60.27 0.10 9.69
N PRO A 106 59.30 -0.82 9.80
CA PRO A 106 59.66 -2.22 10.02
C PRO A 106 60.65 -2.73 8.99
N LEU A 107 60.39 -2.46 7.71
CA LEU A 107 61.28 -2.90 6.62
C LEU A 107 62.69 -2.36 6.74
N ARG A 108 62.80 -1.08 7.09
CA ARG A 108 64.08 -0.41 7.31
C ARG A 108 64.84 -1.10 8.44
N GLU A 109 64.12 -1.42 9.51
CA GLU A 109 64.73 -2.19 10.60
C GLU A 109 65.26 -3.53 10.10
N GLU A 110 64.37 -4.36 9.57
CA GLU A 110 64.76 -5.69 9.12
C GLU A 110 65.93 -5.62 8.15
N LEU A 111 66.02 -4.54 7.37
CA LEU A 111 67.10 -4.43 6.40
C LEU A 111 68.41 -3.96 7.05
N LYS A 112 68.28 -3.13 8.08
CA LYS A 112 69.44 -2.69 8.85
C LYS A 112 70.08 -3.87 9.58
N ALA A 113 69.22 -4.75 10.10
CA ALA A 113 69.65 -5.96 10.78
C ALA A 113 70.42 -6.87 9.84
N ARG A 114 70.05 -6.83 8.56
CA ARG A 114 70.73 -7.67 7.59
C ARG A 114 72.00 -7.00 7.08
N GLY A 115 72.32 -5.83 7.65
CA GLY A 115 73.58 -5.19 7.36
C GLY A 115 73.58 -4.05 6.36
N TYR A 116 72.39 -3.53 5.99
CA TYR A 116 72.32 -2.36 5.11
C TYR A 116 72.43 -1.03 5.86
N THR A 117 73.20 -0.11 5.29
CA THR A 117 73.31 1.25 5.81
C THR A 117 72.36 2.19 5.08
N PHE A 118 71.43 2.80 5.81
CA PHE A 118 70.52 3.79 5.25
C PHE A 118 71.13 5.18 5.37
N VAL A 119 71.45 5.78 4.23
CA VAL A 119 72.06 7.10 4.23
C VAL A 119 71.06 8.23 4.05
N SER A 120 69.82 7.91 3.68
CA SER A 120 68.77 8.94 3.52
C SER A 120 67.66 8.78 4.56
N GLU A 121 66.73 9.74 4.59
CA GLU A 121 65.60 9.64 5.50
C GLU A 121 64.34 9.14 4.79
N THR A 122 64.49 8.72 3.54
CA THR A 122 63.34 8.38 2.72
C THR A 122 62.82 6.96 2.94
N ASP A 123 61.52 6.79 2.72
CA ASP A 123 60.94 5.47 2.63
C ASP A 123 61.48 4.77 1.39
N THR A 124 61.79 5.56 0.37
CA THR A 124 62.21 5.04 -0.92
C THR A 124 63.43 4.13 -0.82
N GLU A 125 64.42 4.52 0.00
CA GLU A 125 65.65 3.76 0.14
C GLU A 125 65.42 2.30 0.50
N VAL A 126 64.33 2.02 1.22
CA VAL A 126 64.05 0.63 1.60
C VAL A 126 63.77 -0.18 0.35
N ILE A 127 63.21 0.44 -0.67
CA ILE A 127 62.99 -0.27 -1.91
C ILE A 127 64.33 -0.73 -2.47
N ALA A 128 65.28 0.19 -2.58
CA ALA A 128 66.56 -0.12 -3.21
C ALA A 128 67.29 -1.22 -2.42
N HIS A 129 67.40 -1.04 -1.11
CA HIS A 129 68.05 -2.09 -0.33
C HIS A 129 67.33 -3.44 -0.42
N LEU A 130 65.99 -3.42 -0.45
CA LEU A 130 65.19 -4.64 -0.47
C LEU A 130 65.35 -5.40 -1.79
N VAL A 131 65.36 -4.68 -2.90
CA VAL A 131 65.63 -5.28 -4.19
C VAL A 131 67.05 -5.84 -4.23
N ASN A 132 68.02 -5.07 -3.73
CA ASN A 132 69.39 -5.53 -3.66
C ASN A 132 69.52 -6.85 -2.88
N TRP A 133 68.81 -6.93 -1.76
CA TRP A 133 68.75 -8.13 -0.92
C TRP A 133 68.10 -9.32 -1.63
N GLU A 134 66.94 -9.11 -2.25
CA GLU A 134 66.29 -10.20 -2.97
C GLU A 134 67.13 -10.68 -4.15
N LEU A 135 67.96 -9.79 -4.69
CA LEU A 135 68.84 -10.16 -5.79
C LEU A 135 70.04 -10.93 -5.27
N LYS A 136 70.45 -10.67 -4.03
CA LYS A 136 71.56 -11.42 -3.43
C LYS A 136 71.47 -12.92 -3.75
N GLN A 137 70.31 -13.51 -3.51
CA GLN A 137 70.12 -14.95 -3.70
C GLN A 137 69.94 -15.36 -5.17
N GLY A 138 70.71 -14.73 -6.06
CA GLY A 138 70.64 -15.03 -7.48
C GLY A 138 69.30 -14.78 -8.15
N GLY A 139 69.32 -14.85 -9.48
CA GLY A 139 68.10 -14.69 -10.26
C GLY A 139 68.13 -13.49 -11.18
N THR A 140 66.98 -13.21 -11.80
CA THR A 140 66.81 -12.07 -12.66
C THR A 140 66.25 -10.88 -11.89
N LEU A 141 66.58 -9.66 -12.31
CA LEU A 141 66.01 -8.46 -11.69
C LEU A 141 64.51 -8.62 -11.54
N ARG A 142 63.89 -9.20 -12.56
CA ARG A 142 62.45 -9.38 -12.58
C ARG A 142 61.95 -10.22 -11.39
N GLU A 143 62.57 -11.38 -11.17
CA GLU A 143 62.15 -12.27 -10.10
C GLU A 143 62.39 -11.65 -8.72
N ALA A 144 63.51 -10.95 -8.58
CA ALA A 144 63.79 -10.23 -7.34
C ALA A 144 62.70 -9.20 -7.06
N VAL A 145 62.36 -8.41 -8.09
CA VAL A 145 61.30 -7.44 -7.94
C VAL A 145 60.00 -8.09 -7.52
N LEU A 146 59.66 -9.20 -8.18
CA LEU A 146 58.46 -9.99 -7.88
C LEU A 146 58.43 -10.50 -6.45
N ARG A 147 59.62 -10.79 -5.91
CA ARG A 147 59.71 -11.19 -4.50
C ARG A 147 59.55 -9.98 -3.59
N ALA A 148 60.05 -8.82 -4.01
CA ALA A 148 60.03 -7.64 -3.15
C ALA A 148 58.63 -7.09 -2.98
N ILE A 149 57.88 -7.07 -4.08
CA ILE A 149 56.57 -6.42 -4.10
C ILE A 149 55.61 -6.78 -2.96
N PRO A 150 55.42 -8.08 -2.70
CA PRO A 150 54.50 -8.53 -1.63
C PRO A 150 54.85 -8.01 -0.24
N GLN A 151 56.11 -7.66 0.00
CA GLN A 151 56.52 -7.18 1.32
C GLN A 151 56.30 -5.68 1.47
N LEU A 152 55.78 -5.08 0.41
CA LEU A 152 55.56 -3.64 0.38
C LEU A 152 54.10 -3.29 0.58
N ARG A 153 53.87 -2.21 1.29
CA ARG A 153 52.52 -1.75 1.57
C ARG A 153 52.40 -0.27 1.17
N GLY A 154 51.37 0.05 0.40
CA GLY A 154 51.13 1.42 -0.02
C GLY A 154 51.32 1.59 -1.52
N ALA A 155 52.01 2.65 -1.91
CA ALA A 155 52.29 2.91 -3.31
C ALA A 155 53.79 2.77 -3.56
N TYR A 156 54.16 1.77 -4.36
CA TYR A 156 55.55 1.50 -4.65
C TYR A 156 55.82 1.64 -6.14
N GLY A 157 55.09 2.55 -6.77
CA GLY A 157 55.32 2.91 -8.17
C GLY A 157 56.79 3.25 -8.38
N THR A 158 57.41 2.63 -9.37
CA THR A 158 58.85 2.61 -9.35
C THR A 158 59.43 2.22 -10.69
N VAL A 159 60.64 2.71 -10.95
CA VAL A 159 61.46 2.18 -12.03
C VAL A 159 62.86 1.87 -11.50
N ILE A 160 63.29 0.64 -11.75
CA ILE A 160 64.47 0.07 -11.15
C ILE A 160 65.43 -0.47 -12.22
N MET A 161 66.72 -0.23 -12.00
CA MET A 161 67.74 -0.82 -12.85
C MET A 161 68.91 -1.33 -12.02
N ASP A 162 69.65 -2.24 -12.62
CA ASP A 162 70.82 -2.88 -12.03
C ASP A 162 71.98 -2.41 -12.89
N SER A 163 72.85 -1.57 -12.34
CA SER A 163 73.99 -1.09 -13.11
C SER A 163 74.86 -2.19 -13.75
N ARG A 164 74.79 -3.42 -13.23
CA ARG A 164 75.58 -4.50 -13.82
C ARG A 164 74.95 -5.05 -15.11
N HIS A 165 73.63 -4.91 -15.22
CA HIS A 165 72.90 -5.41 -16.39
C HIS A 165 72.03 -4.34 -16.99
N PRO A 166 72.66 -3.42 -17.73
CA PRO A 166 72.01 -2.22 -18.24
C PRO A 166 71.05 -2.51 -19.40
N ASP A 167 70.82 -3.81 -19.65
N ASP A 167 70.81 -3.79 -19.70
CA ASP A 167 70.04 -4.28 -20.78
CA ASP A 167 69.98 -4.14 -20.86
C ASP A 167 68.55 -4.40 -20.47
C ASP A 167 68.50 -4.20 -20.52
N THR A 168 68.16 -3.98 -19.27
CA THR A 168 66.79 -4.12 -18.82
C THR A 168 66.40 -3.11 -17.74
N LEU A 169 65.16 -2.61 -17.83
CA LEU A 169 64.56 -1.86 -16.75
C LEU A 169 63.36 -2.63 -16.21
N LEU A 170 63.11 -2.48 -14.92
CA LEU A 170 61.90 -3.03 -14.30
C LEU A 170 60.99 -1.88 -13.83
N ALA A 171 59.71 -1.95 -14.18
CA ALA A 171 58.79 -0.92 -13.74
C ALA A 171 57.63 -1.56 -13.00
N ALA A 172 57.19 -0.90 -11.94
CA ALA A 172 55.98 -1.35 -11.24
C ALA A 172 55.04 -0.16 -11.11
N ARG A 173 53.87 -0.26 -11.74
CA ARG A 173 52.88 0.79 -11.64
C ARG A 173 52.03 0.52 -10.41
N SER A 174 52.18 1.39 -9.42
CA SER A 174 51.52 1.23 -8.13
C SER A 174 51.31 2.61 -7.53
N GLY A 175 50.08 3.10 -7.58
CA GLY A 175 49.72 4.31 -6.87
C GLY A 175 49.74 5.60 -7.69
N SER A 176 50.30 5.54 -8.90
CA SER A 176 50.31 6.71 -9.79
C SER A 176 50.61 6.27 -11.22
N PRO A 177 50.45 7.18 -12.18
CA PRO A 177 50.48 6.66 -13.56
C PRO A 177 51.87 6.32 -14.10
N LEU A 178 51.90 5.32 -14.99
CA LEU A 178 53.09 5.03 -15.79
C LEU A 178 52.68 4.68 -17.20
N VAL A 179 53.29 5.34 -18.17
CA VAL A 179 53.04 5.05 -19.56
C VAL A 179 54.37 4.70 -20.23
N ILE A 180 54.36 3.59 -20.96
CA ILE A 180 55.48 3.17 -21.77
C ILE A 180 55.44 3.87 -23.14
N GLY A 181 56.60 4.26 -23.64
CA GLY A 181 56.71 4.93 -24.92
C GLY A 181 57.56 4.10 -25.87
N LEU A 182 56.98 3.70 -26.99
CA LEU A 182 57.68 2.80 -27.90
C LEU A 182 58.37 3.59 -28.99
N GLY A 183 59.70 3.45 -29.06
CA GLY A 183 60.48 4.05 -30.12
C GLY A 183 60.99 2.99 -31.07
N MET A 184 61.95 3.35 -31.92
CA MET A 184 62.58 2.38 -32.82
C MET A 184 63.93 1.92 -32.27
N GLY A 185 64.02 0.65 -31.87
CA GLY A 185 65.22 0.15 -31.24
C GLY A 185 65.51 0.84 -29.91
N GLU A 186 64.51 1.53 -29.38
CA GLU A 186 64.63 2.13 -28.06
C GLU A 186 63.26 2.16 -27.42
N ASN A 187 63.22 2.07 -26.09
CA ASN A 187 61.96 2.24 -25.36
C ASN A 187 62.09 3.21 -24.20
N PHE A 188 60.98 3.78 -23.81
CA PHE A 188 60.97 4.78 -22.75
C PHE A 188 59.84 4.54 -21.76
N ILE A 189 59.87 5.25 -20.64
CA ILE A 189 58.78 5.15 -19.68
C ILE A 189 58.65 6.46 -18.92
N ALA A 190 57.44 6.89 -18.62
CA ALA A 190 57.29 8.15 -17.90
C ALA A 190 56.03 8.12 -17.07
N SER A 191 55.89 9.06 -16.12
CA SER A 191 54.64 9.12 -15.39
C SER A 191 53.56 9.85 -16.19
N ASP A 192 53.95 10.49 -17.28
CA ASP A 192 52.98 11.11 -18.19
C ASP A 192 53.56 11.21 -19.60
N GLN A 193 52.73 10.98 -20.60
CA GLN A 193 53.21 10.96 -21.99
C GLN A 193 53.75 12.31 -22.49
N LEU A 194 53.38 13.39 -21.82
CA LEU A 194 53.94 14.70 -22.13
C LEU A 194 55.46 14.63 -22.10
N ALA A 195 56.01 13.77 -21.24
CA ALA A 195 57.45 13.69 -21.06
C ALA A 195 58.11 13.06 -22.27
N LEU A 196 57.35 12.25 -23.00
CA LEU A 196 57.91 11.42 -24.05
C LEU A 196 57.66 11.92 -25.48
N LEU A 197 56.76 12.90 -25.64
CA LEU A 197 56.43 13.42 -26.97
C LEU A 197 57.64 13.80 -27.84
N PRO A 198 58.73 14.32 -27.22
CA PRO A 198 59.91 14.67 -28.01
C PRO A 198 60.53 13.47 -28.73
N VAL A 199 60.27 12.27 -28.24
CA VAL A 199 60.90 11.09 -28.85
C VAL A 199 59.96 10.01 -29.39
N THR A 200 58.70 9.98 -28.97
CA THR A 200 57.75 9.00 -29.53
C THR A 200 56.31 9.46 -29.44
N ARG A 201 55.42 8.79 -30.18
CA ARG A 201 53.99 9.06 -30.05
C ARG A 201 53.20 7.77 -29.92
N ARG A 202 53.90 6.65 -29.72
CA ARG A 202 53.22 5.38 -29.48
C ARG A 202 53.33 4.96 -28.02
N PHE A 203 52.20 4.78 -27.35
CA PHE A 203 52.17 4.57 -25.91
C PHE A 203 51.39 3.32 -25.47
N ILE A 204 51.80 2.79 -24.32
CA ILE A 204 51.11 1.72 -23.61
C ILE A 204 50.86 2.18 -22.18
N PHE A 205 49.60 2.36 -21.79
CA PHE A 205 49.29 2.78 -20.44
C PHE A 205 49.30 1.61 -19.46
N LEU A 206 50.03 1.75 -18.35
CA LEU A 206 50.11 0.68 -17.36
C LEU A 206 48.99 0.85 -16.34
N GLU A 207 48.43 -0.27 -15.90
CA GLU A 207 47.30 -0.27 -14.99
C GLU A 207 47.79 -0.60 -13.59
N GLU A 208 46.98 -0.29 -12.58
CA GLU A 208 47.35 -0.58 -11.21
C GLU A 208 47.61 -2.08 -11.08
N GLY A 209 48.81 -2.44 -10.65
CA GLY A 209 49.19 -3.83 -10.50
C GLY A 209 50.15 -4.36 -11.57
N ASP A 210 50.28 -3.64 -12.68
CA ASP A 210 51.15 -4.07 -13.77
C ASP A 210 52.63 -3.91 -13.42
N ILE A 211 53.44 -4.79 -13.99
CA ILE A 211 54.88 -4.80 -13.82
C ILE A 211 55.44 -5.03 -15.22
N ALA A 212 56.33 -4.14 -15.66
CA ALA A 212 56.89 -4.22 -16.99
C ALA A 212 58.39 -4.49 -16.93
N GLU A 213 58.85 -5.36 -17.82
CA GLU A 213 60.27 -5.59 -18.03
C GLU A 213 60.55 -5.03 -19.42
N ILE A 214 61.51 -4.11 -19.51
CA ILE A 214 61.73 -3.37 -20.75
C ILE A 214 63.19 -3.42 -21.19
N THR A 215 63.41 -3.72 -22.46
CA THR A 215 64.75 -3.69 -23.05
C THR A 215 64.67 -2.77 -24.23
N ARG A 216 65.79 -2.54 -24.92
CA ARG A 216 65.79 -1.72 -26.12
C ARG A 216 64.73 -2.17 -27.12
N ARG A 217 64.56 -3.49 -27.23
CA ARG A 217 63.74 -4.03 -28.31
C ARG A 217 62.56 -4.88 -27.86
N SER A 218 62.18 -4.78 -26.58
CA SER A 218 61.00 -5.48 -26.13
C SER A 218 60.39 -4.96 -24.84
N VAL A 219 59.10 -5.25 -24.68
CA VAL A 219 58.30 -4.86 -23.53
C VAL A 219 57.42 -6.02 -23.09
N ASN A 220 57.61 -6.51 -21.87
CA ASN A 220 56.76 -7.58 -21.35
C ASN A 220 56.05 -7.18 -20.06
N ILE A 221 54.73 -7.33 -20.04
CA ILE A 221 53.93 -6.86 -18.91
C ILE A 221 53.26 -8.04 -18.21
N PHE A 222 53.17 -7.96 -16.88
CA PHE A 222 52.61 -9.07 -16.09
C PHE A 222 52.10 -8.54 -14.76
N ASP A 223 51.35 -9.35 -14.03
CA ASP A 223 50.90 -8.95 -12.70
C ASP A 223 51.85 -9.49 -11.64
N LYS A 224 51.52 -9.29 -10.36
CA LYS A 224 52.42 -9.75 -9.30
C LYS A 224 52.57 -11.28 -9.25
N THR A 225 51.68 -11.99 -9.94
CA THR A 225 51.71 -13.45 -9.95
C THR A 225 52.72 -13.99 -10.97
N GLY A 226 52.97 -13.21 -12.02
CA GLY A 226 53.84 -13.63 -13.10
C GLY A 226 53.11 -13.74 -14.42
N ALA A 227 51.79 -13.83 -14.34
CA ALA A 227 50.95 -14.02 -15.52
C ALA A 227 51.08 -12.87 -16.51
N GLU A 228 51.35 -13.19 -17.78
CA GLU A 228 51.37 -12.17 -18.82
C GLU A 228 50.04 -11.39 -18.81
N VAL A 229 50.12 -10.11 -19.10
CA VAL A 229 48.89 -9.36 -19.33
C VAL A 229 49.08 -8.57 -20.61
N LYS A 230 48.01 -8.45 -21.38
CA LYS A 230 48.07 -7.76 -22.64
C LYS A 230 47.59 -6.33 -22.46
N ARG A 231 48.35 -5.38 -23.00
CA ARG A 231 47.94 -3.99 -22.99
C ARG A 231 48.14 -3.48 -24.40
N GLN A 232 47.19 -2.70 -24.90
CA GLN A 232 47.23 -2.28 -26.28
C GLN A 232 48.07 -1.02 -26.40
N ASP A 233 48.84 -0.92 -27.49
CA ASP A 233 49.64 0.27 -27.75
C ASP A 233 48.89 1.21 -28.69
N ILE A 234 48.47 2.35 -28.17
CA ILE A 234 47.78 3.32 -28.98
C ILE A 234 48.76 4.37 -29.46
N GLU A 235 48.53 4.89 -30.66
CA GLU A 235 49.28 6.03 -31.14
C GLU A 235 48.57 7.31 -30.70
N SER A 236 49.36 8.33 -30.37
CA SER A 236 48.80 9.60 -29.97
C SER A 236 48.84 10.59 -31.12
N ASN A 237 47.66 11.01 -31.56
CA ASN A 237 47.56 12.15 -32.45
C ASN A 237 47.62 13.41 -31.59
N LEU A 238 47.27 14.54 -32.18
CA LEU A 238 46.96 15.74 -31.42
C LEU A 238 48.12 16.71 -31.14
N GLN A 239 49.22 16.20 -30.59
CA GLN A 239 50.10 17.03 -29.79
C GLN A 239 49.10 17.58 -28.78
N TYR A 240 49.35 18.73 -28.17
CA TYR A 240 48.29 19.25 -27.32
C TYR A 240 47.60 20.49 -27.88
N ASP A 241 47.06 20.30 -29.08
CA ASP A 241 46.27 21.29 -29.80
C ASP A 241 44.82 20.82 -29.91
N ALA A 242 44.04 21.05 -28.85
CA ALA A 242 42.64 20.65 -28.81
C ALA A 242 41.81 21.59 -27.94
N GLY A 243 42.46 22.58 -27.33
CA GLY A 243 41.90 23.31 -26.21
C GLY A 243 42.23 22.45 -25.01
N ASP A 244 43.42 21.86 -25.10
CA ASP A 244 43.78 20.60 -24.43
C ASP A 244 43.04 20.12 -23.18
N LYS A 245 42.23 19.10 -23.37
CA LYS A 245 41.84 18.20 -22.31
C LYS A 245 42.95 17.17 -22.24
N GLY A 246 43.87 17.26 -23.18
CA GLY A 246 44.96 16.31 -23.27
C GLY A 246 44.41 14.92 -23.50
N ILE A 247 44.81 13.97 -22.66
CA ILE A 247 44.40 12.58 -22.86
C ILE A 247 42.96 12.36 -22.41
N TYR A 248 42.38 13.37 -21.78
CA TYR A 248 41.10 13.18 -21.11
C TYR A 248 39.88 13.36 -22.03
N ARG A 249 38.85 12.55 -21.81
CA ARG A 249 37.63 12.65 -22.61
C ARG A 249 36.82 13.92 -22.30
N HIS A 250 36.75 14.31 -21.03
CA HIS A 250 35.98 15.46 -20.59
C HIS A 250 36.81 16.40 -19.74
N TYR A 251 36.42 17.68 -19.74
CA TYR A 251 37.05 18.61 -18.82
C TYR A 251 36.88 18.17 -17.36
N MET A 252 35.71 17.64 -17.03
CA MET A 252 35.48 17.25 -15.67
C MET A 252 36.42 16.11 -15.31
N GLN A 253 36.72 15.26 -16.28
CA GLN A 253 37.63 14.15 -16.02
C GLN A 253 39.04 14.67 -15.75
N LYS A 254 39.49 15.55 -16.63
CA LYS A 254 40.79 16.18 -16.46
C LYS A 254 40.88 16.81 -15.07
N GLU A 255 39.83 17.53 -14.68
CA GLU A 255 39.81 18.29 -13.44
C GLU A 255 39.77 17.39 -12.19
N ILE A 256 39.13 16.22 -12.32
CA ILE A 256 39.20 15.21 -11.27
C ILE A 256 40.63 14.68 -11.15
N TYR A 257 41.27 14.48 -12.30
CA TYR A 257 42.58 13.82 -12.34
C TYR A 257 43.77 14.77 -12.07
N GLU A 258 43.55 16.07 -12.21
CA GLU A 258 44.63 17.03 -11.93
C GLU A 258 44.60 17.53 -10.48
N GLN A 259 43.66 16.99 -9.71
CA GLN A 259 43.53 17.36 -8.29
C GLN A 259 44.84 17.30 -7.50
N PRO A 260 45.69 16.29 -7.73
CA PRO A 260 46.99 16.25 -7.05
C PRO A 260 47.87 17.51 -7.29
N ASN A 261 47.96 17.91 -8.56
CA ASN A 261 48.75 19.04 -8.96
C ASN A 261 48.10 20.35 -8.54
N ALA A 262 46.78 20.37 -8.59
CA ALA A 262 46.04 21.54 -8.15
C ALA A 262 46.35 21.76 -6.69
N ILE A 263 46.17 20.71 -5.90
CA ILE A 263 46.47 20.80 -4.47
C ILE A 263 47.92 21.26 -4.22
N LYS A 264 48.86 20.71 -5.00
CA LYS A 264 50.24 21.16 -4.84
C LYS A 264 50.32 22.66 -5.03
N ASN A 265 49.62 23.16 -6.04
CA ASN A 265 49.61 24.59 -6.29
C ASN A 265 48.93 25.38 -5.17
N THR A 266 47.96 24.77 -4.51
CA THR A 266 47.31 25.42 -3.39
C THR A 266 48.29 25.55 -2.23
N LEU A 267 49.22 24.60 -2.12
CA LEU A 267 50.19 24.63 -1.01
C LEU A 267 51.42 25.52 -1.23
N THR A 268 51.66 25.91 -2.47
CA THR A 268 52.83 26.72 -2.82
C THR A 268 52.99 27.94 -1.92
N GLY A 269 54.14 28.03 -1.26
CA GLY A 269 54.45 29.15 -0.39
C GLY A 269 53.69 29.17 0.92
N ARG A 270 52.97 28.10 1.25
CA ARG A 270 52.11 28.12 2.43
C ARG A 270 52.54 27.16 3.55
N ILE A 271 53.57 26.36 3.26
CA ILE A 271 54.21 25.52 4.25
C ILE A 271 55.66 25.95 4.34
N SER A 272 56.09 26.38 5.51
CA SER A 272 57.52 26.67 5.72
C SER A 272 57.93 26.44 7.17
N HIS A 273 58.98 25.64 7.34
CA HIS A 273 59.50 25.26 8.65
C HIS A 273 58.54 24.36 9.40
N GLY A 274 57.97 23.37 8.71
CA GLY A 274 57.00 22.46 9.30
C GLY A 274 55.71 23.11 9.84
N GLN A 275 55.45 24.33 9.39
CA GLN A 275 54.28 25.09 9.83
C GLN A 275 53.50 25.73 8.69
N VAL A 276 52.24 26.05 8.94
CA VAL A 276 51.43 26.75 7.94
C VAL A 276 51.84 28.19 7.89
N ASP A 277 51.95 28.73 6.68
CA ASP A 277 52.45 30.08 6.47
C ASP A 277 51.48 30.86 5.61
N LEU A 278 50.63 31.65 6.26
CA LEU A 278 49.69 32.52 5.55
C LEU A 278 50.15 33.95 5.65
N SER A 279 51.46 34.15 5.56
CA SER A 279 52.03 35.48 5.71
C SER A 279 51.62 36.37 4.53
N GLU A 280 51.21 35.74 3.44
CA GLU A 280 50.71 36.46 2.28
C GLU A 280 49.55 37.41 2.63
N LEU A 281 48.85 37.12 3.72
CA LEU A 281 47.73 37.93 4.15
C LEU A 281 48.19 39.28 4.69
N GLY A 282 49.49 39.40 4.95
CA GLY A 282 50.08 40.64 5.43
C GLY A 282 50.21 40.67 6.94
N PRO A 283 51.06 41.58 7.47
CA PRO A 283 51.29 41.60 8.91
C PRO A 283 50.06 42.17 9.60
N ASN A 284 49.42 43.08 8.88
CA ASN A 284 48.24 43.79 9.37
C ASN A 284 47.10 42.85 9.73
N ALA A 285 46.96 41.76 8.97
CA ALA A 285 45.86 40.83 9.14
C ALA A 285 46.07 39.77 10.24
N ASP A 286 47.32 39.33 10.41
CA ASP A 286 47.61 38.27 11.37
C ASP A 286 47.18 38.74 12.77
N GLU A 287 46.98 40.05 12.87
CA GLU A 287 46.49 40.70 14.06
C GLU A 287 44.97 40.54 14.17
N LEU A 288 44.24 40.98 13.15
CA LEU A 288 42.79 40.78 13.09
C LEU A 288 42.45 39.33 13.46
N LEU A 289 43.13 38.37 12.83
CA LEU A 289 42.85 36.96 13.08
C LEU A 289 42.96 36.53 14.54
N SER A 290 43.83 37.18 15.31
CA SER A 290 43.99 36.78 16.70
C SER A 290 42.75 37.18 17.48
N LYS A 291 42.01 38.12 16.93
CA LYS A 291 40.82 38.68 17.59
C LYS A 291 39.52 37.87 17.35
N VAL A 292 39.55 36.97 16.38
CA VAL A 292 38.35 36.23 16.00
C VAL A 292 37.93 35.23 17.07
N GLU A 293 36.65 35.24 17.43
CA GLU A 293 36.12 34.27 18.40
C GLU A 293 35.12 33.30 17.78
N HIS A 294 34.68 33.63 16.57
CA HIS A 294 33.63 32.88 15.92
C HIS A 294 33.80 33.00 14.43
N ILE A 295 33.64 31.88 13.73
CA ILE A 295 33.72 31.89 12.28
C ILE A 295 32.32 31.73 11.67
N GLN A 296 31.98 32.58 10.69
CA GLN A 296 30.76 32.38 9.91
C GLN A 296 31.08 32.12 8.43
N ILE A 297 30.56 31.04 7.89
CA ILE A 297 30.81 30.73 6.49
C ILE A 297 29.53 30.79 5.67
N LEU A 298 29.59 31.52 4.56
CA LEU A 298 28.51 31.56 3.59
C LEU A 298 28.96 30.96 2.27
N ALA A 299 28.10 30.15 1.66
CA ALA A 299 28.38 29.67 0.31
C ALA A 299 27.16 28.99 -0.30
N CYS A 300 27.29 28.60 -1.57
CA CYS A 300 26.24 27.88 -2.31
C CYS A 300 26.77 26.58 -2.91
N GLY A 301 25.87 25.62 -3.09
CA GLY A 301 26.19 24.31 -3.65
C GLY A 301 27.37 23.55 -3.06
N THR A 302 28.28 23.20 -3.97
CA THR A 302 29.44 22.41 -3.59
C THR A 302 30.34 23.19 -2.63
N SER A 303 30.37 24.52 -2.81
CA SER A 303 31.16 25.37 -1.91
C SER A 303 30.61 25.31 -0.48
N TYR A 304 29.29 25.24 -0.38
CA TYR A 304 28.64 24.99 0.89
C TYR A 304 29.07 23.62 1.46
N ASN A 305 29.13 22.58 0.62
CA ASN A 305 29.66 21.31 1.16
C ASN A 305 31.09 21.40 1.77
N SER A 306 32.01 22.06 1.06
CA SER A 306 33.35 22.25 1.66
C SER A 306 33.32 23.06 2.99
N GLY A 307 32.54 24.13 3.01
CA GLY A 307 32.38 24.86 4.26
C GLY A 307 31.95 23.93 5.37
N MET A 308 30.98 23.09 5.03
CA MET A 308 30.42 22.12 5.96
C MET A 308 31.45 21.18 6.56
N VAL A 309 32.38 20.68 5.75
CA VAL A 309 33.47 19.88 6.35
C VAL A 309 34.28 20.74 7.35
N SER A 310 34.56 21.96 6.89
CA SER A 310 35.46 22.79 7.68
C SER A 310 34.86 23.05 9.06
N ARG A 311 33.55 23.18 9.16
CA ARG A 311 32.96 23.28 10.49
C ARG A 311 33.56 22.26 11.51
N TYR A 312 33.51 20.97 11.14
CA TYR A 312 34.05 19.89 11.98
C TYR A 312 35.51 20.11 12.27
N TRP A 313 36.26 20.46 11.22
CA TRP A 313 37.67 20.79 11.50
C TRP A 313 37.96 21.95 12.50
N PHE A 314 37.36 23.12 12.27
CA PHE A 314 37.61 24.29 13.09
C PHE A 314 37.19 24.01 14.52
N GLU A 315 36.06 23.31 14.69
CA GLU A 315 35.60 23.06 16.05
C GLU A 315 36.43 22.00 16.79
N SER A 316 36.84 20.94 16.12
CA SER A 316 37.60 19.92 16.87
C SER A 316 39.11 20.17 16.96
N LEU A 317 39.70 20.75 15.92
CA LEU A 317 41.15 20.92 15.85
C LEU A 317 41.59 22.30 16.35
N ALA A 318 40.78 23.32 16.11
CA ALA A 318 41.13 24.67 16.52
C ALA A 318 40.29 25.17 17.71
N GLY A 319 39.31 24.37 18.11
CA GLY A 319 38.40 24.72 19.18
C GLY A 319 37.74 26.08 19.07
N ILE A 320 37.49 26.56 17.83
CA ILE A 320 36.74 27.80 17.60
C ILE A 320 35.34 27.48 17.09
N PRO A 321 34.33 28.20 17.61
CA PRO A 321 32.96 28.08 17.08
C PRO A 321 32.87 28.44 15.60
N CYS A 322 32.17 27.60 14.85
CA CYS A 322 32.02 27.81 13.42
C CYS A 322 30.60 27.44 13.00
N ASP A 323 30.01 28.31 12.18
CA ASP A 323 28.68 28.10 11.65
C ASP A 323 28.75 28.17 10.12
N VAL A 324 27.97 27.34 9.46
CA VAL A 324 27.93 27.34 8.01
C VAL A 324 26.49 27.45 7.50
N GLU A 325 26.28 28.33 6.53
CA GLU A 325 24.93 28.55 6.02
C GLU A 325 24.85 28.76 4.48
N ILE A 326 23.80 28.18 3.88
CA ILE A 326 23.42 28.49 2.51
C ILE A 326 23.29 30.01 2.37
N ALA A 327 24.00 30.60 1.42
CA ALA A 327 24.01 32.06 1.28
C ALA A 327 22.61 32.69 1.12
N SER A 328 21.74 32.06 0.34
CA SER A 328 20.39 32.61 0.16
C SER A 328 19.63 32.65 1.50
N GLU A 329 19.84 31.64 2.34
CA GLU A 329 19.17 31.62 3.64
C GLU A 329 19.64 32.78 4.52
N PHE A 330 20.93 33.05 4.49
CA PHE A 330 21.47 34.10 5.31
C PHE A 330 21.03 35.47 4.82
N ARG A 331 21.01 35.69 3.51
CA ARG A 331 20.70 37.01 3.02
C ARG A 331 19.26 37.43 3.25
N TYR A 332 18.34 36.48 3.29
CA TYR A 332 16.92 36.83 3.38
C TYR A 332 16.36 36.76 4.79
N ARG A 333 17.23 36.61 5.79
CA ARG A 333 16.74 36.57 7.16
C ARG A 333 17.46 37.63 8.00
N LYS A 334 16.87 37.99 9.13
CA LYS A 334 17.52 38.86 10.08
C LYS A 334 18.26 37.96 11.08
N SER A 335 19.59 38.01 11.08
CA SER A 335 20.38 37.13 11.95
C SER A 335 20.96 37.82 13.20
N ALA A 336 21.49 37.00 14.11
CA ALA A 336 22.16 37.49 15.32
C ALA A 336 23.66 37.25 15.24
N VAL A 337 24.40 38.30 14.97
CA VAL A 337 25.85 38.16 14.79
C VAL A 337 26.53 37.86 16.12
N ARG A 338 27.41 36.86 16.12
CA ARG A 338 28.23 36.53 17.28
C ARG A 338 29.34 37.58 17.49
N ARG A 339 29.78 37.70 18.73
CA ARG A 339 30.87 38.57 19.13
C ARG A 339 32.15 38.24 18.36
N ASN A 340 32.84 39.26 17.85
CA ASN A 340 34.12 39.07 17.20
C ASN A 340 34.08 37.96 16.11
N SER A 341 33.24 38.16 15.12
CA SER A 341 32.96 37.14 14.12
C SER A 341 33.72 37.43 12.83
N LEU A 342 34.36 36.41 12.28
CA LEU A 342 34.97 36.49 10.95
C LEU A 342 34.01 35.96 9.90
N MET A 343 33.75 36.76 8.87
CA MET A 343 32.88 36.30 7.77
C MET A 343 33.72 35.68 6.69
N ILE A 344 33.50 34.38 6.43
CA ILE A 344 34.19 33.73 5.35
C ILE A 344 33.24 33.34 4.22
N THR A 345 33.62 33.66 2.99
CA THR A 345 32.90 33.14 1.84
C THR A 345 33.73 32.14 1.04
N LEU A 346 33.08 31.08 0.57
CA LEU A 346 33.72 30.08 -0.27
C LEU A 346 33.06 30.14 -1.63
N SER A 347 33.84 30.21 -2.70
CA SER A 347 33.24 30.28 -4.04
C SER A 347 34.22 30.10 -5.17
N GLN A 348 33.99 29.11 -6.03
CA GLN A 348 34.87 28.88 -7.16
C GLN A 348 34.94 30.12 -8.01
N SER A 349 33.79 30.68 -8.36
CA SER A 349 33.72 31.71 -9.38
C SER A 349 33.91 33.11 -8.81
N GLY A 350 33.68 33.26 -7.52
CA GLY A 350 33.65 34.58 -6.92
C GLY A 350 32.55 35.53 -7.42
N GLU A 351 31.52 35.02 -8.09
CA GLU A 351 30.50 35.91 -8.66
C GLU A 351 29.07 35.46 -8.34
N THR A 352 28.96 34.34 -7.64
CA THR A 352 27.66 33.77 -7.30
C THR A 352 26.84 34.82 -6.57
N ALA A 353 25.64 35.09 -7.08
CA ALA A 353 24.86 36.24 -6.63
C ALA A 353 24.44 36.20 -5.16
N ASP A 354 23.94 35.05 -4.70
CA ASP A 354 23.61 34.88 -3.28
C ASP A 354 24.82 35.10 -2.34
N THR A 355 25.97 34.54 -2.69
CA THR A 355 27.13 34.61 -1.81
C THR A 355 27.63 36.05 -1.74
N LEU A 356 27.63 36.71 -2.89
CA LEU A 356 28.03 38.10 -2.98
C LEU A 356 27.07 39.01 -2.18
N ALA A 357 25.77 38.79 -2.35
CA ALA A 357 24.77 39.51 -1.55
C ALA A 357 24.99 39.28 -0.06
N GLY A 358 25.38 38.07 0.31
CA GLY A 358 25.64 37.75 1.70
C GLY A 358 26.80 38.55 2.25
N LEU A 359 27.89 38.60 1.48
CA LEU A 359 29.05 39.41 1.86
C LEU A 359 28.68 40.87 2.06
N ARG A 360 27.91 41.38 1.09
CA ARG A 360 27.53 42.80 1.13
C ARG A 360 26.66 43.11 2.33
N LEU A 361 25.66 42.26 2.57
CA LEU A 361 24.80 42.40 3.71
C LEU A 361 25.65 42.39 4.98
N SER A 362 26.63 41.51 5.01
CA SER A 362 27.43 41.38 6.23
C SER A 362 28.24 42.65 6.49
N LYS A 363 28.64 43.34 5.43
CA LYS A 363 29.37 44.60 5.64
C LYS A 363 28.72 45.54 6.68
N GLU A 364 27.43 45.41 6.92
CA GLU A 364 26.79 46.35 7.82
C GLU A 364 26.21 45.75 9.09
N LEU A 365 26.64 44.54 9.43
CA LEU A 365 26.10 43.86 10.60
C LEU A 365 27.13 43.70 11.72
N GLY A 366 28.33 44.24 11.51
CA GLY A 366 29.33 44.24 12.55
C GLY A 366 30.17 42.99 12.71
N TYR A 367 30.72 42.48 11.61
CA TYR A 367 31.72 41.41 11.67
C TYR A 367 33.08 42.06 11.87
N LEU A 368 34.03 41.32 12.44
CA LEU A 368 35.40 41.83 12.52
C LEU A 368 35.87 42.17 11.12
N GLY A 369 35.47 41.35 10.15
CA GLY A 369 35.94 41.49 8.80
C GLY A 369 35.62 40.28 7.96
N SER A 370 36.05 40.31 6.71
CA SER A 370 35.68 39.28 5.76
C SER A 370 36.90 38.67 5.07
N LEU A 371 36.85 37.36 4.88
CA LEU A 371 37.85 36.61 4.14
C LEU A 371 37.17 35.85 2.99
N ALA A 372 37.73 35.96 1.80
CA ALA A 372 37.20 35.21 0.66
C ALA A 372 38.17 34.08 0.27
N ILE A 373 37.64 32.87 0.23
CA ILE A 373 38.37 31.74 -0.32
C ILE A 373 37.80 31.50 -1.72
N CYS A 374 38.66 31.67 -2.72
CA CYS A 374 38.16 31.77 -4.08
C CYS A 374 39.13 31.22 -5.12
N ASN A 375 38.62 30.86 -6.29
CA ASN A 375 39.47 30.32 -7.36
C ASN A 375 39.64 31.25 -8.56
N VAL A 376 38.95 32.38 -8.58
CA VAL A 376 39.05 33.29 -9.72
C VAL A 376 39.59 34.66 -9.31
N PRO A 377 40.82 34.97 -9.73
CA PRO A 377 41.44 36.24 -9.36
C PRO A 377 40.62 37.41 -9.87
N GLY A 378 40.55 38.50 -9.11
CA GLY A 378 39.92 39.72 -9.55
C GLY A 378 38.41 39.75 -9.41
N SER A 379 37.82 38.67 -8.93
CA SER A 379 36.36 38.53 -8.92
C SER A 379 35.73 39.34 -7.81
N SER A 380 34.41 39.51 -7.88
CA SER A 380 33.69 40.33 -6.93
C SER A 380 33.97 39.99 -5.46
N LEU A 381 33.85 38.71 -5.10
CA LEU A 381 34.08 38.29 -3.72
C LEU A 381 35.52 38.57 -3.27
N VAL A 382 36.46 38.48 -4.19
CA VAL A 382 37.85 38.77 -3.86
C VAL A 382 38.11 40.27 -3.69
N ARG A 383 37.57 41.09 -4.60
CA ARG A 383 37.78 42.53 -4.48
C ARG A 383 37.06 43.15 -3.26
N GLU A 384 35.90 42.61 -2.90
CA GLU A 384 35.07 43.23 -1.86
C GLU A 384 35.34 42.69 -0.44
N SER A 385 36.18 41.66 -0.33
CA SER A 385 36.54 41.13 0.97
C SER A 385 37.76 41.84 1.52
N ASP A 386 37.87 41.85 2.84
CA ASP A 386 39.08 42.36 3.49
C ASP A 386 40.31 41.52 3.15
N LEU A 387 40.17 40.19 3.19
CA LEU A 387 41.29 39.29 2.90
C LEU A 387 40.90 38.26 1.84
N ALA A 388 41.88 37.71 1.14
CA ALA A 388 41.57 36.69 0.15
C ALA A 388 42.64 35.63 0.12
N LEU A 389 42.20 34.39 0.05
CA LEU A 389 43.05 33.24 -0.19
C LEU A 389 42.59 32.53 -1.47
N MET A 390 43.46 32.57 -2.47
CA MET A 390 43.16 31.95 -3.74
C MET A 390 43.50 30.46 -3.66
N THR A 391 42.64 29.62 -4.23
CA THR A 391 42.87 28.18 -4.21
C THR A 391 43.93 27.76 -5.25
N ASN A 392 44.17 28.60 -6.26
CA ASN A 392 45.15 28.30 -7.29
C ASN A 392 44.96 26.94 -7.97
N ALA A 393 43.73 26.59 -8.33
CA ALA A 393 43.48 25.28 -8.93
C ALA A 393 43.60 25.29 -10.43
N GLY A 394 43.85 26.46 -11.02
CA GLY A 394 43.72 26.61 -12.47
C GLY A 394 42.25 26.76 -12.83
N THR A 395 41.94 27.03 -14.09
CA THR A 395 40.56 27.23 -14.47
C THR A 395 39.78 25.92 -14.42
N GLU A 396 38.56 25.99 -13.94
CA GLU A 396 37.69 24.81 -13.93
C GLU A 396 36.59 25.03 -14.97
N ILE A 397 36.54 24.14 -15.94
CA ILE A 397 35.66 24.28 -17.07
C ILE A 397 34.42 23.40 -16.98
N GLY A 398 34.54 22.23 -16.36
CA GLY A 398 33.39 21.41 -16.11
C GLY A 398 32.43 22.22 -15.26
N VAL A 399 31.13 22.11 -15.55
CA VAL A 399 30.13 22.86 -14.82
C VAL A 399 29.99 22.41 -13.37
N ALA A 400 30.20 21.13 -13.11
CA ALA A 400 30.23 20.62 -11.75
C ALA A 400 31.66 20.81 -11.24
N SER A 401 31.83 21.23 -9.99
CA SER A 401 33.20 21.43 -9.52
C SER A 401 33.80 20.22 -8.79
N THR A 402 35.09 20.05 -9.02
CA THR A 402 35.83 18.93 -8.49
C THR A 402 37.10 19.45 -7.81
N LYS A 403 38.09 19.86 -8.60
CA LYS A 403 39.34 20.38 -8.02
C LYS A 403 39.09 21.65 -7.20
N ALA A 404 38.03 22.40 -7.53
CA ALA A 404 37.71 23.60 -6.76
C ALA A 404 37.33 23.24 -5.31
N PHE A 405 36.68 22.09 -5.18
CA PHE A 405 36.21 21.56 -3.90
C PHE A 405 37.37 21.11 -3.01
N THR A 406 38.22 20.25 -3.57
CA THR A 406 39.31 19.70 -2.80
C THR A 406 40.35 20.79 -2.49
N THR A 407 40.54 21.75 -3.41
CA THR A 407 41.43 22.87 -3.10
C THR A 407 40.84 23.79 -2.03
N GLN A 408 39.50 23.97 -2.06
CA GLN A 408 38.84 24.67 -0.96
C GLN A 408 39.11 23.98 0.38
N LEU A 409 38.95 22.67 0.40
CA LEU A 409 39.20 21.91 1.62
C LEU A 409 40.63 22.15 2.08
N THR A 410 41.56 22.08 1.14
CA THR A 410 42.97 22.27 1.47
C THR A 410 43.23 23.62 2.16
N VAL A 411 42.65 24.67 1.58
CA VAL A 411 42.75 26.00 2.22
C VAL A 411 42.13 26.04 3.63
N LEU A 412 40.93 25.50 3.75
CA LEU A 412 40.22 25.55 5.03
C LEU A 412 41.06 24.87 6.15
N LEU A 413 41.61 23.71 5.79
CA LEU A 413 42.43 22.95 6.73
C LEU A 413 43.65 23.79 7.10
N MET A 414 44.25 24.46 6.12
CA MET A 414 45.38 25.33 6.46
C MET A 414 44.98 26.48 7.40
N LEU A 415 43.71 26.86 7.37
CA LEU A 415 43.28 28.00 8.18
C LEU A 415 43.18 27.52 9.61
N VAL A 416 42.89 26.23 9.77
CA VAL A 416 42.80 25.72 11.15
C VAL A 416 43.98 26.13 12.05
N ALA A 417 45.21 25.81 11.65
CA ALA A 417 46.35 26.18 12.47
C ALA A 417 46.37 27.70 12.82
N LYS A 418 46.18 28.56 11.83
CA LYS A 418 46.27 30.02 12.05
C LYS A 418 45.07 30.62 12.81
N LEU A 419 44.03 29.82 13.05
CA LEU A 419 42.92 30.28 13.91
C LEU A 419 42.73 29.47 15.19
N SER A 420 43.79 28.78 15.64
CA SER A 420 43.66 27.90 16.80
C SER A 420 43.40 28.60 18.16
N ARG A 421 42.50 28.01 18.95
CA ARG A 421 42.13 28.56 20.25
C ARG A 421 42.34 27.56 21.38
N LEU A 422 42.83 26.37 21.05
CA LEU A 422 43.23 25.38 22.05
C LEU A 422 44.54 25.83 22.73
N LYS A 423 45.07 25.02 23.64
CA LYS A 423 46.27 25.39 24.40
C LYS A 423 47.50 24.52 24.15
N GLY A 424 47.82 23.66 25.13
CA GLY A 424 48.93 22.72 25.07
C GLY A 424 49.52 22.50 23.69
N LEU A 425 49.05 21.46 22.99
CA LEU A 425 49.39 21.28 21.58
C LEU A 425 48.33 20.48 20.80
N ASP A 426 47.69 21.07 19.79
CA ASP A 426 47.99 22.40 19.22
C ASP A 426 49.25 22.43 18.34
N ALA A 427 50.40 22.08 18.92
CA ALA A 427 51.65 21.94 18.16
C ALA A 427 51.66 20.64 17.35
N SER A 428 51.28 19.54 17.99
CA SER A 428 51.17 18.29 17.25
C SER A 428 50.01 18.36 16.25
N ILE A 429 48.98 19.15 16.55
CA ILE A 429 47.88 19.32 15.61
C ILE A 429 48.36 19.98 14.32
N GLU A 430 49.11 21.06 14.43
CA GLU A 430 49.67 21.69 13.26
C GLU A 430 50.68 20.79 12.54
N HIS A 431 51.46 20.03 13.30
N HIS A 431 51.45 20.03 13.30
CA HIS A 431 52.36 19.07 12.66
CA HIS A 431 52.36 19.03 12.73
C HIS A 431 51.58 18.03 11.84
C HIS A 431 51.57 18.05 11.85
N ASP A 432 50.51 17.48 12.42
CA ASP A 432 49.69 16.47 11.73
C ASP A 432 49.05 17.02 10.47
N ILE A 433 48.47 18.21 10.60
CA ILE A 433 47.92 18.89 9.46
C ILE A 433 48.98 19.09 8.37
N VAL A 434 50.15 19.62 8.72
CA VAL A 434 51.21 19.83 7.73
C VAL A 434 51.67 18.54 7.03
N HIS A 435 51.89 17.47 7.80
N HIS A 435 51.89 17.48 7.79
CA HIS A 435 52.27 16.17 7.21
CA HIS A 435 52.28 16.20 7.19
C HIS A 435 51.14 15.62 6.33
C HIS A 435 51.15 15.60 6.34
N GLY A 436 49.91 15.83 6.77
CA GLY A 436 48.75 15.39 6.03
C GLY A 436 48.71 16.07 4.68
N LEU A 437 48.85 17.39 4.69
CA LEU A 437 48.89 18.18 3.48
C LEU A 437 50.05 17.80 2.56
N GLN A 438 51.23 17.55 3.12
CA GLN A 438 52.34 17.13 2.27
C GLN A 438 52.08 15.76 1.65
N ALA A 439 51.37 14.89 2.38
CA ALA A 439 51.03 13.59 1.80
C ALA A 439 49.83 13.61 0.82
N LEU A 440 49.00 14.65 0.92
CA LEU A 440 47.69 14.67 0.28
C LEU A 440 47.74 14.40 -1.23
N PRO A 441 48.68 15.02 -1.94
CA PRO A 441 48.69 14.79 -3.38
C PRO A 441 48.91 13.32 -3.75
N SER A 442 49.88 12.67 -3.12
CA SER A 442 50.15 11.25 -3.32
C SER A 442 48.94 10.43 -2.96
N ARG A 443 48.32 10.79 -1.83
CA ARG A 443 47.11 10.12 -1.41
C ARG A 443 46.04 10.21 -2.52
N ILE A 444 45.84 11.41 -3.09
CA ILE A 444 44.86 11.53 -4.16
C ILE A 444 45.19 10.58 -5.31
N GLU A 445 46.47 10.49 -5.68
CA GLU A 445 46.88 9.62 -6.80
C GLU A 445 46.58 8.17 -6.51
N GLN A 446 46.63 7.80 -5.24
CA GLN A 446 46.32 6.45 -4.83
C GLN A 446 44.82 6.21 -5.03
N MET A 447 44.01 7.22 -4.74
CA MET A 447 42.57 7.11 -4.97
C MET A 447 42.26 7.02 -6.46
N LEU A 448 42.86 7.93 -7.24
CA LEU A 448 42.71 7.88 -8.68
C LEU A 448 43.11 6.52 -9.22
N SER A 449 44.09 5.89 -8.57
CA SER A 449 44.56 4.56 -9.00
C SER A 449 43.50 3.48 -8.81
N GLN A 450 42.42 3.82 -8.12
CA GLN A 450 41.33 2.88 -7.91
C GLN A 450 40.24 3.01 -8.99
N ASP A 451 40.45 3.91 -9.95
CA ASP A 451 39.40 4.23 -10.93
C ASP A 451 38.77 3.01 -11.62
N LYS A 452 39.57 2.03 -12.01
CA LYS A 452 39.02 0.85 -12.69
C LYS A 452 38.02 0.11 -11.80
N ARG A 453 38.35 0.08 -10.52
CA ARG A 453 37.50 -0.57 -9.54
C ARG A 453 36.21 0.18 -9.40
N ILE A 454 36.31 1.51 -9.36
CA ILE A 454 35.13 2.36 -9.20
C ILE A 454 34.30 2.26 -10.46
N GLU A 455 34.99 2.16 -11.60
CA GLU A 455 34.31 2.02 -12.88
C GLU A 455 33.51 0.71 -12.97
N ALA A 456 34.01 -0.35 -12.36
CA ALA A 456 33.21 -1.58 -12.30
C ALA A 456 32.03 -1.37 -11.36
N LEU A 457 32.25 -0.72 -10.22
CA LEU A 457 31.16 -0.53 -9.26
C LEU A 457 30.02 0.28 -9.91
N ALA A 458 30.37 1.24 -10.78
CA ALA A 458 29.36 2.10 -11.39
C ALA A 458 28.21 1.32 -12.02
N GLU A 459 28.49 0.10 -12.47
CA GLU A 459 27.46 -0.74 -13.09
C GLU A 459 26.28 -1.02 -12.16
N ASP A 460 26.53 -1.06 -10.86
CA ASP A 460 25.47 -1.30 -9.91
C ASP A 460 24.57 -0.09 -9.77
N PHE A 461 24.99 1.05 -10.31
CA PHE A 461 24.23 2.27 -10.14
C PHE A 461 23.63 2.80 -11.44
N SER A 462 24.19 2.38 -12.57
CA SER A 462 23.91 3.03 -13.83
C SER A 462 22.43 3.05 -14.18
N ASP A 463 21.67 2.09 -13.67
CA ASP A 463 20.26 1.98 -14.01
C ASP A 463 19.35 2.28 -12.82
N LYS A 464 19.89 2.81 -11.74
CA LYS A 464 19.07 3.21 -10.61
C LYS A 464 18.49 4.58 -10.87
N HIS A 465 17.37 4.88 -10.22
CA HIS A 465 16.80 6.22 -10.23
C HIS A 465 16.84 6.87 -8.84
N HIS A 466 17.31 6.12 -7.85
CA HIS A 466 17.43 6.64 -6.49
C HIS A 466 18.77 6.21 -5.90
N ALA A 467 19.25 6.98 -4.96
CA ALA A 467 20.36 6.52 -4.12
C ALA A 467 20.35 7.27 -2.81
N LEU A 468 20.85 6.65 -1.77
CA LEU A 468 20.97 7.29 -0.47
C LEU A 468 22.43 7.27 -0.01
N PHE A 469 23.00 8.46 0.24
CA PHE A 469 24.40 8.59 0.67
C PHE A 469 24.44 8.93 2.17
N LEU A 470 25.17 8.14 2.94
CA LEU A 470 25.29 8.35 4.39
C LEU A 470 26.71 8.68 4.84
N GLY A 471 26.80 9.55 5.84
CA GLY A 471 28.07 9.82 6.47
C GLY A 471 27.84 10.40 7.84
N ARG A 472 28.82 10.22 8.73
CA ARG A 472 28.80 10.77 10.07
C ARG A 472 29.98 11.75 10.28
N GLY A 473 29.73 12.85 10.98
CA GLY A 473 30.81 13.78 11.29
C GLY A 473 31.42 14.41 10.04
N ASP A 474 32.75 14.54 10.02
CA ASP A 474 33.45 15.17 8.90
C ASP A 474 33.30 14.43 7.55
N GLN A 475 32.66 13.26 7.57
CA GLN A 475 32.33 12.52 6.35
C GLN A 475 30.90 12.77 5.86
N TYR A 476 30.05 13.29 6.73
CA TYR A 476 28.70 13.65 6.33
C TYR A 476 28.61 14.68 5.18
N PRO A 477 29.40 15.77 5.25
CA PRO A 477 29.36 16.69 4.09
C PRO A 477 30.00 16.10 2.82
N ILE A 478 30.85 15.09 2.99
CA ILE A 478 31.38 14.34 1.87
C ILE A 478 30.26 13.51 1.23
N ALA A 479 29.41 12.90 2.05
CA ALA A 479 28.20 12.29 1.50
C ALA A 479 27.29 13.33 0.80
N LEU A 480 27.16 14.51 1.38
CA LEU A 480 26.41 15.58 0.71
C LEU A 480 26.95 15.77 -0.70
N GLU A 481 28.27 15.89 -0.82
CA GLU A 481 28.88 16.20 -2.10
C GLU A 481 28.75 15.00 -3.08
N GLY A 482 28.93 13.79 -2.55
CA GLY A 482 28.74 12.60 -3.35
C GLY A 482 27.37 12.56 -3.99
N ALA A 483 26.34 12.76 -3.18
CA ALA A 483 24.98 12.77 -3.70
C ALA A 483 24.77 13.91 -4.71
N LEU A 484 25.26 15.10 -4.40
CA LEU A 484 25.03 16.21 -5.30
C LEU A 484 25.61 15.85 -6.66
N LYS A 485 26.76 15.19 -6.64
CA LYS A 485 27.46 14.88 -7.87
C LYS A 485 26.66 13.94 -8.71
N LEU A 486 26.06 12.94 -8.06
CA LEU A 486 25.27 11.94 -8.79
C LEU A 486 24.05 12.62 -9.41
N LYS A 487 23.47 13.58 -8.68
CA LYS A 487 22.37 14.41 -9.21
C LYS A 487 22.81 15.16 -10.45
N GLU A 488 23.89 15.92 -10.30
CA GLU A 488 24.39 16.84 -11.31
C GLU A 488 24.61 16.22 -12.69
N ILE A 489 25.47 15.21 -12.76
CA ILE A 489 25.93 14.69 -14.04
C ILE A 489 25.37 13.31 -14.38
N SER A 490 24.67 12.67 -13.46
CA SER A 490 23.99 11.43 -13.87
C SER A 490 22.45 11.52 -13.82
N TYR A 491 21.93 12.60 -13.24
CA TYR A 491 20.49 12.80 -13.09
C TYR A 491 19.81 11.71 -12.26
N ILE A 492 20.55 11.08 -11.36
CA ILE A 492 19.95 10.12 -10.45
C ILE A 492 19.47 10.86 -9.19
N HIS A 493 18.26 10.58 -8.73
CA HIS A 493 17.79 11.23 -7.53
C HIS A 493 18.53 10.66 -6.33
N ALA A 494 19.73 11.20 -6.08
CA ALA A 494 20.59 10.77 -4.99
C ALA A 494 20.45 11.77 -3.84
N GLU A 495 20.25 11.24 -2.63
CA GLU A 495 20.08 12.12 -1.49
C GLU A 495 21.01 11.69 -0.33
N ALA A 496 21.58 12.70 0.33
CA ALA A 496 22.48 12.47 1.44
C ALA A 496 21.73 12.65 2.75
N TYR A 497 22.15 11.91 3.76
CA TYR A 497 21.55 11.94 5.07
C TYR A 497 22.65 11.68 6.09
N ALA A 498 22.50 12.29 7.26
CA ALA A 498 23.34 11.99 8.39
C ALA A 498 23.13 10.51 8.72
N ALA A 499 24.23 9.77 8.88
CA ALA A 499 24.17 8.34 9.15
C ALA A 499 23.30 8.00 10.35
N GLY A 500 23.29 8.87 11.35
CA GLY A 500 22.51 8.61 12.55
C GLY A 500 21.01 8.74 12.36
N GLU A 501 20.58 9.34 11.26
CA GLU A 501 19.17 9.64 11.05
C GLU A 501 18.45 8.69 10.08
N LEU A 502 19.17 7.73 9.49
CA LEU A 502 18.58 6.75 8.57
C LEU A 502 17.31 6.08 9.13
N LYS A 503 17.35 5.69 10.39
CA LYS A 503 16.23 4.99 11.01
C LYS A 503 15.02 5.91 11.21
N HIS A 504 15.23 7.21 11.08
CA HIS A 504 14.20 8.18 11.40
C HIS A 504 13.33 8.57 10.22
N GLY A 505 13.47 7.89 9.08
CA GLY A 505 12.69 8.19 7.90
C GLY A 505 13.11 7.42 6.66
N PRO A 506 14.26 7.77 6.09
CA PRO A 506 14.71 7.16 4.84
C PRO A 506 14.68 5.62 4.80
N LEU A 507 14.85 4.95 5.94
CA LEU A 507 14.85 3.48 5.92
C LEU A 507 13.57 2.91 5.26
N ALA A 508 12.48 3.66 5.34
CA ALA A 508 11.19 3.21 4.82
C ALA A 508 11.15 3.16 3.29
N LEU A 509 12.08 3.88 2.65
CA LEU A 509 12.17 3.95 1.19
C LEU A 509 13.03 2.85 0.60
N ILE A 510 13.95 2.30 1.41
CA ILE A 510 14.99 1.46 0.86
C ILE A 510 14.48 0.14 0.28
N ASP A 511 14.88 -0.13 -0.96
CA ASP A 511 14.66 -1.39 -1.65
C ASP A 511 15.71 -1.50 -2.76
N ALA A 512 15.52 -2.43 -3.68
CA ALA A 512 16.52 -2.69 -4.71
C ALA A 512 16.77 -1.50 -5.66
N ASP A 513 15.80 -0.61 -5.80
CA ASP A 513 15.95 0.54 -6.71
CA ASP A 513 15.95 0.51 -6.71
C ASP A 513 16.59 1.72 -6.03
N MET A 514 17.06 1.52 -4.79
CA MET A 514 17.65 2.60 -4.00
C MET A 514 18.81 2.10 -3.15
N PRO A 515 19.98 1.91 -3.77
CA PRO A 515 21.14 1.45 -3.00
C PRO A 515 21.59 2.49 -1.98
N VAL A 516 22.20 2.01 -0.91
CA VAL A 516 22.75 2.88 0.13
C VAL A 516 24.28 2.84 0.14
N ILE A 517 24.90 4.02 0.19
CA ILE A 517 26.35 4.19 0.28
C ILE A 517 26.73 4.82 1.62
N VAL A 518 27.73 4.25 2.32
CA VAL A 518 28.29 4.89 3.51
C VAL A 518 29.72 5.27 3.26
N VAL A 519 30.09 6.48 3.68
CA VAL A 519 31.44 6.95 3.49
C VAL A 519 32.28 6.83 4.77
N ALA A 520 33.24 5.91 4.77
CA ALA A 520 34.29 5.88 5.80
C ALA A 520 33.82 5.72 7.24
N PRO A 521 32.95 4.74 7.49
CA PRO A 521 32.47 4.56 8.86
C PRO A 521 33.49 3.78 9.70
N ASN A 522 33.44 3.98 11.02
CA ASN A 522 34.17 3.12 11.94
C ASN A 522 33.33 1.87 12.17
N ASN A 523 33.88 0.93 12.92
CA ASN A 523 33.23 -0.36 13.13
C ASN A 523 31.87 -0.26 13.84
N GLU A 524 31.79 0.56 14.87
CA GLU A 524 30.56 0.77 15.62
C GLU A 524 29.40 1.26 14.71
N LEU A 525 29.69 2.29 13.91
CA LEU A 525 28.75 2.81 12.93
C LEU A 525 28.41 1.78 11.87
N LEU A 526 29.42 1.10 11.34
CA LEU A 526 29.14 0.08 10.33
C LEU A 526 28.19 -0.98 10.89
N GLU A 527 28.36 -1.31 12.17
CA GLU A 527 27.48 -2.29 12.81
C GLU A 527 26.03 -1.79 12.89
N LYS A 528 25.85 -0.57 13.39
CA LYS A 528 24.50 0.00 13.38
C LYS A 528 23.86 -0.06 11.99
N LEU A 529 24.60 0.37 10.97
CA LEU A 529 24.06 0.44 9.61
C LEU A 529 23.80 -0.94 9.02
N LYS A 530 24.63 -1.92 9.37
CA LYS A 530 24.51 -3.28 8.87
C LYS A 530 23.21 -3.84 9.42
N SER A 531 22.98 -3.57 10.70
CA SER A 531 21.73 -4.01 11.29
C SER A 531 20.54 -3.35 10.56
N ASN A 532 20.63 -2.03 10.36
CA ASN A 532 19.63 -1.32 9.54
C ASN A 532 19.33 -1.98 8.17
N ILE A 533 20.35 -2.25 7.37
CA ILE A 533 20.10 -2.83 6.04
C ILE A 533 19.55 -4.26 6.16
N GLU A 534 19.90 -4.93 7.25
CA GLU A 534 19.26 -6.23 7.52
C GLU A 534 17.76 -6.01 7.63
N GLU A 535 17.35 -4.92 8.27
CA GLU A 535 15.89 -4.66 8.37
C GLU A 535 15.14 -4.59 7.02
N VAL A 536 15.84 -4.30 5.93
CA VAL A 536 15.17 -4.17 4.64
C VAL A 536 15.72 -5.15 3.61
N ARG A 537 16.45 -6.14 4.10
CA ARG A 537 16.78 -7.33 3.31
C ARG A 537 15.64 -7.83 2.42
N ALA A 538 14.43 -8.02 3.00
CA ALA A 538 13.32 -8.57 2.22
C ALA A 538 12.98 -7.75 0.97
N ARG A 539 13.38 -6.47 0.96
CA ARG A 539 13.10 -5.62 -0.20
C ARG A 539 14.34 -5.43 -1.10
N GLY A 540 15.35 -6.26 -0.90
CA GLY A 540 16.56 -6.17 -1.68
C GLY A 540 17.41 -4.91 -1.48
N GLY A 541 17.50 -4.48 -0.22
CA GLY A 541 18.36 -3.37 0.18
C GLY A 541 19.82 -3.77 0.16
N GLN A 542 20.65 -2.91 -0.43
CA GLN A 542 22.09 -3.13 -0.58
C GLN A 542 22.84 -2.00 0.09
N LEU A 543 23.89 -2.34 0.83
CA LEU A 543 24.73 -1.35 1.48
C LEU A 543 26.09 -1.37 0.80
N TYR A 544 26.57 -0.21 0.32
CA TYR A 544 27.92 -0.09 -0.21
C TYR A 544 28.80 0.75 0.72
N VAL A 545 29.95 0.20 1.09
CA VAL A 545 30.81 0.81 2.10
C VAL A 545 32.20 1.11 1.57
N PHE A 546 32.53 2.40 1.50
CA PHE A 546 33.90 2.83 1.22
C PHE A 546 34.61 2.93 2.56
N ALA A 547 35.64 2.11 2.75
CA ALA A 547 36.34 2.10 4.03
C ALA A 547 37.78 1.67 3.86
N ASP A 548 38.57 1.98 4.88
CA ASP A 548 39.98 1.62 4.96
C ASP A 548 40.11 0.10 4.94
N GLN A 549 40.95 -0.41 4.04
CA GLN A 549 41.28 -1.85 4.08
C GLN A 549 41.74 -2.32 5.47
N ASP A 550 42.53 -1.50 6.17
CA ASP A 550 43.04 -1.88 7.49
C ASP A 550 41.92 -2.16 8.49
N ALA A 551 40.71 -1.70 8.19
CA ALA A 551 39.61 -1.92 9.12
C ALA A 551 39.20 -3.39 9.16
N GLY A 552 39.56 -4.13 8.13
CA GLY A 552 39.20 -5.54 8.06
C GLY A 552 37.71 -5.83 7.99
N PHE A 553 36.90 -4.87 7.54
CA PHE A 553 35.50 -5.14 7.28
C PHE A 553 35.37 -6.26 6.23
N VAL A 554 34.28 -7.02 6.32
CA VAL A 554 34.06 -8.15 5.44
C VAL A 554 32.70 -8.11 4.76
N SER A 555 32.68 -8.34 3.46
CA SER A 555 31.46 -8.32 2.69
C SER A 555 30.52 -9.46 3.04
N SER A 556 29.23 -9.19 2.99
CA SER A 556 28.19 -10.20 3.01
C SER A 556 27.41 -10.01 1.71
N ASP A 557 26.22 -10.58 1.62
CA ASP A 557 25.51 -10.56 0.35
C ASP A 557 24.74 -9.25 0.11
N ASN A 558 24.42 -8.56 1.20
CA ASN A 558 23.69 -7.31 1.05
C ASN A 558 24.54 -6.12 1.56
N MET A 559 25.78 -6.41 1.97
CA MET A 559 26.70 -5.36 2.33
C MET A 559 28.03 -5.52 1.59
N HIS A 560 28.39 -4.53 0.77
CA HIS A 560 29.56 -4.64 -0.08
C HIS A 560 30.67 -3.68 0.31
N ILE A 561 31.81 -4.24 0.76
CA ILE A 561 32.95 -3.43 1.18
C ILE A 561 33.84 -3.08 0.00
N ILE A 562 33.91 -1.79 -0.30
CA ILE A 562 34.85 -1.29 -1.29
C ILE A 562 36.05 -0.73 -0.56
N GLU A 563 37.06 -1.58 -0.34
CA GLU A 563 38.24 -1.22 0.45
C GLU A 563 39.05 -0.14 -0.24
N MET A 564 39.73 0.68 0.56
CA MET A 564 40.53 1.77 0.04
C MET A 564 41.88 1.79 0.77
N PRO A 565 42.91 2.40 0.17
CA PRO A 565 44.22 2.48 0.83
C PRO A 565 44.08 3.25 2.13
N HIS A 566 45.01 3.04 3.06
CA HIS A 566 45.00 3.74 4.32
C HIS A 566 45.42 5.20 4.10
N VAL A 567 44.82 6.11 4.86
CA VAL A 567 45.14 7.52 4.71
C VAL A 567 45.19 8.19 6.08
N GLU A 568 45.98 9.26 6.23
CA GLU A 568 45.95 10.06 7.47
C GLU A 568 44.53 10.55 7.78
N GLU A 569 44.13 10.52 9.05
CA GLU A 569 42.73 10.82 9.32
C GLU A 569 42.36 12.29 9.06
N VAL A 570 43.31 13.19 9.28
CA VAL A 570 43.01 14.60 9.16
C VAL A 570 42.60 14.98 7.74
N ILE A 571 43.11 14.26 6.73
CA ILE A 571 42.71 14.48 5.35
C ILE A 571 41.76 13.40 4.80
N ALA A 572 41.20 12.55 5.66
CA ALA A 572 40.30 11.52 5.15
C ALA A 572 39.10 12.06 4.35
N PRO A 573 38.53 13.21 4.78
CA PRO A 573 37.38 13.78 4.05
C PRO A 573 37.72 14.17 2.62
N ILE A 574 38.91 14.74 2.39
CA ILE A 574 39.34 15.07 1.05
C ILE A 574 39.53 13.81 0.20
N PHE A 575 40.28 12.88 0.77
CA PHE A 575 40.65 11.59 0.17
C PHE A 575 39.41 10.83 -0.26
N TYR A 576 38.38 10.85 0.58
CA TYR A 576 37.19 10.06 0.29
C TYR A 576 36.22 10.74 -0.68
N THR A 577 36.50 12.00 -1.02
CA THR A 577 35.72 12.71 -2.02
C THR A 577 35.95 12.08 -3.40
N VAL A 578 37.19 11.71 -3.67
CA VAL A 578 37.63 11.24 -4.97
C VAL A 578 36.82 10.04 -5.54
N PRO A 579 36.70 8.91 -4.77
CA PRO A 579 35.87 7.80 -5.25
C PRO A 579 34.42 8.22 -5.55
N LEU A 580 33.90 9.23 -4.86
CA LEU A 580 32.53 9.69 -5.14
C LEU A 580 32.44 10.49 -6.46
N GLN A 581 33.49 11.21 -6.80
CA GLN A 581 33.56 11.93 -8.06
C GLN A 581 33.68 10.93 -9.20
N LEU A 582 34.49 9.90 -8.99
CA LEU A 582 34.77 8.89 -10.00
C LEU A 582 33.52 8.06 -10.27
N LEU A 583 32.81 7.73 -9.21
CA LEU A 583 31.53 7.03 -9.30
C LEU A 583 30.55 7.82 -10.19
N ALA A 584 30.36 9.10 -9.87
CA ALA A 584 29.43 9.92 -10.63
C ALA A 584 29.90 9.99 -12.08
N TYR A 585 31.20 10.25 -12.25
CA TYR A 585 31.73 10.34 -13.59
C TYR A 585 31.43 9.06 -14.39
N HIS A 586 31.76 7.90 -13.81
CA HIS A 586 31.61 6.64 -14.55
C HIS A 586 30.15 6.22 -14.77
N VAL A 587 29.28 6.53 -13.81
CA VAL A 587 27.87 6.33 -14.07
C VAL A 587 27.43 7.15 -15.26
N ALA A 588 27.84 8.42 -15.30
CA ALA A 588 27.51 9.30 -16.42
C ALA A 588 28.03 8.72 -17.75
N LEU A 589 29.18 8.07 -17.70
CA LEU A 589 29.79 7.56 -18.93
C LEU A 589 28.95 6.43 -19.46
N ILE A 590 28.57 5.54 -18.57
CA ILE A 590 27.73 4.42 -18.96
C ILE A 590 26.41 4.91 -19.59
N LYS A 591 25.77 5.89 -18.96
CA LYS A 591 24.50 6.43 -19.46
C LYS A 591 24.71 7.33 -20.67
N GLY A 592 25.91 7.88 -20.81
CA GLY A 592 26.18 8.78 -21.89
C GLY A 592 25.51 10.11 -21.71
N THR A 593 25.45 10.59 -20.47
CA THR A 593 24.95 11.93 -20.22
C THR A 593 26.02 13.01 -20.45
N ASP A 594 25.57 14.25 -20.57
CA ASP A 594 26.45 15.36 -20.90
C ASP A 594 27.25 15.76 -19.63
N VAL A 595 28.39 15.12 -19.42
CA VAL A 595 29.20 15.31 -18.21
C VAL A 595 29.63 16.77 -18.02
N ASP A 596 30.26 17.35 -19.03
CA ASP A 596 30.76 18.72 -18.91
C ASP A 596 29.66 19.78 -18.86
N GLN A 597 28.53 19.53 -19.53
CA GLN A 597 27.42 20.47 -19.50
C GLN A 597 26.09 19.82 -19.16
N PRO A 598 25.89 19.49 -17.88
CA PRO A 598 24.65 18.81 -17.50
C PRO A 598 23.41 19.67 -17.71
N ARG A 599 22.30 19.04 -18.08
CA ARG A 599 21.07 19.77 -18.37
C ARG A 599 20.66 20.72 -17.23
N ASN A 600 20.39 21.97 -17.61
CA ASN A 600 19.79 22.96 -16.72
C ASN A 600 20.72 23.55 -15.65
N LEU A 601 21.96 23.08 -15.57
CA LEU A 601 22.90 23.62 -14.58
C LEU A 601 23.81 24.66 -15.22
N ALA A 602 24.31 25.60 -14.42
CA ALA A 602 25.26 26.61 -14.92
C ALA A 602 26.55 26.62 -14.10
N LYS A 603 27.65 27.11 -14.70
CA LYS A 603 28.94 27.17 -14.00
C LYS A 603 28.83 28.02 -12.75
N SER A 604 28.24 29.19 -12.88
CA SER A 604 27.91 29.99 -11.71
C SER A 604 26.61 30.70 -11.95
N VAL A 605 25.88 30.93 -10.87
CA VAL A 605 24.59 31.59 -10.93
C VAL A 605 24.75 33.04 -10.51
N THR A 606 24.97 33.90 -11.50
CA THR A 606 25.37 35.28 -11.28
C THR A 606 24.23 36.27 -11.38
N VAL A 607 23.09 35.82 -11.86
CA VAL A 607 21.94 36.73 -11.93
C VAL A 607 21.01 36.50 -10.74
N GLU A 608 20.54 37.60 -10.17
CA GLU A 608 19.42 37.55 -9.26
C GLU A 608 18.23 36.85 -9.94
N ALA B 1 25.03 10.66 45.44
CA ALA B 1 24.70 10.85 44.04
C ALA B 1 23.79 9.74 43.56
N GLY B 2 24.07 8.52 44.02
CA GLY B 2 23.23 7.38 43.69
C GLY B 2 22.99 6.53 44.92
N ILE B 3 21.76 6.07 45.07
CA ILE B 3 21.41 5.16 46.16
C ILE B 3 20.82 3.89 45.58
N VAL B 4 21.16 2.74 46.17
CA VAL B 4 20.51 1.49 45.80
C VAL B 4 20.31 0.63 47.02
N GLY B 5 19.19 -0.11 47.03
CA GLY B 5 18.87 -0.93 48.18
C GLY B 5 18.15 -2.17 47.74
N ALA B 6 18.46 -3.29 48.38
CA ALA B 6 17.77 -4.54 48.12
C ALA B 6 17.48 -5.31 49.39
N ILE B 7 16.32 -5.94 49.43
CA ILE B 7 15.98 -6.85 50.50
C ILE B 7 15.33 -8.08 49.88
N ALA B 8 16.05 -9.20 49.94
CA ALA B 8 15.73 -10.39 49.16
C ALA B 8 16.12 -11.67 49.89
N GLN B 9 15.87 -12.80 49.22
CA GLN B 9 16.28 -14.11 49.74
C GLN B 9 17.62 -14.52 49.16
N ARG B 10 17.88 -14.11 47.92
CA ARG B 10 19.20 -14.34 47.31
C ARG B 10 20.20 -13.27 47.76
N ASP B 11 21.48 -13.50 47.44
CA ASP B 11 22.52 -12.50 47.72
C ASP B 11 22.29 -11.26 46.86
N VAL B 12 22.28 -10.09 47.48
CA VAL B 12 21.98 -8.87 46.76
C VAL B 12 23.16 -7.97 46.32
N ALA B 13 24.39 -8.32 46.71
CA ALA B 13 25.54 -7.45 46.42
C ALA B 13 25.78 -7.21 44.92
N GLU B 14 25.72 -8.28 44.12
CA GLU B 14 25.88 -8.17 42.67
C GLU B 14 24.84 -7.18 42.10
N ILE B 15 23.60 -7.35 42.51
CA ILE B 15 22.52 -6.44 42.12
C ILE B 15 22.79 -4.98 42.54
N LEU B 16 23.28 -4.80 43.77
CA LEU B 16 23.60 -3.46 44.24
C LEU B 16 24.69 -2.79 43.39
N LEU B 17 25.72 -3.55 43.06
CA LEU B 17 26.84 -3.03 42.28
C LEU B 17 26.40 -2.69 40.87
N GLU B 18 25.62 -3.58 40.27
CA GLU B 18 25.06 -3.33 38.94
C GLU B 18 24.19 -2.06 38.95
N GLY B 19 23.42 -1.89 40.03
CA GLY B 19 22.63 -0.68 40.20
C GLY B 19 23.54 0.54 40.15
N LEU B 20 24.62 0.49 40.93
CA LEU B 20 25.57 1.61 40.95
C LEU B 20 26.21 1.88 39.58
N ARG B 21 26.58 0.84 38.85
CA ARG B 21 27.08 1.00 37.49
C ARG B 21 26.08 1.81 36.70
N ARG B 22 24.82 1.39 36.76
CA ARG B 22 23.78 2.10 36.03
C ARG B 22 23.47 3.49 36.57
N LEU B 23 24.05 3.82 37.72
CA LEU B 23 23.93 5.20 38.22
C LEU B 23 25.19 6.04 37.96
N GLU B 24 26.08 5.55 37.12
CA GLU B 24 27.39 6.17 36.95
C GLU B 24 27.30 7.44 36.12
N TYR B 25 26.20 7.60 35.41
CA TYR B 25 26.03 8.79 34.59
C TYR B 25 25.94 10.03 35.49
N ARG B 26 25.52 9.84 36.74
CA ARG B 26 25.54 10.94 37.71
C ARG B 26 26.82 10.87 38.54
N GLY B 27 26.86 11.62 39.64
CA GLY B 27 28.01 11.63 40.53
C GLY B 27 29.28 11.68 39.71
N TYR B 28 30.41 11.24 40.29
CA TYR B 28 30.52 10.79 41.67
C TYR B 28 32.02 10.63 41.93
N ASP B 29 32.44 10.66 43.18
CA ASP B 29 33.88 10.57 43.48
C ASP B 29 34.30 9.36 44.32
N SER B 30 33.39 8.86 45.13
CA SER B 30 33.63 7.60 45.84
C SER B 30 32.41 6.69 45.74
N ALA B 31 32.49 5.49 46.32
CA ALA B 31 31.34 4.57 46.31
C ALA B 31 31.49 3.49 47.38
N GLY B 32 30.38 2.84 47.72
CA GLY B 32 30.42 1.79 48.73
C GLY B 32 29.11 1.03 48.89
N LEU B 33 29.18 -0.09 49.63
CA LEU B 33 28.00 -0.88 49.95
C LEU B 33 28.15 -1.66 51.26
N ALA B 34 27.01 -2.07 51.81
CA ALA B 34 26.98 -2.82 53.06
C ALA B 34 25.85 -3.84 52.99
N VAL B 35 26.20 -5.12 53.19
CA VAL B 35 25.19 -6.17 53.19
C VAL B 35 25.17 -6.93 54.52
N VAL B 36 24.19 -7.82 54.68
CA VAL B 36 23.93 -8.50 55.94
C VAL B 36 23.33 -9.88 55.69
N ASP B 37 23.96 -10.92 56.23
CA ASP B 37 23.38 -12.26 56.15
C ASP B 37 22.28 -12.42 57.21
N ALA B 38 21.74 -13.64 57.32
CA ALA B 38 20.62 -13.88 58.24
C ALA B 38 21.04 -13.84 59.72
N GLU B 39 22.31 -14.08 60.00
CA GLU B 39 22.81 -14.07 61.39
C GLU B 39 23.13 -12.65 61.89
N GLY B 40 23.10 -11.68 60.98
CA GLY B 40 23.30 -10.29 61.36
C GLY B 40 24.70 -9.75 61.14
N HIS B 41 25.57 -10.58 60.58
N HIS B 41 25.59 -10.59 60.61
CA HIS B 41 26.93 -10.17 60.28
CA HIS B 41 26.95 -10.14 60.30
C HIS B 41 26.95 -9.19 59.11
C HIS B 41 26.95 -9.19 59.12
N MET B 42 27.20 -7.92 59.40
CA MET B 42 27.22 -6.89 58.36
C MET B 42 28.62 -6.70 57.77
N THR B 43 28.72 -6.84 56.45
CA THR B 43 29.97 -6.63 55.74
C THR B 43 29.91 -5.32 54.93
N ARG B 44 30.83 -4.40 55.22
CA ARG B 44 30.88 -3.11 54.55
C ARG B 44 32.17 -2.90 53.74
N LEU B 45 32.03 -2.27 52.58
CA LEU B 45 33.13 -2.16 51.65
C LEU B 45 33.01 -0.84 50.87
N ARG B 46 34.05 -0.01 50.94
CA ARG B 46 34.03 1.36 50.39
C ARG B 46 35.35 1.70 49.72
N ARG B 47 35.28 2.41 48.61
CA ARG B 47 36.48 2.87 47.92
C ARG B 47 36.37 4.32 47.48
N LEU B 48 37.52 4.99 47.48
CA LEU B 48 37.67 6.26 46.81
C LEU B 48 37.96 5.90 45.36
N GLY B 49 37.13 6.37 44.43
CA GLY B 49 37.33 6.09 43.01
C GLY B 49 36.09 5.64 42.24
N LYS B 50 36.32 4.95 41.13
CA LYS B 50 35.24 4.41 40.28
C LYS B 50 34.51 3.23 40.94
N VAL B 51 33.29 2.95 40.48
CA VAL B 51 32.53 1.81 40.96
C VAL B 51 33.32 0.53 40.68
N GLN B 52 34.04 0.54 39.56
CA GLN B 52 34.84 -0.62 39.15
C GLN B 52 35.84 -1.06 40.22
N MET B 53 36.41 -0.10 40.94
CA MET B 53 37.30 -0.43 42.05
C MET B 53 36.57 -1.22 43.14
N LEU B 54 35.39 -0.71 43.50
CA LEU B 54 34.57 -1.34 44.54
C LEU B 54 34.14 -2.74 44.14
N ALA B 55 33.73 -2.89 42.88
CA ALA B 55 33.35 -4.19 42.34
C ALA B 55 34.56 -5.13 42.37
N GLN B 56 35.74 -4.57 42.08
CA GLN B 56 36.98 -5.35 42.08
C GLN B 56 37.24 -5.91 43.46
N ALA B 57 37.22 -5.05 44.47
CA ALA B 57 37.45 -5.49 45.84
C ALA B 57 36.39 -6.53 46.22
N ALA B 58 35.15 -6.22 45.89
CA ALA B 58 34.02 -7.05 46.24
C ALA B 58 34.20 -8.45 45.65
N GLU B 59 34.82 -8.52 44.48
CA GLU B 59 35.00 -9.80 43.80
C GLU B 59 35.92 -10.78 44.56
N GLU B 60 37.12 -10.37 44.88
CA GLU B 60 38.05 -11.29 45.53
C GLU B 60 37.76 -11.52 47.02
N HIS B 61 36.80 -10.79 47.56
CA HIS B 61 36.30 -11.03 48.91
C HIS B 61 34.79 -10.79 48.98
N PRO B 62 34.00 -11.80 48.54
CA PRO B 62 32.55 -11.70 48.30
C PRO B 62 31.71 -11.31 49.52
N LEU B 63 30.72 -10.45 49.28
CA LEU B 63 29.75 -10.09 50.31
C LEU B 63 28.53 -11.00 50.21
N HIS B 64 28.21 -11.66 51.32
CA HIS B 64 27.09 -12.57 51.36
C HIS B 64 25.94 -11.99 52.17
N GLY B 65 24.72 -12.19 51.68
CA GLY B 65 23.54 -11.72 52.39
C GLY B 65 22.47 -11.15 51.48
N GLY B 66 21.22 -11.25 51.92
CA GLY B 66 20.08 -10.81 51.14
C GLY B 66 19.54 -9.43 51.44
N THR B 67 20.15 -8.73 52.40
CA THR B 67 19.76 -7.37 52.71
C THR B 67 20.96 -6.46 52.54
N GLY B 68 20.77 -5.30 51.92
CA GLY B 68 21.90 -4.42 51.61
C GLY B 68 21.62 -3.07 51.00
N ILE B 69 22.54 -2.13 51.26
CA ILE B 69 22.43 -0.77 50.72
C ILE B 69 23.78 -0.31 50.12
N ALA B 70 23.71 0.43 49.03
CA ALA B 70 24.90 0.87 48.30
C ALA B 70 24.70 2.29 47.83
N HIS B 71 25.78 2.93 47.40
CA HIS B 71 25.78 4.38 47.22
C HIS B 71 27.00 4.87 46.44
N THR B 72 26.77 5.84 45.57
CA THR B 72 27.85 6.57 44.92
C THR B 72 27.75 7.98 45.40
N ARG B 73 28.91 8.60 45.63
CA ARG B 73 28.98 9.89 46.29
C ARG B 73 29.57 11.02 45.44
N TRP B 74 28.90 12.16 45.48
CA TRP B 74 29.51 13.43 45.06
C TRP B 74 29.64 14.33 46.28
N ALA B 75 30.82 14.35 46.88
CA ALA B 75 31.05 15.01 48.16
C ALA B 75 30.58 16.46 48.22
N THR B 76 29.85 16.80 49.28
CA THR B 76 29.56 18.20 49.57
C THR B 76 30.13 18.59 50.92
N HIS B 77 30.08 17.67 51.87
CA HIS B 77 30.61 17.91 53.21
C HIS B 77 31.67 16.89 53.56
N GLY B 78 32.92 17.32 53.47
CA GLY B 78 34.05 16.44 53.71
C GLY B 78 34.71 16.08 52.40
N GLU B 79 36.03 16.03 52.42
CA GLU B 79 36.82 15.64 51.25
C GLU B 79 36.51 14.21 50.80
N PRO B 80 36.51 13.98 49.49
CA PRO B 80 36.35 12.62 48.97
C PRO B 80 37.39 11.68 49.58
N SER B 81 36.92 10.71 50.36
CA SER B 81 37.80 9.67 50.92
C SER B 81 37.00 8.44 51.30
N GLU B 82 37.70 7.31 51.46
CA GLU B 82 37.09 6.08 51.94
C GLU B 82 36.45 6.34 53.31
N VAL B 83 37.04 7.29 54.05
CA VAL B 83 36.56 7.64 55.38
C VAL B 83 35.19 8.29 55.35
N ASN B 84 35.00 9.17 54.38
CA ASN B 84 33.73 9.91 54.27
C ASN B 84 32.70 9.28 53.34
N ALA B 85 33.13 8.34 52.50
CA ALA B 85 32.23 7.64 51.59
C ALA B 85 31.11 6.91 52.34
N HIS B 86 30.01 6.63 51.64
CA HIS B 86 28.89 5.90 52.21
C HIS B 86 29.06 4.42 51.90
N PRO B 87 28.35 3.54 52.62
CA PRO B 87 27.42 3.83 53.73
C PRO B 87 28.15 4.24 55.01
N HIS B 88 27.49 5.05 55.83
CA HIS B 88 28.02 5.42 57.14
C HIS B 88 27.29 4.66 58.23
N VAL B 89 27.99 4.40 59.34
CA VAL B 89 27.47 3.52 60.37
C VAL B 89 27.40 4.17 61.75
N SER B 90 26.44 3.70 62.54
CA SER B 90 26.36 4.06 63.95
C SER B 90 26.17 2.75 64.70
N GLU B 91 27.25 1.99 64.81
CA GLU B 91 27.18 0.62 65.32
C GLU B 91 26.35 -0.21 64.35
N HIS B 92 25.17 -0.62 64.81
CA HIS B 92 24.29 -1.47 64.02
C HIS B 92 23.47 -0.70 62.96
N ILE B 93 23.31 0.61 63.17
CA ILE B 93 22.63 1.44 62.18
C ILE B 93 23.57 1.73 61.01
N VAL B 94 23.07 1.47 59.81
CA VAL B 94 23.79 1.74 58.58
C VAL B 94 22.93 2.66 57.70
N VAL B 95 23.58 3.60 57.00
CA VAL B 95 22.86 4.62 56.23
C VAL B 95 23.53 5.05 54.92
N VAL B 96 22.71 5.20 53.87
CA VAL B 96 23.16 5.87 52.64
C VAL B 96 22.33 7.14 52.41
N HIS B 97 22.95 8.15 51.80
CA HIS B 97 22.33 9.47 51.74
C HIS B 97 22.64 10.27 50.47
N ASN B 98 21.60 10.84 49.88
CA ASN B 98 21.75 11.77 48.77
C ASN B 98 21.28 13.15 49.18
N GLY B 99 22.02 14.17 48.76
CA GLY B 99 21.65 15.53 49.09
C GLY B 99 22.36 16.04 50.33
N ILE B 100 21.69 16.91 51.07
CA ILE B 100 22.33 17.61 52.19
C ILE B 100 21.43 17.72 53.41
N ILE B 101 21.99 17.38 54.57
CA ILE B 101 21.36 17.73 55.85
C ILE B 101 21.90 19.10 56.23
N GLU B 102 21.09 20.13 56.07
CA GLU B 102 21.55 21.51 56.17
C GLU B 102 22.01 21.91 57.57
N ASN B 103 21.32 21.42 58.59
CA ASN B 103 21.68 21.70 59.97
C ASN B 103 22.59 20.63 60.56
N HIS B 104 23.74 20.39 59.96
CA HIS B 104 24.58 19.29 60.40
C HIS B 104 25.35 19.55 61.71
N GLU B 105 26.14 20.62 61.77
CA GLU B 105 26.97 20.86 62.96
C GLU B 105 26.23 21.04 64.29
N PRO B 106 25.08 21.74 64.28
CA PRO B 106 24.25 21.82 65.49
C PRO B 106 23.98 20.43 66.06
N LEU B 107 23.38 19.56 65.24
CA LEU B 107 23.00 18.22 65.66
C LEU B 107 24.22 17.34 65.95
N ARG B 108 25.33 17.62 65.26
CA ARG B 108 26.57 16.85 65.44
C ARG B 108 27.19 17.14 66.79
N GLU B 109 27.16 18.39 67.22
CA GLU B 109 27.66 18.71 68.55
C GLU B 109 26.66 18.24 69.59
N GLU B 110 25.38 18.36 69.26
CA GLU B 110 24.32 17.87 70.13
C GLU B 110 24.54 16.39 70.47
N LEU B 111 24.90 15.59 69.46
CA LEU B 111 25.11 14.16 69.65
C LEU B 111 26.50 13.83 70.17
N LYS B 112 27.46 14.68 69.81
CA LYS B 112 28.85 14.54 70.24
C LYS B 112 28.86 14.63 71.75
N ALA B 113 28.11 15.61 72.26
CA ALA B 113 27.82 15.72 73.67
C ALA B 113 26.76 14.70 74.04
N ARG B 114 27.04 13.44 73.73
CA ARG B 114 26.16 12.35 74.10
C ARG B 114 26.88 11.02 73.93
N GLY B 115 28.15 11.09 73.54
CA GLY B 115 29.00 9.90 73.50
C GLY B 115 29.25 9.34 72.12
N TYR B 116 28.76 10.04 71.09
CA TYR B 116 28.92 9.59 69.72
C TYR B 116 30.25 10.08 69.13
N THR B 117 31.01 9.15 68.58
CA THR B 117 32.30 9.45 67.98
C THR B 117 32.17 9.64 66.47
N PHE B 118 32.16 10.89 66.02
CA PHE B 118 32.12 11.19 64.59
C PHE B 118 33.46 10.92 63.93
N VAL B 119 33.55 9.84 63.15
CA VAL B 119 34.81 9.45 62.52
C VAL B 119 34.96 10.05 61.13
N SER B 120 34.00 10.85 60.70
CA SER B 120 34.01 11.43 59.35
C SER B 120 33.58 12.90 59.32
N GLU B 121 33.86 13.57 58.20
CA GLU B 121 33.52 14.98 58.03
C GLU B 121 32.11 15.21 57.52
N THR B 122 31.48 14.15 56.99
CA THR B 122 30.22 14.29 56.27
C THR B 122 29.07 14.74 57.16
N ASP B 123 28.09 15.41 56.54
CA ASP B 123 26.85 15.76 57.20
C ASP B 123 25.98 14.51 57.37
N THR B 124 26.32 13.47 56.62
CA THR B 124 25.58 12.21 56.59
C THR B 124 25.62 11.46 57.91
N GLU B 125 26.81 11.42 58.52
CA GLU B 125 27.03 10.62 59.72
C GLU B 125 26.05 10.96 60.85
N VAL B 126 25.65 12.23 60.88
CA VAL B 126 24.67 12.68 61.85
C VAL B 126 23.40 11.85 61.72
N ILE B 127 22.99 11.53 60.50
CA ILE B 127 21.79 10.73 60.26
C ILE B 127 21.91 9.40 61.02
N ALA B 128 23.01 8.71 60.79
CA ALA B 128 23.29 7.45 61.46
C ALA B 128 23.20 7.59 62.98
N HIS B 129 24.01 8.49 63.54
CA HIS B 129 24.04 8.61 65.01
C HIS B 129 22.68 8.98 65.62
N LEU B 130 21.93 9.82 64.92
CA LEU B 130 20.59 10.20 65.38
C LEU B 130 19.65 9.00 65.37
N VAL B 131 19.63 8.26 64.26
CA VAL B 131 18.79 7.06 64.18
C VAL B 131 19.15 6.10 65.33
N ASN B 132 20.45 5.89 65.55
CA ASN B 132 20.93 5.14 66.70
C ASN B 132 20.29 5.62 68.00
N TRP B 133 20.43 6.92 68.27
CA TRP B 133 19.84 7.52 69.46
C TRP B 133 18.35 7.17 69.59
N GLU B 134 17.55 7.59 68.61
CA GLU B 134 16.12 7.36 68.66
C GLU B 134 15.75 5.89 68.87
N LEU B 135 16.57 4.98 68.35
CA LEU B 135 16.32 3.55 68.54
C LEU B 135 16.73 3.10 69.94
N LYS B 136 17.65 3.85 70.55
CA LYS B 136 18.12 3.56 71.90
C LYS B 136 16.93 3.41 72.84
N GLN B 137 15.94 4.29 72.66
CA GLN B 137 14.73 4.26 73.48
C GLN B 137 13.59 3.45 72.85
N GLY B 138 13.69 2.13 72.95
CA GLY B 138 12.65 1.22 72.51
C GLY B 138 12.19 1.33 71.07
N GLY B 139 11.05 0.69 70.77
CA GLY B 139 10.49 0.69 69.43
C GLY B 139 11.33 -0.11 68.46
N THR B 140 11.12 0.13 67.16
CA THR B 140 12.00 -0.43 66.13
C THR B 140 12.31 0.61 65.07
N LEU B 141 13.02 0.19 64.04
CA LEU B 141 13.54 1.10 63.02
C LEU B 141 12.53 2.16 62.56
N ARG B 142 11.30 1.73 62.24
CA ARG B 142 10.30 2.66 61.73
C ARG B 142 9.95 3.82 62.68
N GLU B 143 9.45 3.51 63.88
CA GLU B 143 9.11 4.55 64.86
C GLU B 143 10.25 5.55 65.01
N ALA B 144 11.44 5.00 65.24
CA ALA B 144 12.65 5.78 65.41
C ALA B 144 12.87 6.75 64.26
N VAL B 145 12.94 6.23 63.03
CA VAL B 145 13.15 7.09 61.85
C VAL B 145 12.05 8.15 61.73
N LEU B 146 10.83 7.77 62.10
CA LEU B 146 9.68 8.66 62.05
C LEU B 146 9.87 9.83 62.99
N ARG B 147 10.53 9.58 64.13
CA ARG B 147 10.93 10.65 65.03
C ARG B 147 12.09 11.49 64.47
N ALA B 148 13.12 10.81 63.99
CA ALA B 148 14.36 11.48 63.56
C ALA B 148 14.22 12.39 62.33
N ILE B 149 13.39 12.00 61.36
CA ILE B 149 13.31 12.75 60.09
C ILE B 149 12.98 14.24 60.23
N PRO B 150 12.00 14.60 61.08
CA PRO B 150 11.66 16.01 61.31
C PRO B 150 12.83 16.85 61.86
N GLN B 151 13.81 16.20 62.48
CA GLN B 151 14.96 16.89 63.06
C GLN B 151 16.07 17.15 62.06
N LEU B 152 15.78 16.93 60.78
CA LEU B 152 16.73 17.20 59.72
C LEU B 152 16.15 18.17 58.71
N ARG B 153 16.79 19.33 58.54
CA ARG B 153 16.38 20.27 57.52
C ARG B 153 17.21 20.04 56.26
N GLY B 154 16.60 20.25 55.10
CA GLY B 154 17.31 20.13 53.84
C GLY B 154 16.62 19.28 52.80
N ALA B 155 17.06 19.43 51.56
CA ALA B 155 16.60 18.60 50.46
C ALA B 155 17.51 17.40 50.36
N TYR B 156 16.96 16.22 50.63
CA TYR B 156 17.77 15.01 50.73
C TYR B 156 16.90 13.75 50.61
N GLY B 157 17.54 12.61 50.47
CA GLY B 157 16.85 11.33 50.51
C GLY B 157 17.77 10.35 51.21
N THR B 158 17.22 9.39 51.95
CA THR B 158 18.09 8.48 52.69
C THR B 158 17.51 7.07 52.84
N VAL B 159 18.39 6.07 52.81
CA VAL B 159 17.98 4.69 53.10
C VAL B 159 18.76 4.13 54.29
N ILE B 160 18.02 3.53 55.21
CA ILE B 160 18.48 3.27 56.56
C ILE B 160 18.17 1.83 56.96
N MET B 161 19.17 1.13 57.50
CA MET B 161 18.92 -0.21 58.04
C MET B 161 19.56 -0.47 59.41
N ASP B 162 19.01 -1.45 60.12
CA ASP B 162 19.55 -1.94 61.37
C ASP B 162 19.98 -3.38 61.16
N SER B 163 21.29 -3.64 61.21
CA SER B 163 21.83 -4.97 60.97
C SER B 163 21.50 -6.01 62.05
N ARG B 164 20.87 -5.57 63.13
CA ARG B 164 20.37 -6.50 64.13
C ARG B 164 19.03 -7.06 63.69
N HIS B 165 18.46 -6.44 62.65
CA HIS B 165 17.17 -6.85 62.12
C HIS B 165 17.13 -6.66 60.60
N PRO B 166 17.70 -7.63 59.86
CA PRO B 166 17.96 -7.54 58.42
C PRO B 166 16.69 -7.61 57.57
N ASP B 167 15.56 -7.85 58.22
CA ASP B 167 14.32 -8.09 57.48
C ASP B 167 13.61 -6.82 57.05
N THR B 168 14.17 -5.67 57.40
CA THR B 168 13.52 -4.40 57.10
C THR B 168 14.48 -3.28 56.68
N LEU B 169 14.05 -2.49 55.71
CA LEU B 169 14.73 -1.25 55.35
C LEU B 169 13.77 -0.08 55.57
N LEU B 170 14.33 1.07 55.92
CA LEU B 170 13.55 2.28 56.02
C LEU B 170 14.05 3.33 55.02
N ALA B 171 13.13 4.03 54.37
CA ALA B 171 13.53 5.06 53.41
C ALA B 171 12.83 6.36 53.70
N ALA B 172 13.45 7.45 53.30
CA ALA B 172 12.85 8.76 53.48
C ALA B 172 13.17 9.67 52.31
N ARG B 173 12.13 10.13 51.62
CA ARG B 173 12.32 11.11 50.56
C ARG B 173 11.96 12.49 51.10
N SER B 174 12.95 13.38 51.14
CA SER B 174 12.76 14.74 51.65
C SER B 174 13.50 15.83 50.87
N GLY B 175 13.32 15.88 49.56
CA GLY B 175 13.98 16.86 48.73
C GLY B 175 14.83 16.25 47.63
N SER B 176 15.01 14.94 47.69
CA SER B 176 15.76 14.18 46.69
C SER B 176 15.01 12.87 46.40
N PRO B 177 15.02 12.43 45.13
CA PRO B 177 14.13 11.34 44.67
C PRO B 177 14.46 9.94 45.21
N LEU B 178 13.41 9.14 45.37
CA LEU B 178 13.56 7.72 45.66
C LEU B 178 12.39 6.97 45.02
N VAL B 179 12.66 5.82 44.42
CA VAL B 179 11.62 4.98 43.86
C VAL B 179 11.84 3.52 44.26
N ILE B 180 10.76 2.84 44.59
CA ILE B 180 10.78 1.43 44.99
C ILE B 180 10.52 0.55 43.78
N GLY B 181 11.23 -0.56 43.68
CA GLY B 181 11.03 -1.53 42.62
C GLY B 181 10.51 -2.83 43.19
N LEU B 182 9.37 -3.28 42.70
CA LEU B 182 8.70 -4.45 43.26
C LEU B 182 9.14 -5.76 42.58
N GLY B 183 9.76 -6.64 43.36
CA GLY B 183 10.20 -7.94 42.84
C GLY B 183 9.29 -9.08 43.28
N MET B 184 9.75 -10.31 43.07
CA MET B 184 9.01 -11.50 43.47
C MET B 184 9.58 -12.07 44.75
N GLY B 185 8.94 -11.79 45.88
CA GLY B 185 9.45 -12.22 47.15
C GLY B 185 10.73 -11.49 47.52
N GLU B 186 10.97 -10.38 46.84
CA GLU B 186 12.09 -9.49 47.15
C GLU B 186 11.69 -8.09 46.73
N ASN B 187 12.35 -7.07 47.28
CA ASN B 187 12.03 -5.69 46.94
C ASN B 187 13.28 -4.79 46.88
N PHE B 188 13.21 -3.77 46.03
CA PHE B 188 14.36 -2.91 45.80
C PHE B 188 13.99 -1.44 45.96
N ILE B 189 15.00 -0.57 46.00
CA ILE B 189 14.79 0.87 46.02
C ILE B 189 16.00 1.58 45.44
N ALA B 190 15.81 2.76 44.86
CA ALA B 190 16.94 3.47 44.29
C ALA B 190 16.65 4.96 44.10
N SER B 191 17.70 5.71 43.80
CA SER B 191 17.56 7.14 43.59
C SER B 191 17.05 7.45 42.16
N ASP B 192 17.14 6.45 41.27
CA ASP B 192 16.55 6.51 39.91
C ASP B 192 16.22 5.10 39.38
N GLN B 193 15.08 4.98 38.71
CA GLN B 193 14.61 3.67 38.24
C GLN B 193 15.55 3.02 37.24
N LEU B 194 16.49 3.79 36.70
CA LEU B 194 17.50 3.26 35.80
C LEU B 194 18.29 2.15 36.46
N ALA B 195 18.41 2.22 37.78
CA ALA B 195 19.21 1.26 38.53
C ALA B 195 18.50 -0.08 38.73
N LEU B 196 17.18 -0.08 38.64
CA LEU B 196 16.42 -1.29 38.98
C LEU B 196 15.97 -2.11 37.78
N LEU B 197 16.24 -1.62 36.57
CA LEU B 197 15.73 -2.26 35.36
C LEU B 197 16.19 -3.71 35.16
N PRO B 198 17.44 -4.02 35.56
CA PRO B 198 17.92 -5.41 35.43
C PRO B 198 17.07 -6.39 36.25
N VAL B 199 16.34 -5.85 37.21
CA VAL B 199 15.77 -6.69 38.23
C VAL B 199 14.26 -6.55 38.34
N THR B 200 13.72 -5.41 37.93
CA THR B 200 12.28 -5.18 37.94
C THR B 200 11.84 -3.99 37.07
N ARG B 201 10.57 -4.02 36.65
CA ARG B 201 9.93 -2.87 35.99
C ARG B 201 8.71 -2.34 36.75
N ARG B 202 8.34 -2.95 37.87
CA ARG B 202 7.24 -2.43 38.68
C ARG B 202 7.76 -1.38 39.66
N PHE B 203 7.30 -0.14 39.50
CA PHE B 203 7.80 0.95 40.33
C PHE B 203 6.72 1.63 41.19
N ILE B 204 7.12 2.01 42.40
CA ILE B 204 6.33 2.90 43.24
C ILE B 204 7.18 4.13 43.53
N PHE B 205 6.83 5.25 42.89
CA PHE B 205 7.50 6.52 43.13
C PHE B 205 7.04 7.12 44.44
N LEU B 206 7.99 7.41 45.34
CA LEU B 206 7.65 8.03 46.60
C LEU B 206 7.30 9.50 46.37
N GLU B 207 6.32 9.97 47.12
CA GLU B 207 5.95 11.38 47.06
C GLU B 207 6.82 12.13 48.05
N GLU B 208 7.01 13.41 47.82
CA GLU B 208 7.81 14.24 48.70
C GLU B 208 7.30 14.20 50.15
N GLY B 209 8.14 13.76 51.07
CA GLY B 209 7.77 13.65 52.47
C GLY B 209 7.54 12.22 52.91
N ASP B 210 7.36 11.32 51.96
CA ASP B 210 7.04 9.93 52.26
C ASP B 210 8.14 9.19 53.01
N ILE B 211 7.73 8.24 53.83
CA ILE B 211 8.65 7.37 54.55
C ILE B 211 8.23 5.92 54.35
N ALA B 212 9.14 5.06 53.93
CA ALA B 212 8.74 3.69 53.59
C ALA B 212 9.42 2.60 54.40
N GLU B 213 8.61 1.65 54.86
CA GLU B 213 9.13 0.45 55.51
C GLU B 213 9.01 -0.71 54.54
N ILE B 214 10.16 -1.23 54.12
CA ILE B 214 10.21 -2.23 53.07
C ILE B 214 10.75 -3.56 53.61
N THR B 215 10.07 -4.65 53.27
CA THR B 215 10.59 -5.98 53.57
C THR B 215 10.65 -6.78 52.26
N ARG B 216 11.12 -8.02 52.33
CA ARG B 216 11.05 -8.93 51.20
C ARG B 216 9.63 -9.03 50.66
N ARG B 217 8.66 -9.10 51.58
CA ARG B 217 7.28 -9.45 51.23
C ARG B 217 6.32 -8.27 51.29
N SER B 218 6.74 -7.15 51.87
CA SER B 218 5.80 -6.05 52.10
C SER B 218 6.41 -4.69 51.79
N VAL B 219 5.54 -3.74 51.48
CA VAL B 219 5.96 -2.35 51.39
C VAL B 219 4.89 -1.43 51.98
N ASN B 220 5.20 -0.79 53.11
CA ASN B 220 4.28 0.15 53.75
C ASN B 220 4.77 1.60 53.59
N ILE B 221 3.88 2.48 53.14
CA ILE B 221 4.27 3.88 52.96
C ILE B 221 3.52 4.84 53.89
N PHE B 222 4.23 5.80 54.44
CA PHE B 222 3.68 6.79 55.37
C PHE B 222 4.17 8.17 54.96
N ASP B 223 3.87 9.18 55.79
CA ASP B 223 4.44 10.51 55.59
C ASP B 223 5.05 11.04 56.89
N LYS B 224 5.41 12.32 56.90
CA LYS B 224 6.08 12.93 58.06
C LYS B 224 5.41 12.54 59.38
N THR B 225 4.09 12.48 59.37
CA THR B 225 3.31 12.15 60.56
C THR B 225 3.38 10.68 60.96
N GLY B 226 3.33 9.78 59.97
CA GLY B 226 3.33 8.36 60.23
C GLY B 226 1.99 7.75 59.90
N ALA B 227 1.20 8.44 59.08
CA ALA B 227 -0.13 7.97 58.69
C ALA B 227 -0.11 7.19 57.37
N GLU B 228 -0.33 5.88 57.44
CA GLU B 228 -0.19 5.00 56.27
C GLU B 228 -0.88 5.50 55.00
N VAL B 229 -0.13 6.15 54.12
CA VAL B 229 -0.63 6.54 52.81
C VAL B 229 -0.46 5.36 51.85
N LYS B 230 -1.26 5.33 50.79
CA LYS B 230 -1.03 4.33 49.76
C LYS B 230 -0.57 4.96 48.44
N ARG B 231 0.35 4.28 47.77
CA ARG B 231 0.91 4.74 46.50
C ARG B 231 0.75 3.65 45.44
N GLN B 232 0.48 4.06 44.20
CA GLN B 232 0.21 3.11 43.13
C GLN B 232 1.47 2.77 42.33
N ASP B 233 1.50 1.58 41.72
CA ASP B 233 2.68 1.16 40.95
C ASP B 233 2.53 1.29 39.43
N ILE B 234 3.03 2.40 38.91
CA ILE B 234 3.00 2.66 37.47
C ILE B 234 4.03 1.80 36.74
N GLU B 235 3.89 1.74 35.42
CA GLU B 235 4.89 1.10 34.56
C GLU B 235 4.90 1.83 33.21
N SER B 236 3.71 2.11 32.70
CA SER B 236 3.51 2.90 31.49
C SER B 236 2.01 3.19 31.36
N ASN B 237 1.57 4.38 30.94
CA ASN B 237 2.34 5.60 30.58
C ASN B 237 1.93 6.08 29.18
N LEU B 238 2.04 5.19 28.20
CA LEU B 238 1.70 5.51 26.81
C LEU B 238 0.57 4.61 26.28
N GLN B 239 -0.50 4.51 27.05
CA GLN B 239 -1.63 3.64 26.69
C GLN B 239 -2.48 4.17 25.53
N TYR B 240 -3.10 3.23 24.83
CA TYR B 240 -4.02 3.50 23.75
C TYR B 240 -5.21 2.58 23.96
N ASP B 241 -6.43 3.01 23.65
CA ASP B 241 -6.86 4.36 23.28
C ASP B 241 -8.22 4.01 22.69
N ALA B 242 -8.20 3.53 21.46
CA ALA B 242 -9.26 2.66 20.92
C ALA B 242 -9.91 3.10 19.58
N GLY B 243 -11.03 3.83 19.58
CA GLY B 243 -11.75 4.27 20.75
C GLY B 243 -11.60 5.77 20.80
N ASP B 244 -10.43 6.22 21.24
CA ASP B 244 -10.13 7.63 21.28
C ASP B 244 -9.91 8.14 19.88
N LYS B 245 -9.81 7.22 18.92
CA LYS B 245 -9.79 7.58 17.51
C LYS B 245 -11.05 8.35 17.10
N GLY B 246 -12.12 8.17 17.88
CA GLY B 246 -13.34 8.94 17.67
C GLY B 246 -13.91 8.78 16.29
N ILE B 247 -14.13 9.90 15.62
CA ILE B 247 -14.68 9.89 14.27
C ILE B 247 -13.64 9.58 13.19
N TYR B 248 -12.40 9.34 13.59
CA TYR B 248 -11.31 9.20 12.62
C TYR B 248 -10.89 7.75 12.42
N ARG B 249 -10.34 7.45 11.24
CA ARG B 249 -9.91 6.12 10.84
C ARG B 249 -8.61 5.69 11.51
N HIS B 250 -7.74 6.67 11.76
CA HIS B 250 -6.35 6.40 12.15
C HIS B 250 -5.93 7.26 13.33
N TYR B 251 -5.09 6.70 14.20
CA TYR B 251 -4.49 7.50 15.25
C TYR B 251 -3.85 8.78 14.73
N MET B 252 -3.12 8.68 13.63
CA MET B 252 -2.40 9.83 13.10
C MET B 252 -3.35 10.90 12.57
N GLN B 253 -4.48 10.44 12.02
CA GLN B 253 -5.46 11.35 11.45
C GLN B 253 -6.08 12.17 12.57
N LYS B 254 -6.51 11.44 13.59
CA LYS B 254 -7.04 12.00 14.81
C LYS B 254 -6.04 12.99 15.41
N GLU B 255 -4.78 12.60 15.49
CA GLU B 255 -3.77 13.47 16.08
C GLU B 255 -3.55 14.74 15.24
N ILE B 256 -3.77 14.65 13.94
CA ILE B 256 -3.71 15.82 13.08
C ILE B 256 -4.88 16.76 13.38
N TYR B 257 -6.07 16.19 13.47
CA TYR B 257 -7.27 16.99 13.66
C TYR B 257 -7.41 17.51 15.09
N GLU B 258 -6.70 16.93 16.05
CA GLU B 258 -6.80 17.46 17.41
C GLU B 258 -5.76 18.54 17.71
N GLN B 259 -5.02 18.96 16.69
CA GLN B 259 -3.98 19.95 16.91
C GLN B 259 -4.48 21.30 17.50
N PRO B 260 -5.67 21.78 17.11
CA PRO B 260 -6.15 23.00 17.79
C PRO B 260 -6.30 22.78 19.29
N ASN B 261 -6.96 21.68 19.66
CA ASN B 261 -7.12 21.35 21.06
C ASN B 261 -5.78 21.16 21.79
N ALA B 262 -4.86 20.44 21.14
CA ALA B 262 -3.56 20.20 21.74
C ALA B 262 -2.81 21.50 21.96
N ILE B 263 -2.87 22.41 20.98
CA ILE B 263 -2.25 23.73 21.11
C ILE B 263 -2.89 24.55 22.24
N LYS B 264 -4.22 24.57 22.30
CA LYS B 264 -4.90 25.22 23.42
C LYS B 264 -4.29 24.69 24.71
N ASN B 265 -4.16 23.37 24.82
CA ASN B 265 -3.62 22.81 26.05
C ASN B 265 -2.16 23.17 26.33
N THR B 266 -1.37 23.34 25.28
CA THR B 266 0.00 23.78 25.41
C THR B 266 0.05 25.22 25.90
N LEU B 267 -0.98 25.99 25.56
CA LEU B 267 -1.02 27.39 25.96
C LEU B 267 -1.52 27.56 27.38
N THR B 268 -2.26 26.56 27.86
CA THR B 268 -2.89 26.64 29.16
C THR B 268 -1.90 26.89 30.28
N GLY B 269 -2.17 27.91 31.08
CA GLY B 269 -1.31 28.29 32.19
C GLY B 269 -0.13 29.15 31.80
N ARG B 270 0.03 29.44 30.51
CA ARG B 270 1.23 30.13 30.02
C ARG B 270 1.01 31.47 29.31
N ILE B 271 -0.22 31.95 29.31
CA ILE B 271 -0.54 33.27 28.79
C ILE B 271 -1.31 34.05 29.86
N SER B 272 -0.89 35.29 30.15
CA SER B 272 -1.66 36.14 31.06
C SER B 272 -1.43 37.64 30.84
N HIS B 273 -2.52 38.39 30.77
CA HIS B 273 -2.44 39.84 30.57
CA HIS B 273 -2.46 39.84 30.54
C HIS B 273 -1.63 40.13 29.31
N GLY B 274 -1.97 39.45 28.23
CA GLY B 274 -1.26 39.65 26.96
C GLY B 274 0.24 39.39 26.97
N GLN B 275 0.71 38.54 27.88
CA GLN B 275 2.11 38.18 27.88
C GLN B 275 2.39 36.69 28.09
N VAL B 276 3.59 36.29 27.69
CA VAL B 276 4.04 34.93 27.89
C VAL B 276 4.38 34.75 29.36
N ASP B 277 3.75 33.77 29.99
CA ASP B 277 4.05 33.49 31.38
C ASP B 277 4.62 32.07 31.59
N LEU B 278 5.95 31.99 31.73
CA LEU B 278 6.61 30.72 31.99
C LEU B 278 7.05 30.56 33.46
N SER B 279 6.35 31.25 34.35
CA SER B 279 6.68 31.21 35.76
C SER B 279 6.74 29.79 36.33
N GLU B 280 6.19 28.82 35.62
CA GLU B 280 6.20 27.43 36.06
C GLU B 280 7.62 26.89 36.16
N LEU B 281 8.57 27.56 35.50
CA LEU B 281 9.96 27.11 35.54
C LEU B 281 10.62 27.23 36.91
N GLY B 282 10.23 28.26 37.68
CA GLY B 282 10.74 28.43 39.02
C GLY B 282 10.95 29.89 39.38
N PRO B 283 11.10 30.16 40.69
CA PRO B 283 11.35 31.53 41.18
C PRO B 283 12.69 32.01 40.62
N ASN B 284 13.73 31.20 40.79
CA ASN B 284 15.01 31.44 40.13
C ASN B 284 14.80 31.65 38.64
N ALA B 285 14.87 30.54 37.90
CA ALA B 285 14.55 30.49 36.47
C ALA B 285 14.80 31.79 35.72
N ASP B 286 13.86 32.73 35.84
CA ASP B 286 13.95 34.02 35.15
C ASP B 286 15.34 34.62 35.29
N GLU B 287 16.17 33.98 36.10
CA GLU B 287 17.51 34.49 36.37
C GLU B 287 18.65 33.61 35.87
N LEU B 288 18.42 32.30 35.77
CA LEU B 288 19.37 31.48 35.00
C LEU B 288 19.25 31.92 33.54
N LEU B 289 18.01 32.09 33.08
CA LEU B 289 17.74 32.42 31.68
C LEU B 289 18.31 33.77 31.26
N SER B 290 18.36 34.70 32.21
CA SER B 290 18.88 36.04 31.93
C SER B 290 20.34 35.98 31.55
N LYS B 291 21.04 34.94 32.00
CA LYS B 291 22.48 34.85 31.75
C LYS B 291 22.83 34.21 30.41
N VAL B 292 21.83 33.67 29.73
CA VAL B 292 22.02 33.00 28.45
C VAL B 292 22.42 33.96 27.33
N GLU B 293 23.42 33.58 26.54
CA GLU B 293 23.91 34.44 25.45
C GLU B 293 23.86 33.69 24.12
N HIS B 294 23.60 32.39 24.21
CA HIS B 294 23.57 31.49 23.06
C HIS B 294 22.66 30.30 23.32
N ILE B 295 21.91 29.90 22.30
CA ILE B 295 21.10 28.70 22.40
C ILE B 295 21.62 27.58 21.50
N GLN B 296 21.75 26.39 22.07
CA GLN B 296 22.07 25.18 21.35
C GLN B 296 20.90 24.24 21.46
N ILE B 297 20.37 23.80 20.33
CA ILE B 297 19.28 22.84 20.33
C ILE B 297 19.73 21.53 19.74
N LEU B 298 19.34 20.42 20.37
CA LEU B 298 19.66 19.09 19.87
C LEU B 298 18.40 18.26 19.76
N ALA B 299 18.26 17.51 18.64
CA ALA B 299 17.08 16.68 18.40
C ALA B 299 17.26 15.70 17.25
N CYS B 300 16.31 14.77 17.12
CA CYS B 300 16.33 13.82 16.01
C CYS B 300 15.00 13.89 15.25
N GLY B 301 15.04 13.55 13.96
CA GLY B 301 13.86 13.58 13.13
C GLY B 301 13.00 14.85 13.13
N THR B 302 11.73 14.64 13.42
CA THR B 302 10.76 15.71 13.29
C THR B 302 11.05 16.78 14.32
N SER B 303 11.56 16.36 15.47
CA SER B 303 11.93 17.27 16.55
C SER B 303 13.07 18.18 16.10
N TYR B 304 13.97 17.60 15.30
CA TYR B 304 15.03 18.38 14.69
C TYR B 304 14.44 19.41 13.76
N ASN B 305 13.43 19.02 12.98
CA ASN B 305 12.75 20.02 12.15
C ASN B 305 12.14 21.19 12.97
N SER B 306 11.48 20.88 14.08
CA SER B 306 10.97 21.98 14.93
C SER B 306 12.08 22.90 15.45
N GLY B 307 13.16 22.32 15.97
CA GLY B 307 14.32 23.12 16.35
C GLY B 307 14.75 24.07 15.22
N MET B 308 14.86 23.48 14.03
CA MET B 308 15.23 24.21 12.82
C MET B 308 14.32 25.40 12.53
N VAL B 309 13.02 25.25 12.75
CA VAL B 309 12.16 26.41 12.62
C VAL B 309 12.54 27.43 13.69
N SER B 310 12.71 26.97 14.92
CA SER B 310 12.88 27.91 16.04
C SER B 310 14.12 28.80 15.90
N ARG B 311 15.19 28.28 15.29
CA ARG B 311 16.38 29.10 15.05
C ARG B 311 16.06 30.48 14.40
N TYR B 312 15.22 30.47 13.39
CA TYR B 312 14.85 31.67 12.68
C TYR B 312 14.20 32.68 13.61
N TRP B 313 13.32 32.14 14.45
CA TRP B 313 12.57 32.95 15.39
C TRP B 313 13.49 33.55 16.41
N PHE B 314 14.32 32.73 17.05
CA PHE B 314 15.17 33.22 18.11
C PHE B 314 16.09 34.29 17.56
N GLU B 315 16.63 34.07 16.37
CA GLU B 315 17.59 35.03 15.88
C GLU B 315 16.94 36.34 15.39
N SER B 316 15.77 36.27 14.75
CA SER B 316 15.21 37.51 14.21
C SER B 316 14.32 38.25 15.19
N LEU B 317 13.61 37.51 16.03
CA LEU B 317 12.63 38.10 16.92
C LEU B 317 13.24 38.44 18.27
N ALA B 318 14.08 37.53 18.75
CA ALA B 318 14.75 37.72 20.05
C ALA B 318 16.17 38.24 19.95
N GLY B 319 16.80 38.15 18.77
CA GLY B 319 18.19 38.55 18.64
C GLY B 319 19.21 37.74 19.42
N ILE B 320 18.89 36.48 19.74
CA ILE B 320 19.86 35.54 20.33
C ILE B 320 20.43 34.59 19.30
N PRO B 321 21.76 34.44 19.29
CA PRO B 321 22.43 33.38 18.53
C PRO B 321 21.84 32.01 18.89
N CYS B 322 21.59 31.19 17.87
CA CYS B 322 20.97 29.89 18.06
C CYS B 322 21.50 28.88 17.04
N ASP B 323 21.99 27.74 17.52
CA ASP B 323 22.43 26.67 16.65
C ASP B 323 21.57 25.44 16.91
N VAL B 324 21.27 24.71 15.84
CA VAL B 324 20.47 23.50 15.91
C VAL B 324 21.20 22.35 15.25
N GLU B 325 21.17 21.17 15.86
CA GLU B 325 22.00 20.08 15.37
C GLU B 325 21.38 18.70 15.55
N ILE B 326 21.56 17.83 14.56
CA ILE B 326 21.20 16.42 14.70
C ILE B 326 21.94 15.83 15.90
N ALA B 327 21.23 15.20 16.82
CA ALA B 327 21.88 14.71 18.06
C ALA B 327 23.04 13.71 17.84
N SER B 328 22.87 12.79 16.90
CA SER B 328 23.92 11.87 16.48
C SER B 328 25.19 12.65 16.15
N GLU B 329 25.05 13.73 15.41
CA GLU B 329 26.22 14.49 15.00
C GLU B 329 26.88 15.19 16.18
N PHE B 330 26.07 15.67 17.11
CA PHE B 330 26.63 16.35 18.27
C PHE B 330 27.40 15.37 19.14
N ARG B 331 26.81 14.22 19.44
CA ARG B 331 27.43 13.33 20.42
C ARG B 331 28.74 12.68 19.95
N TYR B 332 28.99 12.67 18.65
CA TYR B 332 30.13 11.93 18.14
C TYR B 332 31.28 12.85 17.73
N ARG B 333 31.14 14.14 18.00
CA ARG B 333 32.18 15.08 17.60
C ARG B 333 32.67 15.92 18.78
N LYS B 334 33.91 16.37 18.72
CA LYS B 334 34.43 17.33 19.69
C LYS B 334 34.02 18.74 19.24
N SER B 335 33.16 19.38 20.02
CA SER B 335 32.60 20.66 19.64
C SER B 335 33.21 21.81 20.43
N ALA B 336 32.92 23.03 20.00
CA ALA B 336 33.38 24.22 20.71
C ALA B 336 32.18 24.86 21.36
N VAL B 337 32.19 24.90 22.69
CA VAL B 337 31.06 25.47 23.41
C VAL B 337 31.12 27.00 23.35
N ARG B 338 29.97 27.62 23.10
CA ARG B 338 29.87 29.07 23.09
C ARG B 338 29.75 29.53 24.54
N ARG B 339 30.13 30.77 24.76
CA ARG B 339 30.04 31.42 26.05
C ARG B 339 28.57 31.50 26.45
N ASN B 340 28.26 30.99 27.63
CA ASN B 340 26.94 31.13 28.23
C ASN B 340 25.83 30.55 27.38
N SER B 341 25.98 29.26 27.15
CA SER B 341 25.16 28.54 26.21
C SER B 341 24.08 27.78 26.98
N LEU B 342 22.83 27.97 26.58
CA LEU B 342 21.75 27.14 27.06
C LEU B 342 21.60 25.91 26.15
N MET B 343 21.50 24.73 26.75
CA MET B 343 21.27 23.53 25.97
C MET B 343 19.78 23.26 26.01
N ILE B 344 19.15 23.21 24.84
CA ILE B 344 17.75 22.77 24.74
C ILE B 344 17.67 21.42 24.02
N THR B 345 16.90 20.48 24.54
CA THR B 345 16.57 19.26 23.75
C THR B 345 15.09 19.22 23.37
N LEU B 346 14.80 18.81 22.14
CA LEU B 346 13.41 18.63 21.71
C LEU B 346 13.13 17.16 21.54
N SER B 347 12.06 16.66 22.16
CA SER B 347 11.79 15.24 22.03
C SER B 347 10.36 14.89 22.40
N GLN B 348 9.64 14.22 21.52
CA GLN B 348 8.28 13.84 21.85
C GLN B 348 8.30 12.84 23.01
N SER B 349 9.13 11.83 22.86
CA SER B 349 9.12 10.65 23.73
C SER B 349 9.97 10.81 24.99
N GLY B 350 11.00 11.65 24.91
CA GLY B 350 11.89 11.85 26.05
C GLY B 350 12.88 10.71 26.30
N GLU B 351 12.97 9.76 25.36
CA GLU B 351 13.75 8.55 25.55
C GLU B 351 14.75 8.27 24.43
N THR B 352 14.71 9.08 23.37
CA THR B 352 15.57 8.89 22.21
C THR B 352 17.08 8.84 22.57
N ALA B 353 17.72 7.70 22.34
CA ALA B 353 19.11 7.49 22.79
C ALA B 353 20.10 8.58 22.40
N ASP B 354 20.06 8.98 21.13
CA ASP B 354 20.99 10.03 20.67
C ASP B 354 20.81 11.36 21.42
N THR B 355 19.56 11.76 21.62
CA THR B 355 19.29 13.06 22.22
C THR B 355 19.68 13.04 23.71
N LEU B 356 19.37 11.94 24.37
CA LEU B 356 19.78 11.74 25.75
C LEU B 356 21.31 11.80 25.87
N ALA B 357 21.99 11.11 24.96
CA ALA B 357 23.46 11.11 24.95
C ALA B 357 23.95 12.55 24.83
N GLY B 358 23.34 13.30 23.93
CA GLY B 358 23.71 14.68 23.74
C GLY B 358 23.57 15.51 25.01
N LEU B 359 22.45 15.36 25.71
CA LEU B 359 22.27 16.08 26.98
C LEU B 359 23.34 15.73 28.02
N ARG B 360 23.58 14.43 28.18
CA ARG B 360 24.56 13.99 29.17
C ARG B 360 25.92 14.57 28.84
N LEU B 361 26.30 14.48 27.57
CA LEU B 361 27.56 15.03 27.11
C LEU B 361 27.61 16.53 27.40
N SER B 362 26.49 17.21 27.21
CA SER B 362 26.45 18.65 27.45
C SER B 362 26.83 18.93 28.89
N LYS B 363 26.43 18.03 29.80
CA LYS B 363 26.81 18.26 31.20
C LYS B 363 28.33 18.35 31.49
N GLU B 364 29.16 17.64 30.73
CA GLU B 364 30.60 17.75 30.91
C GLU B 364 31.25 18.90 30.13
N LEU B 365 30.47 19.66 29.40
CA LEU B 365 31.07 20.61 28.46
C LEU B 365 31.00 22.06 28.90
N GLY B 366 30.37 22.31 30.05
CA GLY B 366 30.29 23.67 30.56
C GLY B 366 29.20 24.53 29.93
N TYR B 367 28.01 23.95 29.82
CA TYR B 367 26.84 24.67 29.39
C TYR B 367 26.22 25.34 30.61
N LEU B 368 25.64 26.52 30.45
CA LEU B 368 24.92 27.16 31.55
C LEU B 368 23.95 26.19 32.20
N GLY B 369 23.31 25.35 31.40
CA GLY B 369 22.29 24.45 31.92
C GLY B 369 21.45 23.88 30.80
N SER B 370 20.46 23.07 31.15
CA SER B 370 19.64 22.43 30.13
C SER B 370 18.15 22.68 30.32
N LEU B 371 17.44 22.72 29.21
CA LEU B 371 15.98 22.77 29.18
C LEU B 371 15.50 21.64 28.28
N ALA B 372 14.55 20.84 28.75
CA ALA B 372 13.94 19.84 27.90
C ALA B 372 12.55 20.27 27.50
N ILE B 373 12.27 20.27 26.20
CA ILE B 373 10.91 20.44 25.72
C ILE B 373 10.44 19.08 25.29
N CYS B 374 9.44 18.57 26.00
CA CYS B 374 9.10 17.15 25.85
C CYS B 374 7.59 16.90 25.95
N ASN B 375 7.13 15.77 25.44
CA ASN B 375 5.70 15.47 25.51
C ASN B 375 5.29 14.34 26.48
N VAL B 376 6.28 13.66 27.05
CA VAL B 376 5.99 12.52 27.92
C VAL B 376 6.57 12.71 29.30
N PRO B 377 5.70 12.89 30.30
CA PRO B 377 6.10 13.16 31.70
C PRO B 377 6.98 12.06 32.30
N GLY B 378 7.95 12.48 33.12
CA GLY B 378 8.82 11.56 33.83
C GLY B 378 9.80 10.78 32.97
N SER B 379 9.86 11.16 31.69
CA SER B 379 10.84 10.58 30.78
C SER B 379 12.28 10.99 31.15
N SER B 380 13.25 10.29 30.58
CA SER B 380 14.66 10.51 30.89
C SER B 380 15.17 11.93 30.59
N LEU B 381 14.78 12.49 29.44
CA LEU B 381 15.24 13.83 29.09
C LEU B 381 14.73 14.85 30.11
N VAL B 382 13.52 14.61 30.61
CA VAL B 382 12.92 15.49 31.61
C VAL B 382 13.60 15.38 32.99
N ARG B 383 13.74 14.14 33.47
CA ARG B 383 14.38 13.88 34.76
C ARG B 383 15.80 14.41 34.79
N GLU B 384 16.51 14.29 33.66
CA GLU B 384 17.92 14.66 33.62
C GLU B 384 18.20 16.13 33.25
N SER B 385 17.18 16.88 32.87
CA SER B 385 17.41 18.27 32.54
C SER B 385 17.22 19.15 33.76
N ASP B 386 17.83 20.33 33.74
CA ASP B 386 17.59 21.31 34.80
C ASP B 386 16.15 21.84 34.75
N LEU B 387 15.67 22.18 33.55
CA LEU B 387 14.34 22.76 33.38
C LEU B 387 13.51 21.96 32.38
N ALA B 388 12.19 21.96 32.51
CA ALA B 388 11.37 21.27 31.53
C ALA B 388 10.08 21.99 31.19
N LEU B 389 9.74 21.96 29.90
CA LEU B 389 8.47 22.44 29.39
C LEU B 389 7.76 21.32 28.63
N MET B 390 6.72 20.78 29.23
CA MET B 390 5.91 19.74 28.62
C MET B 390 4.96 20.36 27.61
N THR B 391 4.74 19.67 26.50
CA THR B 391 3.94 20.22 25.42
C THR B 391 2.44 20.01 25.67
N ASN B 392 2.10 19.04 26.50
CA ASN B 392 0.69 18.77 26.81
C ASN B 392 -0.20 18.42 25.63
N ALA B 393 0.33 17.71 24.64
CA ALA B 393 -0.45 17.34 23.46
C ALA B 393 -1.32 16.11 23.71
N GLY B 394 -1.11 15.44 24.85
CA GLY B 394 -1.73 14.15 25.09
C GLY B 394 -0.89 13.05 24.44
N THR B 395 -1.16 11.79 24.75
CA THR B 395 -0.31 10.76 24.16
C THR B 395 -0.47 10.76 22.63
N GLU B 396 0.62 10.49 21.93
CA GLU B 396 0.61 10.45 20.47
C GLU B 396 0.99 9.07 20.02
N ILE B 397 0.05 8.41 19.34
CA ILE B 397 0.16 6.99 19.07
C ILE B 397 0.70 6.68 17.69
N GLY B 398 0.43 7.53 16.71
CA GLY B 398 0.91 7.30 15.36
C GLY B 398 2.42 7.39 15.36
N VAL B 399 3.06 6.60 14.54
CA VAL B 399 4.52 6.56 14.55
C VAL B 399 5.11 7.87 14.02
N ALA B 400 4.42 8.47 13.06
CA ALA B 400 4.79 9.78 12.56
C ALA B 400 4.27 10.85 13.52
N SER B 401 5.13 11.80 13.82
CA SER B 401 4.76 12.88 14.73
C SER B 401 3.95 13.96 14.01
N THR B 402 2.80 14.31 14.59
CA THR B 402 2.00 15.41 14.07
C THR B 402 1.73 16.51 15.12
N LYS B 403 0.86 16.24 16.09
CA LYS B 403 0.62 17.25 17.13
C LYS B 403 1.86 17.52 17.99
N ALA B 404 2.75 16.55 18.11
CA ALA B 404 3.94 16.74 18.90
C ALA B 404 4.79 17.85 18.31
N PHE B 405 4.85 17.88 16.97
CA PHE B 405 5.65 18.87 16.22
C PHE B 405 5.08 20.29 16.35
N THR B 406 3.77 20.43 16.14
CA THR B 406 3.13 21.76 16.22
C THR B 406 3.10 22.31 17.65
N THR B 407 2.90 21.43 18.63
CA THR B 407 3.03 21.88 20.03
C THR B 407 4.49 22.25 20.38
N GLN B 408 5.46 21.52 19.83
CA GLN B 408 6.86 21.90 20.08
C GLN B 408 7.07 23.29 19.57
N LEU B 409 6.64 23.54 18.34
CA LEU B 409 6.75 24.88 17.78
C LEU B 409 6.09 25.93 18.67
N THR B 410 4.91 25.61 19.20
CA THR B 410 4.23 26.56 20.08
C THR B 410 5.11 26.92 21.28
N VAL B 411 5.66 25.90 21.94
CA VAL B 411 6.51 26.18 23.10
C VAL B 411 7.75 26.99 22.70
N LEU B 412 8.37 26.63 21.59
CA LEU B 412 9.55 27.34 21.14
C LEU B 412 9.25 28.82 20.87
N LEU B 413 8.07 29.10 20.33
CA LEU B 413 7.69 30.49 20.08
C LEU B 413 7.49 31.19 21.42
N MET B 414 6.93 30.45 22.39
CA MET B 414 6.81 31.01 23.72
C MET B 414 8.17 31.40 24.34
N LEU B 415 9.21 30.62 24.07
CA LEU B 415 10.53 30.90 24.65
C LEU B 415 11.09 32.23 24.15
N VAL B 416 10.66 32.65 22.96
CA VAL B 416 11.25 33.84 22.35
C VAL B 416 11.07 35.07 23.19
N ALA B 417 9.82 35.39 23.53
CA ALA B 417 9.57 36.48 24.46
C ALA B 417 10.47 36.35 25.72
N LYS B 418 10.40 35.20 26.39
CA LYS B 418 11.10 34.98 27.65
C LYS B 418 12.63 34.96 27.51
N LEU B 419 13.16 35.08 26.30
CA LEU B 419 14.62 35.11 26.10
C LEU B 419 15.17 36.25 25.23
N SER B 420 14.45 37.36 25.09
CA SER B 420 14.83 38.46 24.18
C SER B 420 16.17 39.19 24.51
N ARG B 421 16.78 39.85 23.50
CA ARG B 421 18.20 40.28 23.63
C ARG B 421 18.73 41.74 23.59
N LEU B 422 18.32 42.66 22.71
CA LEU B 422 17.13 42.77 21.83
C LEU B 422 15.86 43.29 22.53
N LYS B 423 16.04 43.98 23.66
CA LYS B 423 14.96 44.66 24.34
C LYS B 423 14.79 46.08 23.82
N GLY B 424 13.54 46.56 23.78
CA GLY B 424 13.24 47.89 23.30
C GLY B 424 12.54 47.84 21.96
N LEU B 425 12.66 46.69 21.31
CA LEU B 425 12.22 46.53 19.92
C LEU B 425 10.71 46.51 19.69
N ASP B 426 9.96 45.70 20.44
CA ASP B 426 10.47 44.80 21.48
C ASP B 426 9.23 44.25 22.18
N ALA B 427 8.46 45.18 22.76
CA ALA B 427 7.11 44.88 23.24
C ALA B 427 6.23 44.65 22.03
N SER B 428 6.47 45.39 20.96
CA SER B 428 5.84 45.09 19.68
C SER B 428 6.01 43.60 19.29
N ILE B 429 7.19 43.08 19.59
CA ILE B 429 7.51 41.69 19.31
C ILE B 429 6.73 40.70 20.19
N GLU B 430 6.80 40.83 21.51
CA GLU B 430 6.08 39.89 22.38
C GLU B 430 4.57 40.02 22.14
N HIS B 431 4.17 41.22 21.74
CA HIS B 431 2.79 41.52 21.42
C HIS B 431 2.37 40.71 20.23
N ASP B 432 3.11 40.85 19.12
CA ASP B 432 2.78 40.08 17.94
C ASP B 432 2.80 38.58 18.21
N ILE B 433 3.78 38.12 18.98
CA ILE B 433 3.86 36.70 19.31
C ILE B 433 2.60 36.23 20.06
N VAL B 434 2.18 36.99 21.07
CA VAL B 434 1.01 36.57 21.84
C VAL B 434 -0.28 36.66 21.00
N HIS B 435 -0.38 37.70 20.17
CA HIS B 435 -1.56 37.81 19.30
C HIS B 435 -1.63 36.57 18.40
N GLY B 436 -0.48 36.19 17.83
CA GLY B 436 -0.41 35.03 16.96
C GLY B 436 -0.79 33.75 17.70
N LEU B 437 -0.20 33.57 18.88
CA LEU B 437 -0.52 32.41 19.68
C LEU B 437 -2.02 32.34 19.99
N GLN B 438 -2.65 33.48 20.20
CA GLN B 438 -4.08 33.46 20.52
C GLN B 438 -4.87 33.11 19.29
N ALA B 439 -4.37 33.51 18.13
CA ALA B 439 -5.04 33.21 16.87
C ALA B 439 -4.86 31.75 16.43
N LEU B 440 -3.82 31.11 16.96
CA LEU B 440 -3.30 29.86 16.42
C LEU B 440 -4.32 28.70 16.34
N PRO B 441 -5.00 28.40 17.46
CA PRO B 441 -5.95 27.29 17.40
C PRO B 441 -6.98 27.46 16.27
N SER B 442 -7.54 28.66 16.12
CA SER B 442 -8.50 28.90 15.07
C SER B 442 -7.91 28.87 13.66
N ARG B 443 -6.72 29.43 13.49
CA ARG B 443 -6.04 29.34 12.21
C ARG B 443 -5.87 27.88 11.79
N ILE B 444 -5.41 27.02 12.71
CA ILE B 444 -5.31 25.59 12.43
C ILE B 444 -6.66 24.98 12.01
N GLU B 445 -7.72 25.35 12.72
CA GLU B 445 -9.06 24.89 12.34
C GLU B 445 -9.41 25.31 10.91
N GLN B 446 -9.13 26.57 10.58
CA GLN B 446 -9.35 27.03 9.21
C GLN B 446 -8.63 26.08 8.26
N MET B 447 -7.38 25.77 8.59
CA MET B 447 -6.55 24.99 7.70
C MET B 447 -7.07 23.55 7.61
N LEU B 448 -7.53 23.00 8.72
CA LEU B 448 -8.07 21.66 8.67
C LEU B 448 -9.32 21.59 7.79
N SER B 449 -9.98 22.72 7.60
CA SER B 449 -11.22 22.71 6.82
C SER B 449 -10.96 22.78 5.31
N GLN B 450 -9.68 22.79 4.94
CA GLN B 450 -9.29 22.68 3.53
C GLN B 450 -9.05 21.22 3.16
N ASP B 451 -9.37 20.31 4.06
CA ASP B 451 -8.98 18.92 3.88
C ASP B 451 -9.46 18.30 2.56
N LYS B 452 -10.69 18.59 2.15
CA LYS B 452 -11.23 18.04 0.89
C LYS B 452 -10.41 18.49 -0.31
N ARG B 453 -9.96 19.75 -0.30
CA ARG B 453 -9.10 20.21 -1.37
C ARG B 453 -7.76 19.46 -1.37
N ILE B 454 -7.19 19.26 -0.19
CA ILE B 454 -5.92 18.57 -0.09
C ILE B 454 -6.12 17.11 -0.47
N GLU B 455 -7.23 16.53 -0.02
CA GLU B 455 -7.55 15.16 -0.41
C GLU B 455 -7.68 15.00 -1.92
N ALA B 456 -8.27 15.97 -2.61
CA ALA B 456 -8.33 15.91 -4.08
C ALA B 456 -6.92 16.08 -4.67
N LEU B 457 -6.15 17.01 -4.11
CA LEU B 457 -4.80 17.29 -4.59
C LEU B 457 -3.89 16.07 -4.51
N ALA B 458 -4.12 15.23 -3.52
CA ALA B 458 -3.25 14.08 -3.32
C ALA B 458 -3.24 13.12 -4.51
N GLU B 459 -4.25 13.20 -5.37
CA GLU B 459 -4.32 12.29 -6.51
C GLU B 459 -3.20 12.56 -7.50
N ASP B 460 -2.67 13.77 -7.46
CA ASP B 460 -1.53 14.17 -8.28
C ASP B 460 -0.21 13.57 -7.81
N PHE B 461 -0.17 12.98 -6.62
CA PHE B 461 1.06 12.50 -6.00
C PHE B 461 1.06 11.01 -5.71
N SER B 462 -0.13 10.40 -5.79
CA SER B 462 -0.26 9.04 -5.30
C SER B 462 0.46 8.00 -6.19
N ASP B 463 0.71 8.35 -7.44
CA ASP B 463 1.48 7.49 -8.33
C ASP B 463 2.92 7.98 -8.55
N LYS B 464 3.38 8.95 -7.77
CA LYS B 464 4.71 9.51 -7.97
C LYS B 464 5.72 8.79 -7.08
N HIS B 465 6.96 8.76 -7.52
CA HIS B 465 8.02 8.09 -6.75
C HIS B 465 9.08 9.06 -6.32
N HIS B 466 8.89 10.31 -6.73
CA HIS B 466 9.81 11.40 -6.39
C HIS B 466 8.98 12.63 -6.11
N ALA B 467 9.50 13.47 -5.22
CA ALA B 467 8.99 14.81 -5.08
C ALA B 467 10.07 15.73 -4.51
N LEU B 468 10.02 17.00 -4.87
CA LEU B 468 10.94 17.98 -4.32
C LEU B 468 10.14 19.07 -3.59
N PHE B 469 10.40 19.24 -2.29
CA PHE B 469 9.78 20.29 -1.47
C PHE B 469 10.75 21.47 -1.30
N LEU B 470 10.28 22.69 -1.61
CA LEU B 470 11.12 23.87 -1.45
C LEU B 470 10.58 24.83 -0.40
N GLY B 471 11.49 25.48 0.33
CA GLY B 471 11.11 26.49 1.28
C GLY B 471 12.27 27.44 1.53
N ARG B 472 11.96 28.67 1.96
CA ARG B 472 12.95 29.69 2.29
C ARG B 472 12.70 30.12 3.72
N GLY B 473 13.77 30.35 4.47
CA GLY B 473 13.65 30.92 5.81
C GLY B 473 12.88 30.03 6.78
N ASP B 474 12.00 30.65 7.56
CA ASP B 474 11.24 29.90 8.55
C ASP B 474 10.33 28.83 7.93
N GLN B 475 10.22 28.82 6.60
CA GLN B 475 9.47 27.80 5.86
C GLN B 475 10.35 26.67 5.28
N TYR B 476 11.67 26.85 5.32
CA TYR B 476 12.54 25.80 4.83
C TYR B 476 12.38 24.54 5.69
N PRO B 477 12.36 24.72 7.01
CA PRO B 477 12.22 23.51 7.83
C PRO B 477 10.82 22.91 7.73
N ILE B 478 9.84 23.68 7.24
CA ILE B 478 8.52 23.16 7.02
C ILE B 478 8.54 22.28 5.76
N ALA B 479 9.29 22.70 4.76
CA ALA B 479 9.47 21.86 3.61
C ALA B 479 10.18 20.55 4.04
N LEU B 480 11.17 20.66 4.94
CA LEU B 480 11.85 19.48 5.47
C LEU B 480 10.87 18.50 6.05
N GLU B 481 9.97 19.03 6.88
CA GLU B 481 8.95 18.24 7.54
C GLU B 481 7.94 17.62 6.55
N GLY B 482 7.43 18.42 5.63
CA GLY B 482 6.56 17.90 4.59
C GLY B 482 7.21 16.78 3.81
N ALA B 483 8.45 16.96 3.41
CA ALA B 483 9.18 15.88 2.73
C ALA B 483 9.31 14.64 3.63
N LEU B 484 9.65 14.84 4.90
CA LEU B 484 9.84 13.68 5.76
C LEU B 484 8.53 12.94 5.86
N LYS B 485 7.44 13.68 5.91
CA LYS B 485 6.15 13.05 6.15
C LYS B 485 5.79 12.18 4.97
N LEU B 486 6.00 12.70 3.77
CA LEU B 486 5.72 11.93 2.56
C LEU B 486 6.61 10.68 2.50
N LYS B 487 7.87 10.82 2.94
CA LYS B 487 8.75 9.65 3.06
C LYS B 487 8.13 8.61 4.00
N GLU B 488 7.72 9.09 5.18
CA GLU B 488 7.32 8.25 6.29
C GLU B 488 6.15 7.33 6.01
N ILE B 489 5.03 7.89 5.56
CA ILE B 489 3.79 7.13 5.54
C ILE B 489 3.30 6.79 4.15
N SER B 490 3.95 7.34 3.12
CA SER B 490 3.57 7.01 1.74
C SER B 490 4.74 6.41 0.97
N TYR B 491 5.91 6.41 1.58
CA TYR B 491 7.11 5.81 0.98
C TYR B 491 7.51 6.43 -0.35
N ILE B 492 7.18 7.69 -0.57
CA ILE B 492 7.59 8.37 -1.79
C ILE B 492 8.94 9.05 -1.53
N HIS B 493 9.88 8.96 -2.47
CA HIS B 493 11.17 9.60 -2.26
C HIS B 493 11.07 11.11 -2.40
N ALA B 494 10.57 11.75 -1.35
CA ALA B 494 10.41 13.18 -1.31
C ALA B 494 11.64 13.80 -0.63
N GLU B 495 12.18 14.86 -1.22
CA GLU B 495 13.38 15.48 -0.69
C GLU B 495 13.16 16.97 -0.58
N ALA B 496 13.56 17.53 0.56
CA ALA B 496 13.46 18.97 0.79
C ALA B 496 14.78 19.63 0.41
N TYR B 497 14.70 20.90 0.06
CA TYR B 497 15.87 21.63 -0.40
C TYR B 497 15.58 23.07 -0.10
N ALA B 498 16.60 23.86 0.24
CA ALA B 498 16.39 25.30 0.40
C ALA B 498 15.99 25.88 -0.95
N ALA B 499 14.99 26.76 -0.96
CA ALA B 499 14.45 27.27 -2.24
C ALA B 499 15.51 27.89 -3.15
N GLY B 500 16.51 28.53 -2.56
CA GLY B 500 17.52 29.22 -3.34
C GLY B 500 18.58 28.29 -3.90
N GLU B 501 18.47 27.00 -3.60
CA GLU B 501 19.47 26.05 -4.07
C GLU B 501 18.97 25.14 -5.21
N LEU B 502 17.72 25.31 -5.62
CA LEU B 502 17.16 24.48 -6.71
C LEU B 502 18.05 24.48 -7.96
N LYS B 503 18.44 25.68 -8.39
CA LYS B 503 19.29 25.85 -9.56
C LYS B 503 20.68 25.19 -9.42
N HIS B 504 21.11 24.96 -8.19
CA HIS B 504 22.43 24.39 -7.95
C HIS B 504 22.46 22.86 -8.00
N GLY B 505 21.41 22.22 -8.49
CA GLY B 505 21.47 20.78 -8.64
C GLY B 505 20.16 20.10 -8.98
N PRO B 506 19.20 20.13 -8.06
CA PRO B 506 17.97 19.37 -8.21
C PRO B 506 17.20 19.70 -9.50
N LEU B 507 17.41 20.90 -10.04
CA LEU B 507 16.70 21.29 -11.26
C LEU B 507 16.93 20.29 -12.41
N ALA B 508 18.10 19.64 -12.40
CA ALA B 508 18.44 18.68 -13.45
C ALA B 508 17.62 17.40 -13.35
N LEU B 509 17.01 17.17 -12.18
CA LEU B 509 16.20 15.99 -11.94
C LEU B 509 14.75 16.19 -12.35
N ILE B 510 14.27 17.43 -12.31
CA ILE B 510 12.84 17.67 -12.40
C ILE B 510 12.28 17.22 -13.74
N ASP B 511 11.18 16.47 -13.68
CA ASP B 511 10.40 16.10 -14.86
C ASP B 511 8.98 15.73 -14.42
N ALA B 512 8.21 15.14 -15.32
CA ALA B 512 6.82 14.84 -15.01
C ALA B 512 6.68 13.90 -13.82
N ASP B 513 7.70 13.09 -13.57
CA ASP B 513 7.63 12.16 -12.46
C ASP B 513 8.16 12.70 -11.13
N MET B 514 8.51 13.99 -11.11
CA MET B 514 9.03 14.63 -9.91
C MET B 514 8.42 16.02 -9.69
N PRO B 515 7.20 16.07 -9.15
CA PRO B 515 6.52 17.32 -8.86
C PRO B 515 7.32 18.16 -7.87
N VAL B 516 7.24 19.48 -8.00
CA VAL B 516 7.91 20.39 -7.08
C VAL B 516 6.89 21.15 -6.24
N ILE B 517 7.02 21.08 -4.92
CA ILE B 517 6.15 21.82 -4.02
C ILE B 517 6.91 22.99 -3.39
N VAL B 518 6.33 24.19 -3.41
CA VAL B 518 6.87 25.32 -2.64
C VAL B 518 5.95 25.70 -1.50
N VAL B 519 6.52 25.96 -0.33
CA VAL B 519 5.77 26.31 0.85
C VAL B 519 5.77 27.82 1.12
N ALA B 520 4.63 28.46 0.91
CA ALA B 520 4.40 29.87 1.25
C ALA B 520 5.46 30.89 0.82
N PRO B 521 5.76 30.94 -0.48
CA PRO B 521 6.73 31.92 -0.94
C PRO B 521 6.10 33.30 -1.12
N ASN B 522 6.87 34.37 -0.91
CA ASN B 522 6.42 35.66 -1.38
C ASN B 522 6.55 35.79 -2.89
N ASN B 523 6.16 36.93 -3.42
CA ASN B 523 6.11 37.14 -4.86
C ASN B 523 7.48 37.10 -5.56
N GLU B 524 8.51 37.61 -4.91
CA GLU B 524 9.85 37.65 -5.52
C GLU B 524 10.41 36.22 -5.68
N LEU B 525 10.29 35.46 -4.60
CA LEU B 525 10.70 34.07 -4.59
C LEU B 525 9.94 33.28 -5.65
N LEU B 526 8.62 33.45 -5.67
CA LEU B 526 7.80 32.77 -6.66
C LEU B 526 8.21 33.11 -8.11
N GLU B 527 8.42 34.39 -8.43
CA GLU B 527 8.92 34.73 -9.76
C GLU B 527 10.17 33.92 -10.09
N LYS B 528 11.12 33.91 -9.15
CA LYS B 528 12.33 33.11 -9.39
C LYS B 528 12.01 31.63 -9.68
N LEU B 529 11.14 31.03 -8.86
CA LEU B 529 10.83 29.60 -9.02
C LEU B 529 10.04 29.25 -10.27
N LYS B 530 9.16 30.16 -10.68
CA LYS B 530 8.41 30.01 -11.93
C LYS B 530 9.39 30.01 -13.08
N SER B 531 10.32 30.95 -13.05
CA SER B 531 11.33 31.01 -14.10
C SER B 531 12.12 29.69 -14.16
N ASN B 532 12.50 29.20 -12.98
CA ASN B 532 13.13 27.87 -12.89
C ASN B 532 12.29 26.74 -13.52
N ILE B 533 11.03 26.59 -13.14
CA ILE B 533 10.20 25.52 -13.71
C ILE B 533 10.01 25.68 -15.26
N GLU B 534 10.01 26.93 -15.72
CA GLU B 534 10.02 27.19 -17.17
C GLU B 534 11.27 26.57 -17.79
N GLU B 535 12.40 26.66 -17.11
CA GLU B 535 13.60 26.00 -17.68
C GLU B 535 13.40 24.50 -18.02
N VAL B 536 12.49 23.82 -17.31
CA VAL B 536 12.31 22.39 -17.53
C VAL B 536 10.90 22.05 -18.03
N ARG B 537 10.20 23.06 -18.54
CA ARG B 537 8.96 22.81 -19.29
C ARG B 537 8.96 21.63 -20.30
N ALA B 538 10.00 21.52 -21.12
CA ALA B 538 10.09 20.45 -22.11
C ALA B 538 10.11 19.03 -21.52
N ARG B 539 10.30 18.92 -20.21
CA ARG B 539 10.29 17.62 -19.56
C ARG B 539 9.04 17.47 -18.69
N GLY B 540 8.15 18.46 -18.76
CA GLY B 540 6.87 18.38 -18.07
C GLY B 540 6.90 18.67 -16.58
N GLY B 541 7.84 19.49 -16.15
CA GLY B 541 7.94 19.89 -14.76
C GLY B 541 6.75 20.70 -14.28
N GLN B 542 6.27 20.37 -13.09
CA GLN B 542 5.11 21.04 -12.51
C GLN B 542 5.51 21.66 -11.19
N LEU B 543 5.11 22.91 -10.98
CA LEU B 543 5.31 23.59 -9.70
C LEU B 543 3.99 23.61 -8.92
N TYR B 544 4.00 23.14 -7.69
CA TYR B 544 2.84 23.31 -6.82
C TYR B 544 3.12 24.32 -5.70
N VAL B 545 2.20 25.25 -5.49
CA VAL B 545 2.45 26.38 -4.60
C VAL B 545 1.36 26.53 -3.54
N PHE B 546 1.71 26.27 -2.29
CA PHE B 546 0.80 26.57 -1.20
C PHE B 546 1.08 28.00 -0.79
N ALA B 547 0.08 28.87 -0.97
CA ALA B 547 0.30 30.31 -0.80
C ALA B 547 -0.96 31.02 -0.29
N ASP B 548 -0.72 32.19 0.29
CA ASP B 548 -1.78 33.06 0.79
C ASP B 548 -2.76 33.43 -0.33
N GLN B 549 -4.05 33.19 -0.11
CA GLN B 549 -5.06 33.63 -1.08
C GLN B 549 -4.93 35.13 -1.34
N ASP B 550 -4.48 35.89 -0.34
CA ASP B 550 -4.36 37.34 -0.48
C ASP B 550 -3.27 37.72 -1.44
N ALA B 551 -2.34 36.81 -1.70
CA ALA B 551 -1.20 37.14 -2.55
C ALA B 551 -1.61 37.35 -4.02
N GLY B 552 -2.72 36.74 -4.44
CA GLY B 552 -3.23 36.95 -5.79
C GLY B 552 -2.50 36.22 -6.90
N PHE B 553 -1.84 35.12 -6.56
CA PHE B 553 -1.09 34.36 -7.53
C PHE B 553 -2.08 33.71 -8.49
N VAL B 554 -1.67 33.61 -9.75
CA VAL B 554 -2.53 33.04 -10.77
C VAL B 554 -1.99 31.71 -11.29
N SER B 555 -2.78 30.65 -11.13
CA SER B 555 -2.42 29.34 -11.67
C SER B 555 -2.11 29.43 -13.16
N SER B 556 -1.17 28.63 -13.62
CA SER B 556 -0.96 28.48 -15.04
C SER B 556 -0.96 26.98 -15.32
N ASP B 557 -0.42 26.58 -16.46
CA ASP B 557 -0.52 25.19 -16.86
C ASP B 557 0.53 24.30 -16.21
N ASN B 558 1.68 24.89 -15.89
CA ASN B 558 2.77 24.19 -15.20
C ASN B 558 2.98 24.68 -13.75
N MET B 559 2.14 25.61 -13.30
CA MET B 559 2.23 26.08 -11.92
C MET B 559 0.85 26.10 -11.32
N HIS B 560 0.66 25.36 -10.24
CA HIS B 560 -0.68 25.26 -9.63
C HIS B 560 -0.70 25.88 -8.27
N ILE B 561 -1.43 26.98 -8.16
CA ILE B 561 -1.53 27.71 -6.92
C ILE B 561 -2.56 26.99 -6.08
N ILE B 562 -2.16 26.56 -4.90
CA ILE B 562 -3.13 25.97 -3.98
C ILE B 562 -3.32 26.99 -2.87
N GLU B 563 -4.29 27.88 -3.04
CA GLU B 563 -4.41 28.99 -2.11
C GLU B 563 -4.95 28.58 -0.75
N MET B 564 -4.52 29.31 0.25
CA MET B 564 -4.80 29.00 1.64
C MET B 564 -5.32 30.27 2.28
N PRO B 565 -5.95 30.13 3.44
CA PRO B 565 -6.39 31.31 4.18
C PRO B 565 -5.19 32.13 4.66
N HIS B 566 -5.42 33.39 4.97
CA HIS B 566 -4.39 34.29 5.51
C HIS B 566 -3.98 33.91 6.93
N VAL B 567 -2.71 34.12 7.28
CA VAL B 567 -2.25 33.93 8.65
C VAL B 567 -1.40 35.09 9.13
N GLU B 568 -1.39 35.29 10.44
CA GLU B 568 -0.34 36.11 11.06
C GLU B 568 1.02 35.52 10.67
N GLU B 569 1.94 36.39 10.27
CA GLU B 569 3.28 35.96 9.89
C GLU B 569 3.97 35.08 10.93
N VAL B 570 3.87 35.51 12.18
CA VAL B 570 4.68 34.89 13.22
C VAL B 570 4.34 33.42 13.42
N ILE B 571 3.12 33.01 13.10
CA ILE B 571 2.77 31.61 13.21
C ILE B 571 2.68 30.88 11.84
N ALA B 572 3.04 31.55 10.76
CA ALA B 572 2.86 30.93 9.43
C ALA B 572 3.50 29.55 9.26
N PRO B 573 4.71 29.32 9.83
CA PRO B 573 5.32 27.99 9.69
C PRO B 573 4.50 26.87 10.34
N ILE B 574 3.90 27.15 11.49
CA ILE B 574 3.06 26.16 12.16
C ILE B 574 1.84 25.88 11.28
N PHE B 575 1.29 26.95 10.71
CA PHE B 575 0.05 26.91 9.95
C PHE B 575 0.24 26.07 8.69
N TYR B 576 1.36 26.28 8.02
CA TYR B 576 1.61 25.65 6.73
C TYR B 576 2.09 24.20 6.84
N THR B 577 2.25 23.72 8.08
CA THR B 577 2.59 22.33 8.28
C THR B 577 1.37 21.44 8.02
N VAL B 578 0.20 21.94 8.38
CA VAL B 578 -1.03 21.15 8.35
C VAL B 578 -1.36 20.56 6.97
N PRO B 579 -1.36 21.40 5.92
CA PRO B 579 -1.60 20.91 4.55
C PRO B 579 -0.64 19.77 4.16
N LEU B 580 0.66 19.94 4.46
CA LEU B 580 1.66 18.93 4.17
C LEU B 580 1.42 17.63 4.96
N GLN B 581 0.89 17.75 6.18
CA GLN B 581 0.48 16.59 6.96
C GLN B 581 -0.73 15.92 6.29
N LEU B 582 -1.71 16.72 5.90
CA LEU B 582 -2.91 16.21 5.26
C LEU B 582 -2.61 15.56 3.91
N LEU B 583 -1.71 16.19 3.16
CA LEU B 583 -1.27 15.66 1.88
C LEU B 583 -0.68 14.27 2.02
N ALA B 584 0.30 14.14 2.92
CA ALA B 584 0.92 12.84 3.18
C ALA B 584 -0.14 11.84 3.64
N TYR B 585 -1.02 12.28 4.55
CA TYR B 585 -2.08 11.39 5.02
C TYR B 585 -2.96 10.89 3.87
N HIS B 586 -3.44 11.80 3.02
CA HIS B 586 -4.35 11.40 1.94
C HIS B 586 -3.72 10.59 0.78
N VAL B 587 -2.46 10.87 0.46
CA VAL B 587 -1.70 10.01 -0.44
C VAL B 587 -1.63 8.58 0.13
N ALA B 588 -1.30 8.47 1.40
CA ALA B 588 -1.19 7.17 2.04
C ALA B 588 -2.53 6.43 2.01
N LEU B 589 -3.61 7.19 2.18
CA LEU B 589 -4.96 6.64 2.20
C LEU B 589 -5.26 6.02 0.84
N ILE B 590 -4.99 6.78 -0.20
CA ILE B 590 -5.20 6.28 -1.54
C ILE B 590 -4.37 5.02 -1.79
N LYS B 591 -3.07 5.09 -1.49
CA LYS B 591 -2.18 3.93 -1.70
C LYS B 591 -2.54 2.74 -0.81
N GLY B 592 -3.19 3.01 0.32
CA GLY B 592 -3.53 1.97 1.26
C GLY B 592 -2.37 1.56 2.15
N THR B 593 -1.43 2.46 2.38
CA THR B 593 -0.31 2.16 3.27
C THR B 593 -0.68 2.25 4.76
N ASP B 594 0.11 1.55 5.56
CA ASP B 594 -0.06 1.49 7.01
C ASP B 594 0.31 2.83 7.65
N VAL B 595 -0.66 3.74 7.72
CA VAL B 595 -0.43 5.09 8.25
C VAL B 595 0.12 5.13 9.70
N ASP B 596 -0.53 4.39 10.59
CA ASP B 596 -0.16 4.44 12.01
C ASP B 596 1.15 3.71 12.32
N GLN B 597 1.48 2.68 11.53
CA GLN B 597 2.73 1.93 11.70
C GLN B 597 3.43 1.71 10.34
N PRO B 598 4.10 2.76 9.83
CA PRO B 598 4.81 2.70 8.55
C PRO B 598 5.95 1.69 8.61
N ARG B 599 6.26 1.04 7.49
CA ARG B 599 7.24 -0.05 7.53
C ARG B 599 8.62 0.46 7.99
N ASN B 600 9.31 -0.34 8.79
CA ASN B 600 10.69 -0.05 9.22
C ASN B 600 10.89 1.10 10.23
N LEU B 601 9.84 1.85 10.54
CA LEU B 601 9.96 3.00 11.44
C LEU B 601 9.47 2.70 12.87
N ALA B 602 9.97 3.46 13.84
CA ALA B 602 9.63 3.24 15.25
C ALA B 602 9.17 4.52 15.92
N LYS B 603 8.29 4.39 16.91
CA LYS B 603 7.83 5.58 17.63
C LYS B 603 9.01 6.30 18.27
N SER B 604 9.95 5.52 18.79
CA SER B 604 11.03 6.06 19.58
C SER B 604 12.25 5.15 19.45
N VAL B 605 13.40 5.73 19.16
CA VAL B 605 14.63 4.97 18.97
C VAL B 605 15.49 5.04 20.23
N THR B 606 15.29 4.05 21.10
CA THR B 606 15.84 4.13 22.46
C THR B 606 17.07 3.27 22.68
N VAL B 607 17.23 2.22 21.89
CA VAL B 607 18.40 1.38 22.01
C VAL B 607 19.42 1.79 20.95
N GLU B 608 20.65 1.30 21.10
CA GLU B 608 21.74 1.67 20.20
C GLU B 608 21.91 0.71 19.00
N ALA C 1 16.52 -40.93 -47.10
CA ALA C 1 15.28 -40.18 -47.17
C ALA C 1 14.21 -40.78 -46.26
N GLY C 2 13.76 -42.00 -46.56
CA GLY C 2 12.76 -42.64 -45.73
C GLY C 2 13.25 -43.94 -45.09
N ILE C 3 12.93 -44.12 -43.80
CA ILE C 3 13.33 -45.29 -43.05
C ILE C 3 12.13 -45.96 -42.39
N VAL C 4 12.04 -47.28 -42.53
CA VAL C 4 11.01 -48.03 -41.84
C VAL C 4 11.61 -49.32 -41.28
N GLY C 5 11.20 -49.68 -40.06
CA GLY C 5 11.64 -50.91 -39.45
C GLY C 5 10.47 -51.63 -38.82
N ALA C 6 10.50 -52.95 -38.84
CA ALA C 6 9.41 -53.72 -38.27
C ALA C 6 9.91 -55.03 -37.64
N ILE C 7 9.38 -55.32 -36.45
CA ILE C 7 9.68 -56.58 -35.81
C ILE C 7 8.39 -57.21 -35.27
N ALA C 8 8.02 -58.36 -35.81
CA ALA C 8 6.69 -58.92 -35.54
C ALA C 8 6.61 -60.46 -35.61
N GLN C 9 5.42 -60.98 -35.34
CA GLN C 9 5.19 -62.41 -35.44
C GLN C 9 4.50 -62.76 -36.75
N ARG C 10 4.37 -61.78 -37.64
CA ARG C 10 3.91 -62.03 -39.01
C ARG C 10 4.99 -61.62 -40.00
N ASP C 11 4.71 -61.79 -41.28
CA ASP C 11 5.62 -61.30 -42.30
C ASP C 11 5.48 -59.78 -42.40
N VAL C 12 6.60 -59.08 -42.25
CA VAL C 12 6.61 -57.62 -42.20
C VAL C 12 6.77 -56.94 -43.57
N ALA C 13 7.28 -57.67 -44.56
CA ALA C 13 7.58 -57.07 -45.86
C ALA C 13 6.51 -56.11 -46.37
N GLU C 14 5.26 -56.57 -46.31
CA GLU C 14 4.15 -55.83 -46.90
C GLU C 14 3.93 -54.53 -46.14
N ILE C 15 4.07 -54.62 -44.83
CA ILE C 15 4.03 -53.47 -43.95
C ILE C 15 5.12 -52.48 -44.33
N LEU C 16 6.38 -52.92 -44.34
CA LEU C 16 7.49 -52.06 -44.69
C LEU C 16 7.21 -51.33 -46.00
N LEU C 17 6.68 -52.06 -46.98
CA LEU C 17 6.34 -51.48 -48.28
C LEU C 17 5.26 -50.41 -48.19
N GLU C 18 4.16 -50.71 -47.50
CA GLU C 18 3.12 -49.71 -47.35
C GLU C 18 3.75 -48.45 -46.73
N GLY C 19 4.47 -48.62 -45.63
CA GLY C 19 5.17 -47.54 -44.97
C GLY C 19 5.94 -46.67 -45.96
N LEU C 20 6.85 -47.31 -46.70
CA LEU C 20 7.59 -46.58 -47.72
C LEU C 20 6.64 -45.78 -48.60
N ARG C 21 5.54 -46.40 -49.03
CA ARG C 21 4.58 -45.70 -49.89
C ARG C 21 4.10 -44.42 -49.21
N ARG C 22 3.70 -44.56 -47.96
CA ARG C 22 3.29 -43.46 -47.13
C ARG C 22 4.39 -42.40 -46.99
N LEU C 23 5.62 -42.77 -47.30
CA LEU C 23 6.75 -41.84 -47.14
C LEU C 23 7.18 -41.20 -48.43
N GLU C 24 6.47 -41.48 -49.52
CA GLU C 24 6.91 -41.03 -50.84
C GLU C 24 7.07 -39.52 -50.93
N TYR C 25 6.28 -38.77 -50.16
CA TYR C 25 6.32 -37.32 -50.27
C TYR C 25 7.73 -36.78 -50.01
N ARG C 26 8.57 -37.60 -49.42
CA ARG C 26 9.98 -37.21 -49.24
C ARG C 26 10.75 -37.63 -50.49
N GLY C 27 11.34 -36.67 -51.20
CA GLY C 27 12.00 -36.97 -52.46
C GLY C 27 12.98 -38.13 -52.36
N TYR C 28 12.93 -39.04 -53.33
CA TYR C 28 13.82 -40.19 -53.34
C TYR C 28 14.08 -40.66 -54.75
N ASP C 29 15.23 -41.30 -54.95
CA ASP C 29 15.59 -41.78 -56.27
C ASP C 29 15.59 -43.31 -56.35
N SER C 30 15.82 -43.98 -55.23
CA SER C 30 15.83 -45.44 -55.21
C SER C 30 15.32 -46.01 -53.89
N ALA C 31 14.93 -47.28 -53.90
CA ALA C 31 14.35 -47.89 -52.70
C ALA C 31 14.79 -49.34 -52.47
N GLY C 32 14.58 -49.84 -51.26
CA GLY C 32 14.93 -51.21 -50.96
C GLY C 32 14.41 -51.71 -49.62
N LEU C 33 14.40 -53.02 -49.45
CA LEU C 33 14.06 -53.64 -48.17
C LEU C 33 14.86 -54.91 -47.92
N ALA C 34 14.95 -55.29 -46.65
CA ALA C 34 15.59 -56.54 -46.28
C ALA C 34 14.82 -57.12 -45.11
N VAL C 35 14.50 -58.41 -45.22
CA VAL C 35 13.82 -59.10 -44.14
C VAL C 35 14.53 -60.41 -43.74
N VAL C 36 14.17 -60.91 -42.57
CA VAL C 36 14.79 -62.08 -41.98
C VAL C 36 13.73 -62.90 -41.25
N ASP C 37 13.76 -64.20 -41.54
CA ASP C 37 12.92 -65.20 -40.86
C ASP C 37 13.55 -65.67 -39.56
N ALA C 38 12.81 -66.47 -38.80
CA ALA C 38 13.30 -66.96 -37.51
C ALA C 38 14.52 -67.87 -37.68
N GLU C 39 14.62 -68.49 -38.85
CA GLU C 39 15.75 -69.38 -39.17
C GLU C 39 17.05 -68.58 -39.33
N GLY C 40 16.93 -67.30 -39.71
CA GLY C 40 18.08 -66.44 -39.85
C GLY C 40 18.47 -66.18 -41.28
N HIS C 41 17.57 -66.52 -42.20
N HIS C 41 17.59 -66.57 -42.21
CA HIS C 41 17.79 -66.32 -43.64
CA HIS C 41 17.81 -66.29 -43.62
C HIS C 41 17.31 -64.94 -44.12
C HIS C 41 17.34 -64.88 -43.96
N MET C 42 18.25 -64.10 -44.55
CA MET C 42 17.96 -62.74 -44.96
C MET C 42 17.72 -62.63 -46.46
N THR C 43 16.68 -61.90 -46.83
CA THR C 43 16.35 -61.63 -48.23
C THR C 43 16.35 -60.12 -48.45
N ARG C 44 17.10 -59.66 -49.46
CA ARG C 44 17.20 -58.24 -49.77
C ARG C 44 16.71 -57.94 -51.18
N LEU C 45 15.97 -56.85 -51.32
CA LEU C 45 15.39 -56.49 -52.62
C LEU C 45 15.49 -54.98 -52.82
N ARG C 46 16.13 -54.56 -53.90
CA ARG C 46 16.36 -53.15 -54.15
C ARG C 46 16.07 -52.78 -55.60
N ARG C 47 15.51 -51.60 -55.81
CA ARG C 47 15.26 -51.10 -57.16
C ARG C 47 15.49 -49.60 -57.28
N LEU C 48 16.23 -49.24 -58.33
CA LEU C 48 16.27 -47.86 -58.80
C LEU C 48 14.86 -47.52 -59.29
N GLY C 49 14.35 -46.34 -58.94
CA GLY C 49 13.00 -45.99 -59.32
C GLY C 49 12.04 -45.74 -58.17
N LYS C 50 10.75 -45.78 -58.48
CA LYS C 50 9.73 -45.47 -57.49
C LYS C 50 9.51 -46.67 -56.58
N VAL C 51 8.73 -46.47 -55.53
CA VAL C 51 8.51 -47.53 -54.57
C VAL C 51 7.68 -48.64 -55.20
N GLN C 52 6.50 -48.29 -55.70
CA GLN C 52 5.58 -49.26 -56.30
C GLN C 52 6.26 -50.20 -57.31
N MET C 53 7.36 -49.76 -57.91
CA MET C 53 8.19 -50.65 -58.71
C MET C 53 8.78 -51.76 -57.84
N LEU C 54 9.38 -51.37 -56.73
CA LEU C 54 9.91 -52.31 -55.75
C LEU C 54 8.80 -53.23 -55.27
N ALA C 55 7.63 -52.64 -55.00
CA ALA C 55 6.47 -53.38 -54.53
C ALA C 55 6.00 -54.43 -55.54
N GLN C 56 6.20 -54.14 -56.83
CA GLN C 56 5.88 -55.10 -57.87
C GLN C 56 6.92 -56.20 -57.89
N ALA C 57 8.19 -55.81 -57.87
CA ALA C 57 9.29 -56.79 -57.90
C ALA C 57 9.19 -57.73 -56.71
N ALA C 58 8.54 -57.29 -55.65
CA ALA C 58 8.33 -58.13 -54.48
C ALA C 58 7.27 -59.19 -54.74
N GLU C 59 6.43 -58.96 -55.74
CA GLU C 59 5.29 -59.81 -56.02
C GLU C 59 5.65 -61.19 -56.55
N GLU C 60 6.56 -61.26 -57.53
CA GLU C 60 6.88 -62.56 -58.07
C GLU C 60 7.43 -63.44 -56.96
N HIS C 61 8.42 -62.93 -56.24
CA HIS C 61 9.05 -63.68 -55.16
C HIS C 61 8.83 -63.05 -53.79
N PRO C 62 7.68 -63.35 -53.14
CA PRO C 62 7.33 -62.86 -51.81
C PRO C 62 8.46 -63.05 -50.80
N LEU C 63 8.65 -62.04 -49.95
CA LEU C 63 9.67 -62.10 -48.92
C LEU C 63 9.07 -62.55 -47.58
N HIS C 64 9.64 -63.61 -47.03
CA HIS C 64 9.17 -64.19 -45.78
C HIS C 64 10.06 -63.80 -44.61
N GLY C 65 9.43 -63.55 -43.47
CA GLY C 65 10.17 -63.19 -42.28
C GLY C 65 9.47 -62.13 -41.46
N GLY C 66 9.75 -62.11 -40.16
CA GLY C 66 9.11 -61.19 -39.26
C GLY C 66 9.97 -60.02 -38.87
N THR C 67 11.25 -60.04 -39.26
CA THR C 67 12.09 -58.89 -38.93
C THR C 67 12.59 -58.19 -40.17
N GLY C 68 12.54 -56.86 -40.23
CA GLY C 68 13.01 -56.20 -41.42
C GLY C 68 13.13 -54.70 -41.41
N ILE C 69 13.96 -54.19 -42.32
CA ILE C 69 14.11 -52.76 -42.49
C ILE C 69 13.94 -52.39 -43.95
N ALA C 70 13.63 -51.11 -44.20
CA ALA C 70 13.37 -50.64 -45.56
C ALA C 70 13.68 -49.15 -45.66
N HIS C 71 13.87 -48.68 -46.88
CA HIS C 71 14.46 -47.36 -47.07
C HIS C 71 14.22 -46.81 -48.48
N THR C 72 13.99 -45.52 -48.54
CA THR C 72 14.00 -44.77 -49.80
C THR C 72 15.20 -43.84 -49.77
N ARG C 73 15.99 -43.86 -50.84
CA ARG C 73 17.24 -43.11 -50.91
C ARG C 73 17.14 -41.81 -51.68
N TRP C 74 17.73 -40.76 -51.11
CA TRP C 74 18.05 -39.55 -51.86
C TRP C 74 19.55 -39.49 -51.90
N ALA C 75 20.13 -39.82 -53.05
CA ALA C 75 21.57 -39.99 -53.17
C ALA C 75 22.39 -38.73 -52.89
N THR C 76 23.33 -38.84 -51.97
CA THR C 76 24.34 -37.79 -51.79
C THR C 76 25.72 -38.35 -52.10
N HIS C 77 26.05 -39.49 -51.52
CA HIS C 77 27.34 -40.14 -51.76
C HIS C 77 27.22 -41.39 -52.66
N GLY C 78 27.27 -41.18 -53.96
CA GLY C 78 27.12 -42.26 -54.91
C GLY C 78 25.92 -42.03 -55.80
N GLU C 79 26.06 -42.40 -57.06
CA GLU C 79 24.99 -42.23 -58.04
C GLU C 79 23.79 -43.10 -57.71
N PRO C 80 22.59 -42.63 -58.06
CA PRO C 80 21.32 -43.35 -57.88
C PRO C 80 21.30 -44.68 -58.65
N SER C 81 21.67 -45.76 -57.98
CA SER C 81 21.72 -47.07 -58.61
C SER C 81 21.13 -48.13 -57.69
N GLU C 82 20.62 -49.21 -58.27
CA GLU C 82 20.24 -50.40 -57.50
C GLU C 82 21.41 -50.91 -56.67
N VAL C 83 22.62 -50.79 -57.20
CA VAL C 83 23.82 -51.17 -56.46
C VAL C 83 24.06 -50.30 -55.22
N ASN C 84 23.76 -49.00 -55.33
CA ASN C 84 24.00 -48.05 -54.24
C ASN C 84 22.85 -47.88 -53.25
N ALA C 85 21.68 -48.39 -53.61
CA ALA C 85 20.49 -48.27 -52.78
C ALA C 85 20.66 -48.98 -51.44
N HIS C 86 19.95 -48.50 -50.41
CA HIS C 86 19.93 -49.18 -49.12
C HIS C 86 18.85 -50.28 -49.22
N PRO C 87 18.84 -51.25 -48.29
CA PRO C 87 19.78 -51.50 -47.19
C PRO C 87 21.15 -51.91 -47.71
N HIS C 88 22.21 -51.58 -46.97
CA HIS C 88 23.53 -52.09 -47.27
C HIS C 88 23.94 -53.20 -46.31
N VAL C 89 24.82 -54.07 -46.78
CA VAL C 89 25.23 -55.21 -45.95
C VAL C 89 26.72 -55.27 -45.65
N SER C 90 27.02 -55.74 -44.45
CA SER C 90 28.35 -56.19 -44.09
C SER C 90 28.13 -57.64 -43.75
N GLU C 91 27.81 -58.43 -44.77
CA GLU C 91 27.55 -59.84 -44.58
C GLU C 91 26.23 -60.04 -43.84
N HIS C 92 26.30 -60.21 -42.52
CA HIS C 92 25.12 -60.49 -41.72
C HIS C 92 24.57 -59.22 -41.09
N ILE C 93 25.40 -58.19 -41.09
CA ILE C 93 24.98 -56.87 -40.61
C ILE C 93 24.27 -56.12 -41.73
N VAL C 94 23.06 -55.65 -41.44
CA VAL C 94 22.27 -54.93 -42.43
C VAL C 94 21.85 -53.56 -41.91
N VAL C 95 21.91 -52.57 -42.81
CA VAL C 95 21.77 -51.18 -42.41
C VAL C 95 20.91 -50.35 -43.37
N VAL C 96 20.08 -49.47 -42.82
CA VAL C 96 19.50 -48.39 -43.63
C VAL C 96 19.84 -47.06 -42.96
N HIS C 97 20.12 -46.03 -43.76
CA HIS C 97 20.72 -44.79 -43.23
C HIS C 97 20.16 -43.48 -43.84
N ASN C 98 19.75 -42.55 -43.00
CA ASN C 98 19.44 -41.19 -43.47
C ASN C 98 20.54 -40.22 -43.03
N GLY C 99 21.08 -39.47 -43.99
CA GLY C 99 22.04 -38.43 -43.66
C GLY C 99 23.36 -38.55 -44.42
N ILE C 100 24.39 -37.94 -43.85
CA ILE C 100 25.72 -37.95 -44.44
C ILE C 100 26.73 -38.26 -43.37
N ILE C 101 27.60 -39.23 -43.63
CA ILE C 101 28.70 -39.50 -42.71
C ILE C 101 29.86 -38.56 -43.03
N GLU C 102 30.14 -37.66 -42.10
CA GLU C 102 31.18 -36.63 -42.30
C GLU C 102 32.56 -37.26 -42.54
N ASN C 103 33.00 -38.09 -41.60
CA ASN C 103 34.32 -38.72 -41.64
C ASN C 103 34.30 -40.09 -42.29
N HIS C 104 33.75 -40.19 -43.50
CA HIS C 104 33.61 -41.49 -44.13
C HIS C 104 34.89 -41.94 -44.83
N GLU C 105 35.76 -40.99 -45.15
CA GLU C 105 37.04 -41.32 -45.79
C GLU C 105 37.96 -42.12 -44.87
N PRO C 106 38.34 -41.51 -43.73
CA PRO C 106 39.20 -42.18 -42.76
C PRO C 106 38.65 -43.55 -42.39
N LEU C 107 37.33 -43.64 -42.24
CA LEU C 107 36.69 -44.89 -41.86
C LEU C 107 36.74 -45.92 -43.01
N ARG C 108 36.59 -45.43 -44.23
CA ARG C 108 36.64 -46.32 -45.38
C ARG C 108 38.04 -46.91 -45.54
N GLU C 109 39.08 -46.12 -45.24
CA GLU C 109 40.44 -46.65 -45.34
C GLU C 109 40.85 -47.53 -44.14
N GLU C 110 40.70 -47.01 -42.93
CA GLU C 110 40.96 -47.78 -41.72
C GLU C 110 40.11 -49.06 -41.66
N LEU C 111 39.04 -49.09 -42.46
CA LEU C 111 38.18 -50.27 -42.56
C LEU C 111 38.58 -51.15 -43.74
N LYS C 112 39.11 -50.52 -44.79
CA LYS C 112 39.63 -51.25 -45.95
C LYS C 112 40.84 -52.07 -45.54
N ALA C 113 41.57 -51.55 -44.53
CA ALA C 113 42.74 -52.22 -44.01
C ALA C 113 42.37 -53.48 -43.23
N ARG C 114 41.44 -53.33 -42.28
CA ARG C 114 41.05 -54.45 -41.41
C ARG C 114 40.51 -55.67 -42.17
N GLY C 115 40.46 -55.60 -43.50
CA GLY C 115 40.06 -56.73 -44.31
C GLY C 115 38.61 -56.70 -44.78
N TYR C 116 38.15 -55.53 -45.21
CA TYR C 116 36.78 -55.36 -45.69
C TYR C 116 36.73 -54.88 -47.13
N THR C 117 35.64 -55.21 -47.83
CA THR C 117 35.51 -54.86 -49.23
C THR C 117 34.25 -54.05 -49.51
N PHE C 118 34.45 -52.76 -49.80
CA PHE C 118 33.35 -51.88 -50.14
C PHE C 118 32.94 -52.09 -51.61
N VAL C 119 31.65 -52.27 -51.85
CA VAL C 119 31.16 -52.54 -53.19
C VAL C 119 30.24 -51.43 -53.69
N SER C 120 30.02 -50.42 -52.84
CA SER C 120 29.27 -49.22 -53.21
C SER C 120 30.07 -47.97 -52.85
N GLU C 121 29.81 -46.86 -53.52
CA GLU C 121 30.50 -45.62 -53.21
C GLU C 121 29.92 -44.95 -51.97
N THR C 122 28.72 -45.36 -51.59
CA THR C 122 27.99 -44.68 -50.51
C THR C 122 28.79 -44.64 -49.23
N ASP C 123 28.59 -43.59 -48.44
CA ASP C 123 29.19 -43.48 -47.12
C ASP C 123 28.52 -44.48 -46.20
N THR C 124 27.24 -44.70 -46.46
CA THR C 124 26.43 -45.60 -45.68
C THR C 124 27.11 -46.95 -45.47
N GLU C 125 27.82 -47.44 -46.48
CA GLU C 125 28.42 -48.77 -46.37
C GLU C 125 29.40 -48.89 -45.19
N VAL C 126 30.09 -47.79 -44.87
CA VAL C 126 31.07 -47.85 -43.80
C VAL C 126 30.38 -48.02 -42.46
N ILE C 127 29.09 -47.70 -42.41
CA ILE C 127 28.33 -47.97 -41.19
C ILE C 127 28.17 -49.48 -41.02
N ALA C 128 27.94 -50.17 -42.13
CA ALA C 128 27.74 -51.62 -42.05
C ALA C 128 29.00 -52.26 -41.47
N HIS C 129 30.07 -52.17 -42.23
CA HIS C 129 31.35 -52.78 -41.85
C HIS C 129 31.77 -52.46 -40.41
N LEU C 130 31.83 -51.18 -40.07
CA LEU C 130 32.18 -50.79 -38.72
C LEU C 130 31.38 -51.59 -37.69
N VAL C 131 30.07 -51.66 -37.85
CA VAL C 131 29.27 -52.36 -36.86
C VAL C 131 29.63 -53.84 -36.87
N ASN C 132 29.77 -54.41 -38.06
CA ASN C 132 30.27 -55.77 -38.18
C ASN C 132 31.52 -55.92 -37.31
N TRP C 133 32.44 -54.97 -37.46
CA TRP C 133 33.70 -55.01 -36.74
C TRP C 133 33.53 -54.99 -35.23
N GLU C 134 32.54 -54.26 -34.74
CA GLU C 134 32.34 -54.18 -33.29
C GLU C 134 31.70 -55.46 -32.77
N LEU C 135 31.16 -56.26 -33.69
CA LEU C 135 30.57 -57.53 -33.29
C LEU C 135 31.66 -58.58 -33.07
N LYS C 136 32.47 -58.81 -34.11
CA LYS C 136 33.54 -59.81 -34.08
C LYS C 136 34.03 -60.10 -32.66
N GLN C 137 34.35 -59.04 -31.93
CA GLN C 137 34.63 -59.15 -30.50
C GLN C 137 33.89 -58.03 -29.79
N GLY C 138 32.88 -58.40 -29.01
CA GLY C 138 32.08 -57.42 -28.31
C GLY C 138 30.66 -57.90 -28.10
N GLY C 139 30.27 -57.97 -26.83
CA GLY C 139 28.98 -58.50 -26.40
C GLY C 139 27.89 -58.58 -27.45
N THR C 140 26.87 -57.74 -27.29
CA THR C 140 25.70 -57.78 -28.16
C THR C 140 25.74 -56.68 -29.21
N LEU C 141 24.62 -56.52 -29.91
CA LEU C 141 24.49 -55.49 -30.93
C LEU C 141 24.42 -54.10 -30.29
N ARG C 142 23.81 -54.03 -29.11
CA ARG C 142 23.69 -52.78 -28.39
C ARG C 142 25.05 -52.12 -28.17
N GLU C 143 26.01 -52.92 -27.72
CA GLU C 143 27.34 -52.42 -27.41
C GLU C 143 28.18 -52.23 -28.68
N ALA C 144 27.98 -53.11 -29.66
CA ALA C 144 28.62 -52.95 -30.94
C ALA C 144 28.28 -51.57 -31.49
N VAL C 145 26.99 -51.24 -31.43
CA VAL C 145 26.47 -49.96 -31.89
C VAL C 145 27.01 -48.82 -31.03
N LEU C 146 26.97 -49.00 -29.72
CA LEU C 146 27.40 -47.95 -28.79
C LEU C 146 28.90 -47.67 -28.89
N ARG C 147 29.63 -48.60 -29.49
CA ARG C 147 31.06 -48.44 -29.68
C ARG C 147 31.32 -47.90 -31.08
N ALA C 148 30.40 -48.22 -31.99
CA ALA C 148 30.49 -47.75 -33.37
C ALA C 148 30.18 -46.25 -33.47
N ILE C 149 29.26 -45.80 -32.62
CA ILE C 149 28.77 -44.42 -32.68
C ILE C 149 29.89 -43.39 -32.57
N PRO C 150 30.57 -43.35 -31.41
CA PRO C 150 31.53 -42.26 -31.16
C PRO C 150 32.71 -42.33 -32.10
N GLN C 151 32.49 -42.93 -33.27
CA GLN C 151 33.52 -43.03 -34.29
C GLN C 151 33.00 -42.37 -35.55
N LEU C 152 31.69 -42.17 -35.57
CA LEU C 152 31.02 -41.54 -36.70
C LEU C 152 30.86 -40.04 -36.48
N ARG C 153 31.00 -39.26 -37.55
CA ARG C 153 30.79 -37.81 -37.47
C ARG C 153 29.83 -37.32 -38.56
N GLY C 154 28.92 -36.41 -38.16
CA GLY C 154 27.90 -35.91 -39.05
C GLY C 154 26.53 -36.44 -38.66
N ALA C 155 25.72 -36.79 -39.66
CA ALA C 155 24.39 -37.33 -39.42
C ALA C 155 24.39 -38.84 -39.67
N TYR C 156 24.15 -39.61 -38.62
CA TYR C 156 24.18 -41.06 -38.74
C TYR C 156 22.85 -41.73 -38.34
N GLY C 157 21.74 -40.99 -38.50
CA GLY C 157 20.40 -41.55 -38.33
C GLY C 157 20.30 -42.89 -39.05
N THR C 158 19.99 -43.94 -38.31
CA THR C 158 20.11 -45.29 -38.87
C THR C 158 19.31 -46.37 -38.15
N VAL C 159 19.01 -47.44 -38.88
CA VAL C 159 18.47 -48.65 -38.27
C VAL C 159 19.28 -49.87 -38.75
N ILE C 160 19.53 -50.78 -37.82
CA ILE C 160 20.48 -51.87 -38.02
C ILE C 160 19.95 -53.18 -37.49
N MET C 161 20.21 -54.25 -38.23
CA MET C 161 19.89 -55.58 -37.73
C MET C 161 21.03 -56.56 -37.99
N ASP C 162 21.07 -57.60 -37.18
CA ASP C 162 22.03 -58.70 -37.31
C ASP C 162 21.27 -59.92 -37.77
N SER C 163 21.46 -60.34 -39.02
CA SER C 163 20.65 -61.43 -39.55
C SER C 163 20.75 -62.72 -38.72
N ARG C 164 21.74 -62.82 -37.85
CA ARG C 164 21.84 -64.00 -37.00
C ARG C 164 20.99 -63.89 -35.73
N HIS C 165 20.40 -62.72 -35.50
CA HIS C 165 19.54 -62.51 -34.32
C HIS C 165 18.39 -61.56 -34.62
N PRO C 166 17.35 -62.08 -35.28
CA PRO C 166 16.24 -61.31 -35.83
C PRO C 166 15.32 -60.77 -34.74
N ASP C 167 15.64 -61.05 -33.48
CA ASP C 167 14.78 -60.67 -32.36
C ASP C 167 14.99 -59.22 -31.91
N THR C 168 16.00 -58.57 -32.46
CA THR C 168 16.31 -57.20 -32.05
C THR C 168 16.76 -56.27 -33.20
N LEU C 169 16.23 -55.04 -33.18
CA LEU C 169 16.73 -53.97 -34.03
C LEU C 169 17.45 -52.90 -33.21
N LEU C 170 18.54 -52.38 -33.75
CA LEU C 170 19.17 -51.20 -33.14
C LEU C 170 18.96 -49.92 -33.98
N ALA C 171 18.42 -48.88 -33.35
CA ALA C 171 18.12 -47.63 -34.02
C ALA C 171 18.87 -46.45 -33.39
N ALA C 172 19.28 -45.49 -34.21
CA ALA C 172 19.95 -44.28 -33.71
C ALA C 172 19.43 -43.04 -34.43
N ARG C 173 18.66 -42.21 -33.73
CA ARG C 173 18.25 -40.91 -34.28
C ARG C 173 19.39 -39.87 -34.20
N SER C 174 19.87 -39.43 -35.35
CA SER C 174 20.92 -38.42 -35.42
C SER C 174 20.81 -37.60 -36.69
N GLY C 175 20.78 -36.28 -36.52
CA GLY C 175 20.63 -35.34 -37.61
C GLY C 175 19.36 -35.58 -38.41
N SER C 176 18.49 -36.44 -37.89
CA SER C 176 17.34 -36.91 -38.65
C SER C 176 16.34 -37.66 -37.78
N PRO C 177 15.04 -37.37 -37.95
CA PRO C 177 13.96 -37.90 -37.11
C PRO C 177 13.76 -39.42 -37.16
N LEU C 178 13.27 -39.98 -36.05
CA LEU C 178 12.86 -41.39 -35.93
C LEU C 178 11.75 -41.50 -34.89
N VAL C 179 10.65 -42.15 -35.27
CA VAL C 179 9.52 -42.42 -34.39
C VAL C 179 9.21 -43.92 -34.29
N ILE C 180 9.02 -44.39 -33.06
CA ILE C 180 8.69 -45.78 -32.80
C ILE C 180 7.19 -45.98 -32.76
N GLY C 181 6.74 -47.09 -33.33
CA GLY C 181 5.32 -47.38 -33.44
C GLY C 181 4.91 -48.58 -32.62
N LEU C 182 4.06 -48.36 -31.62
CA LEU C 182 3.68 -49.46 -30.74
C LEU C 182 2.45 -50.22 -31.21
N GLY C 183 2.66 -51.49 -31.53
CA GLY C 183 1.60 -52.38 -31.99
C GLY C 183 1.35 -53.46 -30.97
N MET C 184 0.55 -54.45 -31.34
CA MET C 184 0.15 -55.49 -30.38
C MET C 184 0.98 -56.76 -30.53
N GLY C 185 2.01 -56.90 -29.69
CA GLY C 185 2.94 -58.02 -29.78
C GLY C 185 3.87 -57.89 -30.97
N GLU C 186 3.79 -56.72 -31.61
CA GLU C 186 4.67 -56.35 -32.72
C GLU C 186 5.06 -54.90 -32.51
N ASN C 187 6.21 -54.49 -33.03
CA ASN C 187 6.65 -53.08 -32.94
C ASN C 187 7.26 -52.56 -34.21
N PHE C 188 7.27 -51.23 -34.37
CA PHE C 188 7.79 -50.63 -35.58
C PHE C 188 8.65 -49.39 -35.31
N ILE C 189 9.24 -48.85 -36.38
CA ILE C 189 10.00 -47.62 -36.30
C ILE C 189 9.97 -47.01 -37.70
N ALA C 190 10.09 -45.68 -37.80
CA ALA C 190 10.01 -45.03 -39.10
C ALA C 190 10.57 -43.62 -39.01
N SER C 191 10.91 -43.02 -40.14
CA SER C 191 11.34 -41.62 -40.07
C SER C 191 10.16 -40.64 -39.90
N ASP C 192 8.94 -41.07 -40.24
CA ASP C 192 7.75 -40.28 -39.94
C ASP C 192 6.55 -41.18 -39.66
N GLN C 193 5.65 -40.72 -38.78
CA GLN C 193 4.50 -41.53 -38.36
C GLN C 193 3.56 -41.92 -39.50
N LEU C 194 3.32 -41.01 -40.44
CA LEU C 194 2.46 -41.35 -41.57
C LEU C 194 2.70 -42.76 -42.12
N ALA C 195 3.89 -43.32 -41.89
CA ALA C 195 4.21 -44.65 -42.42
C ALA C 195 3.65 -45.77 -41.53
N LEU C 196 3.42 -45.45 -40.26
CA LEU C 196 2.99 -46.42 -39.25
C LEU C 196 1.47 -46.45 -39.03
N LEU C 197 0.81 -45.34 -39.34
CA LEU C 197 -0.63 -45.21 -39.15
C LEU C 197 -1.45 -46.40 -39.66
N PRO C 198 -1.06 -46.99 -40.80
CA PRO C 198 -1.81 -48.15 -41.29
C PRO C 198 -1.79 -49.37 -40.36
N VAL C 199 -0.88 -49.41 -39.37
CA VAL C 199 -0.83 -50.55 -38.46
C VAL C 199 -0.78 -50.17 -36.99
N THR C 200 -0.78 -48.88 -36.70
CA THR C 200 -0.81 -48.46 -35.31
C THR C 200 -1.11 -46.96 -35.18
N ARG C 201 -1.54 -46.58 -33.98
CA ARG C 201 -1.87 -45.19 -33.70
C ARG C 201 -1.14 -44.73 -32.43
N ARG C 202 -0.38 -45.63 -31.82
CA ARG C 202 0.41 -45.29 -30.64
C ARG C 202 1.85 -45.09 -31.06
N PHE C 203 2.43 -43.97 -30.65
CA PHE C 203 3.79 -43.61 -31.07
C PHE C 203 4.67 -43.10 -29.94
N ILE C 204 5.98 -43.18 -30.13
CA ILE C 204 6.91 -42.42 -29.30
C ILE C 204 8.05 -41.83 -30.13
N PHE C 205 8.21 -40.51 -30.03
CA PHE C 205 9.20 -39.75 -30.78
C PHE C 205 10.56 -39.76 -30.10
N LEU C 206 11.57 -40.28 -30.80
CA LEU C 206 12.93 -40.26 -30.29
C LEU C 206 13.53 -38.89 -30.49
N GLU C 207 14.46 -38.52 -29.61
CA GLU C 207 15.05 -37.19 -29.66
C GLU C 207 16.50 -37.28 -30.12
N GLU C 208 17.01 -36.16 -30.61
CA GLU C 208 18.41 -36.05 -31.04
C GLU C 208 19.30 -36.67 -29.97
N GLY C 209 20.12 -37.65 -30.36
CA GLY C 209 21.03 -38.30 -29.43
C GLY C 209 20.55 -39.63 -28.86
N ASP C 210 19.26 -39.91 -29.04
CA ASP C 210 18.66 -41.15 -28.59
C ASP C 210 19.18 -42.38 -29.33
N ILE C 211 19.11 -43.53 -28.66
CA ILE C 211 19.35 -44.84 -29.26
C ILE C 211 18.27 -45.78 -28.75
N ALA C 212 17.78 -46.68 -29.60
CA ALA C 212 16.69 -47.56 -29.21
C ALA C 212 17.01 -48.99 -29.58
N GLU C 213 16.69 -49.91 -28.66
CA GLU C 213 16.84 -51.35 -28.88
C GLU C 213 15.43 -51.93 -28.88
N ILE C 214 15.01 -52.48 -30.01
CA ILE C 214 13.61 -52.88 -30.17
C ILE C 214 13.40 -54.37 -30.42
N THR C 215 12.48 -54.98 -29.67
CA THR C 215 12.05 -56.37 -29.92
C THR C 215 10.54 -56.42 -30.19
N ARG C 216 9.99 -57.62 -30.26
CA ARG C 216 8.55 -57.80 -30.50
C ARG C 216 7.69 -57.18 -29.41
N ARG C 217 8.14 -57.27 -28.17
CA ARG C 217 7.29 -56.91 -27.05
C ARG C 217 7.96 -55.96 -26.05
N SER C 218 9.10 -55.39 -26.46
CA SER C 218 9.83 -54.43 -25.61
C SER C 218 10.44 -53.27 -26.40
N VAL C 219 10.73 -52.17 -25.70
CA VAL C 219 11.39 -51.00 -26.30
C VAL C 219 12.33 -50.37 -25.28
N ASN C 220 13.62 -50.36 -25.57
CA ASN C 220 14.55 -49.75 -24.63
C ASN C 220 15.43 -48.62 -25.19
N ILE C 221 15.10 -47.39 -24.78
CA ILE C 221 15.81 -46.21 -25.22
C ILE C 221 16.93 -45.81 -24.24
N PHE C 222 17.96 -45.16 -24.78
CA PHE C 222 19.09 -44.71 -23.98
C PHE C 222 19.92 -43.74 -24.82
N ASP C 223 21.19 -43.56 -24.47
CA ASP C 223 22.08 -42.72 -25.26
C ASP C 223 23.51 -43.26 -25.32
N LYS C 224 24.42 -42.47 -25.91
CA LYS C 224 25.80 -42.91 -26.13
C LYS C 224 26.51 -43.24 -24.83
N THR C 225 26.03 -42.68 -23.74
CA THR C 225 26.59 -42.91 -22.41
C THR C 225 26.00 -44.17 -21.78
N GLY C 226 25.02 -44.77 -22.45
CA GLY C 226 24.39 -45.98 -21.95
C GLY C 226 23.30 -45.67 -20.95
N ALA C 227 23.33 -44.45 -20.44
CA ALA C 227 22.33 -43.97 -19.50
C ALA C 227 20.97 -43.99 -20.16
N GLU C 228 20.14 -44.96 -19.79
CA GLU C 228 18.83 -45.11 -20.42
C GLU C 228 17.93 -43.92 -20.14
N VAL C 229 17.16 -43.51 -21.15
CA VAL C 229 16.21 -42.41 -21.03
C VAL C 229 14.81 -42.89 -21.39
N LYS C 230 13.80 -42.04 -21.22
CA LYS C 230 12.43 -42.47 -21.50
C LYS C 230 11.53 -41.35 -22.01
N ARG C 231 10.75 -41.67 -23.04
CA ARG C 231 9.85 -40.71 -23.65
C ARG C 231 8.42 -41.18 -23.50
N GLN C 232 7.49 -40.24 -23.37
CA GLN C 232 6.08 -40.56 -23.31
C GLN C 232 5.63 -41.21 -24.62
N ASP C 233 4.55 -41.97 -24.56
CA ASP C 233 3.97 -42.54 -25.76
C ASP C 233 2.58 -41.96 -26.04
N ILE C 234 2.56 -40.77 -26.63
CA ILE C 234 1.31 -40.17 -27.06
C ILE C 234 0.63 -41.06 -28.10
N GLU C 235 -0.59 -40.71 -28.45
CA GLU C 235 -1.24 -41.32 -29.59
C GLU C 235 -1.84 -40.23 -30.48
N SER C 236 -2.30 -40.58 -31.67
CA SER C 236 -2.84 -39.61 -32.61
C SER C 236 -3.92 -40.21 -33.48
N ASP C 244 -3.65 -28.92 -45.11
CA ASP C 244 -3.76 -29.36 -43.71
C ASP C 244 -2.39 -29.46 -43.01
N LYS C 245 -2.39 -29.21 -41.70
CA LYS C 245 -1.15 -29.06 -40.95
C LYS C 245 -0.46 -30.34 -40.52
N GLY C 246 -1.07 -31.50 -40.82
CA GLY C 246 -0.52 -32.77 -40.38
C GLY C 246 -0.21 -32.73 -38.91
N ILE C 247 1.05 -33.00 -38.56
CA ILE C 247 1.45 -33.00 -37.15
C ILE C 247 1.84 -31.62 -36.61
N TYR C 248 1.74 -30.58 -37.44
CA TYR C 248 2.25 -29.28 -37.01
C TYR C 248 1.19 -28.41 -36.35
N ARG C 249 1.62 -27.55 -35.45
CA ARG C 249 0.74 -26.57 -34.85
C ARG C 249 0.38 -25.43 -35.81
N HIS C 250 1.35 -24.96 -36.58
CA HIS C 250 1.09 -23.85 -37.50
C HIS C 250 1.58 -24.15 -38.90
N TYR C 251 0.92 -23.57 -39.88
CA TYR C 251 1.42 -23.69 -41.25
C TYR C 251 2.87 -23.24 -41.38
N MET C 252 3.23 -22.16 -40.70
CA MET C 252 4.57 -21.64 -40.84
C MET C 252 5.56 -22.65 -40.28
N GLN C 253 5.19 -23.29 -39.18
CA GLN C 253 6.00 -24.38 -38.64
C GLN C 253 6.17 -25.54 -39.65
N LYS C 254 5.07 -25.93 -40.29
CA LYS C 254 5.15 -27.01 -41.26
C LYS C 254 6.09 -26.62 -42.38
N GLU C 255 5.99 -25.36 -42.80
CA GLU C 255 6.73 -24.88 -43.96
C GLU C 255 8.20 -24.76 -43.64
N ILE C 256 8.53 -24.41 -42.40
CA ILE C 256 9.92 -24.49 -41.94
C ILE C 256 10.41 -25.94 -42.01
N TYR C 257 9.63 -26.84 -41.42
CA TYR C 257 10.03 -28.23 -41.35
C TYR C 257 10.01 -28.98 -42.68
N GLU C 258 9.29 -28.49 -43.67
CA GLU C 258 9.23 -29.21 -44.95
C GLU C 258 10.26 -28.70 -45.95
N GLN C 259 11.10 -27.80 -45.50
CA GLN C 259 12.15 -27.23 -46.34
C GLN C 259 13.08 -28.27 -46.99
N PRO C 260 13.47 -29.32 -46.25
CA PRO C 260 14.26 -30.35 -46.96
C PRO C 260 13.56 -30.90 -48.21
N ASN C 261 12.28 -31.26 -48.07
CA ASN C 261 11.50 -31.80 -49.19
C ASN C 261 11.21 -30.76 -50.28
N ALA C 262 10.90 -29.53 -49.87
CA ALA C 262 10.65 -28.45 -50.82
C ALA C 262 11.90 -28.27 -51.68
N ILE C 263 13.05 -28.22 -51.01
CA ILE C 263 14.32 -28.09 -51.70
C ILE C 263 14.57 -29.27 -52.66
N LYS C 264 14.24 -30.49 -52.23
CA LYS C 264 14.37 -31.63 -53.16
C LYS C 264 13.49 -31.45 -54.39
N ASN C 265 12.31 -30.88 -54.21
CA ASN C 265 11.48 -30.56 -55.36
C ASN C 265 12.08 -29.48 -56.26
N THR C 266 12.74 -28.50 -55.68
CA THR C 266 13.40 -27.45 -56.45
C THR C 266 14.54 -28.04 -57.26
N LEU C 267 15.20 -29.08 -56.72
CA LEU C 267 16.30 -29.74 -57.42
C LEU C 267 15.90 -30.73 -58.52
N THR C 268 14.66 -31.17 -58.49
CA THR C 268 14.18 -32.24 -59.34
C THR C 268 14.35 -31.95 -60.84
N GLY C 269 15.13 -32.79 -61.50
CA GLY C 269 15.38 -32.62 -62.91
C GLY C 269 16.36 -31.52 -63.27
N ARG C 270 16.99 -30.90 -62.27
CA ARG C 270 17.89 -29.79 -62.55
C ARG C 270 19.37 -30.09 -62.29
N ILE C 271 19.67 -31.30 -61.83
CA ILE C 271 21.05 -31.78 -61.79
C ILE C 271 21.23 -33.04 -62.65
N SER C 272 22.01 -32.93 -63.73
CA SER C 272 22.27 -34.04 -64.66
C SER C 272 23.77 -34.26 -64.90
N HIS C 273 24.30 -35.41 -64.47
CA HIS C 273 25.69 -35.77 -64.71
C HIS C 273 26.67 -34.86 -63.98
N GLY C 274 26.41 -34.62 -62.70
CA GLY C 274 27.23 -33.71 -61.90
C GLY C 274 27.19 -32.27 -62.35
N GLN C 275 26.22 -31.91 -63.19
CA GLN C 275 26.10 -30.55 -63.68
C GLN C 275 24.70 -29.98 -63.49
N VAL C 276 24.61 -28.65 -63.43
CA VAL C 276 23.33 -28.00 -63.34
C VAL C 276 22.61 -28.12 -64.67
N ASP C 277 21.33 -28.47 -64.64
CA ASP C 277 20.59 -28.62 -65.89
C ASP C 277 19.35 -27.70 -65.91
N LEU C 278 19.42 -26.63 -66.69
CA LEU C 278 18.30 -25.71 -66.81
C LEU C 278 17.74 -25.73 -68.24
N SER C 279 17.87 -26.85 -68.91
CA SER C 279 17.35 -27.01 -70.26
C SER C 279 15.83 -26.80 -70.32
N GLU C 280 15.15 -26.91 -69.17
CA GLU C 280 13.73 -26.54 -69.13
C GLU C 280 13.52 -25.09 -69.61
N LEU C 281 14.56 -24.26 -69.59
CA LEU C 281 14.42 -22.88 -70.02
C LEU C 281 14.12 -22.78 -71.51
N GLY C 282 14.40 -23.86 -72.24
CA GLY C 282 14.19 -23.87 -73.66
C GLY C 282 15.51 -24.06 -74.37
N PRO C 283 15.45 -24.55 -75.62
CA PRO C 283 16.68 -24.84 -76.37
C PRO C 283 17.45 -23.57 -76.73
N ASN C 284 16.78 -22.41 -76.76
CA ASN C 284 17.42 -21.14 -77.14
C ASN C 284 18.12 -20.45 -75.97
N ALA C 285 17.41 -20.32 -74.86
CA ALA C 285 18.03 -19.88 -73.62
C ALA C 285 19.30 -20.69 -73.51
N ASP C 286 20.39 -20.03 -73.12
CA ASP C 286 21.74 -20.61 -73.04
C ASP C 286 22.61 -19.89 -74.05
N GLU C 287 22.04 -19.59 -75.20
CA GLU C 287 22.64 -18.66 -76.15
C GLU C 287 22.25 -17.26 -75.68
N LEU C 288 21.02 -17.14 -75.21
CA LEU C 288 20.50 -15.90 -74.64
C LEU C 288 21.24 -15.47 -73.37
N LEU C 289 21.45 -16.42 -72.46
CA LEU C 289 22.17 -16.16 -71.23
C LEU C 289 23.63 -15.82 -71.52
N SER C 290 24.16 -16.34 -72.62
CA SER C 290 25.57 -16.12 -72.91
C SER C 290 25.83 -14.66 -73.26
N LYS C 291 24.78 -13.93 -73.62
CA LYS C 291 24.92 -12.52 -73.96
C LYS C 291 24.88 -11.65 -72.70
N VAL C 292 24.48 -12.22 -71.56
CA VAL C 292 24.27 -11.40 -70.38
C VAL C 292 25.59 -10.93 -69.80
N GLU C 293 25.73 -9.62 -69.65
CA GLU C 293 26.92 -9.07 -69.02
C GLU C 293 26.69 -8.49 -67.63
N HIS C 294 25.43 -8.33 -67.25
CA HIS C 294 25.06 -7.74 -65.96
C HIS C 294 23.69 -8.26 -65.50
N ILE C 295 23.54 -8.43 -64.19
CA ILE C 295 22.28 -8.88 -63.64
C ILE C 295 21.65 -7.83 -62.76
N GLN C 296 20.37 -7.54 -63.01
CA GLN C 296 19.55 -6.67 -62.18
C GLN C 296 18.48 -7.51 -61.53
N ILE C 297 18.40 -7.40 -60.21
CA ILE C 297 17.38 -8.12 -59.45
C ILE C 297 16.41 -7.15 -58.78
N LEU C 298 15.11 -7.39 -58.96
CA LEU C 298 14.06 -6.59 -58.31
C LEU C 298 13.17 -7.46 -57.43
N ALA C 299 12.86 -6.97 -56.23
CA ALA C 299 12.00 -7.71 -55.29
C ALA C 299 11.62 -6.89 -54.05
N CYS C 300 10.68 -7.44 -53.29
CA CYS C 300 10.23 -6.88 -52.02
C CYS C 300 10.37 -7.87 -50.85
N GLY C 301 10.40 -7.33 -49.63
CA GLY C 301 10.54 -8.14 -48.43
C GLY C 301 11.56 -9.27 -48.46
N THR C 302 11.09 -10.44 -48.06
CA THR C 302 11.96 -11.61 -47.94
C THR C 302 12.59 -12.01 -49.27
N SER C 303 11.83 -11.82 -50.36
CA SER C 303 12.34 -12.06 -51.71
C SER C 303 13.54 -11.13 -52.00
N TYR C 304 13.45 -9.91 -51.51
CA TYR C 304 14.56 -8.98 -51.62
C TYR C 304 15.76 -9.53 -50.85
N ASN C 305 15.52 -10.03 -49.64
CA ASN C 305 16.64 -10.62 -48.90
C ASN C 305 17.36 -11.76 -49.65
N SER C 306 16.58 -12.62 -50.31
CA SER C 306 17.25 -13.70 -51.06
C SER C 306 18.03 -13.17 -52.27
N GLY C 307 17.46 -12.21 -52.99
CA GLY C 307 18.20 -11.56 -54.05
C GLY C 307 19.53 -11.06 -53.52
N MET C 308 19.44 -10.46 -52.35
CA MET C 308 20.59 -9.85 -51.72
C MET C 308 21.65 -10.87 -51.43
N VAL C 309 21.27 -12.06 -50.96
CA VAL C 309 22.30 -13.09 -50.82
C VAL C 309 22.92 -13.41 -52.18
N SER C 310 22.09 -13.60 -53.20
CA SER C 310 22.63 -13.99 -54.49
C SER C 310 23.65 -12.98 -55.10
N ARG C 311 23.53 -11.70 -54.77
CA ARG C 311 24.52 -10.73 -55.28
C ARG C 311 25.97 -11.24 -55.05
N TYR C 312 26.25 -11.63 -53.81
CA TYR C 312 27.56 -12.14 -53.40
C TYR C 312 28.00 -13.38 -54.21
N TRP C 313 27.09 -14.33 -54.38
CA TRP C 313 27.35 -15.53 -55.15
C TRP C 313 27.67 -15.19 -56.61
N PHE C 314 26.85 -14.35 -57.24
CA PHE C 314 27.05 -14.05 -58.64
C PHE C 314 28.40 -13.38 -58.81
N GLU C 315 28.72 -12.44 -57.93
CA GLU C 315 30.00 -11.74 -58.13
C GLU C 315 31.23 -12.58 -57.77
N SER C 316 31.20 -13.36 -56.69
CA SER C 316 32.40 -14.14 -56.39
C SER C 316 32.49 -15.47 -57.12
N LEU C 317 31.37 -16.18 -57.24
CA LEU C 317 31.40 -17.48 -57.87
C LEU C 317 31.30 -17.43 -59.40
N ALA C 318 30.42 -16.59 -59.93
CA ALA C 318 30.32 -16.47 -61.39
C ALA C 318 31.14 -15.34 -62.02
N GLY C 319 31.61 -14.41 -61.20
CA GLY C 319 32.33 -13.25 -61.68
C GLY C 319 31.50 -12.33 -62.58
N ILE C 320 30.20 -12.29 -62.35
CA ILE C 320 29.33 -11.43 -63.14
C ILE C 320 28.70 -10.34 -62.25
N PRO C 321 28.78 -9.07 -62.68
CA PRO C 321 28.21 -7.93 -61.95
C PRO C 321 26.75 -8.16 -61.63
N CYS C 322 26.31 -7.78 -60.44
CA CYS C 322 24.94 -7.96 -60.03
C CYS C 322 24.43 -6.84 -59.13
N ASP C 323 23.24 -6.30 -59.46
CA ASP C 323 22.57 -5.33 -58.60
C ASP C 323 21.22 -5.87 -58.12
N VAL C 324 20.90 -5.55 -56.88
CA VAL C 324 19.66 -5.94 -56.24
C VAL C 324 19.00 -4.70 -55.68
N GLU C 325 17.70 -4.56 -55.88
CA GLU C 325 17.02 -3.33 -55.50
C GLU C 325 15.59 -3.59 -55.05
N ILE C 326 15.17 -2.90 -53.99
CA ILE C 326 13.78 -2.85 -53.58
C ILE C 326 12.92 -2.43 -54.79
N ALA C 327 11.94 -3.26 -55.16
CA ALA C 327 11.15 -2.97 -56.36
C ALA C 327 10.51 -1.57 -56.40
N SER C 328 9.89 -1.14 -55.29
CA SER C 328 9.35 0.21 -55.27
C SER C 328 10.42 1.29 -55.51
N GLU C 329 11.63 1.12 -54.99
CA GLU C 329 12.65 2.13 -55.29
C GLU C 329 13.01 2.20 -56.77
N PHE C 330 13.04 1.04 -57.42
CA PHE C 330 13.34 1.00 -58.83
C PHE C 330 12.21 1.61 -59.67
N ARG C 331 10.96 1.27 -59.37
CA ARG C 331 9.87 1.73 -60.22
C ARG C 331 9.66 3.25 -60.15
N TYR C 332 10.20 3.92 -59.14
CA TYR C 332 9.93 5.35 -58.97
C TYR C 332 11.09 6.27 -59.36
N ARG C 333 12.17 5.70 -59.87
CA ARG C 333 13.29 6.53 -60.26
C ARG C 333 13.68 6.26 -61.71
N LYS C 334 14.35 7.23 -62.31
CA LYS C 334 14.95 7.10 -63.61
C LYS C 334 16.36 6.48 -63.46
N SER C 335 16.50 5.26 -63.95
CA SER C 335 17.72 4.50 -63.71
C SER C 335 18.60 4.44 -64.94
N ALA C 336 19.82 4.03 -64.74
CA ALA C 336 20.75 3.92 -65.84
C ALA C 336 21.03 2.43 -66.02
N VAL C 337 20.51 1.89 -67.12
CA VAL C 337 20.62 0.48 -67.40
C VAL C 337 22.02 0.13 -67.87
N ARG C 338 22.57 -0.94 -67.34
CA ARG C 338 23.87 -1.44 -67.78
C ARG C 338 23.75 -2.10 -69.16
N ARG C 339 24.86 -2.23 -69.86
CA ARG C 339 24.86 -2.96 -71.12
C ARG C 339 24.46 -4.40 -70.88
N ASN C 340 23.67 -4.96 -71.80
CA ASN C 340 23.40 -6.39 -71.86
C ASN C 340 22.97 -6.94 -70.51
N SER C 341 21.97 -6.28 -69.94
CA SER C 341 21.53 -6.56 -68.60
C SER C 341 20.32 -7.51 -68.56
N LEU C 342 20.39 -8.52 -67.71
CA LEU C 342 19.25 -9.43 -67.49
C LEU C 342 18.40 -8.93 -66.32
N MET C 343 17.11 -8.72 -66.56
CA MET C 343 16.19 -8.39 -65.47
C MET C 343 15.70 -9.67 -64.77
N ILE C 344 16.01 -9.82 -63.48
CA ILE C 344 15.47 -10.96 -62.71
C ILE C 344 14.50 -10.47 -61.63
N THR C 345 13.31 -11.04 -61.57
CA THR C 345 12.43 -10.76 -60.43
C THR C 345 12.29 -12.00 -59.54
N LEU C 346 12.15 -11.78 -58.23
CA LEU C 346 11.99 -12.85 -57.27
C LEU C 346 10.70 -12.61 -56.56
N SER C 347 9.85 -13.62 -56.49
CA SER C 347 8.56 -13.38 -55.85
C SER C 347 7.87 -14.71 -55.55
N GLN C 348 7.44 -14.90 -54.31
CA GLN C 348 6.72 -16.11 -53.96
C GLN C 348 5.41 -16.15 -54.75
N SER C 349 4.67 -15.05 -54.68
CA SER C 349 3.28 -14.99 -55.18
C SER C 349 3.19 -14.72 -56.68
N GLY C 350 4.11 -13.94 -57.22
CA GLY C 350 4.07 -13.64 -58.64
C GLY C 350 3.10 -12.52 -58.93
N GLU C 351 2.52 -11.95 -57.87
CA GLU C 351 1.53 -10.87 -58.01
C GLU C 351 1.87 -9.56 -57.31
N THR C 352 2.99 -9.48 -56.61
CA THR C 352 3.35 -8.29 -55.81
C THR C 352 3.42 -7.04 -56.69
N ALA C 353 2.62 -6.04 -56.35
CA ALA C 353 2.40 -4.87 -57.20
C ALA C 353 3.68 -4.11 -57.57
N ASP C 354 4.54 -3.86 -56.60
CA ASP C 354 5.79 -3.17 -56.90
C ASP C 354 6.69 -3.98 -57.83
N THR C 355 6.82 -5.28 -57.57
CA THR C 355 7.70 -6.12 -58.37
C THR C 355 7.21 -6.15 -59.80
N LEU C 356 5.94 -6.47 -59.94
CA LEU C 356 5.26 -6.45 -61.23
C LEU C 356 5.44 -5.11 -61.95
N ALA C 357 5.23 -4.00 -61.23
CA ALA C 357 5.41 -2.68 -61.86
C ALA C 357 6.85 -2.49 -62.34
N GLY C 358 7.82 -2.93 -61.55
CA GLY C 358 9.20 -2.86 -61.95
C GLY C 358 9.50 -3.66 -63.21
N LEU C 359 8.95 -4.87 -63.30
CA LEU C 359 9.13 -5.67 -64.51
C LEU C 359 8.56 -4.94 -65.74
N ARG C 360 7.29 -4.52 -65.61
CA ARG C 360 6.63 -3.79 -66.71
C ARG C 360 7.42 -2.55 -67.13
N LEU C 361 7.89 -1.77 -66.16
CA LEU C 361 8.70 -0.62 -66.48
C LEU C 361 9.92 -1.11 -67.24
N SER C 362 10.46 -2.25 -66.83
CA SER C 362 11.75 -2.71 -67.40
C SER C 362 11.59 -3.02 -68.86
N LYS C 363 10.38 -3.41 -69.26
CA LYS C 363 10.17 -3.67 -70.69
C LYS C 363 10.46 -2.49 -71.65
N GLU C 364 10.45 -1.25 -71.14
CA GLU C 364 10.69 -0.10 -72.02
C GLU C 364 12.10 0.44 -71.90
N LEU C 365 12.94 -0.21 -71.11
CA LEU C 365 14.22 0.40 -70.76
C LEU C 365 15.45 -0.26 -71.35
N GLY C 366 15.27 -1.29 -72.17
CA GLY C 366 16.41 -1.86 -72.87
C GLY C 366 17.21 -2.97 -72.19
N TYR C 367 16.55 -3.78 -71.36
CA TYR C 367 17.16 -5.00 -70.85
C TYR C 367 17.20 -6.02 -71.98
N LEU C 368 18.12 -6.97 -71.94
CA LEU C 368 18.11 -8.08 -72.90
C LEU C 368 16.84 -8.90 -72.81
N GLY C 369 16.30 -9.02 -71.59
CA GLY C 369 15.14 -9.85 -71.33
C GLY C 369 14.92 -10.02 -69.84
N SER C 370 13.95 -10.86 -69.49
CA SER C 370 13.57 -11.01 -68.11
C SER C 370 13.42 -12.47 -67.73
N LEU C 371 13.72 -12.75 -66.47
CA LEU C 371 13.55 -14.07 -65.87
C LEU C 371 12.81 -13.92 -64.53
N ALA C 372 11.75 -14.72 -64.36
CA ALA C 372 10.95 -14.70 -63.14
C ALA C 372 11.29 -15.94 -62.33
N ILE C 373 11.66 -15.74 -61.08
CA ILE C 373 11.82 -16.84 -60.16
C ILE C 373 10.65 -16.77 -59.20
N CYS C 374 9.77 -17.75 -59.32
CA CYS C 374 8.48 -17.62 -58.68
C CYS C 374 7.95 -18.95 -58.15
N ASN C 375 7.03 -18.89 -57.18
CA ASN C 375 6.48 -20.10 -56.60
C ASN C 375 5.03 -20.41 -57.03
N VAL C 376 4.45 -19.58 -57.88
CA VAL C 376 3.05 -19.75 -58.25
C VAL C 376 2.92 -19.75 -59.77
N PRO C 377 2.65 -20.93 -60.34
CA PRO C 377 2.49 -21.10 -61.79
C PRO C 377 1.34 -20.23 -62.29
N GLY C 378 1.51 -19.60 -63.45
CA GLY C 378 0.43 -18.83 -64.05
C GLY C 378 0.22 -17.44 -63.46
N SER C 379 1.05 -17.03 -62.50
CA SER C 379 0.95 -15.70 -61.92
C SER C 379 1.42 -14.61 -62.90
N SER C 380 1.01 -13.38 -62.66
CA SER C 380 1.41 -12.27 -63.53
C SER C 380 2.92 -12.19 -63.84
N LEU C 381 3.76 -12.27 -62.81
CA LEU C 381 5.21 -12.21 -63.04
C LEU C 381 5.69 -13.27 -64.01
N VAL C 382 5.21 -14.50 -63.83
CA VAL C 382 5.65 -15.61 -64.65
C VAL C 382 5.17 -15.42 -66.09
N ARG C 383 3.92 -15.01 -66.21
CA ARG C 383 3.27 -14.79 -67.50
C ARG C 383 4.01 -13.75 -68.30
N GLU C 384 4.42 -12.66 -67.65
CA GLU C 384 4.95 -11.52 -68.38
C GLU C 384 6.47 -11.53 -68.54
N SER C 385 7.17 -12.46 -67.89
CA SER C 385 8.61 -12.58 -68.09
C SER C 385 8.96 -13.44 -69.31
N ASP C 386 10.13 -13.23 -69.90
CA ASP C 386 10.55 -14.07 -71.03
C ASP C 386 10.81 -15.51 -70.59
N LEU C 387 11.41 -15.66 -69.40
CA LEU C 387 11.80 -16.96 -68.90
C LEU C 387 11.31 -17.10 -67.47
N ALA C 388 11.06 -18.32 -67.03
CA ALA C 388 10.60 -18.54 -65.68
C ALA C 388 11.26 -19.77 -65.10
N LEU C 389 11.69 -19.65 -63.84
CA LEU C 389 12.11 -20.79 -63.03
C LEU C 389 11.21 -20.87 -61.80
N MET C 390 10.43 -21.95 -61.74
CA MET C 390 9.56 -22.20 -60.60
C MET C 390 10.33 -22.86 -59.46
N THR C 391 10.07 -22.39 -58.24
CA THR C 391 10.69 -22.94 -57.05
C THR C 391 10.12 -24.32 -56.64
N ASN C 392 8.87 -24.60 -56.99
CA ASN C 392 8.29 -25.91 -56.65
C ASN C 392 8.25 -26.27 -55.17
N ALA C 393 8.00 -25.28 -54.32
CA ALA C 393 8.04 -25.50 -52.88
C ALA C 393 6.69 -25.99 -52.36
N GLY C 394 5.67 -25.99 -53.23
CA GLY C 394 4.31 -26.31 -52.84
C GLY C 394 3.70 -25.05 -52.27
N THR C 395 2.38 -25.04 -52.07
CA THR C 395 1.74 -23.81 -51.56
C THR C 395 2.32 -23.41 -50.20
N GLU C 396 2.38 -22.11 -49.98
CA GLU C 396 2.91 -21.58 -48.73
C GLU C 396 1.82 -20.74 -48.10
N ILE C 397 1.37 -21.17 -46.92
CA ILE C 397 0.19 -20.60 -46.28
C ILE C 397 0.52 -19.56 -45.21
N GLY C 398 1.58 -19.78 -44.45
CA GLY C 398 2.07 -18.76 -43.52
C GLY C 398 2.24 -17.41 -44.19
N VAL C 399 1.92 -16.33 -43.50
CA VAL C 399 2.08 -15.01 -44.08
C VAL C 399 3.54 -14.64 -44.28
N ALA C 400 4.39 -15.05 -43.35
CA ALA C 400 5.83 -14.85 -43.47
C ALA C 400 6.41 -16.01 -44.24
N SER C 401 7.20 -15.71 -45.26
CA SER C 401 7.76 -16.72 -46.13
C SER C 401 8.94 -17.47 -45.48
N THR C 402 8.94 -18.80 -45.60
CA THR C 402 10.02 -19.62 -45.07
C THR C 402 10.66 -20.49 -46.17
N LYS C 403 9.96 -21.54 -46.59
CA LYS C 403 10.43 -22.42 -47.65
C LYS C 403 10.53 -21.70 -49.01
N ALA C 404 9.66 -20.72 -49.22
CA ALA C 404 9.76 -19.88 -50.42
C ALA C 404 11.16 -19.22 -50.53
N PHE C 405 11.67 -18.80 -49.38
CA PHE C 405 12.98 -18.13 -49.28
C PHE C 405 14.17 -19.08 -49.55
N THR C 406 14.21 -20.23 -48.87
CA THR C 406 15.27 -21.21 -49.08
C THR C 406 15.22 -21.86 -50.50
N THR C 407 14.01 -22.04 -51.05
CA THR C 407 13.94 -22.54 -52.43
C THR C 407 14.41 -21.45 -53.42
N GLN C 408 14.04 -20.20 -53.15
CA GLN C 408 14.61 -19.09 -53.93
C GLN C 408 16.14 -19.16 -53.95
N LEU C 409 16.73 -19.28 -52.76
CA LEU C 409 18.19 -19.32 -52.68
C LEU C 409 18.72 -20.47 -53.50
N THR C 410 18.02 -21.60 -53.45
CA THR C 410 18.45 -22.77 -54.23
C THR C 410 18.49 -22.51 -55.75
N VAL C 411 17.44 -21.86 -56.26
CA VAL C 411 17.40 -21.56 -57.69
C VAL C 411 18.50 -20.55 -58.06
N LEU C 412 18.66 -19.52 -57.23
CA LEU C 412 19.72 -18.53 -57.50
C LEU C 412 21.11 -19.19 -57.57
N LEU C 413 21.39 -20.05 -56.59
CA LEU C 413 22.64 -20.79 -56.57
C LEU C 413 22.79 -21.59 -57.86
N MET C 414 21.71 -22.24 -58.30
CA MET C 414 21.81 -22.96 -59.59
C MET C 414 22.10 -22.04 -60.78
N LEU C 415 21.65 -20.79 -60.72
CA LEU C 415 21.87 -19.86 -61.83
C LEU C 415 23.33 -19.47 -61.88
N VAL C 416 23.99 -19.50 -60.72
CA VAL C 416 25.43 -19.19 -60.74
C VAL C 416 26.23 -19.96 -61.83
N ALA C 417 26.17 -21.30 -61.81
CA ALA C 417 26.93 -22.03 -62.84
C ALA C 417 26.51 -21.63 -64.28
N LYS C 418 25.23 -21.32 -64.48
CA LYS C 418 24.73 -21.00 -65.81
C LYS C 418 25.12 -19.61 -66.30
N LEU C 419 25.56 -18.73 -65.41
CA LEU C 419 26.00 -17.42 -65.87
C LEU C 419 27.47 -17.16 -65.61
N SER C 420 28.24 -18.24 -65.51
CA SER C 420 29.66 -18.12 -65.17
C SER C 420 30.40 -17.31 -66.23
N ARG C 421 31.33 -16.50 -65.75
CA ARG C 421 32.01 -15.54 -66.61
C ARG C 421 33.49 -15.52 -66.23
N LEU C 422 33.84 -16.30 -65.21
CA LEU C 422 35.23 -16.66 -64.94
C LEU C 422 35.58 -17.68 -65.99
N LYS C 423 36.80 -18.18 -65.98
CA LYS C 423 37.20 -19.02 -67.10
C LYS C 423 37.64 -20.41 -66.68
N GLY C 424 38.91 -20.57 -66.34
CA GLY C 424 39.42 -21.86 -65.90
C GLY C 424 38.78 -22.37 -64.62
N LEU C 425 38.20 -21.45 -63.84
CA LEU C 425 37.67 -21.75 -62.51
C LEU C 425 36.26 -22.39 -62.51
N ASP C 426 35.52 -22.16 -63.59
CA ASP C 426 34.10 -22.55 -63.67
C ASP C 426 33.82 -24.03 -63.32
N ALA C 427 34.69 -24.95 -63.75
CA ALA C 427 34.43 -26.40 -63.60
C ALA C 427 34.38 -26.83 -62.14
N SER C 428 35.43 -26.46 -61.42
CA SER C 428 35.51 -26.77 -60.01
C SER C 428 34.36 -26.09 -59.22
N ILE C 429 34.10 -24.83 -59.55
CA ILE C 429 33.05 -24.09 -58.87
C ILE C 429 31.71 -24.78 -59.06
N GLU C 430 31.47 -25.26 -60.26
CA GLU C 430 30.21 -25.94 -60.52
C GLU C 430 30.14 -27.27 -59.78
N HIS C 431 31.26 -27.98 -59.72
CA HIS C 431 31.32 -29.22 -58.95
CA HIS C 431 31.25 -29.22 -58.97
C HIS C 431 30.91 -28.96 -57.51
N ASP C 432 31.47 -27.90 -56.95
CA ASP C 432 31.19 -27.57 -55.56
C ASP C 432 29.73 -27.21 -55.37
N ILE C 433 29.20 -26.37 -56.26
CA ILE C 433 27.82 -25.97 -56.15
C ILE C 433 26.95 -27.21 -56.18
N VAL C 434 27.20 -28.11 -57.13
CA VAL C 434 26.36 -29.32 -57.25
C VAL C 434 26.48 -30.24 -56.03
N HIS C 435 27.68 -30.39 -55.49
CA HIS C 435 27.84 -31.21 -54.30
C HIS C 435 27.06 -30.61 -53.13
N GLY C 436 27.16 -29.28 -52.97
CA GLY C 436 26.45 -28.55 -51.94
C GLY C 436 24.95 -28.73 -52.06
N LEU C 437 24.41 -28.49 -53.26
CA LEU C 437 22.98 -28.64 -53.49
C LEU C 437 22.53 -30.07 -53.20
N GLN C 438 23.35 -31.04 -53.56
CA GLN C 438 23.00 -32.43 -53.27
C GLN C 438 22.95 -32.71 -51.76
N ALA C 439 23.86 -32.10 -51.02
CA ALA C 439 23.92 -32.27 -49.56
C ALA C 439 22.81 -31.47 -48.82
N LEU C 440 22.29 -30.45 -49.50
CA LEU C 440 21.48 -29.42 -48.89
C LEU C 440 20.27 -29.95 -48.09
N PRO C 441 19.48 -30.86 -48.68
CA PRO C 441 18.27 -31.21 -47.93
C PRO C 441 18.58 -31.90 -46.59
N SER C 442 19.63 -32.71 -46.53
CA SER C 442 19.90 -33.36 -45.26
C SER C 442 20.72 -32.43 -44.36
N ARG C 443 21.39 -31.44 -44.97
CA ARG C 443 21.97 -30.37 -44.17
C ARG C 443 20.88 -29.62 -43.36
N ILE C 444 19.81 -29.21 -44.05
CA ILE C 444 18.71 -28.52 -43.37
C ILE C 444 18.12 -29.43 -42.30
N GLU C 445 18.09 -30.72 -42.58
CA GLU C 445 17.50 -31.68 -41.64
C GLU C 445 18.36 -31.75 -40.38
N GLN C 446 19.68 -31.74 -40.54
CA GLN C 446 20.53 -31.62 -39.36
C GLN C 446 20.20 -30.35 -38.61
N MET C 447 19.94 -29.26 -39.34
CA MET C 447 19.69 -27.99 -38.68
C MET C 447 18.37 -28.02 -37.94
N LEU C 448 17.37 -28.67 -38.54
CA LEU C 448 16.09 -28.88 -37.87
C LEU C 448 16.26 -29.73 -36.60
N SER C 449 17.28 -30.57 -36.56
CA SER C 449 17.54 -31.44 -35.41
C SER C 449 18.08 -30.65 -34.23
N GLN C 450 18.40 -29.39 -34.48
CA GLN C 450 18.86 -28.49 -33.42
C GLN C 450 17.68 -27.73 -32.80
N ASP C 451 16.46 -28.08 -33.18
CA ASP C 451 15.29 -27.28 -32.78
C ASP C 451 15.12 -27.11 -31.27
N LYS C 452 15.48 -28.14 -30.49
CA LYS C 452 15.33 -28.08 -29.03
C LYS C 452 16.27 -27.04 -28.44
N ARG C 453 17.50 -26.97 -28.93
CA ARG C 453 18.44 -25.98 -28.43
C ARG C 453 17.96 -24.58 -28.77
N ILE C 454 17.45 -24.40 -29.98
CA ILE C 454 16.93 -23.10 -30.39
C ILE C 454 15.71 -22.70 -29.58
N GLU C 455 14.82 -23.66 -29.33
CA GLU C 455 13.69 -23.41 -28.44
C GLU C 455 14.14 -22.97 -27.04
N ALA C 456 15.12 -23.65 -26.47
CA ALA C 456 15.68 -23.17 -25.20
C ALA C 456 16.20 -21.74 -25.35
N LEU C 457 16.96 -21.49 -26.42
CA LEU C 457 17.53 -20.18 -26.66
C LEU C 457 16.44 -19.10 -26.71
N ALA C 458 15.30 -19.41 -27.32
CA ALA C 458 14.23 -18.43 -27.45
C ALA C 458 13.89 -17.73 -26.13
N GLU C 459 14.06 -18.42 -25.02
CA GLU C 459 13.77 -17.81 -23.72
C GLU C 459 14.53 -16.52 -23.47
N ASP C 460 15.72 -16.40 -24.04
CA ASP C 460 16.54 -15.18 -23.91
C ASP C 460 16.02 -14.00 -24.76
N PHE C 461 14.99 -14.24 -25.58
CA PHE C 461 14.51 -13.17 -26.46
C PHE C 461 13.05 -12.80 -26.24
N SER C 462 12.31 -13.68 -25.57
CA SER C 462 10.87 -13.57 -25.53
C SER C 462 10.38 -12.32 -24.79
N ASP C 463 11.21 -11.77 -23.89
CA ASP C 463 10.83 -10.57 -23.15
C ASP C 463 11.51 -9.29 -23.65
N LYS C 464 12.28 -9.39 -24.73
CA LYS C 464 13.02 -8.26 -25.28
C LYS C 464 12.15 -7.40 -26.18
N HIS C 465 12.46 -6.12 -26.28
CA HIS C 465 11.72 -5.26 -27.20
C HIS C 465 12.60 -4.79 -28.35
N HIS C 466 13.88 -5.15 -28.29
CA HIS C 466 14.84 -4.76 -29.29
C HIS C 466 15.74 -5.97 -29.58
N ALA C 467 16.39 -5.93 -30.74
CA ALA C 467 17.47 -6.86 -31.03
C ALA C 467 18.25 -6.31 -32.21
N LEU C 468 19.52 -6.70 -32.31
CA LEU C 468 20.35 -6.30 -33.42
C LEU C 468 20.89 -7.57 -34.01
N PHE C 469 20.79 -7.72 -35.33
CA PHE C 469 21.28 -8.91 -36.02
C PHE C 469 22.44 -8.46 -36.87
N LEU C 470 23.58 -9.15 -36.77
CA LEU C 470 24.76 -8.77 -37.54
C LEU C 470 25.25 -9.87 -38.45
N GLY C 471 25.72 -9.48 -39.63
CA GLY C 471 26.28 -10.44 -40.56
C GLY C 471 27.23 -9.73 -41.50
N ARG C 472 28.15 -10.50 -42.06
CA ARG C 472 29.10 -10.00 -43.04
C ARG C 472 28.98 -10.82 -44.32
N GLY C 473 29.18 -10.15 -45.46
CA GLY C 473 29.21 -10.82 -46.76
C GLY C 473 27.92 -11.55 -47.04
N ASP C 474 28.03 -12.79 -47.54
CA ASP C 474 26.83 -13.58 -47.85
C ASP C 474 25.96 -13.93 -46.63
N GLN C 475 26.42 -13.60 -45.43
CA GLN C 475 25.59 -13.81 -44.25
C GLN C 475 24.89 -12.53 -43.80
N TYR C 476 25.27 -11.40 -44.37
CA TYR C 476 24.59 -10.15 -44.05
C TYR C 476 23.10 -10.16 -44.40
N PRO C 477 22.76 -10.64 -45.60
CA PRO C 477 21.31 -10.76 -45.92
C PRO C 477 20.59 -11.85 -45.10
N ILE C 478 21.33 -12.80 -44.56
CA ILE C 478 20.73 -13.77 -43.65
C ILE C 478 20.36 -13.06 -42.34
N ALA C 479 21.22 -12.16 -41.90
CA ALA C 479 20.89 -11.27 -40.78
C ALA C 479 19.66 -10.41 -41.11
N LEU C 480 19.62 -9.86 -42.32
CA LEU C 480 18.44 -9.10 -42.74
C LEU C 480 17.16 -9.91 -42.57
N GLU C 481 17.21 -11.19 -42.96
CA GLU C 481 16.03 -12.05 -42.96
C GLU C 481 15.69 -12.49 -41.53
N GLY C 482 16.73 -12.75 -40.73
CA GLY C 482 16.52 -13.07 -39.33
C GLY C 482 15.79 -11.96 -38.60
N ALA C 483 16.30 -10.75 -38.74
CA ALA C 483 15.65 -9.58 -38.16
C ALA C 483 14.20 -9.41 -38.65
N LEU C 484 13.98 -9.52 -39.95
CA LEU C 484 12.62 -9.39 -40.49
C LEU C 484 11.64 -10.40 -39.89
N LYS C 485 12.08 -11.66 -39.76
CA LYS C 485 11.22 -12.68 -39.16
C LYS C 485 10.84 -12.31 -37.73
N LEU C 486 11.80 -11.87 -36.94
CA LEU C 486 11.51 -11.47 -35.56
C LEU C 486 10.53 -10.30 -35.51
N LYS C 487 10.65 -9.36 -36.44
CA LYS C 487 9.66 -8.30 -36.56
C LYS C 487 8.31 -8.90 -36.89
N GLU C 488 8.27 -9.72 -37.93
CA GLU C 488 6.99 -10.18 -38.50
C GLU C 488 6.08 -10.91 -37.52
N ILE C 489 6.61 -11.92 -36.85
CA ILE C 489 5.76 -12.80 -36.07
C ILE C 489 5.88 -12.68 -34.56
N SER C 490 6.88 -11.96 -34.07
CA SER C 490 6.98 -11.73 -32.63
C SER C 490 6.82 -10.25 -32.27
N TYR C 491 6.79 -9.39 -33.29
CA TYR C 491 6.59 -7.96 -33.07
C TYR C 491 7.70 -7.39 -32.21
N ILE C 492 8.89 -7.94 -32.29
CA ILE C 492 10.02 -7.35 -31.59
C ILE C 492 10.75 -6.40 -32.54
N HIS C 493 11.22 -5.27 -32.03
CA HIS C 493 11.89 -4.34 -32.92
C HIS C 493 13.31 -4.80 -33.19
N ALA C 494 13.44 -5.67 -34.20
CA ALA C 494 14.71 -6.28 -34.53
C ALA C 494 15.27 -5.60 -35.77
N GLU C 495 16.56 -5.29 -35.74
CA GLU C 495 17.20 -4.58 -36.83
C GLU C 495 18.52 -5.27 -37.20
N ALA C 496 18.71 -5.45 -38.49
CA ALA C 496 19.90 -6.05 -39.00
C ALA C 496 20.85 -4.92 -39.38
N TYR C 497 22.14 -5.18 -39.25
CA TYR C 497 23.16 -4.24 -39.61
C TYR C 497 24.35 -5.02 -40.18
N ALA C 498 25.11 -4.40 -41.08
CA ALA C 498 26.36 -4.98 -41.53
C ALA C 498 27.33 -5.03 -40.35
N ALA C 499 27.93 -6.19 -40.11
CA ALA C 499 28.78 -6.36 -38.92
C ALA C 499 29.84 -5.24 -38.78
N GLY C 500 30.49 -4.91 -39.89
CA GLY C 500 31.51 -3.88 -39.89
C GLY C 500 31.00 -2.48 -39.58
N GLU C 501 29.69 -2.31 -39.54
CA GLU C 501 29.14 -0.99 -39.25
C GLU C 501 28.68 -0.88 -37.80
N LEU C 502 28.80 -1.97 -37.01
CA LEU C 502 28.32 -1.88 -35.61
C LEU C 502 28.84 -0.65 -34.85
N LYS C 503 30.15 -0.38 -34.96
CA LYS C 503 30.80 0.74 -34.29
C LYS C 503 30.40 2.12 -34.80
N HIS C 504 29.71 2.20 -35.94
CA HIS C 504 29.39 3.49 -36.52
C HIS C 504 28.06 4.10 -36.11
N GLY C 505 27.34 3.42 -35.23
CA GLY C 505 26.11 3.98 -34.72
C GLY C 505 25.40 3.13 -33.70
N PRO C 506 24.96 1.93 -34.10
CA PRO C 506 24.13 1.11 -33.22
C PRO C 506 24.83 0.73 -31.91
N LEU C 507 26.15 0.80 -31.83
CA LEU C 507 26.82 0.32 -30.61
C LEU C 507 26.34 1.14 -29.40
N ALA C 508 25.97 2.39 -29.67
CA ALA C 508 25.48 3.29 -28.62
C ALA C 508 24.10 2.89 -28.05
N LEU C 509 23.37 2.03 -28.76
CA LEU C 509 22.06 1.55 -28.32
C LEU C 509 22.14 0.31 -27.44
N ILE C 510 23.26 -0.40 -27.49
CA ILE C 510 23.29 -1.73 -26.88
C ILE C 510 23.22 -1.70 -25.37
N ASP C 511 22.32 -2.53 -24.82
CA ASP C 511 22.22 -2.81 -23.39
C ASP C 511 21.49 -4.14 -23.19
N ALA C 512 21.09 -4.44 -21.96
CA ALA C 512 20.50 -5.76 -21.71
C ALA C 512 19.16 -5.95 -22.43
N ASP C 513 18.57 -4.86 -22.86
CA ASP C 513 17.28 -4.96 -23.53
C ASP C 513 17.42 -5.03 -25.03
N MET C 514 18.67 -5.09 -25.51
CA MET C 514 18.94 -5.23 -26.94
C MET C 514 20.05 -6.22 -27.20
N PRO C 515 19.75 -7.53 -27.11
CA PRO C 515 20.72 -8.56 -27.48
C PRO C 515 21.23 -8.40 -28.92
N VAL C 516 22.45 -8.86 -29.12
CA VAL C 516 23.08 -8.81 -30.42
C VAL C 516 23.31 -10.25 -30.88
N ILE C 517 22.92 -10.52 -32.13
CA ILE C 517 23.11 -11.81 -32.77
C ILE C 517 24.05 -11.68 -33.96
N VAL C 518 25.03 -12.56 -34.08
CA VAL C 518 25.86 -12.59 -35.27
C VAL C 518 25.77 -13.96 -35.94
N VAL C 519 25.69 -13.96 -37.26
CA VAL C 519 25.45 -15.18 -38.02
C VAL C 519 26.74 -15.65 -38.65
N ALA C 520 27.24 -16.79 -38.21
CA ALA C 520 28.39 -17.46 -38.83
C ALA C 520 29.65 -16.61 -39.11
N PRO C 521 30.12 -15.85 -38.11
CA PRO C 521 31.35 -15.12 -38.36
C PRO C 521 32.59 -16.04 -38.40
N ASN C 522 33.64 -15.64 -39.10
CA ASN C 522 34.94 -16.30 -38.93
C ASN C 522 35.64 -15.75 -37.69
N ASN C 523 36.79 -16.34 -37.34
CA ASN C 523 37.55 -15.91 -36.16
C ASN C 523 37.87 -14.41 -36.06
N GLU C 524 38.37 -13.82 -37.14
CA GLU C 524 38.79 -12.43 -37.14
C GLU C 524 37.64 -11.46 -36.85
N LEU C 525 36.53 -11.67 -37.56
CA LEU C 525 35.28 -10.94 -37.31
C LEU C 525 34.82 -11.12 -35.86
N LEU C 526 34.85 -12.36 -35.37
CA LEU C 526 34.37 -12.62 -34.02
C LEU C 526 35.21 -11.87 -33.00
N GLU C 527 36.53 -11.83 -33.21
CA GLU C 527 37.39 -11.06 -32.32
C GLU C 527 36.98 -9.59 -32.32
N LYS C 528 36.76 -9.01 -33.50
CA LYS C 528 36.31 -7.62 -33.50
C LYS C 528 34.99 -7.41 -32.72
N LEU C 529 34.02 -8.29 -32.96
CA LEU C 529 32.70 -8.12 -32.34
C LEU C 529 32.73 -8.33 -30.82
N LYS C 530 33.64 -9.22 -30.41
CA LYS C 530 33.89 -9.51 -29.01
C LYS C 530 34.40 -8.23 -28.36
N SER C 531 35.39 -7.64 -29.00
CA SER C 531 35.90 -6.37 -28.52
C SER C 531 34.78 -5.30 -28.39
N ASN C 532 33.95 -5.17 -29.44
CA ASN C 532 32.82 -4.23 -29.39
C ASN C 532 31.86 -4.48 -28.22
N ILE C 533 31.45 -5.73 -28.02
CA ILE C 533 30.51 -6.02 -26.94
C ILE C 533 31.17 -5.80 -25.56
N GLU C 534 32.50 -5.98 -25.51
CA GLU C 534 33.26 -5.66 -24.30
C GLU C 534 33.03 -4.19 -24.01
N GLU C 535 33.12 -3.35 -25.04
CA GLU C 535 32.87 -1.93 -24.81
C GLU C 535 31.51 -1.60 -24.15
N VAL C 536 30.54 -2.52 -24.22
CA VAL C 536 29.21 -2.24 -23.67
C VAL C 536 28.83 -3.22 -22.58
N ARG C 537 29.82 -3.97 -22.10
CA ARG C 537 29.66 -4.74 -20.86
C ARG C 537 28.88 -3.98 -19.74
N ALA C 538 29.33 -2.77 -19.40
CA ALA C 538 28.71 -1.99 -18.33
C ALA C 538 27.19 -1.89 -18.40
N ARG C 539 26.63 -1.97 -19.61
CA ARG C 539 25.17 -1.90 -19.79
C ARG C 539 24.53 -3.29 -19.97
N GLY C 540 25.32 -4.34 -19.78
CA GLY C 540 24.84 -5.70 -19.87
C GLY C 540 24.60 -6.21 -21.29
N GLY C 541 25.40 -5.73 -22.25
CA GLY C 541 25.33 -6.16 -23.63
C GLY C 541 25.72 -7.61 -23.79
N GLN C 542 24.91 -8.35 -24.52
CA GLN C 542 25.18 -9.77 -24.79
C GLN C 542 25.35 -10.00 -26.29
N LEU C 543 26.30 -10.87 -26.62
CA LEU C 543 26.54 -11.29 -27.99
C LEU C 543 26.11 -12.77 -28.11
N TYR C 544 25.22 -13.07 -29.06
CA TYR C 544 24.86 -14.46 -29.36
C TYR C 544 25.41 -14.82 -30.73
N VAL C 545 26.15 -15.94 -30.78
CA VAL C 545 26.92 -16.30 -31.97
C VAL C 545 26.54 -17.66 -32.52
N PHE C 546 25.92 -17.68 -33.69
CA PHE C 546 25.67 -18.92 -34.38
C PHE C 546 26.89 -19.27 -35.24
N ALA C 547 27.50 -20.42 -34.97
CA ALA C 547 28.78 -20.74 -35.61
C ALA C 547 29.07 -22.23 -35.71
N ASP C 548 29.97 -22.54 -36.65
CA ASP C 548 30.43 -23.89 -36.91
C ASP C 548 31.14 -24.41 -35.66
N GLN C 549 30.71 -25.56 -35.16
CA GLN C 549 31.35 -26.16 -34.00
C GLN C 549 32.84 -26.42 -34.26
N ASP C 550 33.20 -26.65 -35.52
CA ASP C 550 34.59 -26.91 -35.89
C ASP C 550 35.49 -25.73 -35.62
N ALA C 551 34.89 -24.56 -35.44
CA ALA C 551 35.66 -23.33 -35.25
C ALA C 551 36.23 -23.26 -33.86
N GLY C 552 35.64 -24.03 -32.93
CA GLY C 552 36.11 -24.11 -31.56
C GLY C 552 36.04 -22.84 -30.72
N PHE C 553 35.08 -21.96 -31.01
CA PHE C 553 34.90 -20.76 -30.20
C PHE C 553 34.46 -21.16 -28.80
N VAL C 554 34.78 -20.32 -27.83
CA VAL C 554 34.44 -20.62 -26.44
C VAL C 554 33.56 -19.53 -25.87
N SER C 555 32.45 -19.93 -25.24
CA SER C 555 31.55 -18.97 -24.64
C SER C 555 32.23 -18.22 -23.50
N SER C 556 31.96 -16.93 -23.41
CA SER C 556 32.33 -16.17 -22.24
C SER C 556 31.03 -15.78 -21.52
N ASP C 557 31.14 -14.89 -20.54
CA ASP C 557 29.99 -14.55 -19.72
C ASP C 557 28.99 -13.69 -20.47
N ASN C 558 29.46 -12.93 -21.46
CA ASN C 558 28.56 -12.09 -22.24
C ASN C 558 28.62 -12.40 -23.73
N MET C 559 29.17 -13.58 -24.04
CA MET C 559 29.22 -14.04 -25.40
C MET C 559 28.90 -15.52 -25.42
N HIS C 560 27.80 -15.86 -26.07
CA HIS C 560 27.29 -17.23 -26.03
C HIS C 560 27.38 -17.87 -27.40
N ILE C 561 28.26 -18.86 -27.54
CA ILE C 561 28.37 -19.59 -28.79
C ILE C 561 27.22 -20.57 -28.89
N ILE C 562 26.40 -20.46 -29.93
CA ILE C 562 25.45 -21.52 -30.24
C ILE C 562 26.06 -22.33 -31.39
N GLU C 563 26.70 -23.44 -31.05
CA GLU C 563 27.43 -24.23 -32.02
C GLU C 563 26.49 -24.92 -33.00
N MET C 564 26.96 -25.07 -34.23
CA MET C 564 26.16 -25.66 -35.28
C MET C 564 27.01 -26.67 -36.05
N PRO C 565 26.37 -27.69 -36.60
CA PRO C 565 27.08 -28.70 -37.40
C PRO C 565 27.79 -28.05 -38.57
N HIS C 566 28.83 -28.71 -39.07
CA HIS C 566 29.61 -28.17 -40.17
C HIS C 566 28.84 -28.25 -41.51
N VAL C 567 29.03 -27.27 -42.39
CA VAL C 567 28.43 -27.32 -43.74
C VAL C 567 29.38 -26.88 -44.82
N GLU C 568 29.10 -27.33 -46.04
CA GLU C 568 29.76 -26.81 -47.21
C GLU C 568 29.60 -25.28 -47.21
N GLU C 569 30.66 -24.54 -47.52
CA GLU C 569 30.60 -23.09 -47.51
C GLU C 569 29.50 -22.54 -48.44
N VAL C 570 29.43 -23.11 -49.63
CA VAL C 570 28.60 -22.57 -50.68
C VAL C 570 27.11 -22.51 -50.31
N ILE C 571 26.65 -23.41 -49.43
CA ILE C 571 25.25 -23.39 -49.00
C ILE C 571 25.05 -22.85 -47.59
N ALA C 572 26.12 -22.40 -46.96
CA ALA C 572 26.04 -21.92 -45.60
C ALA C 572 24.94 -20.86 -45.35
N PRO C 573 24.78 -19.89 -46.28
CA PRO C 573 23.71 -18.90 -46.06
C PRO C 573 22.31 -19.53 -45.96
N ILE C 574 22.03 -20.55 -46.76
CA ILE C 574 20.76 -21.24 -46.67
C ILE C 574 20.67 -21.97 -45.32
N PHE C 575 21.74 -22.68 -45.00
CA PHE C 575 21.88 -23.40 -43.75
C PHE C 575 21.59 -22.52 -42.53
N TYR C 576 22.23 -21.37 -42.46
CA TYR C 576 22.05 -20.50 -41.29
C TYR C 576 20.71 -19.77 -41.21
N THR C 577 19.92 -19.81 -42.28
CA THR C 577 18.61 -19.22 -42.25
C THR C 577 17.72 -19.96 -41.25
N VAL C 578 17.94 -21.26 -41.16
CA VAL C 578 17.02 -22.14 -40.44
C VAL C 578 16.97 -21.88 -38.92
N PRO C 579 18.13 -21.77 -38.25
CA PRO C 579 18.06 -21.41 -36.82
C PRO C 579 17.38 -20.07 -36.60
N LEU C 580 17.51 -19.13 -37.54
CA LEU C 580 16.85 -17.84 -37.37
C LEU C 580 15.33 -17.93 -37.55
N GLN C 581 14.87 -18.78 -38.46
CA GLN C 581 13.43 -18.99 -38.62
C GLN C 581 12.92 -19.65 -37.34
N LEU C 582 13.61 -20.69 -36.90
CA LEU C 582 13.22 -21.42 -35.69
C LEU C 582 13.22 -20.50 -34.46
N LEU C 583 14.24 -19.66 -34.36
CA LEU C 583 14.31 -18.70 -33.28
C LEU C 583 13.06 -17.80 -33.24
N ALA C 584 12.69 -17.20 -34.36
CA ALA C 584 11.52 -16.33 -34.38
C ALA C 584 10.28 -17.15 -34.04
N TYR C 585 10.19 -18.36 -34.59
CA TYR C 585 9.03 -19.19 -34.34
C TYR C 585 8.84 -19.48 -32.86
N HIS C 586 9.95 -19.74 -32.16
CA HIS C 586 9.82 -20.16 -30.76
C HIS C 586 9.62 -18.99 -29.82
N VAL C 587 10.18 -17.84 -30.18
CA VAL C 587 9.84 -16.61 -29.49
C VAL C 587 8.34 -16.31 -29.63
N ALA C 588 7.81 -16.41 -30.84
CA ALA C 588 6.39 -16.16 -31.07
C ALA C 588 5.57 -17.20 -30.33
N LEU C 589 6.07 -18.42 -30.28
CA LEU C 589 5.36 -19.49 -29.59
C LEU C 589 5.23 -19.14 -28.11
N ILE C 590 6.33 -18.71 -27.50
CA ILE C 590 6.35 -18.32 -26.10
C ILE C 590 5.40 -17.14 -25.83
N LYS C 591 5.40 -16.15 -26.72
CA LYS C 591 4.57 -14.96 -26.52
C LYS C 591 3.11 -15.19 -26.87
N GLY C 592 2.85 -16.20 -27.70
CA GLY C 592 1.51 -16.50 -28.16
C GLY C 592 1.00 -15.49 -29.18
N THR C 593 1.89 -15.01 -30.04
CA THR C 593 1.46 -14.11 -31.09
C THR C 593 0.92 -14.90 -32.28
N ASP C 594 0.18 -14.24 -33.15
CA ASP C 594 -0.46 -14.93 -34.27
C ASP C 594 0.56 -15.30 -35.36
N VAL C 595 1.22 -16.44 -35.20
CA VAL C 595 2.31 -16.84 -36.10
C VAL C 595 1.90 -16.86 -37.59
N ASP C 596 0.77 -17.51 -37.86
CA ASP C 596 0.36 -17.71 -39.24
C ASP C 596 -0.28 -16.46 -39.86
N GLN C 597 -0.84 -15.58 -39.04
CA GLN C 597 -1.35 -14.31 -39.54
C GLN C 597 -0.96 -13.14 -38.63
N PRO C 598 0.29 -12.67 -38.75
CA PRO C 598 0.78 -11.59 -37.88
C PRO C 598 0.00 -10.32 -38.14
N ARG C 599 -0.22 -9.53 -37.09
CA ARG C 599 -1.05 -8.33 -37.21
C ARG C 599 -0.53 -7.39 -38.29
N ASN C 600 -1.47 -6.88 -39.09
CA ASN C 600 -1.17 -5.88 -40.13
C ASN C 600 -0.41 -6.36 -41.38
N LEU C 601 0.04 -7.61 -41.42
CA LEU C 601 0.75 -8.08 -42.59
C LEU C 601 -0.18 -8.84 -43.56
N ALA C 602 0.27 -9.00 -44.81
CA ALA C 602 -0.51 -9.71 -45.83
C ALA C 602 0.40 -10.72 -46.52
N LYS C 603 -0.19 -11.78 -47.07
CA LYS C 603 0.60 -12.82 -47.75
C LYS C 603 1.25 -12.24 -48.98
N SER C 604 0.48 -11.41 -49.67
CA SER C 604 0.91 -10.82 -50.91
C SER C 604 0.31 -9.41 -51.04
N VAL C 605 1.15 -8.42 -51.27
CA VAL C 605 0.66 -7.06 -51.40
C VAL C 605 0.41 -6.75 -52.86
N THR C 606 -0.85 -6.87 -53.25
CA THR C 606 -1.21 -6.86 -54.67
C THR C 606 -1.92 -5.60 -55.14
N VAL C 607 -2.33 -4.74 -54.23
CA VAL C 607 -2.94 -3.49 -54.65
C VAL C 607 -2.00 -2.33 -54.36
N GLU C 608 -2.10 -1.29 -55.19
CA GLU C 608 -1.18 -0.15 -55.14
C GLU C 608 -1.29 0.68 -53.84
N ALA D 1 61.84 9.40 -56.18
CA ALA D 1 60.45 9.56 -55.76
C ALA D 1 60.40 9.89 -54.29
N GLY D 2 61.15 9.13 -53.50
CA GLY D 2 61.23 9.37 -52.07
C GLY D 2 62.65 9.49 -51.58
N ILE D 3 62.89 10.51 -50.76
CA ILE D 3 64.21 10.71 -50.18
C ILE D 3 64.13 10.74 -48.65
N VAL D 4 64.91 9.89 -47.99
CA VAL D 4 65.05 10.00 -46.54
C VAL D 4 66.52 10.10 -46.17
N GLY D 5 66.81 10.82 -45.10
CA GLY D 5 68.19 11.08 -44.71
C GLY D 5 68.27 11.29 -43.21
N ALA D 6 69.32 10.75 -42.60
CA ALA D 6 69.40 10.74 -41.15
C ALA D 6 70.82 10.94 -40.66
N ILE D 7 70.96 11.71 -39.59
CA ILE D 7 72.28 11.92 -38.98
C ILE D 7 72.13 11.94 -37.46
N ALA D 8 72.70 10.90 -36.83
CA ALA D 8 72.45 10.63 -35.42
C ALA D 8 73.59 9.90 -34.71
N GLN D 9 73.34 9.52 -33.47
CA GLN D 9 74.30 8.83 -32.63
C GLN D 9 73.95 7.36 -32.57
N ARG D 10 72.74 7.03 -33.01
CA ARG D 10 72.33 5.64 -33.11
C ARG D 10 72.37 5.19 -34.56
N ASP D 11 72.26 3.89 -34.78
CA ASP D 11 72.20 3.35 -36.13
C ASP D 11 70.93 3.83 -36.79
N VAL D 12 71.05 4.34 -38.01
CA VAL D 12 69.93 4.98 -38.66
C VAL D 12 69.32 4.20 -39.83
N ALA D 13 69.87 3.02 -40.12
CA ALA D 13 69.38 2.23 -41.26
C ALA D 13 67.90 1.87 -41.15
N GLU D 14 67.47 1.43 -39.97
CA GLU D 14 66.08 1.01 -39.77
C GLU D 14 65.10 2.18 -39.89
N ILE D 15 65.54 3.36 -39.46
CA ILE D 15 64.77 4.59 -39.61
C ILE D 15 64.66 4.96 -41.09
N LEU D 16 65.75 4.82 -41.83
CA LEU D 16 65.73 5.05 -43.27
C LEU D 16 64.74 4.10 -43.97
N LEU D 17 64.80 2.83 -43.58
CA LEU D 17 63.93 1.82 -44.16
C LEU D 17 62.46 2.13 -43.89
N GLU D 18 62.15 2.46 -42.64
CA GLU D 18 60.77 2.78 -42.28
C GLU D 18 60.28 4.04 -43.01
N GLY D 19 61.18 5.02 -43.17
CA GLY D 19 60.88 6.19 -43.97
C GLY D 19 60.44 5.81 -45.38
N LEU D 20 61.27 5.01 -46.04
CA LEU D 20 60.94 4.50 -47.37
C LEU D 20 59.58 3.78 -47.40
N ARG D 21 59.36 2.89 -46.44
CA ARG D 21 58.07 2.21 -46.36
C ARG D 21 56.99 3.25 -46.38
N ARG D 22 57.20 4.34 -45.65
CA ARG D 22 56.19 5.39 -45.58
C ARG D 22 56.06 6.28 -46.81
N LEU D 23 57.03 6.20 -47.72
CA LEU D 23 56.86 6.89 -48.99
C LEU D 23 56.43 5.95 -50.13
N GLU D 24 56.27 4.67 -49.83
CA GLU D 24 55.83 3.72 -50.87
C GLU D 24 54.63 4.17 -51.73
N TYR D 25 53.71 4.94 -51.15
CA TYR D 25 52.51 5.40 -51.86
C TYR D 25 52.84 6.30 -53.04
N ARG D 26 54.05 6.86 -53.05
CA ARG D 26 54.46 7.73 -54.14
C ARG D 26 54.69 6.98 -55.45
N GLY D 27 54.95 5.68 -55.37
CA GLY D 27 55.10 4.89 -56.58
C GLY D 27 56.53 4.90 -57.08
N TYR D 28 57.12 3.71 -57.14
CA TYR D 28 58.56 3.56 -57.37
C TYR D 28 58.87 2.21 -58.01
N ASP D 29 60.09 2.06 -58.53
CA ASP D 29 60.48 0.82 -59.22
C ASP D 29 61.71 0.16 -58.58
N SER D 30 62.43 0.92 -57.77
CA SER D 30 63.62 0.38 -57.12
C SER D 30 63.90 1.21 -55.89
N ALA D 31 64.74 0.68 -54.99
CA ALA D 31 65.08 1.42 -53.77
C ALA D 31 66.48 1.06 -53.29
N GLY D 32 67.03 1.92 -52.45
CA GLY D 32 68.32 1.60 -51.86
C GLY D 32 68.75 2.57 -50.80
N LEU D 33 69.81 2.23 -50.08
CA LEU D 33 70.35 3.13 -49.07
C LEU D 33 71.85 2.99 -48.89
N ALA D 34 72.43 3.96 -48.20
CA ALA D 34 73.86 3.96 -47.90
C ALA D 34 74.10 4.56 -46.50
N VAL D 35 74.89 3.85 -45.71
CA VAL D 35 75.17 4.22 -44.31
C VAL D 35 76.68 4.29 -44.01
N VAL D 36 77.08 5.23 -43.16
CA VAL D 36 78.47 5.39 -42.79
C VAL D 36 78.68 5.33 -41.26
N ASP D 37 79.57 4.46 -40.80
CA ASP D 37 79.92 4.41 -39.37
C ASP D 37 80.94 5.50 -38.98
N ALA D 38 81.22 5.60 -37.68
CA ALA D 38 82.01 6.71 -37.15
C ALA D 38 83.43 6.77 -37.72
N GLU D 39 83.94 5.64 -38.19
CA GLU D 39 85.26 5.60 -38.82
C GLU D 39 85.20 6.29 -40.18
N GLY D 40 84.43 5.71 -41.10
CA GLY D 40 84.32 6.23 -42.45
C GLY D 40 83.93 5.15 -43.45
N HIS D 41 83.62 3.95 -42.94
CA HIS D 41 83.18 2.85 -43.80
C HIS D 41 81.73 3.03 -44.28
N MET D 42 81.58 3.37 -45.55
CA MET D 42 80.27 3.48 -46.17
C MET D 42 79.81 2.10 -46.60
N THR D 43 78.50 1.88 -46.60
CA THR D 43 77.91 0.60 -46.97
C THR D 43 76.63 0.89 -47.74
N ARG D 44 76.65 0.59 -49.02
CA ARG D 44 75.48 0.78 -49.87
C ARG D 44 74.80 -0.55 -50.15
N LEU D 45 73.49 -0.51 -50.38
CA LEU D 45 72.71 -1.70 -50.62
C LEU D 45 71.49 -1.27 -51.41
N ARG D 46 71.41 -1.74 -52.65
CA ARG D 46 70.35 -1.34 -53.58
C ARG D 46 69.64 -2.57 -54.14
N ARG D 47 68.35 -2.41 -54.47
CA ARG D 47 67.56 -3.50 -55.02
C ARG D 47 66.50 -3.03 -56.02
N LEU D 48 66.28 -3.87 -57.02
CA LEU D 48 65.20 -3.72 -57.99
C LEU D 48 63.90 -4.24 -57.38
N GLY D 49 62.83 -3.49 -57.55
CA GLY D 49 61.56 -3.86 -56.96
C GLY D 49 61.32 -3.28 -55.58
N LYS D 50 60.55 -4.01 -54.78
CA LYS D 50 59.90 -3.51 -53.57
C LYS D 50 60.84 -3.17 -52.41
N VAL D 51 60.45 -2.16 -51.65
CA VAL D 51 61.18 -1.78 -50.43
C VAL D 51 61.37 -2.95 -49.48
N GLN D 52 60.38 -3.83 -49.40
CA GLN D 52 60.49 -5.01 -48.54
C GLN D 52 61.72 -5.85 -48.90
N MET D 53 62.00 -6.01 -50.18
CA MET D 53 63.13 -6.81 -50.62
C MET D 53 64.46 -6.18 -50.19
N LEU D 54 64.53 -4.86 -50.31
CA LEU D 54 65.69 -4.12 -49.80
C LEU D 54 65.84 -4.34 -48.29
N ALA D 55 64.71 -4.28 -47.59
CA ALA D 55 64.67 -4.50 -46.16
C ALA D 55 65.24 -5.86 -45.79
N GLN D 56 64.81 -6.91 -46.49
CA GLN D 56 65.29 -8.26 -46.22
C GLN D 56 66.79 -8.37 -46.48
N ALA D 57 67.21 -7.83 -47.62
CA ALA D 57 68.63 -7.76 -47.88
C ALA D 57 69.32 -7.24 -46.62
N ALA D 58 68.89 -6.06 -46.15
CA ALA D 58 69.51 -5.46 -44.98
C ALA D 58 69.49 -6.39 -43.75
N GLU D 59 68.37 -7.07 -43.53
CA GLU D 59 68.23 -7.96 -42.38
C GLU D 59 69.23 -9.11 -42.42
N GLU D 60 69.62 -9.52 -43.62
CA GLU D 60 70.66 -10.56 -43.74
C GLU D 60 72.08 -10.07 -43.40
N HIS D 61 72.46 -8.93 -43.99
CA HIS D 61 73.76 -8.33 -43.68
C HIS D 61 73.61 -6.86 -43.25
N PRO D 62 73.22 -6.65 -41.98
CA PRO D 62 72.90 -5.34 -41.39
C PRO D 62 73.88 -4.22 -41.73
N LEU D 63 73.39 -2.99 -41.69
CA LEU D 63 74.20 -1.82 -42.01
C LEU D 63 74.39 -0.94 -40.77
N HIS D 64 75.65 -0.77 -40.39
CA HIS D 64 75.98 -0.06 -39.17
C HIS D 64 76.43 1.37 -39.44
N GLY D 65 76.04 2.29 -38.56
CA GLY D 65 76.41 3.68 -38.71
C GLY D 65 75.31 4.67 -38.35
N GLY D 66 75.73 5.83 -37.85
CA GLY D 66 74.80 6.85 -37.41
C GLY D 66 74.40 7.85 -38.48
N THR D 67 74.91 7.67 -39.69
CA THR D 67 74.62 8.64 -40.76
C THR D 67 74.33 7.97 -42.10
N GLY D 68 73.31 8.45 -42.82
CA GLY D 68 72.96 7.81 -44.08
C GLY D 68 71.83 8.41 -44.89
N ILE D 69 71.73 7.96 -46.13
CA ILE D 69 70.69 8.44 -47.04
C ILE D 69 70.04 7.29 -47.79
N ALA D 70 68.78 7.46 -48.16
CA ALA D 70 67.95 6.40 -48.71
C ALA D 70 66.95 6.96 -49.72
N HIS D 71 66.47 6.08 -50.60
CA HIS D 71 65.78 6.53 -51.79
C HIS D 71 64.87 5.47 -52.38
N THR D 72 63.68 5.90 -52.79
CA THR D 72 62.85 5.13 -53.71
C THR D 72 62.83 5.86 -55.03
N ARG D 73 62.96 5.09 -56.11
CA ARG D 73 63.18 5.62 -57.44
C ARG D 73 62.01 5.38 -58.41
N TRP D 74 61.63 6.42 -59.14
CA TRP D 74 60.78 6.23 -60.31
C TRP D 74 61.50 6.73 -61.56
N ALA D 75 62.03 5.78 -62.34
CA ALA D 75 62.97 6.08 -63.43
C ALA D 75 62.48 7.09 -64.46
N THR D 76 63.36 8.04 -64.78
CA THR D 76 63.11 8.94 -65.90
C THR D 76 64.26 8.86 -66.89
N HIS D 77 65.46 8.68 -66.35
CA HIS D 77 66.67 8.57 -67.16
C HIS D 77 67.43 7.29 -66.80
N GLY D 78 67.22 6.25 -67.59
CA GLY D 78 67.80 4.94 -67.34
C GLY D 78 66.76 3.95 -66.86
N GLU D 79 66.73 2.75 -67.43
CA GLU D 79 65.74 1.73 -67.04
C GLU D 79 65.84 1.37 -65.55
N PRO D 80 64.81 0.71 -65.02
CA PRO D 80 64.82 0.21 -63.63
C PRO D 80 65.82 -0.93 -63.44
N SER D 81 66.67 -0.83 -62.41
CA SER D 81 67.64 -1.88 -62.09
C SER D 81 68.53 -1.45 -60.94
N GLU D 82 69.11 -2.42 -60.25
CA GLU D 82 70.06 -2.12 -59.17
C GLU D 82 71.21 -1.22 -59.65
N VAL D 83 71.58 -1.34 -60.93
CA VAL D 83 72.67 -0.52 -61.43
C VAL D 83 72.26 0.94 -61.42
N ASN D 84 71.00 1.20 -61.77
CA ASN D 84 70.51 2.57 -61.89
C ASN D 84 69.97 3.16 -60.59
N ALA D 85 69.73 2.30 -59.61
CA ALA D 85 69.16 2.72 -58.33
C ALA D 85 70.05 3.71 -57.58
N HIS D 86 69.41 4.63 -56.86
CA HIS D 86 70.13 5.46 -55.90
C HIS D 86 70.31 4.64 -54.64
N PRO D 87 71.25 5.06 -53.77
CA PRO D 87 72.05 6.26 -53.96
C PRO D 87 73.12 6.04 -55.01
N HIS D 88 73.65 7.12 -55.55
CA HIS D 88 74.73 7.04 -56.52
C HIS D 88 76.04 7.48 -55.88
N VAL D 89 77.06 6.65 -56.07
CA VAL D 89 78.37 6.92 -55.50
C VAL D 89 79.26 7.58 -56.53
N SER D 90 79.90 8.67 -56.13
CA SER D 90 81.01 9.23 -56.90
C SER D 90 82.26 8.96 -56.09
N GLU D 91 82.56 7.69 -55.89
CA GLU D 91 83.63 7.27 -55.01
C GLU D 91 83.23 7.50 -53.55
N HIS D 92 83.80 8.52 -52.93
CA HIS D 92 83.54 8.80 -51.53
C HIS D 92 82.30 9.67 -51.33
N ILE D 93 81.80 10.23 -52.43
CA ILE D 93 80.59 11.03 -52.38
C ILE D 93 79.35 10.18 -52.65
N VAL D 94 78.35 10.31 -51.78
CA VAL D 94 77.11 9.55 -51.95
C VAL D 94 75.93 10.51 -52.10
N VAL D 95 75.02 10.17 -53.02
CA VAL D 95 73.95 11.09 -53.44
C VAL D 95 72.56 10.45 -53.61
N VAL D 96 71.52 11.22 -53.30
CA VAL D 96 70.14 10.82 -53.61
C VAL D 96 69.38 11.98 -54.22
N HIS D 97 68.60 11.66 -55.26
CA HIS D 97 68.08 12.68 -56.14
C HIS D 97 66.61 12.47 -56.50
N ASN D 98 65.84 13.54 -56.37
CA ASN D 98 64.42 13.53 -56.69
C ASN D 98 64.13 14.46 -57.85
N GLY D 99 63.78 13.90 -59.00
CA GLY D 99 63.44 14.72 -60.16
C GLY D 99 64.35 14.57 -61.37
N ILE D 100 64.64 15.68 -62.04
CA ILE D 100 65.35 15.63 -63.31
C ILE D 100 66.42 16.72 -63.46
N ILE D 101 67.66 16.30 -63.73
CA ILE D 101 68.72 17.25 -64.08
C ILE D 101 68.67 17.53 -65.58
N GLU D 102 67.94 18.57 -65.95
CA GLU D 102 67.62 18.88 -67.35
C GLU D 102 68.87 18.89 -68.23
N ASN D 103 69.86 19.67 -67.83
CA ASN D 103 71.12 19.81 -68.57
C ASN D 103 72.14 18.73 -68.23
N HIS D 104 71.74 17.47 -68.36
CA HIS D 104 72.62 16.36 -67.99
C HIS D 104 73.52 15.91 -69.14
N GLU D 105 73.62 16.73 -70.18
CA GLU D 105 74.47 16.39 -71.33
C GLU D 105 75.83 17.10 -71.31
N PRO D 106 75.82 18.44 -71.41
CA PRO D 106 77.10 19.15 -71.33
C PRO D 106 77.80 18.82 -70.03
N LEU D 107 76.99 18.65 -68.98
CA LEU D 107 77.48 18.35 -67.65
C LEU D 107 78.01 16.93 -67.52
N ARG D 108 77.37 15.98 -68.19
CA ARG D 108 77.87 14.61 -68.18
C ARG D 108 79.20 14.52 -68.90
N GLU D 109 79.29 15.10 -70.09
CA GLU D 109 80.49 14.99 -70.91
C GLU D 109 81.64 15.82 -70.38
N GLU D 110 81.34 16.95 -69.76
CA GLU D 110 82.38 17.75 -69.13
C GLU D 110 83.20 16.89 -68.16
N LEU D 111 82.55 15.87 -67.60
CA LEU D 111 83.17 15.00 -66.61
C LEU D 111 83.69 13.73 -67.25
N LYS D 112 82.93 13.20 -68.20
CA LYS D 112 83.26 11.98 -68.90
C LYS D 112 84.62 12.20 -69.57
N ALA D 113 84.78 13.39 -70.13
CA ALA D 113 86.06 13.86 -70.64
C ALA D 113 86.77 14.61 -69.51
N ARG D 114 87.10 13.87 -68.46
CA ARG D 114 87.81 14.42 -67.32
C ARG D 114 88.19 13.30 -66.37
N GLY D 115 88.09 12.07 -66.86
CA GLY D 115 88.51 10.90 -66.11
C GLY D 115 87.49 10.44 -65.09
N TYR D 116 86.23 10.41 -65.50
CA TYR D 116 85.14 9.96 -64.64
C TYR D 116 84.40 8.82 -65.30
N THR D 117 84.35 7.67 -64.64
CA THR D 117 83.64 6.51 -65.18
C THR D 117 82.17 6.49 -64.74
N PHE D 118 81.28 6.70 -65.71
CA PHE D 118 79.85 6.69 -65.44
C PHE D 118 79.31 5.25 -65.41
N VAL D 119 79.09 4.73 -64.21
CA VAL D 119 78.66 3.35 -64.04
C VAL D 119 77.26 3.08 -64.61
N SER D 120 76.44 4.14 -64.69
CA SER D 120 75.07 3.99 -65.19
C SER D 120 74.63 5.22 -65.98
N GLU D 121 73.51 5.09 -66.69
CA GLU D 121 72.99 6.21 -67.46
C GLU D 121 71.81 6.92 -66.79
N THR D 122 72.06 7.48 -65.60
CA THR D 122 71.07 8.28 -64.90
C THR D 122 71.53 9.72 -64.83
N ASP D 123 70.60 10.66 -64.99
CA ASP D 123 70.95 12.07 -64.85
C ASP D 123 71.40 12.37 -63.43
N THR D 124 71.25 11.40 -62.53
CA THR D 124 71.64 11.58 -61.13
C THR D 124 73.16 11.44 -60.95
N GLU D 125 73.76 10.49 -61.66
CA GLU D 125 75.19 10.21 -61.55
C GLU D 125 76.06 11.47 -61.69
N VAL D 126 75.62 12.37 -62.56
CA VAL D 126 76.35 13.61 -62.80
C VAL D 126 76.43 14.48 -61.55
N ILE D 127 75.42 14.41 -60.71
CA ILE D 127 75.44 15.17 -59.48
C ILE D 127 76.60 14.66 -58.62
N ALA D 128 76.69 13.34 -58.51
CA ALA D 128 77.73 12.70 -57.70
C ALA D 128 79.13 13.04 -58.23
N HIS D 129 79.39 12.68 -59.49
CA HIS D 129 80.70 12.98 -60.05
C HIS D 129 81.06 14.48 -59.97
N LEU D 130 80.11 15.34 -60.30
CA LEU D 130 80.34 16.78 -60.21
C LEU D 130 80.70 17.24 -58.80
N VAL D 131 80.03 16.70 -57.78
CA VAL D 131 80.44 17.09 -56.43
C VAL D 131 81.79 16.49 -56.02
N ASN D 132 82.13 15.31 -56.52
CA ASN D 132 83.49 14.79 -56.30
C ASN D 132 84.53 15.79 -56.83
N TRP D 133 84.43 16.07 -58.14
CA TRP D 133 85.30 17.04 -58.80
C TRP D 133 85.37 18.38 -58.05
N GLU D 134 84.20 18.94 -57.74
CA GLU D 134 84.14 20.21 -57.02
C GLU D 134 84.75 20.12 -55.63
N LEU D 135 84.80 18.91 -55.08
CA LEU D 135 85.41 18.68 -53.77
C LEU D 135 86.92 18.67 -53.92
N LYS D 136 87.40 18.25 -55.08
CA LYS D 136 88.83 18.31 -55.35
C LYS D 136 89.44 19.72 -55.24
N GLN D 137 88.59 20.74 -55.39
CA GLN D 137 89.05 22.14 -55.31
C GLN D 137 89.26 22.61 -53.87
N GLY D 138 88.99 21.73 -52.91
CA GLY D 138 89.16 22.05 -51.50
C GLY D 138 87.96 22.73 -50.89
N GLY D 139 88.02 22.97 -49.58
CA GLY D 139 86.94 23.63 -48.88
C GLY D 139 86.08 22.66 -48.11
N THR D 140 84.94 23.14 -47.60
CA THR D 140 83.99 22.28 -46.90
C THR D 140 82.99 21.67 -47.87
N LEU D 141 82.32 20.59 -47.45
CA LEU D 141 81.26 19.97 -48.24
C LEU D 141 80.27 21.04 -48.68
N ARG D 142 79.97 21.95 -47.75
CA ARG D 142 79.06 23.05 -48.01
C ARG D 142 79.50 23.89 -49.20
N GLU D 143 80.67 24.52 -49.11
CA GLU D 143 81.18 25.33 -50.21
C GLU D 143 81.11 24.57 -51.53
N ALA D 144 81.64 23.36 -51.51
CA ALA D 144 81.62 22.47 -52.66
C ALA D 144 80.22 22.32 -53.27
N VAL D 145 79.19 22.22 -52.44
CA VAL D 145 77.81 22.15 -52.93
C VAL D 145 77.27 23.49 -53.42
N LEU D 146 77.66 24.56 -52.73
CA LEU D 146 77.24 25.92 -53.06
C LEU D 146 77.74 26.29 -54.45
N ARG D 147 78.86 25.69 -54.85
CA ARG D 147 79.43 25.97 -56.17
C ARG D 147 78.86 25.12 -57.31
N ALA D 148 78.39 23.91 -57.00
CA ALA D 148 77.91 22.99 -58.03
C ALA D 148 76.40 23.10 -58.33
N ILE D 149 75.64 23.64 -57.39
CA ILE D 149 74.20 23.79 -57.58
C ILE D 149 73.84 24.74 -58.74
N PRO D 150 74.48 25.92 -58.79
CA PRO D 150 74.13 26.91 -59.82
C PRO D 150 74.34 26.39 -61.25
N GLN D 151 75.14 25.34 -61.39
CA GLN D 151 75.41 24.75 -62.70
C GLN D 151 74.54 23.54 -62.99
N LEU D 152 73.41 23.46 -62.30
CA LEU D 152 72.45 22.38 -62.51
C LEU D 152 71.06 22.98 -62.40
N ARG D 153 70.24 22.82 -63.44
CA ARG D 153 68.85 23.21 -63.29
C ARG D 153 67.86 22.16 -63.75
N GLY D 154 66.58 22.52 -63.66
CA GLY D 154 65.50 21.58 -63.84
C GLY D 154 64.72 21.53 -62.54
N ALA D 155 63.75 20.62 -62.48
CA ALA D 155 62.97 20.40 -61.27
C ALA D 155 63.55 19.23 -60.48
N TYR D 156 64.26 19.54 -59.40
CA TYR D 156 64.91 18.51 -58.60
C TYR D 156 65.14 18.93 -57.16
N GLY D 157 65.36 17.94 -56.31
CA GLY D 157 65.83 18.16 -54.96
C GLY D 157 66.88 17.09 -54.72
N THR D 158 67.84 17.33 -53.82
CA THR D 158 68.87 16.30 -53.63
C THR D 158 69.58 16.38 -52.28
N VAL D 159 70.10 15.24 -51.83
CA VAL D 159 70.82 15.14 -50.56
C VAL D 159 72.15 14.40 -50.75
N ILE D 160 73.22 15.00 -50.24
CA ILE D 160 74.59 14.61 -50.56
C ILE D 160 75.44 14.50 -49.29
N MET D 161 76.17 13.40 -49.18
CA MET D 161 77.07 13.20 -48.04
C MET D 161 78.46 12.72 -48.47
N ASP D 162 79.43 12.97 -47.59
CA ASP D 162 80.83 12.59 -47.83
C ASP D 162 81.27 11.57 -46.77
N SER D 163 81.46 10.32 -47.19
CA SER D 163 81.74 9.24 -46.25
C SER D 163 83.01 9.44 -45.42
N ARG D 164 83.75 10.50 -45.71
CA ARG D 164 84.98 10.79 -44.99
C ARG D 164 84.76 11.88 -43.94
N HIS D 165 83.53 12.39 -43.93
CA HIS D 165 83.10 13.35 -42.91
C HIS D 165 81.63 13.09 -42.59
N PRO D 166 81.34 11.95 -41.94
CA PRO D 166 79.98 11.51 -41.68
C PRO D 166 79.25 12.41 -40.69
N ASP D 167 79.87 13.54 -40.35
CA ASP D 167 79.30 14.46 -39.37
C ASP D 167 78.36 15.48 -40.00
N THR D 168 78.24 15.45 -41.33
CA THR D 168 77.44 16.45 -42.04
C THR D 168 76.71 15.91 -43.26
N LEU D 169 75.52 16.46 -43.50
CA LEU D 169 74.68 16.16 -44.66
C LEU D 169 74.34 17.47 -45.35
N LEU D 170 74.36 17.48 -46.68
CA LEU D 170 74.00 18.68 -47.43
C LEU D 170 72.73 18.43 -48.25
N ALA D 171 71.83 19.41 -48.29
CA ALA D 171 70.58 19.20 -49.00
C ALA D 171 70.16 20.44 -49.79
N ALA D 172 69.51 20.25 -50.94
CA ALA D 172 69.13 21.38 -51.77
C ALA D 172 67.78 21.23 -52.46
N ARG D 173 66.96 22.28 -52.35
CA ARG D 173 65.63 22.29 -52.95
C ARG D 173 65.55 23.19 -54.19
N SER D 174 65.61 22.59 -55.37
CA SER D 174 65.55 23.33 -56.62
C SER D 174 64.57 22.71 -57.60
N GLY D 175 63.28 22.72 -57.25
CA GLY D 175 62.26 22.19 -58.12
C GLY D 175 61.44 21.07 -57.49
N SER D 176 61.94 20.52 -56.39
CA SER D 176 61.28 19.45 -55.67
C SER D 176 61.45 19.68 -54.16
N PRO D 177 60.49 19.22 -53.35
CA PRO D 177 60.56 19.57 -51.93
C PRO D 177 61.50 18.71 -51.07
N LEU D 178 62.00 19.35 -50.02
CA LEU D 178 62.69 18.66 -48.96
C LEU D 178 62.23 19.34 -47.68
N VAL D 179 62.28 18.59 -46.57
CA VAL D 179 61.91 19.12 -45.27
C VAL D 179 62.83 18.48 -44.23
N ILE D 180 63.01 19.17 -43.13
CA ILE D 180 63.93 18.73 -42.10
C ILE D 180 63.16 18.43 -40.83
N GLY D 181 63.47 17.29 -40.20
CA GLY D 181 62.89 16.95 -38.93
C GLY D 181 63.93 17.10 -37.83
N LEU D 182 63.55 17.77 -36.75
CA LEU D 182 64.45 18.05 -35.65
C LEU D 182 64.35 16.97 -34.58
N GLY D 183 65.46 16.29 -34.34
CA GLY D 183 65.47 15.24 -33.34
C GLY D 183 65.97 15.74 -32.02
N MET D 184 66.15 14.81 -31.08
CA MET D 184 66.82 15.08 -29.82
C MET D 184 68.25 14.63 -29.98
N GLY D 185 69.12 15.57 -30.34
CA GLY D 185 70.51 15.26 -30.58
C GLY D 185 70.72 14.57 -31.91
N GLU D 186 69.67 14.46 -32.70
CA GLU D 186 69.79 13.91 -34.04
C GLU D 186 68.96 14.75 -34.98
N ASN D 187 69.23 14.66 -36.27
CA ASN D 187 68.40 15.35 -37.24
C ASN D 187 68.11 14.51 -38.48
N PHE D 188 67.06 14.90 -39.20
CA PHE D 188 66.58 14.13 -40.33
C PHE D 188 66.19 15.03 -41.50
N ILE D 189 66.16 14.47 -42.70
CA ILE D 189 65.63 15.16 -43.85
C ILE D 189 64.79 14.19 -44.71
N ALA D 190 63.81 14.69 -45.44
CA ALA D 190 62.99 13.82 -46.26
C ALA D 190 62.29 14.62 -47.32
N SER D 191 61.89 13.99 -48.41
CA SER D 191 61.15 14.67 -49.46
C SER D 191 59.72 14.95 -49.01
N ASP D 192 59.33 14.34 -47.90
CA ASP D 192 57.95 14.28 -47.48
C ASP D 192 57.92 14.02 -45.98
N GLN D 193 57.28 14.90 -45.21
CA GLN D 193 57.36 14.79 -43.76
C GLN D 193 56.87 13.45 -43.24
N LEU D 194 56.03 12.78 -44.02
CA LEU D 194 55.49 11.50 -43.62
C LEU D 194 56.55 10.45 -43.29
N ALA D 195 57.71 10.55 -43.91
CA ALA D 195 58.76 9.57 -43.68
C ALA D 195 59.34 9.69 -42.26
N LEU D 196 59.09 10.83 -41.63
CA LEU D 196 59.77 11.13 -40.38
C LEU D 196 58.91 11.02 -39.13
N LEU D 197 57.62 10.77 -39.30
CA LEU D 197 56.68 10.75 -38.17
C LEU D 197 57.06 9.80 -37.01
N PRO D 198 57.68 8.66 -37.32
CA PRO D 198 58.15 7.77 -36.25
C PRO D 198 59.22 8.38 -35.34
N VAL D 199 59.99 9.36 -35.80
CA VAL D 199 61.10 9.87 -34.97
C VAL D 199 61.02 11.32 -34.51
N THR D 200 60.18 12.13 -35.16
CA THR D 200 60.07 13.54 -34.81
C THR D 200 58.74 14.07 -35.29
N ARG D 201 58.30 15.19 -34.74
CA ARG D 201 57.13 15.87 -35.27
C ARG D 201 57.41 17.36 -35.44
N ARG D 202 58.68 17.75 -35.33
CA ARG D 202 59.07 19.14 -35.53
C ARG D 202 59.71 19.34 -36.89
N PHE D 203 59.16 20.25 -37.69
CA PHE D 203 59.62 20.39 -39.05
C PHE D 203 60.04 21.78 -39.46
N ILE D 204 61.20 21.84 -40.09
CA ILE D 204 61.59 23.03 -40.83
C ILE D 204 61.53 22.74 -42.34
N PHE D 205 60.55 23.31 -43.01
CA PHE D 205 60.44 23.19 -44.46
C PHE D 205 61.46 24.03 -45.21
N LEU D 206 62.25 23.40 -46.07
CA LEU D 206 63.18 24.13 -46.91
C LEU D 206 62.42 25.00 -47.90
N GLU D 207 62.98 26.17 -48.21
CA GLU D 207 62.33 27.09 -49.12
C GLU D 207 62.98 27.03 -50.49
N GLU D 208 62.16 27.16 -51.52
CA GLU D 208 62.61 26.97 -52.91
C GLU D 208 63.94 27.67 -53.19
N GLY D 209 65.01 26.88 -53.28
CA GLY D 209 66.33 27.41 -53.57
C GLY D 209 67.34 27.08 -52.49
N ASP D 210 66.86 26.75 -51.30
CA ASP D 210 67.71 26.58 -50.12
C ASP D 210 68.74 25.46 -50.22
N ILE D 211 69.91 25.74 -49.65
CA ILE D 211 70.91 24.72 -49.36
C ILE D 211 70.95 24.55 -47.84
N ALA D 212 71.33 23.37 -47.37
CA ALA D 212 71.25 23.07 -45.94
C ALA D 212 72.37 22.17 -45.48
N GLU D 213 73.02 22.60 -44.39
CA GLU D 213 74.06 21.84 -43.74
C GLU D 213 73.49 21.31 -42.43
N ILE D 214 73.47 19.99 -42.32
CA ILE D 214 72.81 19.34 -41.20
C ILE D 214 73.77 18.44 -40.47
N THR D 215 73.88 18.63 -39.16
CA THR D 215 74.67 17.73 -38.34
C THR D 215 73.76 17.17 -37.26
N ARG D 216 74.27 16.26 -36.44
CA ARG D 216 73.49 15.72 -35.34
C ARG D 216 72.89 16.85 -34.52
N ARG D 217 73.65 17.94 -34.37
CA ARG D 217 73.27 19.02 -33.45
C ARG D 217 72.94 20.37 -34.08
N SER D 218 73.09 20.50 -35.40
CA SER D 218 72.94 21.80 -36.01
C SER D 218 72.16 21.78 -37.32
N VAL D 219 71.37 22.84 -37.52
CA VAL D 219 70.72 23.07 -38.81
C VAL D 219 71.07 24.47 -39.33
N ASN D 220 71.81 24.51 -40.44
CA ASN D 220 72.13 25.81 -41.07
C ASN D 220 71.66 25.92 -42.52
N ILE D 221 70.83 26.93 -42.81
CA ILE D 221 70.31 27.12 -44.16
C ILE D 221 70.92 28.32 -44.90
N PHE D 222 71.33 28.09 -46.14
CA PHE D 222 71.87 29.14 -47.01
C PHE D 222 70.98 29.35 -48.24
N ASP D 223 70.97 30.56 -48.80
CA ASP D 223 70.09 30.86 -49.93
C ASP D 223 70.75 30.60 -51.30
N LYS D 224 70.03 30.95 -52.37
CA LYS D 224 70.44 30.68 -53.77
C LYS D 224 71.96 30.57 -53.98
N THR D 225 72.70 31.51 -53.40
CA THR D 225 74.15 31.47 -53.46
C THR D 225 74.71 30.95 -52.13
N GLY D 226 74.96 31.88 -51.22
CA GLY D 226 75.46 31.57 -49.90
C GLY D 226 74.87 32.51 -48.87
N ALA D 227 75.55 32.68 -47.73
CA ALA D 227 75.08 33.54 -46.67
C ALA D 227 73.62 33.23 -46.34
N GLU D 228 73.41 32.42 -45.32
CA GLU D 228 72.10 31.85 -45.07
C GLU D 228 71.17 32.67 -44.19
N VAL D 229 69.92 32.77 -44.62
CA VAL D 229 68.84 33.22 -43.76
C VAL D 229 68.23 31.94 -43.21
N LYS D 230 67.44 32.03 -42.16
CA LYS D 230 66.82 30.85 -41.55
C LYS D 230 65.29 30.92 -41.53
N ARG D 231 64.64 29.79 -41.75
CA ARG D 231 63.18 29.68 -41.68
C ARG D 231 62.77 29.08 -40.34
N GLN D 232 61.48 28.99 -40.09
CA GLN D 232 60.97 28.49 -38.81
C GLN D 232 60.48 27.04 -38.87
N ASP D 233 60.07 26.53 -37.71
CA ASP D 233 59.58 25.15 -37.60
C ASP D 233 58.13 25.11 -37.10
N ILE D 234 57.46 23.99 -37.37
CA ILE D 234 56.04 23.84 -37.03
C ILE D 234 55.77 22.48 -36.36
N GLU D 235 54.49 22.16 -36.15
CA GLU D 235 54.10 20.88 -35.59
C GLU D 235 54.16 19.76 -36.64
N ALA D 242 41.20 21.48 -31.60
CA ALA D 242 39.78 21.70 -31.85
C ALA D 242 39.51 23.11 -32.38
N GLY D 243 38.93 23.95 -31.54
CA GLY D 243 38.62 25.32 -31.88
C GLY D 243 37.68 25.97 -30.89
N ASP D 244 36.90 26.93 -31.37
CA ASP D 244 36.02 27.71 -30.52
C ASP D 244 34.55 27.39 -30.83
N LYS D 245 33.72 27.26 -29.80
CA LYS D 245 32.29 26.99 -29.98
C LYS D 245 31.50 28.26 -30.36
N GLY D 246 32.16 29.41 -30.24
CA GLY D 246 31.48 30.67 -30.44
C GLY D 246 30.31 30.85 -29.50
N ILE D 247 29.21 31.34 -30.05
CA ILE D 247 27.99 31.54 -29.30
C ILE D 247 27.23 30.22 -29.01
N TYR D 248 27.71 29.10 -29.54
CA TYR D 248 26.92 27.86 -29.45
C TYR D 248 27.24 27.04 -28.22
N ARG D 249 26.26 26.28 -27.75
CA ARG D 249 26.45 25.38 -26.62
C ARG D 249 27.34 24.18 -26.94
N HIS D 250 27.21 23.64 -28.15
CA HIS D 250 27.91 22.40 -28.53
C HIS D 250 28.59 22.56 -29.86
N TYR D 251 29.75 21.92 -30.03
CA TYR D 251 30.36 21.91 -31.36
C TYR D 251 29.39 21.46 -32.45
N MET D 252 28.62 20.40 -32.19
CA MET D 252 27.67 19.90 -33.17
C MET D 252 26.60 20.93 -33.54
N GLN D 253 26.06 21.63 -32.55
CA GLN D 253 25.13 22.72 -32.82
C GLN D 253 25.78 23.82 -33.69
N LYS D 254 26.98 24.23 -33.31
CA LYS D 254 27.72 25.20 -34.11
C LYS D 254 27.82 24.71 -35.56
N GLU D 255 28.09 23.41 -35.72
CA GLU D 255 28.37 22.83 -37.03
C GLU D 255 27.10 22.69 -37.88
N ILE D 256 25.96 22.44 -37.24
CA ILE D 256 24.70 22.47 -37.94
C ILE D 256 24.45 23.90 -38.44
N TYR D 257 24.65 24.87 -37.56
CA TYR D 257 24.38 26.26 -37.92
C TYR D 257 25.37 26.88 -38.91
N GLU D 258 26.58 26.34 -39.00
CA GLU D 258 27.51 26.89 -39.98
C GLU D 258 27.37 26.27 -41.38
N GLN D 259 26.40 25.37 -41.55
CA GLN D 259 26.25 24.71 -42.83
C GLN D 259 26.12 25.69 -44.02
N PRO D 260 25.39 26.80 -43.85
CA PRO D 260 25.30 27.76 -44.96
C PRO D 260 26.68 28.24 -45.41
N ASN D 261 27.49 28.64 -44.44
CA ASN D 261 28.82 29.11 -44.78
C ASN D 261 29.77 28.00 -45.24
N ALA D 262 29.63 26.82 -44.65
CA ALA D 262 30.47 25.71 -45.07
C ALA D 262 30.22 25.42 -46.54
N ILE D 263 28.94 25.35 -46.91
CA ILE D 263 28.56 25.07 -48.30
C ILE D 263 29.02 26.20 -49.23
N LYS D 264 28.90 27.43 -48.75
CA LYS D 264 29.41 28.56 -49.51
C LYS D 264 30.90 28.37 -49.79
N ASN D 265 31.62 27.81 -48.83
CA ASN D 265 33.04 27.56 -49.06
C ASN D 265 33.28 26.36 -49.98
N THR D 266 32.38 25.38 -49.94
CA THR D 266 32.47 24.25 -50.84
C THR D 266 32.31 24.72 -52.30
N LEU D 267 31.46 25.74 -52.50
CA LEU D 267 31.23 26.27 -53.84
C LEU D 267 32.35 27.18 -54.39
N THR D 268 33.15 27.75 -53.51
CA THR D 268 34.21 28.68 -53.91
C THR D 268 35.15 28.13 -54.99
N GLY D 269 35.18 28.81 -56.14
CA GLY D 269 36.05 28.43 -57.25
C GLY D 269 35.44 27.44 -58.22
N ARG D 270 34.26 26.91 -57.89
CA ARG D 270 33.72 25.75 -58.61
C ARG D 270 32.50 26.04 -59.50
N ILE D 271 32.08 27.30 -59.54
CA ILE D 271 31.09 27.76 -60.49
C ILE D 271 31.72 28.92 -61.27
N SER D 272 31.99 28.73 -62.56
CA SER D 272 32.50 29.80 -63.43
C SER D 272 31.58 29.98 -64.63
N HIS D 273 31.25 31.23 -64.93
CA HIS D 273 30.39 31.57 -66.06
C HIS D 273 29.19 30.65 -66.22
N GLY D 274 28.48 30.39 -65.13
CA GLY D 274 27.28 29.56 -65.16
C GLY D 274 27.49 28.05 -65.27
N GLN D 275 28.70 27.58 -65.00
CA GLN D 275 29.04 26.17 -65.14
C GLN D 275 29.90 25.68 -64.00
N VAL D 276 29.80 24.40 -63.71
CA VAL D 276 30.64 23.74 -62.71
C VAL D 276 32.07 23.77 -63.25
N ASP D 277 32.99 24.14 -62.39
CA ASP D 277 34.39 24.26 -62.78
C ASP D 277 35.21 23.40 -61.82
N LEU D 278 35.66 22.24 -62.31
CA LEU D 278 36.47 21.37 -61.49
C LEU D 278 37.88 21.31 -62.09
N SER D 279 38.24 22.37 -62.79
CA SER D 279 39.59 22.48 -63.35
C SER D 279 40.69 22.34 -62.30
N GLU D 280 40.33 22.46 -61.02
CA GLU D 280 41.30 22.24 -59.95
C GLU D 280 41.84 20.82 -60.01
N LEU D 281 41.11 19.92 -60.68
CA LEU D 281 41.52 18.54 -60.78
C LEU D 281 42.70 18.34 -61.73
N GLY D 282 43.00 19.36 -62.54
CA GLY D 282 44.13 19.29 -63.44
C GLY D 282 43.78 19.25 -64.91
N PRO D 283 44.72 19.69 -65.75
CA PRO D 283 44.52 19.79 -67.21
C PRO D 283 44.13 18.44 -67.81
N ASN D 284 44.59 17.35 -67.21
CA ASN D 284 44.34 16.02 -67.73
C ASN D 284 42.97 15.42 -67.34
N ALA D 285 42.27 16.09 -66.45
CA ALA D 285 41.13 15.47 -65.75
C ALA D 285 39.93 15.15 -66.65
N ASP D 286 39.46 16.14 -67.40
CA ASP D 286 38.31 15.95 -68.27
C ASP D 286 38.48 14.72 -69.15
N GLU D 287 39.74 14.36 -69.40
CA GLU D 287 40.03 13.21 -70.24
C GLU D 287 39.85 11.89 -69.50
N LEU D 288 40.50 11.73 -68.34
CA LEU D 288 40.25 10.52 -67.53
C LEU D 288 38.76 10.36 -67.25
N LEU D 289 38.11 11.44 -66.80
CA LEU D 289 36.68 11.40 -66.50
C LEU D 289 35.86 11.07 -67.73
N SER D 290 36.30 11.50 -68.91
CA SER D 290 35.51 11.19 -70.11
C SER D 290 35.39 9.69 -70.39
N LYS D 291 36.36 8.91 -69.92
CA LYS D 291 36.38 7.46 -70.16
C LYS D 291 35.45 6.65 -69.25
N VAL D 292 35.07 7.22 -68.10
CA VAL D 292 34.29 6.53 -67.08
C VAL D 292 32.89 6.10 -67.54
N GLU D 293 32.57 4.82 -67.37
CA GLU D 293 31.26 4.29 -67.76
C GLU D 293 30.41 3.86 -66.56
N HIS D 294 31.03 3.87 -65.40
CA HIS D 294 30.43 3.35 -64.19
C HIS D 294 31.14 3.94 -63.01
N ILE D 295 30.38 4.15 -61.95
CA ILE D 295 30.88 4.74 -60.73
C ILE D 295 30.65 3.78 -59.56
N GLN D 296 31.73 3.50 -58.82
CA GLN D 296 31.71 2.76 -57.55
C GLN D 296 32.03 3.68 -56.36
N ILE D 297 31.12 3.75 -55.39
CA ILE D 297 31.35 4.53 -54.17
C ILE D 297 31.55 3.61 -52.97
N LEU D 298 32.61 3.85 -52.19
CA LEU D 298 32.83 3.15 -50.91
C LEU D 298 32.86 4.14 -49.76
N ALA D 299 32.25 3.76 -48.64
CA ALA D 299 32.24 4.61 -47.44
C ALA D 299 31.61 3.91 -46.23
N CYS D 300 31.73 4.56 -45.06
CA CYS D 300 31.12 4.07 -43.83
C CYS D 300 30.24 5.14 -43.21
N GLY D 301 29.30 4.72 -42.38
CA GLY D 301 28.41 5.63 -41.66
C GLY D 301 27.69 6.68 -42.50
N THR D 302 27.82 7.91 -42.02
CA THR D 302 27.14 9.04 -42.64
C THR D 302 27.65 9.30 -44.07
N SER D 303 28.95 9.06 -44.29
CA SER D 303 29.54 9.17 -45.63
C SER D 303 28.94 8.18 -46.64
N TYR D 304 28.53 7.02 -46.10
CA TYR D 304 27.79 6.04 -46.86
C TYR D 304 26.40 6.60 -47.16
N ASN D 305 25.79 7.24 -46.17
CA ASN D 305 24.48 7.82 -46.48
C ASN D 305 24.53 8.85 -47.63
N SER D 306 25.61 9.63 -47.66
CA SER D 306 25.71 10.64 -48.73
C SER D 306 25.98 9.99 -50.08
N GLY D 307 26.84 8.97 -50.09
CA GLY D 307 27.00 8.22 -51.33
C GLY D 307 25.63 7.71 -51.82
N MET D 308 24.86 7.20 -50.88
CA MET D 308 23.55 6.65 -51.19
C MET D 308 22.69 7.70 -51.86
N VAL D 309 22.72 8.93 -51.36
CA VAL D 309 21.92 9.94 -52.05
C VAL D 309 22.44 10.09 -53.47
N SER D 310 23.75 10.26 -53.60
CA SER D 310 24.30 10.56 -54.92
C SER D 310 23.99 9.48 -55.98
N ARG D 311 23.78 8.22 -55.57
CA ARG D 311 23.44 7.20 -56.58
C ARG D 311 22.23 7.64 -57.46
N TYR D 312 21.20 8.15 -56.80
CA TYR D 312 20.01 8.64 -57.47
C TYR D 312 20.30 9.77 -58.44
N TRP D 313 21.07 10.76 -57.99
CA TRP D 313 21.49 11.86 -58.86
C TRP D 313 22.25 11.39 -60.10
N PHE D 314 23.32 10.63 -59.87
CA PHE D 314 24.12 10.08 -60.95
C PHE D 314 23.31 9.29 -61.97
N GLU D 315 22.37 8.45 -61.52
CA GLU D 315 21.62 7.69 -62.53
C GLU D 315 20.51 8.50 -63.22
N SER D 316 19.87 9.43 -62.50
CA SER D 316 18.77 10.15 -63.12
C SER D 316 19.20 11.42 -63.88
N LEU D 317 20.16 12.15 -63.33
CA LEU D 317 20.62 13.41 -63.93
C LEU D 317 21.74 13.21 -64.95
N ALA D 318 22.74 12.40 -64.62
CA ALA D 318 23.85 12.15 -65.57
C ALA D 318 23.68 10.89 -66.42
N GLY D 319 22.72 10.04 -66.09
CA GLY D 319 22.54 8.79 -66.82
C GLY D 319 23.75 7.86 -66.76
N ILE D 320 24.55 7.97 -65.70
CA ILE D 320 25.68 7.07 -65.56
C ILE D 320 25.47 6.05 -64.43
N PRO D 321 25.73 4.77 -64.71
CA PRO D 321 25.56 3.72 -63.69
C PRO D 321 26.40 3.98 -62.45
N CYS D 322 25.79 3.77 -61.29
CA CYS D 322 26.45 4.02 -60.02
C CYS D 322 26.07 2.98 -58.96
N ASP D 323 27.07 2.40 -58.29
CA ASP D 323 26.87 1.55 -57.13
C ASP D 323 27.51 2.12 -55.86
N VAL D 324 26.84 1.91 -54.73
CA VAL D 324 27.34 2.37 -53.44
C VAL D 324 27.39 1.22 -52.43
N GLU D 325 28.52 1.10 -51.72
CA GLU D 325 28.70 -0.02 -50.82
C GLU D 325 29.35 0.36 -49.50
N ILE D 326 28.87 -0.24 -48.40
CA ILE D 326 29.60 -0.24 -47.14
C ILE D 326 31.04 -0.72 -47.41
N ALA D 327 32.03 0.05 -46.99
CA ALA D 327 33.43 -0.29 -47.26
C ALA D 327 33.86 -1.66 -46.73
N SER D 328 33.37 -2.03 -45.56
N SER D 328 33.37 -2.06 -45.56
CA SER D 328 33.64 -3.36 -44.98
CA SER D 328 33.68 -3.38 -45.02
C SER D 328 33.11 -4.50 -45.87
C SER D 328 33.13 -4.51 -45.89
N GLU D 329 31.95 -4.31 -46.46
CA GLU D 329 31.38 -5.36 -47.29
C GLU D 329 32.22 -5.47 -48.54
N PHE D 330 32.77 -4.35 -48.98
CA PHE D 330 33.54 -4.39 -50.19
C PHE D 330 34.91 -5.04 -49.98
N ARG D 331 35.58 -4.71 -48.88
CA ARG D 331 36.96 -5.23 -48.70
C ARG D 331 37.02 -6.75 -48.44
N TYR D 332 35.96 -7.33 -47.91
CA TYR D 332 36.00 -8.75 -47.54
C TYR D 332 35.34 -9.66 -48.54
N ARG D 333 35.00 -9.15 -49.72
CA ARG D 333 34.38 -10.01 -50.73
C ARG D 333 35.10 -9.93 -52.08
N LYS D 334 35.01 -11.01 -52.84
CA LYS D 334 35.49 -11.02 -54.21
C LYS D 334 34.40 -10.44 -55.12
N SER D 335 34.69 -9.28 -55.70
CA SER D 335 33.70 -8.58 -56.47
C SER D 335 33.98 -8.63 -57.98
N ALA D 336 32.98 -8.24 -58.77
CA ALA D 336 33.08 -8.20 -60.22
C ALA D 336 33.15 -6.74 -60.64
N VAL D 337 34.29 -6.32 -61.15
CA VAL D 337 34.48 -4.92 -61.51
C VAL D 337 33.78 -4.61 -62.83
N ARG D 338 33.11 -3.48 -62.90
CA ARG D 338 32.46 -3.07 -64.14
C ARG D 338 33.50 -2.44 -65.07
N ARG D 339 33.21 -2.42 -66.36
CA ARG D 339 34.09 -1.84 -67.37
C ARG D 339 34.24 -0.34 -67.15
N ASN D 340 35.47 0.16 -67.18
CA ASN D 340 35.70 1.60 -67.07
C ASN D 340 35.04 2.23 -65.84
N SER D 341 35.37 1.64 -64.71
CA SER D 341 34.79 1.99 -63.43
C SER D 341 35.66 3.00 -62.70
N LEU D 342 35.04 4.06 -62.19
CA LEU D 342 35.74 5.05 -61.37
C LEU D 342 35.45 4.77 -59.91
N MET D 343 36.52 4.53 -59.14
CA MET D 343 36.38 4.32 -57.71
C MET D 343 36.33 5.65 -56.96
N ILE D 344 35.25 5.92 -56.21
CA ILE D 344 35.13 7.13 -55.40
C ILE D 344 35.01 6.74 -53.92
N THR D 345 35.79 7.39 -53.07
CA THR D 345 35.60 7.24 -51.65
C THR D 345 35.09 8.54 -51.05
N LEU D 346 34.24 8.43 -50.04
CA LEU D 346 33.70 9.58 -49.32
C LEU D 346 34.14 9.41 -47.89
N SER D 347 34.74 10.45 -47.31
CA SER D 347 35.17 10.34 -45.92
C SER D 347 35.49 11.68 -45.31
N GLN D 348 34.87 11.98 -44.18
CA GLN D 348 35.16 13.23 -43.48
C GLN D 348 36.65 13.30 -43.12
N SER D 349 37.16 12.28 -42.45
CA SER D 349 38.50 12.29 -41.90
C SER D 349 39.57 11.84 -42.88
N GLY D 350 39.17 11.09 -43.91
CA GLY D 350 40.12 10.52 -44.85
C GLY D 350 41.03 9.46 -44.24
N GLU D 351 40.66 8.93 -43.07
CA GLU D 351 41.50 8.00 -42.33
C GLU D 351 40.77 6.69 -41.94
N THR D 352 39.46 6.63 -42.19
CA THR D 352 38.67 5.46 -41.80
C THR D 352 39.27 4.16 -42.37
N ALA D 353 39.56 3.21 -41.49
CA ALA D 353 40.33 2.03 -41.89
C ALA D 353 39.66 1.20 -42.99
N ASP D 354 38.37 0.91 -42.85
CA ASP D 354 37.66 0.18 -43.90
C ASP D 354 37.69 0.88 -45.26
N THR D 355 37.45 2.19 -45.26
CA THR D 355 37.37 2.94 -46.49
C THR D 355 38.73 2.91 -47.19
N LEU D 356 39.79 3.16 -46.41
CA LEU D 356 41.17 3.10 -46.89
C LEU D 356 41.54 1.70 -47.45
N ALA D 357 41.18 0.67 -46.70
CA ALA D 357 41.43 -0.70 -47.13
C ALA D 357 40.75 -0.93 -48.47
N GLY D 358 39.56 -0.37 -48.61
CA GLY D 358 38.84 -0.49 -49.86
C GLY D 358 39.52 0.19 -51.03
N LEU D 359 39.96 1.43 -50.85
CA LEU D 359 40.74 2.09 -51.91
C LEU D 359 41.99 1.26 -52.31
N ARG D 360 42.71 0.82 -51.28
CA ARG D 360 43.92 0.03 -51.49
C ARG D 360 43.68 -1.25 -52.28
N LEU D 361 42.68 -2.03 -51.88
CA LEU D 361 42.27 -3.20 -52.65
C LEU D 361 41.92 -2.79 -54.08
N SER D 362 41.18 -1.68 -54.22
CA SER D 362 40.75 -1.29 -55.56
C SER D 362 41.94 -1.06 -56.48
N LYS D 363 43.09 -0.70 -55.91
CA LYS D 363 44.26 -0.53 -56.79
C LYS D 363 44.66 -1.77 -57.61
N GLU D 364 44.31 -2.96 -57.13
CA GLU D 364 44.68 -4.17 -57.84
C GLU D 364 43.50 -4.83 -58.56
N LEU D 365 42.37 -4.14 -58.68
CA LEU D 365 41.19 -4.78 -59.26
C LEU D 365 40.79 -4.30 -60.66
N GLY D 366 41.54 -3.37 -61.21
CA GLY D 366 41.27 -2.90 -62.55
C GLY D 366 40.26 -1.78 -62.69
N TYR D 367 40.28 -0.82 -61.77
CA TYR D 367 39.44 0.37 -61.88
C TYR D 367 40.16 1.36 -62.78
N LEU D 368 39.43 2.32 -63.34
CA LEU D 368 40.05 3.33 -64.17
C LEU D 368 41.03 4.17 -63.36
N GLY D 369 40.60 4.52 -62.15
CA GLY D 369 41.28 5.47 -61.31
C GLY D 369 40.45 5.67 -60.06
N SER D 370 40.91 6.55 -59.19
CA SER D 370 40.22 6.78 -57.94
C SER D 370 40.10 8.26 -57.69
N LEU D 371 39.00 8.64 -57.05
CA LEU D 371 38.73 10.02 -56.65
C LEU D 371 38.29 10.00 -55.18
N ALA D 372 38.88 10.88 -54.39
CA ALA D 372 38.53 10.98 -52.99
C ALA D 372 37.79 12.29 -52.71
N ILE D 373 36.64 12.19 -52.05
CA ILE D 373 35.94 13.37 -51.56
C ILE D 373 36.13 13.38 -50.06
N CYS D 374 36.74 14.44 -49.56
CA CYS D 374 37.22 14.37 -48.19
C CYS D 374 37.30 15.76 -47.58
N ASN D 375 37.28 15.81 -46.25
CA ASN D 375 37.33 17.08 -45.54
C ASN D 375 38.68 17.44 -44.90
N VAL D 376 39.59 16.47 -44.85
CA VAL D 376 40.87 16.70 -44.20
C VAL D 376 42.01 16.55 -45.20
N PRO D 377 42.63 17.67 -45.61
CA PRO D 377 43.67 17.60 -46.64
C PRO D 377 44.89 16.88 -46.10
N GLY D 378 45.60 16.18 -46.94
CA GLY D 378 46.77 15.48 -46.47
C GLY D 378 46.49 14.16 -45.79
N SER D 379 45.23 13.77 -45.72
CA SER D 379 44.86 12.47 -45.14
C SER D 379 45.26 11.28 -46.04
N SER D 380 45.22 10.07 -45.49
CA SER D 380 45.57 8.89 -46.28
C SER D 380 44.73 8.75 -47.58
N LEU D 381 43.41 8.86 -47.46
CA LEU D 381 42.54 8.66 -48.62
C LEU D 381 42.83 9.68 -49.70
N VAL D 382 43.20 10.89 -49.30
CA VAL D 382 43.58 11.92 -50.27
C VAL D 382 44.94 11.63 -50.93
N ARG D 383 45.99 11.39 -50.13
CA ARG D 383 47.32 11.05 -50.67
C ARG D 383 47.26 9.93 -51.69
N GLU D 384 46.51 8.89 -51.35
CA GLU D 384 46.57 7.65 -52.11
C GLU D 384 45.60 7.55 -53.28
N SER D 385 44.83 8.61 -53.53
CA SER D 385 43.89 8.62 -54.66
C SER D 385 44.46 9.43 -55.81
N ASP D 386 44.05 9.11 -57.05
CA ASP D 386 44.54 9.81 -58.23
C ASP D 386 44.04 11.25 -58.22
N LEU D 387 42.79 11.44 -57.78
CA LEU D 387 42.19 12.76 -57.77
C LEU D 387 41.53 13.01 -56.41
N ALA D 388 41.33 14.28 -56.06
CA ALA D 388 40.74 14.62 -54.78
C ALA D 388 39.96 15.91 -54.84
N LEU D 389 38.82 15.92 -54.17
CA LEU D 389 38.02 17.12 -53.99
C LEU D 389 37.71 17.31 -52.51
N MET D 390 38.23 18.41 -51.97
CA MET D 390 38.02 18.77 -50.56
C MET D 390 36.65 19.42 -50.38
N THR D 391 35.99 19.09 -49.30
CA THR D 391 34.69 19.67 -49.00
C THR D 391 34.80 21.08 -48.39
N ASN D 392 35.96 21.44 -47.84
CA ASN D 392 36.18 22.80 -47.32
C ASN D 392 35.16 23.24 -46.26
N ALA D 393 34.73 22.30 -45.42
CA ALA D 393 33.69 22.58 -44.44
C ALA D 393 34.27 23.17 -43.15
N GLY D 394 35.59 23.18 -43.04
CA GLY D 394 36.27 23.56 -41.81
C GLY D 394 36.31 22.33 -40.93
N THR D 395 37.15 22.35 -39.89
CA THR D 395 37.21 21.21 -38.99
C THR D 395 35.86 20.93 -38.33
N GLU D 396 35.56 19.64 -38.18
CA GLU D 396 34.31 19.20 -37.58
C GLU D 396 34.67 18.43 -36.31
N ILE D 397 34.20 18.92 -35.17
CA ILE D 397 34.62 18.42 -33.89
C ILE D 397 33.60 17.47 -33.29
N GLY D 398 32.31 17.76 -33.51
CA GLY D 398 31.24 16.87 -33.06
C GLY D 398 31.43 15.48 -33.63
N VAL D 399 31.21 14.47 -32.81
CA VAL D 399 31.44 13.09 -33.24
C VAL D 399 30.43 12.64 -34.31
N ALA D 400 29.21 13.13 -34.20
CA ALA D 400 28.24 12.85 -35.24
C ALA D 400 28.42 13.93 -36.31
N SER D 401 28.53 13.52 -37.56
CA SER D 401 28.87 14.42 -38.65
C SER D 401 27.63 15.19 -39.16
N THR D 402 27.83 16.47 -39.43
CA THR D 402 26.75 17.31 -39.93
C THR D 402 27.16 18.08 -41.18
N LYS D 403 27.84 19.21 -41.00
CA LYS D 403 28.34 19.96 -42.15
C LYS D 403 29.16 19.11 -43.14
N ALA D 404 29.84 18.09 -42.64
CA ALA D 404 30.64 17.22 -43.52
C ALA D 404 29.74 16.43 -44.50
N PHE D 405 28.55 16.06 -44.02
CA PHE D 405 27.53 15.36 -44.80
C PHE D 405 26.98 16.25 -45.90
N THR D 406 26.47 17.42 -45.53
CA THR D 406 25.87 18.32 -46.51
C THR D 406 26.89 18.87 -47.51
N THR D 407 28.12 19.17 -47.05
CA THR D 407 29.18 19.55 -48.00
C THR D 407 29.61 18.39 -48.92
N GLN D 408 29.64 17.16 -48.39
CA GLN D 408 29.82 15.98 -49.24
C GLN D 408 28.75 15.94 -50.35
N LEU D 409 27.50 16.17 -49.96
CA LEU D 409 26.41 16.13 -50.94
C LEU D 409 26.63 17.22 -51.97
N THR D 410 27.10 18.38 -51.51
CA THR D 410 27.34 19.47 -52.42
C THR D 410 28.37 19.06 -53.49
N VAL D 411 29.48 18.48 -53.05
CA VAL D 411 30.47 18.03 -54.02
C VAL D 411 29.91 16.95 -54.96
N LEU D 412 29.21 15.98 -54.38
CA LEU D 412 28.65 14.90 -55.20
C LEU D 412 27.76 15.47 -56.31
N LEU D 413 26.91 16.44 -55.98
CA LEU D 413 26.07 17.09 -56.99
C LEU D 413 26.91 17.86 -58.02
N MET D 414 28.00 18.49 -57.58
CA MET D 414 28.87 19.13 -58.57
C MET D 414 29.39 18.12 -59.60
N LEU D 415 29.61 16.88 -59.17
CA LEU D 415 30.19 15.89 -60.07
C LEU D 415 29.25 15.49 -61.20
N VAL D 416 27.95 15.59 -60.98
CA VAL D 416 26.99 15.14 -61.96
C VAL D 416 27.19 15.83 -63.28
N ALA D 417 27.18 17.15 -63.31
CA ALA D 417 27.47 17.84 -64.58
C ALA D 417 28.76 17.27 -65.25
N LYS D 418 29.82 17.15 -64.48
CA LYS D 418 31.11 16.71 -65.01
C LYS D 418 31.19 15.23 -65.50
N LEU D 419 30.25 14.38 -65.07
CA LEU D 419 30.29 12.98 -65.50
C LEU D 419 29.11 12.60 -66.40
N SER D 420 28.53 13.60 -67.06
CA SER D 420 27.25 13.40 -67.75
C SER D 420 27.30 12.47 -68.99
N ARG D 421 26.29 11.61 -69.11
CA ARG D 421 26.18 10.70 -70.26
C ARG D 421 24.85 10.79 -71.03
N LEU D 422 24.08 11.84 -70.77
CA LEU D 422 22.90 12.15 -71.59
C LEU D 422 23.35 13.21 -72.60
N LYS D 423 22.71 13.30 -73.76
CA LYS D 423 23.20 14.19 -74.80
C LYS D 423 22.19 15.26 -75.21
N GLY D 424 22.47 16.52 -74.89
CA GLY D 424 21.57 17.60 -75.24
C GLY D 424 20.49 17.77 -74.19
N LEU D 425 20.05 16.65 -73.61
CA LEU D 425 19.25 16.68 -72.41
C LEU D 425 20.10 17.31 -71.32
N ASP D 426 21.41 17.22 -71.52
CA ASP D 426 22.36 17.97 -70.71
C ASP D 426 22.08 19.46 -70.91
N ALA D 427 23.02 20.31 -70.49
CA ALA D 427 22.84 21.76 -70.63
C ALA D 427 21.77 22.23 -69.65
N SER D 428 20.51 21.89 -69.92
CA SER D 428 19.40 22.27 -69.07
C SER D 428 19.51 21.63 -67.68
N ILE D 429 19.99 20.39 -67.63
CA ILE D 429 20.23 19.73 -66.35
C ILE D 429 21.39 20.41 -65.59
N GLU D 430 22.46 20.75 -66.31
CA GLU D 430 23.53 21.49 -65.65
C GLU D 430 23.03 22.85 -65.16
N HIS D 431 22.21 23.53 -65.96
CA HIS D 431 21.62 24.80 -65.55
C HIS D 431 20.84 24.62 -64.24
N ASP D 432 20.00 23.59 -64.19
CA ASP D 432 19.23 23.36 -62.96
C ASP D 432 20.15 23.11 -61.77
N ILE D 433 21.17 22.28 -61.97
CA ILE D 433 22.10 21.98 -60.90
C ILE D 433 22.83 23.22 -60.39
N VAL D 434 23.22 24.10 -61.31
CA VAL D 434 23.95 25.31 -60.93
C VAL D 434 23.05 26.28 -60.19
N HIS D 435 21.81 26.42 -60.65
N HIS D 435 21.80 26.42 -60.67
CA HIS D 435 20.89 27.31 -59.94
CA HIS D 435 20.80 27.23 -60.00
C HIS D 435 20.58 26.78 -58.53
C HIS D 435 20.62 26.76 -58.56
N GLY D 436 20.42 25.46 -58.40
CA GLY D 436 20.18 24.88 -57.09
C GLY D 436 21.37 25.04 -56.16
N LEU D 437 22.56 24.66 -56.62
CA LEU D 437 23.78 24.89 -55.84
C LEU D 437 23.91 26.35 -55.39
N GLN D 438 23.68 27.29 -56.30
CA GLN D 438 23.81 28.68 -55.89
C GLN D 438 22.71 29.13 -54.92
N ALA D 439 21.52 28.54 -55.02
CA ALA D 439 20.43 28.81 -54.05
C ALA D 439 20.66 28.18 -52.67
N LEU D 440 21.52 27.16 -52.62
CA LEU D 440 21.56 26.25 -51.47
C LEU D 440 21.87 26.91 -50.12
N PRO D 441 22.89 27.77 -50.08
CA PRO D 441 23.22 28.36 -48.78
C PRO D 441 22.07 29.14 -48.20
N SER D 442 21.34 29.90 -49.02
CA SER D 442 20.23 30.65 -48.46
C SER D 442 19.06 29.71 -48.12
N ARG D 443 18.88 28.65 -48.91
CA ARG D 443 17.88 27.64 -48.55
C ARG D 443 18.14 27.05 -47.17
N ILE D 444 19.39 26.68 -46.90
CA ILE D 444 19.71 26.12 -45.59
C ILE D 444 19.38 27.14 -44.50
N GLU D 445 19.68 28.40 -44.76
CA GLU D 445 19.40 29.45 -43.79
C GLU D 445 17.90 29.57 -43.49
N GLN D 446 17.08 29.43 -44.52
CA GLN D 446 15.63 29.39 -44.35
C GLN D 446 15.25 28.25 -43.43
N MET D 447 15.91 27.12 -43.65
CA MET D 447 15.64 25.92 -42.90
C MET D 447 16.05 26.12 -41.44
N LEU D 448 17.22 26.69 -41.20
CA LEU D 448 17.66 26.96 -39.83
C LEU D 448 16.67 27.86 -39.10
N SER D 449 15.90 28.64 -39.84
CA SER D 449 14.92 29.52 -39.21
C SER D 449 13.72 28.78 -38.62
N GLN D 450 13.64 27.48 -38.89
CA GLN D 450 12.54 26.67 -38.39
C GLN D 450 12.94 25.96 -37.11
N ASP D 451 14.13 26.31 -36.60
CA ASP D 451 14.70 25.63 -35.43
C ASP D 451 13.77 25.62 -34.21
N LYS D 452 13.08 26.73 -33.94
CA LYS D 452 12.15 26.76 -32.80
C LYS D 452 10.97 25.78 -32.94
N ARG D 453 10.46 25.60 -34.16
CA ARG D 453 9.41 24.60 -34.37
C ARG D 453 9.93 23.17 -34.19
N ILE D 454 11.12 22.88 -34.70
CA ILE D 454 11.71 21.56 -34.49
C ILE D 454 11.98 21.33 -32.99
N GLU D 455 12.49 22.35 -32.30
CA GLU D 455 12.71 22.22 -30.86
C GLU D 455 11.43 21.83 -30.11
N ALA D 456 10.31 22.48 -30.44
CA ALA D 456 9.04 22.13 -29.82
C ALA D 456 8.62 20.71 -30.20
N LEU D 457 8.86 20.34 -31.44
CA LEU D 457 8.52 19.01 -31.92
C LEU D 457 9.29 17.90 -31.20
N ALA D 458 10.54 18.16 -30.82
CA ALA D 458 11.38 17.17 -30.17
C ALA D 458 10.74 16.60 -28.90
N GLU D 459 9.88 17.40 -28.27
CA GLU D 459 9.18 16.97 -27.08
C GLU D 459 8.35 15.72 -27.34
N ASP D 460 7.91 15.54 -28.59
CA ASP D 460 7.16 14.34 -28.95
C ASP D 460 8.04 13.10 -29.02
N PHE D 461 9.36 13.28 -29.04
CA PHE D 461 10.25 12.14 -29.18
C PHE D 461 11.13 11.87 -27.95
N SER D 462 11.25 12.86 -27.08
CA SER D 462 12.21 12.76 -25.98
C SER D 462 11.99 11.56 -25.05
N ASP D 463 10.77 11.02 -25.03
CA ASP D 463 10.46 9.87 -24.16
C ASP D 463 10.29 8.54 -24.92
N LYS D 464 10.53 8.54 -26.22
CA LYS D 464 10.32 7.37 -27.04
C LYS D 464 11.57 6.53 -27.11
N HIS D 465 11.42 5.21 -27.16
CA HIS D 465 12.57 4.32 -27.36
C HIS D 465 12.62 3.68 -28.75
N HIS D 466 11.68 4.05 -29.62
CA HIS D 466 11.64 3.52 -30.97
C HIS D 466 11.17 4.64 -31.88
N ALA D 467 11.66 4.63 -33.11
CA ALA D 467 11.10 5.49 -34.13
C ALA D 467 11.37 4.82 -35.48
N LEU D 468 10.51 5.09 -36.46
CA LEU D 468 10.70 4.58 -37.82
C LEU D 468 10.76 5.76 -38.80
N PHE D 469 11.87 5.89 -39.52
CA PHE D 469 12.03 6.92 -40.55
C PHE D 469 11.76 6.33 -41.94
N LEU D 470 10.88 6.96 -42.71
CA LEU D 470 10.61 6.51 -44.07
C LEU D 470 10.99 7.57 -45.08
N GLY D 471 11.48 7.13 -46.23
CA GLY D 471 11.70 8.00 -47.35
C GLY D 471 11.73 7.20 -48.64
N ARG D 472 11.37 7.86 -49.74
CA ARG D 472 11.42 7.25 -51.05
C ARG D 472 12.47 7.94 -51.93
N GLY D 473 13.09 7.16 -52.80
CA GLY D 473 14.03 7.69 -53.79
C GLY D 473 15.19 8.44 -53.15
N ASP D 474 15.49 9.64 -53.66
CA ASP D 474 16.58 10.42 -53.13
C ASP D 474 16.35 10.90 -51.69
N GLN D 475 15.14 10.73 -51.18
CA GLN D 475 14.87 11.05 -49.77
C GLN D 475 15.09 9.86 -48.84
N TYR D 476 15.26 8.68 -49.43
CA TYR D 476 15.40 7.48 -48.63
C TYR D 476 16.71 7.49 -47.82
N PRO D 477 17.83 7.86 -48.46
CA PRO D 477 19.07 7.94 -47.68
C PRO D 477 19.06 9.10 -46.69
N ILE D 478 18.19 10.10 -46.91
CA ILE D 478 17.99 11.16 -45.92
C ILE D 478 17.30 10.57 -44.68
N ALA D 479 16.31 9.70 -44.90
CA ALA D 479 15.72 8.96 -43.80
C ALA D 479 16.79 8.10 -43.10
N LEU D 480 17.66 7.44 -43.88
CA LEU D 480 18.76 6.68 -43.29
C LEU D 480 19.60 7.56 -42.35
N GLU D 481 19.93 8.77 -42.77
CA GLU D 481 20.73 9.67 -41.95
C GLU D 481 19.96 10.23 -40.72
N GLY D 482 18.70 10.58 -40.90
CA GLY D 482 17.84 11.00 -39.80
C GLY D 482 17.82 9.98 -38.67
N ALA D 483 17.59 8.72 -39.03
CA ALA D 483 17.58 7.63 -38.07
C ALA D 483 18.94 7.47 -37.39
N LEU D 484 20.01 7.52 -38.17
CA LEU D 484 21.34 7.36 -37.59
C LEU D 484 21.61 8.46 -36.56
N LYS D 485 21.21 9.70 -36.90
CA LYS D 485 21.43 10.82 -36.00
C LYS D 485 20.67 10.64 -34.67
N LEU D 486 19.42 10.21 -34.75
CA LEU D 486 18.66 9.95 -33.54
C LEU D 486 19.28 8.77 -32.73
N LYS D 487 19.79 7.76 -33.42
CA LYS D 487 20.56 6.71 -32.74
C LYS D 487 21.78 7.30 -32.04
N GLU D 488 22.56 8.09 -32.78
CA GLU D 488 23.87 8.55 -32.33
C GLU D 488 23.84 9.34 -31.04
N ILE D 489 23.03 10.41 -31.02
CA ILE D 489 23.14 11.35 -29.93
C ILE D 489 22.00 11.33 -28.93
N SER D 490 20.92 10.62 -29.23
CA SER D 490 19.84 10.54 -28.25
C SER D 490 19.63 9.10 -27.80
N TYR D 491 20.31 8.16 -28.44
CA TYR D 491 20.22 6.74 -28.11
C TYR D 491 18.83 6.14 -28.27
N ILE D 492 18.00 6.71 -29.13
CA ILE D 492 16.71 6.12 -29.40
C ILE D 492 16.86 5.10 -30.52
N HIS D 493 16.23 3.94 -30.37
CA HIS D 493 16.32 2.94 -31.42
C HIS D 493 15.45 3.38 -32.60
N ALA D 494 16.03 4.23 -33.44
CA ALA D 494 15.38 4.70 -34.65
C ALA D 494 15.88 3.89 -35.83
N GLU D 495 14.96 3.43 -36.67
CA GLU D 495 15.34 2.61 -37.82
C GLU D 495 14.74 3.21 -39.09
N ALA D 496 15.50 3.16 -40.16
CA ALA D 496 15.01 3.70 -41.42
C ALA D 496 14.62 2.57 -42.40
N TYR D 497 13.69 2.88 -43.29
CA TYR D 497 13.14 1.89 -44.17
C TYR D 497 12.71 2.64 -45.44
N ALA D 498 12.78 1.97 -46.59
CA ALA D 498 12.24 2.55 -47.81
C ALA D 498 10.73 2.60 -47.63
N ALA D 499 10.11 3.71 -48.01
CA ALA D 499 8.69 3.91 -47.74
C ALA D 499 7.82 2.76 -48.24
N GLY D 500 8.10 2.31 -49.46
CA GLY D 500 7.36 1.23 -50.07
C GLY D 500 7.48 -0.12 -49.37
N GLU D 501 8.38 -0.22 -48.39
CA GLU D 501 8.50 -1.48 -47.66
C GLU D 501 7.80 -1.45 -46.30
N LEU D 502 7.18 -0.32 -45.92
CA LEU D 502 6.53 -0.28 -44.61
C LEU D 502 5.60 -1.49 -44.37
N LYS D 503 4.81 -1.82 -45.39
CA LYS D 503 3.78 -2.84 -45.31
C LYS D 503 4.34 -4.26 -45.29
N HIS D 504 5.61 -4.41 -45.67
CA HIS D 504 6.25 -5.73 -45.74
C HIS D 504 6.90 -6.20 -44.44
N GLY D 505 6.62 -5.53 -43.33
CA GLY D 505 7.03 -6.03 -42.04
C GLY D 505 6.90 -5.05 -40.89
N PRO D 506 7.55 -3.88 -41.01
CA PRO D 506 7.58 -2.96 -39.87
C PRO D 506 6.19 -2.43 -39.47
N LEU D 507 5.20 -2.53 -40.34
CA LEU D 507 3.87 -2.06 -39.94
C LEU D 507 3.38 -2.83 -38.72
N ALA D 508 3.79 -4.09 -38.61
CA ALA D 508 3.43 -4.90 -37.44
C ALA D 508 3.95 -4.31 -36.12
N LEU D 509 5.02 -3.52 -36.19
CA LEU D 509 5.60 -2.93 -34.99
C LEU D 509 4.92 -1.65 -34.51
N ILE D 510 4.27 -0.91 -35.40
CA ILE D 510 3.84 0.44 -35.04
C ILE D 510 2.81 0.50 -33.90
N ASP D 511 3.07 1.40 -32.95
CA ASP D 511 2.13 1.72 -31.88
C ASP D 511 2.54 3.04 -31.24
N ALA D 512 1.84 3.47 -30.20
CA ALA D 512 2.07 4.77 -29.57
C ALA D 512 3.54 5.01 -29.25
N ASP D 513 4.27 3.94 -28.94
CA ASP D 513 5.67 4.08 -28.57
C ASP D 513 6.64 4.10 -29.75
N MET D 514 6.11 4.03 -30.96
CA MET D 514 6.97 4.00 -32.16
C MET D 514 6.43 4.92 -33.26
N PRO D 515 6.67 6.23 -33.12
CA PRO D 515 6.21 7.21 -34.09
C PRO D 515 6.89 7.01 -35.44
N VAL D 516 6.17 7.36 -36.51
CA VAL D 516 6.67 7.21 -37.87
C VAL D 516 6.91 8.60 -38.50
N ILE D 517 8.12 8.80 -39.00
CA ILE D 517 8.47 10.04 -39.70
C ILE D 517 8.68 9.75 -41.18
N VAL D 518 8.02 10.52 -42.06
CA VAL D 518 8.30 10.49 -43.50
C VAL D 518 9.02 11.77 -43.92
N VAL D 519 9.98 11.63 -44.83
CA VAL D 519 10.71 12.77 -45.32
C VAL D 519 10.27 13.18 -46.72
N ALA D 520 9.67 14.36 -46.84
CA ALA D 520 9.40 15.01 -48.12
C ALA D 520 8.65 14.15 -49.14
N PRO D 521 7.54 13.53 -48.72
CA PRO D 521 6.79 12.71 -49.67
C PRO D 521 5.94 13.55 -50.61
N ASN D 522 5.74 13.08 -51.84
CA ASN D 522 4.69 13.68 -52.69
C ASN D 522 3.30 13.22 -52.24
N ASN D 523 2.27 13.73 -52.91
CA ASN D 523 0.91 13.41 -52.53
C ASN D 523 0.54 11.91 -52.64
N GLU D 524 0.96 11.27 -53.72
CA GLU D 524 0.63 9.86 -53.94
C GLU D 524 1.16 8.98 -52.79
N LEU D 525 2.45 9.19 -52.49
CA LEU D 525 3.10 8.48 -51.38
C LEU D 525 2.43 8.79 -50.05
N LEU D 526 2.12 10.06 -49.83
CA LEU D 526 1.48 10.42 -48.57
C LEU D 526 0.16 9.70 -48.40
N GLU D 527 -0.61 9.59 -49.47
N GLU D 527 -0.64 9.59 -49.46
CA GLU D 527 -1.88 8.86 -49.41
CA GLU D 527 -1.90 8.86 -49.31
C GLU D 527 -1.64 7.41 -49.00
C GLU D 527 -1.66 7.38 -49.00
N LYS D 528 -0.68 6.77 -49.65
CA LYS D 528 -0.37 5.38 -49.27
C LYS D 528 -0.02 5.27 -47.78
N LEU D 529 0.88 6.15 -47.33
CA LEU D 529 1.34 6.12 -45.95
C LEU D 529 0.22 6.42 -44.92
N LYS D 530 -0.68 7.32 -45.27
CA LYS D 530 -1.83 7.69 -44.44
C LYS D 530 -2.75 6.48 -44.28
N SER D 531 -2.97 5.82 -45.41
CA SER D 531 -3.76 4.60 -45.36
C SER D 531 -3.10 3.53 -44.45
N ASN D 532 -1.78 3.37 -44.59
CA ASN D 532 -1.06 2.45 -43.68
C ASN D 532 -1.22 2.81 -42.20
N ILE D 533 -1.06 4.08 -41.84
CA ILE D 533 -1.14 4.44 -40.43
C ILE D 533 -2.58 4.27 -39.90
N GLU D 534 -3.57 4.52 -40.76
CA GLU D 534 -4.94 4.16 -40.38
C GLU D 534 -4.99 2.67 -40.03
N GLU D 535 -4.34 1.82 -40.81
CA GLU D 535 -4.35 0.39 -40.44
C GLU D 535 -3.98 0.15 -38.95
N VAL D 536 -3.17 1.02 -38.36
CA VAL D 536 -2.75 0.79 -36.98
C VAL D 536 -3.24 1.85 -36.04
N ARG D 537 -4.26 2.58 -36.47
CA ARG D 537 -4.98 3.48 -35.57
C ARG D 537 -5.32 2.90 -34.17
N ALA D 538 -5.85 1.68 -34.11
CA ALA D 538 -6.21 1.10 -32.82
C ALA D 538 -5.06 1.02 -31.80
N ARG D 539 -3.82 0.97 -32.27
CA ARG D 539 -2.65 1.00 -31.37
C ARG D 539 -2.01 2.40 -31.24
N GLY D 540 -2.74 3.43 -31.63
CA GLY D 540 -2.25 4.80 -31.55
C GLY D 540 -1.04 5.20 -32.40
N GLY D 541 -0.94 4.64 -33.61
CA GLY D 541 0.14 5.00 -34.51
C GLY D 541 0.10 6.43 -35.01
N GLN D 542 1.24 7.13 -34.92
CA GLN D 542 1.33 8.52 -35.39
C GLN D 542 2.26 8.66 -36.60
N LEU D 543 1.85 9.45 -37.58
CA LEU D 543 2.68 9.77 -38.74
C LEU D 543 3.14 11.22 -38.61
N TYR D 544 4.45 11.47 -38.63
CA TYR D 544 4.94 12.86 -38.72
C TYR D 544 5.51 13.09 -40.11
N VAL D 545 5.09 14.17 -40.76
CA VAL D 545 5.43 14.39 -42.15
C VAL D 545 6.16 15.69 -42.37
N PHE D 546 7.44 15.61 -42.75
CA PHE D 546 8.15 16.81 -43.23
C PHE D 546 7.88 17.03 -44.72
N ALA D 547 7.27 18.15 -45.05
CA ALA D 547 6.76 18.36 -46.41
C ALA D 547 6.71 19.83 -46.78
N ASP D 548 6.74 20.08 -48.08
CA ASP D 548 6.63 21.42 -48.65
C ASP D 548 5.33 22.07 -48.19
N GLN D 549 5.41 23.22 -47.54
CA GLN D 549 4.20 23.98 -47.23
C GLN D 549 3.31 24.16 -48.45
N ASP D 550 3.90 24.14 -49.65
CA ASP D 550 3.14 24.36 -50.88
C ASP D 550 2.30 23.16 -51.33
N ALA D 551 2.48 21.99 -50.71
CA ALA D 551 1.73 20.80 -51.14
C ALA D 551 0.31 20.82 -50.60
N GLY D 552 0.09 21.64 -49.58
CA GLY D 552 -1.23 21.78 -48.97
C GLY D 552 -1.71 20.59 -48.16
N PHE D 553 -0.80 19.78 -47.63
CA PHE D 553 -1.19 18.66 -46.79
C PHE D 553 -1.84 19.19 -45.50
N VAL D 554 -2.82 18.46 -45.00
CA VAL D 554 -3.61 18.93 -43.88
C VAL D 554 -3.45 17.97 -42.73
N SER D 555 -3.03 18.48 -41.58
CA SER D 555 -2.86 17.63 -40.41
C SER D 555 -4.19 17.06 -39.96
N SER D 556 -4.11 15.86 -39.40
CA SER D 556 -5.24 15.18 -38.80
C SER D 556 -4.81 14.67 -37.43
N ASP D 557 -5.65 13.91 -36.75
CA ASP D 557 -5.36 13.55 -35.36
C ASP D 557 -4.20 12.57 -35.23
N ASN D 558 -3.99 11.73 -36.24
CA ASN D 558 -2.86 10.80 -36.22
C ASN D 558 -1.84 11.06 -37.33
N MET D 559 -1.99 12.17 -38.05
CA MET D 559 -1.00 12.58 -39.03
C MET D 559 -0.65 14.07 -38.88
N HIS D 560 0.59 14.32 -38.49
CA HIS D 560 1.05 15.67 -38.11
C HIS D 560 1.99 16.24 -39.16
N ILE D 561 1.52 17.26 -39.87
CA ILE D 561 2.27 17.87 -40.96
C ILE D 561 3.21 18.91 -40.41
N ILE D 562 4.51 18.70 -40.63
CA ILE D 562 5.52 19.67 -40.27
C ILE D 562 5.91 20.47 -41.53
N GLU D 563 5.22 21.58 -41.77
CA GLU D 563 5.40 22.36 -42.99
C GLU D 563 6.81 22.90 -43.16
N MET D 564 7.31 22.86 -44.39
CA MET D 564 8.64 23.37 -44.68
C MET D 564 8.59 24.32 -45.86
N PRO D 565 9.54 25.25 -45.94
CA PRO D 565 9.61 26.20 -47.05
C PRO D 565 9.93 25.44 -48.32
N HIS D 566 9.48 25.98 -49.45
CA HIS D 566 9.69 25.35 -50.74
C HIS D 566 11.18 25.33 -51.15
N VAL D 567 11.58 24.29 -51.87
CA VAL D 567 12.93 24.24 -52.43
C VAL D 567 12.96 23.64 -53.80
N GLU D 568 14.04 23.96 -54.51
CA GLU D 568 14.39 23.32 -55.76
C GLU D 568 14.52 21.81 -55.53
N GLU D 569 13.97 21.02 -56.43
CA GLU D 569 13.97 19.57 -56.29
C GLU D 569 15.38 19.02 -56.14
N VAL D 570 16.29 19.55 -56.94
CA VAL D 570 17.61 18.97 -57.04
C VAL D 570 18.40 19.07 -55.72
N ILE D 571 18.14 20.09 -54.91
CA ILE D 571 18.82 20.18 -53.64
C ILE D 571 17.93 19.77 -52.47
N ALA D 572 16.72 19.30 -52.78
CA ALA D 572 15.79 18.91 -51.71
C ALA D 572 16.35 17.92 -50.66
N PRO D 573 17.14 16.93 -51.09
CA PRO D 573 17.70 15.98 -50.10
C PRO D 573 18.68 16.62 -49.11
N ILE D 574 19.45 17.61 -49.55
CA ILE D 574 20.39 18.31 -48.67
C ILE D 574 19.60 19.16 -47.65
N PHE D 575 18.63 19.89 -48.18
CA PHE D 575 17.71 20.74 -47.45
C PHE D 575 16.95 19.98 -46.35
N TYR D 576 16.33 18.86 -46.70
CA TYR D 576 15.60 18.07 -45.71
C TYR D 576 16.46 17.39 -44.63
N THR D 577 17.78 17.32 -44.84
CA THR D 577 18.65 16.78 -43.81
C THR D 577 18.60 17.61 -42.52
N VAL D 578 18.51 18.93 -42.70
CA VAL D 578 18.68 19.86 -41.59
C VAL D 578 17.61 19.72 -40.49
N PRO D 579 16.33 19.67 -40.88
CA PRO D 579 15.36 19.44 -39.81
C PRO D 579 15.62 18.12 -39.05
N LEU D 580 16.21 17.15 -39.70
CA LEU D 580 16.50 15.88 -39.01
C LEU D 580 17.72 16.01 -38.11
N GLN D 581 18.72 16.81 -38.48
CA GLN D 581 19.82 17.08 -37.57
C GLN D 581 19.30 17.83 -36.32
N LEU D 582 18.50 18.87 -36.55
CA LEU D 582 17.97 19.68 -35.47
C LEU D 582 17.04 18.90 -34.51
N LEU D 583 16.21 18.00 -35.06
CA LEU D 583 15.35 17.15 -34.23
C LEU D 583 16.19 16.33 -33.26
N ALA D 584 17.15 15.60 -33.80
CA ALA D 584 18.05 14.79 -32.96
C ALA D 584 18.75 15.67 -31.92
N TYR D 585 19.36 16.77 -32.35
CA TYR D 585 19.98 17.70 -31.40
C TYR D 585 19.03 18.08 -30.24
N HIS D 586 17.86 18.58 -30.58
CA HIS D 586 16.92 19.01 -29.57
C HIS D 586 16.34 17.88 -28.70
N VAL D 587 16.18 16.67 -29.26
CA VAL D 587 15.86 15.54 -28.39
C VAL D 587 17.00 15.31 -27.38
N ALA D 588 18.24 15.35 -27.86
CA ALA D 588 19.40 15.15 -26.97
C ALA D 588 19.50 16.22 -25.87
N LEU D 589 19.13 17.46 -26.20
CA LEU D 589 19.19 18.55 -25.24
C LEU D 589 18.19 18.30 -24.10
N ILE D 590 17.01 17.86 -24.47
CA ILE D 590 15.96 17.63 -23.49
C ILE D 590 16.38 16.48 -22.56
N LYS D 591 16.97 15.44 -23.14
CA LYS D 591 17.40 14.28 -22.37
C LYS D 591 18.66 14.54 -21.58
N GLY D 592 19.47 15.51 -22.03
CA GLY D 592 20.74 15.79 -21.38
C GLY D 592 21.86 14.81 -21.71
N THR D 593 21.88 14.28 -22.91
CA THR D 593 22.88 13.30 -23.32
C THR D 593 24.11 14.01 -23.88
N ASP D 594 25.22 13.29 -24.02
CA ASP D 594 26.47 13.87 -24.52
C ASP D 594 26.46 14.07 -26.06
N VAL D 595 25.96 15.21 -26.50
CA VAL D 595 25.83 15.50 -27.92
C VAL D 595 27.15 15.38 -28.68
N ASP D 596 28.19 16.02 -28.15
CA ASP D 596 29.47 16.10 -28.86
C ASP D 596 30.25 14.81 -28.75
N GLN D 597 30.00 14.05 -27.68
CA GLN D 597 30.68 12.77 -27.48
C GLN D 597 29.71 11.69 -27.02
N PRO D 598 28.89 11.19 -27.95
CA PRO D 598 27.91 10.15 -27.62
C PRO D 598 28.60 8.86 -27.14
N ARG D 599 27.97 8.12 -26.24
CA ARG D 599 28.60 6.93 -25.68
C ARG D 599 28.99 5.93 -26.76
N ASN D 600 30.19 5.38 -26.63
CA ASN D 600 30.67 4.27 -27.46
C ASN D 600 30.98 4.61 -28.92
N LEU D 601 30.80 5.86 -29.31
CA LEU D 601 31.14 6.27 -30.68
C LEU D 601 32.47 7.02 -30.73
N ALA D 602 33.15 6.93 -31.87
CA ALA D 602 34.39 7.64 -32.13
C ALA D 602 34.24 8.56 -33.34
N LYS D 603 35.09 9.59 -33.42
CA LYS D 603 35.03 10.54 -34.51
C LYS D 603 35.41 9.85 -35.80
N SER D 604 36.44 9.04 -35.75
CA SER D 604 36.74 8.16 -36.86
C SER D 604 37.33 6.87 -36.37
N VAL D 605 37.09 5.79 -37.10
CA VAL D 605 37.54 4.47 -36.72
C VAL D 605 38.76 4.16 -37.57
N THR D 606 39.94 4.42 -37.01
CA THR D 606 41.16 4.36 -37.80
C THR D 606 42.05 3.15 -37.57
N VAL D 607 41.77 2.37 -36.53
CA VAL D 607 42.55 1.15 -36.27
C VAL D 607 41.70 -0.11 -36.43
N GLU D 608 42.30 -1.16 -36.97
CA GLU D 608 41.57 -2.37 -37.27
C GLU D 608 40.97 -3.01 -36.00
N ALA E 1 -80.32 33.99 39.38
CA ALA E 1 -79.83 33.89 38.00
C ALA E 1 -80.40 35.02 37.15
N GLY E 2 -81.69 35.29 37.29
CA GLY E 2 -82.28 36.40 36.56
C GLY E 2 -83.11 37.28 37.47
N ILE E 3 -82.90 38.59 37.38
CA ILE E 3 -83.66 39.54 38.19
C ILE E 3 -84.44 40.49 37.31
N VAL E 4 -85.72 40.65 37.61
CA VAL E 4 -86.55 41.66 36.95
C VAL E 4 -87.27 42.43 38.03
N GLY E 5 -87.47 43.73 37.82
CA GLY E 5 -88.14 44.59 38.77
C GLY E 5 -88.94 45.64 38.03
N ALA E 6 -90.09 46.01 38.56
CA ALA E 6 -90.89 47.03 37.92
C ALA E 6 -91.60 47.90 38.94
N ILE E 7 -91.83 49.14 38.54
CA ILE E 7 -92.52 50.13 39.35
C ILE E 7 -93.25 51.07 38.38
N ALA E 8 -94.57 50.91 38.30
CA ALA E 8 -95.37 51.54 37.26
C ALA E 8 -96.78 51.91 37.73
N GLN E 9 -97.57 52.43 36.80
CA GLN E 9 -98.95 52.72 37.10
C GLN E 9 -99.80 51.48 36.78
N ARG E 10 -99.57 50.89 35.63
CA ARG E 10 -100.27 49.69 35.21
C ARG E 10 -99.84 48.44 36.00
N ASP E 11 -100.55 47.34 35.81
CA ASP E 11 -100.13 46.08 36.41
C ASP E 11 -98.83 45.57 35.78
N VAL E 12 -97.90 45.14 36.62
CA VAL E 12 -96.57 44.72 36.14
C VAL E 12 -96.34 43.20 36.01
N ALA E 13 -97.25 42.38 36.52
CA ALA E 13 -97.07 40.93 36.54
C ALA E 13 -96.63 40.34 35.21
N GLU E 14 -97.43 40.60 34.18
CA GLU E 14 -97.18 40.09 32.83
C GLU E 14 -95.83 40.57 32.29
N ILE E 15 -95.46 41.80 32.63
CA ILE E 15 -94.16 42.35 32.28
C ILE E 15 -93.02 41.61 32.99
N LEU E 16 -93.16 41.39 34.29
CA LEU E 16 -92.16 40.64 35.04
C LEU E 16 -91.97 39.24 34.45
N LEU E 17 -93.09 38.58 34.14
CA LEU E 17 -93.02 37.22 33.59
C LEU E 17 -92.34 37.23 32.22
N GLU E 18 -92.67 38.23 31.41
CA GLU E 18 -92.11 38.34 30.08
C GLU E 18 -90.58 38.54 30.16
N GLY E 19 -90.16 39.40 31.09
CA GLY E 19 -88.76 39.56 31.42
C GLY E 19 -88.08 38.24 31.77
N LEU E 20 -88.68 37.51 32.72
CA LEU E 20 -88.13 36.21 33.07
C LEU E 20 -87.97 35.34 31.83
N ARG E 21 -88.97 35.35 30.94
CA ARG E 21 -88.85 34.58 29.70
C ARG E 21 -87.62 35.01 28.90
N ARG E 22 -87.45 36.32 28.75
CA ARG E 22 -86.27 36.84 28.03
C ARG E 22 -84.97 36.40 28.68
N LEU E 23 -85.03 36.04 29.95
CA LEU E 23 -83.83 35.60 30.69
C LEU E 23 -83.62 34.11 30.74
N GLU E 24 -84.55 33.33 30.20
CA GLU E 24 -84.52 31.87 30.36
C GLU E 24 -83.22 31.21 29.89
N TYR E 25 -82.53 31.83 28.94
CA TYR E 25 -81.35 31.21 28.37
C TYR E 25 -80.24 31.14 29.42
N ARG E 26 -80.39 31.89 30.51
CA ARG E 26 -79.50 31.74 31.67
C ARG E 26 -79.97 30.59 32.52
N GLY E 27 -79.10 29.60 32.71
CA GLY E 27 -79.41 28.41 33.49
C GLY E 27 -80.13 28.73 34.80
N TYR E 28 -81.22 28.01 35.06
CA TYR E 28 -81.98 28.21 36.28
C TYR E 28 -82.79 26.96 36.66
N ASP E 29 -83.18 26.83 37.94
CA ASP E 29 -83.91 25.64 38.39
C ASP E 29 -85.27 25.98 39.01
N SER E 30 -85.59 27.26 39.12
CA SER E 30 -86.88 27.68 39.68
C SER E 30 -87.12 29.17 39.51
N ALA E 31 -88.33 29.60 39.81
CA ALA E 31 -88.64 31.01 39.61
C ALA E 31 -89.74 31.52 40.52
N GLY E 32 -89.86 32.85 40.60
CA GLY E 32 -90.93 33.45 41.37
C GLY E 32 -91.10 34.93 41.12
N LEU E 33 -92.21 35.48 41.63
CA LEU E 33 -92.45 36.91 41.56
C LEU E 33 -93.32 37.35 42.74
N ALA E 34 -93.30 38.65 43.03
CA ALA E 34 -94.12 39.27 44.07
C ALA E 34 -94.57 40.65 43.59
N VAL E 35 -95.85 40.93 43.71
CA VAL E 35 -96.35 42.25 43.37
C VAL E 35 -97.11 42.85 44.54
N VAL E 36 -97.23 44.17 44.54
CA VAL E 36 -97.92 44.87 45.61
C VAL E 36 -98.92 45.84 44.99
N ASP E 37 -100.06 46.01 45.63
CA ASP E 37 -101.06 46.96 45.14
C ASP E 37 -100.98 48.27 45.93
N ALA E 38 -101.83 49.24 45.55
CA ALA E 38 -101.87 50.53 46.25
C ALA E 38 -102.21 50.35 47.73
N GLU E 39 -103.14 49.43 48.00
CA GLU E 39 -103.60 49.11 49.36
C GLU E 39 -102.46 48.57 50.22
N GLY E 40 -101.40 48.08 49.58
CA GLY E 40 -100.27 47.49 50.28
C GLY E 40 -100.36 45.99 50.40
N HIS E 41 -101.22 45.36 49.60
CA HIS E 41 -101.38 43.90 49.60
CA HIS E 41 -101.35 43.90 49.63
C HIS E 41 -100.34 43.23 48.69
N MET E 42 -99.49 42.41 49.29
CA MET E 42 -98.41 41.72 48.57
C MET E 42 -98.83 40.30 48.20
N THR E 43 -98.56 39.94 46.96
CA THR E 43 -98.92 38.63 46.46
C THR E 43 -97.68 37.99 45.82
N ARG E 44 -97.25 36.86 46.39
CA ARG E 44 -96.02 36.20 45.99
C ARG E 44 -96.32 34.80 45.46
N LEU E 45 -95.56 34.36 44.47
CA LEU E 45 -95.84 33.10 43.82
C LEU E 45 -94.51 32.53 43.35
N ARG E 46 -94.23 31.28 43.70
CA ARG E 46 -92.97 30.65 43.35
C ARG E 46 -93.19 29.21 42.96
N ARG E 47 -92.45 28.77 41.95
CA ARG E 47 -92.53 27.39 41.50
C ARG E 47 -91.19 26.82 41.14
N LEU E 48 -91.05 25.55 41.44
CA LEU E 48 -89.92 24.75 41.00
C LEU E 48 -90.13 24.56 39.50
N GLY E 49 -89.04 24.47 38.73
CA GLY E 49 -89.17 24.18 37.30
C GLY E 49 -89.10 25.40 36.40
N LYS E 50 -89.64 25.27 35.18
CA LYS E 50 -89.56 26.34 34.17
C LYS E 50 -90.41 27.56 34.50
N VAL E 51 -90.05 28.69 33.90
CA VAL E 51 -90.80 29.94 34.05
C VAL E 51 -92.27 29.69 33.66
N GLN E 52 -92.47 28.81 32.69
CA GLN E 52 -93.81 28.47 32.22
C GLN E 52 -94.73 28.06 33.38
N MET E 53 -94.25 27.15 34.22
CA MET E 53 -94.98 26.69 35.39
C MET E 53 -95.54 27.88 36.21
N LEU E 54 -94.64 28.82 36.47
CA LEU E 54 -94.93 30.02 37.23
C LEU E 54 -95.97 30.87 36.51
N ALA E 55 -95.82 30.99 35.20
CA ALA E 55 -96.70 31.82 34.38
C ALA E 55 -98.12 31.32 34.43
N GLN E 56 -98.25 30.00 34.40
CA GLN E 56 -99.55 29.34 34.50
C GLN E 56 -100.17 29.56 35.86
N ALA E 57 -99.42 29.21 36.90
CA ALA E 57 -99.88 29.48 38.26
C ALA E 57 -100.41 30.91 38.34
N ALA E 58 -99.73 31.86 37.70
CA ALA E 58 -100.14 33.26 37.74
C ALA E 58 -101.40 33.50 36.92
N GLU E 59 -101.57 32.72 35.87
CA GLU E 59 -102.73 32.87 35.01
C GLU E 59 -103.97 32.53 35.81
N GLU E 60 -103.88 31.48 36.62
CA GLU E 60 -105.04 31.11 37.44
C GLU E 60 -105.38 32.17 38.53
N HIS E 61 -104.34 32.82 39.03
CA HIS E 61 -104.41 33.64 40.23
C HIS E 61 -103.91 35.05 39.93
N PRO E 62 -104.69 35.82 39.15
CA PRO E 62 -104.24 37.11 38.59
C PRO E 62 -103.71 38.07 39.64
N LEU E 63 -102.48 38.52 39.48
CA LEU E 63 -101.86 39.39 40.46
C LEU E 63 -101.99 40.84 40.01
N HIS E 64 -102.55 41.68 40.88
CA HIS E 64 -102.70 43.10 40.58
C HIS E 64 -101.72 43.96 41.36
N GLY E 65 -101.24 45.02 40.72
CA GLY E 65 -100.24 45.90 41.32
C GLY E 65 -99.23 46.49 40.35
N GLY E 66 -98.72 47.67 40.69
CA GLY E 66 -97.76 48.38 39.86
C GLY E 66 -96.31 48.25 40.32
N THR E 67 -96.11 47.66 41.49
CA THR E 67 -94.75 47.41 41.96
C THR E 67 -94.50 45.92 42.10
N GLY E 68 -93.35 45.44 41.64
CA GLY E 68 -93.04 44.03 41.77
C GLY E 68 -91.59 43.64 41.47
N ILE E 69 -91.25 42.42 41.89
CA ILE E 69 -89.93 41.89 41.60
C ILE E 69 -90.05 40.41 41.28
N ALA E 70 -89.15 39.91 40.44
CA ALA E 70 -89.17 38.54 39.92
C ALA E 70 -87.78 37.99 39.74
N HIS E 71 -87.68 36.67 39.71
CA HIS E 71 -86.39 36.01 39.84
C HIS E 71 -86.40 34.60 39.25
N THR E 72 -85.31 34.26 38.60
CA THR E 72 -85.02 32.87 38.28
C THR E 72 -83.78 32.51 39.08
N ARG E 73 -83.82 31.31 39.68
CA ARG E 73 -82.79 30.85 40.59
C ARG E 73 -81.91 29.77 40.00
N TRP E 74 -80.61 29.92 40.22
CA TRP E 74 -79.67 28.83 40.03
C TRP E 74 -79.10 28.49 41.41
N ALA E 75 -79.63 27.44 42.02
CA ALA E 75 -79.35 27.13 43.44
C ALA E 75 -77.87 26.96 43.78
N THR E 76 -77.42 27.72 44.76
CA THR E 76 -76.07 27.56 45.29
C THR E 76 -76.11 27.15 46.76
N HIS E 77 -77.10 27.70 47.48
CA HIS E 77 -77.27 27.42 48.90
C HIS E 77 -78.69 26.95 49.21
N GLY E 78 -78.85 25.63 49.25
CA GLY E 78 -80.14 25.00 49.44
C GLY E 78 -80.62 24.40 48.13
N GLU E 79 -81.10 23.16 48.17
CA GLU E 79 -81.63 22.50 46.99
C GLU E 79 -82.68 23.34 46.29
N PRO E 80 -82.82 23.15 44.97
CA PRO E 80 -83.96 23.74 44.25
C PRO E 80 -85.30 23.25 44.82
N SER E 81 -86.13 24.19 45.27
CA SER E 81 -87.43 23.88 45.86
C SER E 81 -88.26 25.15 45.87
N GLU E 82 -89.59 25.01 45.91
CA GLU E 82 -90.43 26.20 46.04
C GLU E 82 -90.04 26.95 47.31
N VAL E 83 -89.81 26.18 48.38
CA VAL E 83 -89.43 26.76 49.66
C VAL E 83 -88.23 27.67 49.51
N ASN E 84 -87.27 27.25 48.69
CA ASN E 84 -86.02 27.99 48.54
C ASN E 84 -86.00 29.05 47.42
N ALA E 85 -87.09 29.14 46.65
CA ALA E 85 -87.11 30.07 45.53
C ALA E 85 -87.20 31.50 46.03
N HIS E 86 -86.69 32.44 45.25
CA HIS E 86 -86.94 33.87 45.50
C HIS E 86 -88.27 34.24 44.83
N PRO E 87 -88.83 35.41 45.17
CA PRO E 87 -88.36 36.36 46.18
C PRO E 87 -88.42 35.79 47.58
N HIS E 88 -87.48 36.16 48.44
CA HIS E 88 -87.58 35.83 49.87
C HIS E 88 -88.09 37.00 50.69
N VAL E 89 -88.73 36.69 51.80
CA VAL E 89 -89.43 37.69 52.59
C VAL E 89 -89.03 37.67 54.05
N SER E 90 -89.23 38.82 54.68
CA SER E 90 -89.23 38.99 56.13
C SER E 90 -90.37 39.96 56.41
N GLU E 91 -91.58 39.43 56.59
CA GLU E 91 -92.80 40.23 56.68
C GLU E 91 -92.97 41.15 55.47
N HIS E 92 -92.79 42.45 55.72
CA HIS E 92 -93.00 43.50 54.72
C HIS E 92 -91.81 43.64 53.78
N ILE E 93 -90.68 43.03 54.14
CA ILE E 93 -89.48 43.10 53.33
C ILE E 93 -89.43 41.96 52.30
N VAL E 94 -89.35 42.33 51.03
CA VAL E 94 -89.32 41.37 49.93
C VAL E 94 -88.05 41.58 49.11
N VAL E 95 -87.40 40.50 48.73
CA VAL E 95 -86.03 40.56 48.23
C VAL E 95 -85.73 39.53 47.14
N VAL E 96 -85.07 39.96 46.06
CA VAL E 96 -84.49 39.01 45.10
C VAL E 96 -82.98 39.23 45.01
N HIS E 97 -82.25 38.16 44.76
CA HIS E 97 -80.81 38.17 44.88
C HIS E 97 -80.08 37.25 43.90
N ASN E 98 -79.10 37.81 43.20
CA ASN E 98 -78.17 37.05 42.36
C ASN E 98 -76.81 37.00 43.02
N GLY E 99 -76.29 35.79 43.23
CA GLY E 99 -74.96 35.65 43.79
C GLY E 99 -74.91 34.87 45.08
N ILE E 100 -73.80 35.03 45.79
CA ILE E 100 -73.52 34.28 47.01
C ILE E 100 -73.15 35.24 48.13
N ILE E 101 -73.93 35.25 49.20
CA ILE E 101 -73.56 35.98 50.42
C ILE E 101 -72.65 35.08 51.26
N GLU E 102 -71.40 35.48 51.39
CA GLU E 102 -70.36 34.58 51.89
C GLU E 102 -70.42 34.33 53.39
N ASN E 103 -70.75 35.38 54.14
CA ASN E 103 -70.82 35.31 55.58
C ASN E 103 -72.21 34.92 56.07
N HIS E 104 -72.87 34.04 55.33
CA HIS E 104 -74.25 33.72 55.64
C HIS E 104 -74.46 32.97 56.96
N GLU E 105 -73.57 32.05 57.31
CA GLU E 105 -73.72 31.29 58.56
C GLU E 105 -73.66 32.18 59.81
N PRO E 106 -72.61 32.98 59.92
CA PRO E 106 -72.49 33.96 61.02
C PRO E 106 -73.72 34.85 61.11
N LEU E 107 -74.16 35.37 59.97
CA LEU E 107 -75.27 36.32 59.95
C LEU E 107 -76.60 35.66 60.31
N ARG E 108 -76.76 34.40 59.91
CA ARG E 108 -77.96 33.65 60.16
C ARG E 108 -78.01 33.27 61.64
N GLU E 109 -76.83 33.10 62.23
CA GLU E 109 -76.72 32.87 63.67
C GLU E 109 -77.10 34.13 64.44
N GLU E 110 -76.48 35.25 64.08
CA GLU E 110 -76.76 36.52 64.74
C GLU E 110 -78.23 36.90 64.64
N LEU E 111 -78.82 36.65 63.48
CA LEU E 111 -80.22 36.99 63.24
C LEU E 111 -81.17 36.03 63.94
N LYS E 112 -80.80 34.74 64.00
CA LYS E 112 -81.57 33.77 64.76
C LYS E 112 -81.68 34.18 66.23
N ALA E 113 -80.50 34.36 66.86
CA ALA E 113 -80.44 34.84 68.23
C ALA E 113 -80.76 36.33 68.24
N ARG E 114 -82.02 36.64 67.93
CA ARG E 114 -82.44 38.01 67.72
C ARG E 114 -83.91 38.01 67.33
N GLY E 115 -84.45 36.81 67.14
CA GLY E 115 -85.88 36.63 66.96
C GLY E 115 -86.37 36.18 65.59
N TYR E 116 -85.44 35.91 64.68
CA TYR E 116 -85.83 35.61 63.31
C TYR E 116 -85.84 34.12 63.03
N THR E 117 -86.89 33.70 62.34
CA THR E 117 -87.05 32.32 61.90
C THR E 117 -86.67 32.22 60.43
N PHE E 118 -85.65 31.42 60.16
CA PHE E 118 -85.26 31.16 58.78
C PHE E 118 -86.00 29.93 58.25
N VAL E 119 -86.79 30.12 57.19
CA VAL E 119 -87.58 29.03 56.63
C VAL E 119 -86.87 28.32 55.49
N SER E 120 -85.84 28.94 54.94
CA SER E 120 -85.15 28.38 53.78
C SER E 120 -83.69 28.09 54.11
N GLU E 121 -83.07 27.26 53.28
CA GLU E 121 -81.66 26.94 53.43
C GLU E 121 -80.75 27.86 52.62
N THR E 122 -81.23 29.06 52.24
CA THR E 122 -80.49 29.94 51.34
C THR E 122 -79.72 31.06 52.04
N ASP E 123 -78.60 31.48 51.47
CA ASP E 123 -77.90 32.65 51.99
C ASP E 123 -78.79 33.88 51.86
N THR E 124 -79.54 33.92 50.77
CA THR E 124 -80.36 35.07 50.40
C THR E 124 -81.31 35.49 51.51
N GLU E 125 -81.84 34.51 52.24
CA GLU E 125 -82.78 34.82 53.30
C GLU E 125 -82.21 35.81 54.32
N VAL E 126 -80.89 35.75 54.56
CA VAL E 126 -80.30 36.67 55.55
C VAL E 126 -80.40 38.12 55.10
N ILE E 127 -80.40 38.33 53.80
CA ILE E 127 -80.53 39.68 53.29
C ILE E 127 -81.88 40.23 53.67
N ALA E 128 -82.88 39.36 53.72
CA ALA E 128 -84.23 39.82 53.97
C ALA E 128 -84.36 40.25 55.43
N HIS E 129 -84.22 39.28 56.33
CA HIS E 129 -84.30 39.54 57.77
C HIS E 129 -83.41 40.71 58.17
N LEU E 130 -82.14 40.67 57.74
CA LEU E 130 -81.22 41.75 58.03
C LEU E 130 -81.85 43.09 57.67
N VAL E 131 -82.30 43.24 56.44
CA VAL E 131 -82.90 44.51 56.04
C VAL E 131 -84.06 44.84 56.97
N ASN E 132 -84.90 43.82 57.22
CA ASN E 132 -86.02 43.91 58.15
C ASN E 132 -85.55 44.47 59.49
N TRP E 133 -84.46 43.89 60.00
CA TRP E 133 -83.89 44.26 61.29
C TRP E 133 -83.37 45.69 61.30
N GLU E 134 -83.03 46.21 60.13
CA GLU E 134 -82.51 47.56 60.05
C GLU E 134 -83.64 48.55 59.86
N LEU E 135 -84.86 48.05 59.70
CA LEU E 135 -85.99 48.96 59.59
C LEU E 135 -86.66 49.21 60.95
N LYS E 136 -86.47 48.27 61.87
CA LYS E 136 -86.96 48.44 63.23
C LYS E 136 -86.34 49.71 63.81
N GLN E 137 -85.06 49.91 63.49
CA GLN E 137 -84.34 51.11 63.88
C GLN E 137 -84.85 52.29 63.06
N GLY E 138 -86.16 52.31 62.82
CA GLY E 138 -86.80 53.37 62.06
C GLY E 138 -86.24 53.56 60.65
N GLY E 139 -85.69 54.73 60.39
CA GLY E 139 -85.09 55.07 59.11
C GLY E 139 -86.00 54.88 57.91
N THR E 140 -85.46 55.12 56.72
CA THR E 140 -86.13 54.78 55.47
C THR E 140 -85.55 53.45 54.98
N LEU E 141 -86.11 52.96 53.88
CA LEU E 141 -85.58 51.75 53.24
C LEU E 141 -84.16 52.04 52.76
N ARG E 142 -83.97 53.17 52.09
CA ARG E 142 -82.67 53.57 51.60
C ARG E 142 -81.61 53.44 52.69
N GLU E 143 -81.91 54.05 53.84
CA GLU E 143 -80.97 54.06 54.96
C GLU E 143 -80.69 52.67 55.53
N ALA E 144 -81.75 51.88 55.74
CA ALA E 144 -81.57 50.55 56.29
C ALA E 144 -80.70 49.70 55.37
N VAL E 145 -80.95 49.82 54.06
CA VAL E 145 -80.13 49.10 53.09
C VAL E 145 -78.70 49.55 53.20
N LEU E 146 -78.50 50.87 53.23
CA LEU E 146 -77.16 51.43 53.33
C LEU E 146 -76.44 50.94 54.57
N ARG E 147 -77.20 50.56 55.59
CA ARG E 147 -76.58 50.03 56.80
C ARG E 147 -76.43 48.50 56.80
N ALA E 148 -77.18 47.80 55.96
CA ALA E 148 -77.10 46.34 55.90
C ALA E 148 -76.01 45.90 54.92
N ILE E 149 -75.81 46.68 53.87
CA ILE E 149 -74.85 46.35 52.81
C ILE E 149 -73.42 46.07 53.31
N PRO E 150 -72.86 46.99 54.10
CA PRO E 150 -71.50 46.78 54.62
C PRO E 150 -71.36 45.48 55.39
N GLN E 151 -72.43 45.02 56.01
CA GLN E 151 -72.37 43.80 56.82
C GLN E 151 -72.29 42.53 55.95
N LEU E 152 -72.49 42.70 54.65
CA LEU E 152 -72.54 41.56 53.73
C LEU E 152 -71.18 41.25 53.09
N ARG E 153 -70.90 39.97 52.90
CA ARG E 153 -69.67 39.53 52.25
C ARG E 153 -69.95 38.69 51.01
N GLY E 154 -69.10 38.87 49.99
CA GLY E 154 -69.20 38.12 48.76
C GLY E 154 -69.93 38.89 47.68
N ALA E 155 -70.64 38.15 46.83
CA ALA E 155 -71.31 38.70 45.67
C ALA E 155 -72.81 38.84 45.86
N TYR E 156 -73.31 40.05 45.84
CA TYR E 156 -74.75 40.19 45.72
C TYR E 156 -75.09 41.04 44.50
N GLY E 157 -76.31 40.87 44.02
CA GLY E 157 -76.96 41.81 43.13
C GLY E 157 -78.38 41.66 43.65
N THR E 158 -78.92 42.71 44.20
CA THR E 158 -80.15 42.50 44.93
C THR E 158 -81.15 43.62 44.67
N VAL E 159 -82.42 43.24 44.58
CA VAL E 159 -83.49 44.23 44.53
C VAL E 159 -84.40 43.98 45.72
N ILE E 160 -84.86 45.07 46.34
CA ILE E 160 -85.47 45.02 47.66
C ILE E 160 -86.66 45.96 47.69
N MET E 161 -87.77 45.49 48.25
CA MET E 161 -88.94 46.35 48.42
C MET E 161 -89.63 46.15 49.77
N ASP E 162 -90.30 47.20 50.23
CA ASP E 162 -91.08 47.17 51.46
C ASP E 162 -92.56 47.19 51.06
N SER E 163 -93.23 46.06 51.24
CA SER E 163 -94.61 45.96 50.79
C SER E 163 -95.47 47.10 51.32
N ARG E 164 -95.13 47.62 52.51
CA ARG E 164 -95.89 48.69 53.15
C ARG E 164 -95.71 50.03 52.44
N HIS E 165 -94.69 50.14 51.60
CA HIS E 165 -94.45 51.38 50.87
C HIS E 165 -94.04 51.08 49.44
N PRO E 166 -95.01 50.65 48.62
CA PRO E 166 -94.80 50.11 47.27
C PRO E 166 -94.31 51.11 46.22
N ASP E 167 -93.96 52.34 46.61
CA ASP E 167 -93.62 53.36 45.62
C ASP E 167 -92.11 53.50 45.38
N THR E 168 -91.34 52.72 46.12
CA THR E 168 -89.88 52.78 46.08
C THR E 168 -89.20 51.40 46.10
N LEU E 169 -88.34 51.15 45.11
CA LEU E 169 -87.48 49.96 45.11
C LEU E 169 -86.04 50.35 45.43
N LEU E 170 -85.34 49.46 46.12
CA LEU E 170 -83.91 49.62 46.37
C LEU E 170 -83.09 48.60 45.58
N ALA E 171 -81.98 49.01 44.99
CA ALA E 171 -81.09 48.05 44.32
C ALA E 171 -79.64 48.15 44.81
N ALA E 172 -78.90 47.05 44.71
CA ALA E 172 -77.51 47.06 45.15
C ALA E 172 -76.69 46.08 44.35
N ARG E 173 -75.59 46.56 43.79
CA ARG E 173 -74.74 45.73 42.95
C ARG E 173 -73.34 45.54 43.54
N SER E 174 -73.01 44.29 43.83
CA SER E 174 -71.65 43.96 44.22
C SER E 174 -71.28 42.54 43.79
N GLY E 175 -71.09 42.35 42.48
CA GLY E 175 -70.69 41.07 41.93
C GLY E 175 -71.57 40.53 40.82
N SER E 176 -72.72 41.16 40.58
CA SER E 176 -73.54 40.80 39.41
C SER E 176 -74.03 42.05 38.76
N PRO E 177 -74.36 41.98 37.47
CA PRO E 177 -74.91 43.17 36.82
C PRO E 177 -76.30 43.53 37.35
N LEU E 178 -76.57 44.82 37.39
CA LEU E 178 -77.91 45.37 37.46
C LEU E 178 -77.96 46.53 36.48
N VAL E 179 -79.05 46.63 35.74
CA VAL E 179 -79.27 47.74 34.83
C VAL E 179 -80.70 48.27 34.95
N ILE E 180 -80.80 49.59 35.12
CA ILE E 180 -82.10 50.26 35.20
C ILE E 180 -82.64 50.55 33.80
N GLY E 181 -83.96 50.51 33.64
CA GLY E 181 -84.60 50.80 32.38
C GLY E 181 -85.63 51.90 32.57
N LEU E 182 -85.32 53.09 32.07
CA LEU E 182 -86.21 54.24 32.20
C LEU E 182 -87.36 54.21 31.19
N GLY E 183 -88.59 54.31 31.70
CA GLY E 183 -89.77 54.37 30.86
C GLY E 183 -90.53 55.67 31.06
N MET E 184 -91.75 55.72 30.53
CA MET E 184 -92.61 56.91 30.64
C MET E 184 -93.47 56.88 31.93
N GLY E 185 -92.99 57.52 32.99
CA GLY E 185 -93.70 57.51 34.26
C GLY E 185 -93.64 56.15 34.97
N GLU E 186 -92.87 55.24 34.37
CA GLU E 186 -92.58 53.97 35.03
C GLU E 186 -91.09 53.66 34.92
N ASN E 187 -90.59 52.88 35.87
CA ASN E 187 -89.21 52.46 35.86
C ASN E 187 -89.06 50.94 36.05
N PHE E 188 -88.07 50.38 35.38
CA PHE E 188 -87.83 48.94 35.40
C PHE E 188 -86.39 48.68 35.78
N ILE E 189 -86.06 47.44 36.13
CA ILE E 189 -84.68 47.10 36.41
C ILE E 189 -84.47 45.62 36.18
N ALA E 190 -83.32 45.22 35.66
CA ALA E 190 -83.08 43.83 35.39
C ALA E 190 -81.61 43.50 35.64
N SER E 191 -81.29 42.23 35.78
CA SER E 191 -79.88 41.84 35.86
C SER E 191 -79.29 41.77 34.45
N ASP E 192 -80.19 41.68 33.46
CA ASP E 192 -79.83 41.53 32.06
C ASP E 192 -80.72 42.42 31.23
N GLN E 193 -80.12 43.21 30.35
CA GLN E 193 -80.86 44.23 29.61
C GLN E 193 -81.89 43.65 28.63
N LEU E 194 -81.64 42.44 28.16
CA LEU E 194 -82.58 41.75 27.26
C LEU E 194 -83.98 41.62 27.88
N ALA E 195 -84.04 41.62 29.21
CA ALA E 195 -85.30 41.47 29.93
C ALA E 195 -86.17 42.71 29.81
N LEU E 196 -85.52 43.86 29.62
CA LEU E 196 -86.24 45.14 29.66
C LEU E 196 -86.76 45.58 28.29
N LEU E 197 -86.34 44.91 27.22
CA LEU E 197 -86.58 45.38 25.86
C LEU E 197 -88.04 45.66 25.50
N PRO E 198 -88.96 44.82 25.98
CA PRO E 198 -90.38 44.98 25.61
C PRO E 198 -91.02 46.23 26.22
N VAL E 199 -90.35 46.87 27.17
CA VAL E 199 -90.90 48.08 27.76
C VAL E 199 -90.05 49.36 27.58
N THR E 200 -88.74 49.21 27.40
CA THR E 200 -87.88 50.39 27.29
C THR E 200 -86.56 50.12 26.58
N ARG E 201 -85.93 51.18 26.08
CA ARG E 201 -84.61 51.08 25.49
C ARG E 201 -83.63 52.01 26.20
N ARG E 202 -84.15 52.90 27.03
CA ARG E 202 -83.29 53.84 27.75
C ARG E 202 -82.72 53.13 28.98
N PHE E 203 -81.39 52.99 29.02
CA PHE E 203 -80.76 52.24 30.10
C PHE E 203 -79.82 53.05 30.99
N ILE E 204 -79.70 52.63 32.25
CA ILE E 204 -78.65 53.14 33.12
C ILE E 204 -77.95 51.97 33.81
N PHE E 205 -76.76 51.63 33.33
CA PHE E 205 -76.02 50.54 33.92
C PHE E 205 -75.45 50.95 35.27
N LEU E 206 -75.72 50.13 36.28
CA LEU E 206 -75.16 50.35 37.59
C LEU E 206 -73.76 49.75 37.62
N GLU E 207 -72.91 50.24 38.51
CA GLU E 207 -71.53 49.82 38.55
C GLU E 207 -71.17 49.30 39.93
N GLU E 208 -70.08 48.54 39.99
CA GLU E 208 -69.59 47.95 41.22
C GLU E 208 -69.64 48.91 42.43
N GLY E 209 -70.47 48.60 43.42
CA GLY E 209 -70.54 49.40 44.63
C GLY E 209 -71.77 50.29 44.68
N ASP E 210 -72.39 50.51 43.53
CA ASP E 210 -73.60 51.33 43.44
C ASP E 210 -74.77 50.81 44.28
N ILE E 211 -75.63 51.74 44.69
CA ILE E 211 -76.88 51.44 45.35
C ILE E 211 -77.90 52.41 44.77
N ALA E 212 -79.05 51.90 44.34
CA ALA E 212 -80.03 52.74 43.67
C ALA E 212 -81.36 52.81 44.40
N GLU E 213 -82.07 53.91 44.18
CA GLU E 213 -83.40 54.15 44.75
C GLU E 213 -84.31 54.55 43.60
N ILE E 214 -85.26 53.68 43.27
CA ILE E 214 -86.12 53.91 42.12
C ILE E 214 -87.56 54.13 42.54
N THR E 215 -88.21 55.08 41.88
CA THR E 215 -89.64 55.30 42.03
C THR E 215 -90.14 55.26 40.60
N ARG E 216 -91.43 55.49 40.38
CA ARG E 216 -91.93 55.41 39.02
C ARG E 216 -91.47 56.60 38.20
N ARG E 217 -90.85 57.58 38.86
CA ARG E 217 -90.40 58.78 38.17
C ARG E 217 -88.94 59.13 38.41
N SER E 218 -88.54 59.15 39.67
CA SER E 218 -87.16 59.52 40.00
C SER E 218 -86.24 58.31 40.05
N VAL E 219 -84.96 58.53 39.75
CA VAL E 219 -83.92 57.55 39.98
C VAL E 219 -82.74 58.21 40.68
N ASN E 220 -82.33 57.68 41.83
CA ASN E 220 -81.16 58.22 42.53
C ASN E 220 -80.11 57.15 42.81
N ILE E 221 -78.87 57.40 42.40
CA ILE E 221 -77.82 56.41 42.56
C ILE E 221 -76.74 56.94 43.48
N PHE E 222 -76.09 56.07 44.23
CA PHE E 222 -75.09 56.51 45.21
C PHE E 222 -74.20 55.39 45.76
N ASP E 223 -73.05 55.77 46.30
CA ASP E 223 -72.08 54.80 46.80
C ASP E 223 -72.35 54.34 48.24
N LYS E 224 -71.49 53.47 48.74
CA LYS E 224 -71.68 52.86 50.05
C LYS E 224 -71.75 53.85 51.23
N THR E 225 -70.91 54.88 51.18
CA THR E 225 -70.83 55.87 52.26
C THR E 225 -72.06 56.76 52.33
N GLY E 226 -72.91 56.68 51.31
CA GLY E 226 -74.12 57.49 51.25
C GLY E 226 -73.96 58.62 50.24
N ALA E 227 -72.72 58.82 49.83
CA ALA E 227 -72.39 59.86 48.87
C ALA E 227 -73.07 59.59 47.53
N GLU E 228 -73.84 60.57 47.06
CA GLU E 228 -74.54 60.44 45.78
C GLU E 228 -73.55 60.35 44.60
N VAL E 229 -73.97 59.69 43.53
CA VAL E 229 -73.14 59.49 42.34
C VAL E 229 -74.00 59.49 41.06
N LYS E 230 -73.49 60.10 39.99
CA LYS E 230 -74.25 60.24 38.75
C LYS E 230 -73.85 59.16 37.78
N ARG E 231 -74.81 58.65 37.02
CA ARG E 231 -74.50 57.65 36.01
C ARG E 231 -75.15 58.04 34.70
N GLN E 232 -74.58 57.56 33.61
CA GLN E 232 -75.02 58.00 32.30
C GLN E 232 -76.28 57.30 31.81
N ASP E 233 -77.20 58.09 31.29
CA ASP E 233 -78.34 57.60 30.53
C ASP E 233 -77.81 57.19 29.16
N ILE E 234 -78.18 56.01 28.67
CA ILE E 234 -77.66 55.55 27.38
C ILE E 234 -78.62 54.72 26.53
N GLU E 235 -79.44 55.39 25.73
CA GLU E 235 -80.32 54.70 24.80
C GLU E 235 -79.54 53.67 23.99
N SER E 236 -80.23 52.65 23.48
CA SER E 236 -79.59 51.60 22.69
C SER E 236 -80.39 51.28 21.42
N GLY E 243 -77.48 39.17 14.39
CA GLY E 243 -77.67 38.09 15.35
C GLY E 243 -76.37 37.55 15.91
N ASP E 244 -76.44 36.34 16.46
CA ASP E 244 -75.28 35.69 17.05
C ASP E 244 -74.57 36.57 18.09
N LYS E 245 -73.95 37.67 17.65
CA LYS E 245 -73.19 38.53 18.55
C LYS E 245 -74.04 39.21 19.64
N GLY E 246 -75.35 39.29 19.41
CA GLY E 246 -76.24 39.94 20.34
C GLY E 246 -75.72 41.30 20.77
N ILE E 247 -75.57 41.48 22.08
CA ILE E 247 -75.18 42.76 22.66
C ILE E 247 -73.66 43.06 22.59
N TYR E 248 -72.89 42.11 22.08
CA TYR E 248 -71.44 42.21 22.15
C TYR E 248 -70.79 42.72 20.87
N ARG E 249 -69.60 43.28 20.98
CA ARG E 249 -68.84 43.81 19.84
C ARG E 249 -68.09 42.71 19.07
N HIS E 250 -67.63 41.70 19.80
CA HIS E 250 -66.84 40.64 19.25
C HIS E 250 -67.35 39.29 19.74
N TYR E 251 -67.23 38.25 18.93
CA TYR E 251 -67.57 36.92 19.41
C TYR E 251 -66.74 36.59 20.63
N MET E 252 -65.47 36.93 20.61
CA MET E 252 -64.62 36.55 21.75
C MET E 252 -65.15 37.22 23.00
N GLN E 253 -65.54 38.48 22.89
CA GLN E 253 -66.14 39.19 24.02
C GLN E 253 -67.37 38.45 24.57
N LYS E 254 -68.30 38.10 23.68
CA LYS E 254 -69.50 37.39 24.03
C LYS E 254 -69.14 36.11 24.75
N GLU E 255 -68.15 35.42 24.21
CA GLU E 255 -67.77 34.11 24.70
C GLU E 255 -67.08 34.19 26.05
N ILE E 256 -66.49 35.35 26.34
CA ILE E 256 -65.88 35.58 27.63
C ILE E 256 -67.01 35.79 28.63
N TYR E 257 -67.96 36.65 28.24
CA TYR E 257 -69.04 37.02 29.15
C TYR E 257 -70.12 35.96 29.35
N GLU E 258 -70.25 35.02 28.40
CA GLU E 258 -71.26 33.98 28.55
C GLU E 258 -70.70 32.77 29.28
N GLN E 259 -69.51 32.91 29.84
CA GLN E 259 -68.85 31.82 30.56
C GLN E 259 -69.66 31.28 31.75
N PRO E 260 -70.26 32.17 32.55
CA PRO E 260 -71.11 31.66 33.65
C PRO E 260 -72.17 30.65 33.17
N ASN E 261 -72.84 30.98 32.07
CA ASN E 261 -73.89 30.10 31.57
C ASN E 261 -73.33 28.88 30.86
N ALA E 262 -72.16 29.03 30.24
CA ALA E 262 -71.50 27.88 29.63
C ALA E 262 -71.16 26.86 30.71
N ILE E 263 -70.62 27.34 31.82
CA ILE E 263 -70.28 26.47 32.93
C ILE E 263 -71.55 25.88 33.55
N LYS E 264 -72.60 26.69 33.66
CA LYS E 264 -73.89 26.14 34.08
C LYS E 264 -74.30 24.94 33.23
N ASN E 265 -74.13 25.06 31.91
CA ASN E 265 -74.50 23.99 30.99
C ASN E 265 -73.55 22.82 31.08
N THR E 266 -72.33 23.10 31.53
CA THR E 266 -71.31 22.06 31.69
C THR E 266 -71.66 21.23 32.93
N LEU E 267 -72.23 21.91 33.93
CA LEU E 267 -72.57 21.28 35.20
C LEU E 267 -73.91 20.53 35.18
N THR E 268 -74.71 20.80 34.15
CA THR E 268 -76.06 20.23 34.08
C THR E 268 -76.06 18.70 34.07
N GLY E 269 -76.63 18.12 35.13
CA GLY E 269 -76.81 16.69 35.24
C GLY E 269 -75.63 15.95 35.83
N ARG E 270 -74.57 16.69 36.16
CA ARG E 270 -73.35 16.06 36.64
C ARG E 270 -73.14 16.33 38.12
N ILE E 271 -74.14 16.92 38.75
CA ILE E 271 -74.14 17.06 40.19
C ILE E 271 -75.48 16.63 40.74
N SER E 272 -75.48 15.55 41.52
CA SER E 272 -76.67 15.14 42.24
C SER E 272 -76.31 14.63 43.63
N HIS E 273 -77.14 14.99 44.61
CA HIS E 273 -76.96 14.50 45.97
C HIS E 273 -75.61 14.93 46.55
N GLY E 274 -75.21 16.17 46.25
CA GLY E 274 -73.97 16.71 46.78
C GLY E 274 -72.72 15.96 46.35
N GLN E 275 -72.84 15.20 45.27
CA GLN E 275 -71.73 14.43 44.71
C GLN E 275 -71.62 14.62 43.21
N VAL E 276 -70.49 14.22 42.65
CA VAL E 276 -70.29 14.29 41.20
C VAL E 276 -70.93 13.07 40.58
N ASP E 277 -71.63 13.26 39.47
CA ASP E 277 -72.41 12.19 38.85
C ASP E 277 -72.07 12.05 37.37
N LEU E 278 -71.08 11.22 37.10
CA LEU E 278 -70.68 11.00 35.72
C LEU E 278 -71.27 9.71 35.20
N SER E 279 -72.47 9.39 35.68
CA SER E 279 -73.16 8.16 35.31
C SER E 279 -73.50 8.13 33.82
N GLU E 280 -73.42 9.28 33.16
CA GLU E 280 -73.68 9.37 31.72
C GLU E 280 -72.72 8.51 30.91
N LEU E 281 -71.58 8.18 31.52
CA LEU E 281 -70.53 7.46 30.83
C LEU E 281 -70.90 6.01 30.52
N GLY E 282 -71.85 5.47 31.29
CA GLY E 282 -72.29 4.09 31.15
C GLY E 282 -71.99 3.23 32.37
N PRO E 283 -72.95 2.38 32.76
CA PRO E 283 -72.79 1.48 33.91
C PRO E 283 -71.52 0.62 33.79
N ASN E 284 -71.28 0.08 32.60
CA ASN E 284 -70.11 -0.75 32.37
C ASN E 284 -68.85 0.10 32.44
N ALA E 285 -68.85 1.18 31.68
CA ALA E 285 -67.70 2.08 31.59
C ALA E 285 -67.09 2.48 32.94
N ASP E 286 -67.95 2.79 33.90
CA ASP E 286 -67.53 3.19 35.25
C ASP E 286 -66.47 2.25 35.83
N GLU E 287 -66.42 1.02 35.32
CA GLU E 287 -65.50 0.00 35.84
C GLU E 287 -64.08 0.18 35.35
N LEU E 288 -63.93 0.57 34.09
CA LEU E 288 -62.61 0.84 33.51
C LEU E 288 -61.83 1.87 34.34
N LEU E 289 -62.52 2.92 34.77
CA LEU E 289 -61.90 3.97 35.57
C LEU E 289 -61.40 3.47 36.93
N SER E 290 -61.87 2.31 37.35
CA SER E 290 -61.40 1.75 38.62
C SER E 290 -60.04 1.10 38.41
N LYS E 291 -59.78 0.66 37.18
CA LYS E 291 -58.52 0.02 36.83
C LYS E 291 -57.40 1.05 36.67
N VAL E 292 -57.77 2.30 36.43
CA VAL E 292 -56.80 3.34 36.12
C VAL E 292 -55.84 3.63 37.26
N GLU E 293 -54.55 3.60 36.95
CA GLU E 293 -53.52 3.93 37.93
C GLU E 293 -52.75 5.20 37.55
N HIS E 294 -52.80 5.56 36.27
CA HIS E 294 -52.01 6.67 35.77
C HIS E 294 -52.72 7.38 34.63
N ILE E 295 -52.63 8.71 34.61
CA ILE E 295 -53.31 9.52 33.60
C ILE E 295 -52.34 10.22 32.65
N GLN E 296 -52.57 10.07 31.35
CA GLN E 296 -51.84 10.82 30.32
C GLN E 296 -52.79 11.79 29.65
N ILE E 297 -52.40 13.05 29.55
CA ILE E 297 -53.20 14.04 28.85
C ILE E 297 -52.43 14.57 27.64
N LEU E 298 -53.08 14.58 26.48
CA LEU E 298 -52.51 15.12 25.26
C LEU E 298 -53.38 16.24 24.73
N ALA E 299 -52.76 17.33 24.31
CA ALA E 299 -53.50 18.47 23.77
C ALA E 299 -52.58 19.54 23.21
N CYS E 300 -53.15 20.46 22.43
CA CYS E 300 -52.40 21.57 21.86
C CYS E 300 -52.92 22.91 22.36
N GLY E 301 -52.07 23.93 22.30
CA GLY E 301 -52.39 25.28 22.76
C GLY E 301 -53.13 25.42 24.07
N THR E 302 -54.25 26.15 24.01
CA THR E 302 -55.04 26.43 25.21
C THR E 302 -55.53 25.16 25.90
N SER E 303 -55.90 24.15 25.09
CA SER E 303 -56.29 22.83 25.63
C SER E 303 -55.15 22.20 26.46
N TYR E 304 -53.94 22.36 25.96
CA TYR E 304 -52.74 22.00 26.71
C TYR E 304 -52.69 22.71 28.05
N ASN E 305 -52.94 24.02 28.03
CA ASN E 305 -52.91 24.75 29.29
C ASN E 305 -53.90 24.20 30.35
N SER E 306 -55.13 23.95 29.90
CA SER E 306 -56.12 23.38 30.84
C SER E 306 -55.66 22.02 31.40
N GLY E 307 -55.17 21.16 30.51
CA GLY E 307 -54.63 19.90 31.00
C GLY E 307 -53.59 20.13 32.07
N MET E 308 -52.78 21.16 31.83
CA MET E 308 -51.70 21.49 32.75
C MET E 308 -52.20 21.88 34.13
N VAL E 309 -53.32 22.59 34.21
CA VAL E 309 -53.95 22.78 35.54
C VAL E 309 -54.37 21.43 36.18
N SER E 310 -55.06 20.66 35.34
CA SER E 310 -55.57 19.38 35.82
C SER E 310 -54.46 18.49 36.42
N ARG E 311 -53.21 18.59 35.94
CA ARG E 311 -52.15 17.76 36.56
C ARG E 311 -52.08 17.97 38.07
N TYR E 312 -51.98 19.25 38.45
CA TYR E 312 -51.94 19.66 39.85
C TYR E 312 -53.16 19.16 40.58
N TRP E 313 -54.32 19.32 39.95
CA TRP E 313 -55.54 18.80 40.63
C TRP E 313 -55.52 17.28 40.89
N PHE E 314 -55.31 16.52 39.83
CA PHE E 314 -55.29 15.08 39.91
C PHE E 314 -54.27 14.58 40.93
N GLU E 315 -53.11 15.22 41.00
CA GLU E 315 -52.11 14.70 41.90
C GLU E 315 -52.32 15.12 43.35
N SER E 316 -52.80 16.35 43.59
CA SER E 316 -52.91 16.81 44.97
C SER E 316 -54.21 16.36 45.62
N LEU E 317 -55.28 16.29 44.83
CA LEU E 317 -56.59 16.00 45.36
C LEU E 317 -56.98 14.52 45.18
N ALA E 318 -56.45 13.87 44.15
CA ALA E 318 -56.81 12.48 43.91
C ALA E 318 -55.65 11.51 44.06
N GLY E 319 -54.46 12.02 44.43
CA GLY E 319 -53.29 11.17 44.57
C GLY E 319 -53.04 10.24 43.40
N ILE E 320 -53.51 10.64 42.22
CA ILE E 320 -53.29 9.88 40.99
C ILE E 320 -52.15 10.51 40.17
N PRO E 321 -51.19 9.70 39.72
CA PRO E 321 -50.16 10.28 38.86
C PRO E 321 -50.76 10.84 37.58
N CYS E 322 -50.27 11.99 37.14
CA CYS E 322 -50.75 12.62 35.91
C CYS E 322 -49.60 13.24 35.09
N ASP E 323 -49.53 12.89 33.82
CA ASP E 323 -48.60 13.49 32.87
C ASP E 323 -49.38 14.21 31.78
N VAL E 324 -48.90 15.39 31.38
CA VAL E 324 -49.55 16.20 30.34
C VAL E 324 -48.50 16.60 29.33
N GLU E 325 -48.82 16.45 28.05
CA GLU E 325 -47.82 16.69 27.04
C GLU E 325 -48.42 17.30 25.76
N ILE E 326 -47.66 18.21 25.15
CA ILE E 326 -47.98 18.78 23.84
C ILE E 326 -48.12 17.63 22.82
N ALA E 327 -49.24 17.62 22.11
CA ALA E 327 -49.55 16.49 21.22
C ALA E 327 -48.48 16.19 20.15
N SER E 328 -47.97 17.22 19.48
CA SER E 328 -46.91 17.05 18.51
C SER E 328 -45.67 16.41 19.14
N GLU E 329 -45.37 16.78 20.38
CA GLU E 329 -44.24 16.16 21.06
C GLU E 329 -44.48 14.67 21.29
N PHE E 330 -45.70 14.31 21.67
CA PHE E 330 -46.01 12.93 21.96
C PHE E 330 -45.99 12.06 20.70
N ARG E 331 -46.59 12.55 19.62
CA ARG E 331 -46.74 11.72 18.43
C ARG E 331 -45.42 11.40 17.72
N TYR E 332 -44.35 12.13 18.03
CA TYR E 332 -43.11 11.99 17.27
C TYR E 332 -41.96 11.33 18.03
N ARG E 333 -42.26 10.82 19.22
CA ARG E 333 -41.24 10.14 19.99
C ARG E 333 -41.76 8.78 20.46
N LYS E 334 -40.81 7.89 20.74
CA LYS E 334 -41.09 6.60 21.34
C LYS E 334 -41.26 6.83 22.83
N SER E 335 -42.48 6.70 23.33
CA SER E 335 -42.68 6.93 24.75
C SER E 335 -42.70 5.62 25.52
N ALA E 336 -42.69 5.74 26.84
CA ALA E 336 -42.74 4.57 27.72
C ALA E 336 -44.04 4.59 28.47
N VAL E 337 -44.98 3.75 28.02
CA VAL E 337 -46.32 3.74 28.59
C VAL E 337 -46.30 3.33 30.06
N ARG E 338 -46.97 4.09 30.90
CA ARG E 338 -47.13 3.70 32.29
C ARG E 338 -48.26 2.65 32.30
N ARG E 339 -48.22 1.75 33.28
CA ARG E 339 -49.18 0.66 33.31
C ARG E 339 -50.55 1.09 33.81
N ASN E 340 -51.60 0.51 33.24
CA ASN E 340 -52.97 0.87 33.59
C ASN E 340 -53.17 2.36 33.40
N SER E 341 -52.77 2.82 32.21
CA SER E 341 -52.74 4.23 31.89
C SER E 341 -53.95 4.64 31.03
N LEU E 342 -54.71 5.63 31.52
CA LEU E 342 -55.81 6.19 30.76
C LEU E 342 -55.34 7.36 29.90
N MET E 343 -55.67 7.33 28.61
CA MET E 343 -55.39 8.42 27.69
C MET E 343 -56.54 9.43 27.74
N ILE E 344 -56.23 10.68 28.00
CA ILE E 344 -57.23 11.74 27.95
C ILE E 344 -56.79 12.77 26.90
N THR E 345 -57.69 13.10 25.99
CA THR E 345 -57.41 14.23 25.12
C THR E 345 -58.33 15.36 25.49
N LEU E 346 -57.83 16.57 25.24
CA LEU E 346 -58.58 17.78 25.52
C LEU E 346 -58.58 18.57 24.23
N SER E 347 -59.77 18.91 23.75
CA SER E 347 -59.85 19.64 22.49
C SER E 347 -61.20 20.30 22.30
N GLN E 348 -61.19 21.59 21.95
CA GLN E 348 -62.43 22.31 21.74
C GLN E 348 -63.10 21.71 20.52
N SER E 349 -62.31 21.58 19.45
CA SER E 349 -62.84 21.30 18.13
C SER E 349 -63.03 19.81 17.85
N GLY E 350 -62.28 18.97 18.54
CA GLY E 350 -62.29 17.55 18.29
C GLY E 350 -61.60 17.14 17.00
N GLU E 351 -60.99 18.09 16.30
CA GLU E 351 -60.38 17.79 14.99
C GLU E 351 -58.88 18.10 14.84
N THR E 352 -58.26 18.66 15.88
CA THR E 352 -56.87 19.08 15.79
C THR E 352 -56.00 17.90 15.40
N ALA E 353 -55.23 18.05 14.32
CA ALA E 353 -54.52 16.91 13.77
C ALA E 353 -53.53 16.25 14.75
N ASP E 354 -52.64 17.02 15.38
CA ASP E 354 -51.69 16.42 16.33
C ASP E 354 -52.38 15.61 17.43
N THR E 355 -53.48 16.13 17.96
CA THR E 355 -54.16 15.46 19.08
C THR E 355 -54.82 14.14 18.64
N LEU E 356 -55.61 14.23 17.58
CA LEU E 356 -56.14 13.05 16.90
C LEU E 356 -55.06 11.98 16.67
N ALA E 357 -53.92 12.41 16.13
CA ALA E 357 -52.81 11.50 15.83
C ALA E 357 -52.31 10.88 17.13
N GLY E 358 -52.31 11.66 18.19
CA GLY E 358 -51.93 11.14 19.48
C GLY E 358 -52.83 10.04 19.97
N LEU E 359 -54.14 10.26 19.90
CA LEU E 359 -55.10 9.24 20.31
C LEU E 359 -54.85 7.96 19.50
N ARG E 360 -54.86 8.16 18.18
CA ARG E 360 -54.68 7.07 17.23
C ARG E 360 -53.45 6.24 17.56
N LEU E 361 -52.34 6.90 17.81
CA LEU E 361 -51.10 6.24 18.20
C LEU E 361 -51.29 5.53 19.53
N SER E 362 -52.08 6.12 20.42
CA SER E 362 -52.24 5.55 21.75
C SER E 362 -52.89 4.20 21.66
N LYS E 363 -53.84 4.04 20.74
CA LYS E 363 -54.55 2.76 20.63
C LYS E 363 -53.65 1.54 20.40
N GLU E 364 -52.39 1.79 20.03
CA GLU E 364 -51.46 0.71 19.70
C GLU E 364 -50.33 0.56 20.72
N LEU E 365 -50.50 1.17 21.89
CA LEU E 365 -49.36 1.23 22.81
C LEU E 365 -49.61 0.64 24.19
N GLY E 366 -50.85 0.23 24.48
CA GLY E 366 -51.15 -0.43 25.73
C GLY E 366 -51.81 0.43 26.79
N TYR E 367 -52.73 1.29 26.36
CA TYR E 367 -53.50 2.09 27.29
C TYR E 367 -54.76 1.33 27.69
N LEU E 368 -55.22 1.48 28.92
CA LEU E 368 -56.48 0.89 29.34
C LEU E 368 -57.59 1.37 28.44
N GLY E 369 -57.52 2.66 28.09
CA GLY E 369 -58.54 3.27 27.24
C GLY E 369 -58.34 4.75 27.04
N SER E 370 -59.31 5.37 26.39
CA SER E 370 -59.27 6.77 26.02
C SER E 370 -60.56 7.48 26.41
N LEU E 371 -60.41 8.71 26.89
CA LEU E 371 -61.52 9.59 27.21
C LEU E 371 -61.26 10.93 26.53
N ALA E 372 -62.28 11.42 25.82
CA ALA E 372 -62.22 12.70 25.13
C ALA E 372 -62.98 13.72 25.93
N ILE E 373 -62.33 14.85 26.22
CA ILE E 373 -63.05 16.00 26.73
C ILE E 373 -63.10 16.99 25.60
N CYS E 374 -64.30 17.31 25.15
CA CYS E 374 -64.44 17.99 23.88
C CYS E 374 -65.69 18.87 23.84
N ASN E 375 -65.75 19.79 22.89
CA ASN E 375 -66.87 20.72 22.84
C ASN E 375 -67.78 20.52 21.64
N VAL E 376 -67.30 19.82 20.63
CA VAL E 376 -68.09 19.59 19.43
C VAL E 376 -68.54 18.13 19.34
N PRO E 377 -69.85 17.89 19.46
CA PRO E 377 -70.39 16.53 19.44
C PRO E 377 -70.13 15.87 18.09
N GLY E 378 -69.89 14.57 18.11
CA GLY E 378 -69.70 13.81 16.89
C GLY E 378 -68.43 14.11 16.11
N SER E 379 -67.45 14.74 16.75
CA SER E 379 -66.19 15.01 16.08
C SER E 379 -65.31 13.78 16.16
N SER E 380 -64.28 13.74 15.33
CA SER E 380 -63.33 12.62 15.36
C SER E 380 -62.90 12.19 16.76
N LEU E 381 -62.28 13.11 17.50
CA LEU E 381 -61.73 12.76 18.80
C LEU E 381 -62.79 12.12 19.69
N VAL E 382 -64.04 12.51 19.48
CA VAL E 382 -65.14 11.97 20.22
C VAL E 382 -65.47 10.56 19.73
N ARG E 383 -65.77 10.44 18.43
CA ARG E 383 -66.08 9.14 17.87
C ARG E 383 -65.05 8.09 18.28
N GLU E 384 -63.78 8.44 18.16
CA GLU E 384 -62.69 7.47 18.29
C GLU E 384 -62.21 7.18 19.71
N SER E 385 -62.88 7.75 20.71
CA SER E 385 -62.53 7.51 22.10
C SER E 385 -63.49 6.51 22.75
N ASP E 386 -63.02 5.79 23.76
CA ASP E 386 -63.90 4.87 24.49
C ASP E 386 -64.98 5.62 25.28
N LEU E 387 -64.57 6.71 25.91
CA LEU E 387 -65.45 7.52 26.73
C LEU E 387 -65.37 8.98 26.27
N ALA E 388 -66.48 9.71 26.37
CA ALA E 388 -66.49 11.12 25.99
C ALA E 388 -67.30 11.95 26.96
N LEU E 389 -66.69 13.04 27.43
CA LEU E 389 -67.38 14.07 28.18
C LEU E 389 -67.39 15.37 27.38
N MET E 390 -68.59 15.81 27.04
CA MET E 390 -68.76 17.03 26.29
C MET E 390 -68.78 18.18 27.27
N THR E 391 -68.30 19.34 26.81
CA THR E 391 -68.23 20.50 27.69
C THR E 391 -69.50 21.35 27.61
N ASN E 392 -70.23 21.22 26.51
CA ASN E 392 -71.52 21.89 26.34
C ASN E 392 -71.46 23.40 26.47
N ALA E 393 -70.40 24.02 25.96
CA ALA E 393 -70.21 25.47 26.12
C ALA E 393 -70.92 26.29 25.05
N GLY E 394 -71.52 25.60 24.08
CA GLY E 394 -72.09 26.27 22.92
C GLY E 394 -70.99 26.52 21.91
N THR E 395 -71.36 26.89 20.69
CA THR E 395 -70.36 27.11 19.67
C THR E 395 -69.44 28.29 20.03
N GLU E 396 -68.17 28.14 19.68
CA GLU E 396 -67.16 29.16 19.96
C GLU E 396 -66.64 29.64 18.61
N ILE E 397 -66.86 30.92 18.31
CA ILE E 397 -66.48 31.50 17.03
C ILE E 397 -65.16 32.27 17.08
N GLY E 398 -64.87 32.89 18.22
CA GLY E 398 -63.56 33.51 18.40
C GLY E 398 -62.44 32.54 18.09
N VAL E 399 -61.43 32.99 17.35
CA VAL E 399 -60.34 32.12 17.01
C VAL E 399 -59.59 31.63 18.27
N ALA E 400 -59.47 32.52 19.25
CA ALA E 400 -58.79 32.24 20.51
C ALA E 400 -59.82 31.75 21.51
N SER E 401 -59.58 30.60 22.10
CA SER E 401 -60.60 29.97 22.92
C SER E 401 -60.72 30.58 24.34
N THR E 402 -61.95 30.77 24.79
CA THR E 402 -62.22 31.32 26.11
C THR E 402 -63.14 30.40 26.94
N LYS E 403 -64.45 30.39 26.64
CA LYS E 403 -65.35 29.50 27.38
C LYS E 403 -64.95 28.02 27.26
N ALA E 404 -64.30 27.67 26.14
CA ALA E 404 -63.85 26.29 25.96
C ALA E 404 -62.83 25.93 27.04
N PHE E 405 -61.97 26.88 27.36
CA PHE E 405 -60.94 26.66 28.35
C PHE E 405 -61.57 26.44 29.74
N THR E 406 -62.43 27.37 30.16
CA THR E 406 -63.02 27.26 31.48
C THR E 406 -63.93 26.03 31.62
N THR E 407 -64.69 25.69 30.58
CA THR E 407 -65.53 24.50 30.66
C THR E 407 -64.69 23.22 30.70
N GLN E 408 -63.60 23.21 29.95
CA GLN E 408 -62.63 22.11 30.08
C GLN E 408 -62.19 21.98 31.52
N LEU E 409 -61.76 23.10 32.12
CA LEU E 409 -61.30 23.06 33.50
C LEU E 409 -62.37 22.47 34.42
N THR E 410 -63.63 22.86 34.18
CA THR E 410 -64.75 22.35 34.97
C THR E 410 -64.89 20.82 34.85
N VAL E 411 -64.92 20.32 33.63
CA VAL E 411 -64.97 18.88 33.44
C VAL E 411 -63.83 18.16 34.16
N LEU E 412 -62.59 18.61 33.93
CA LEU E 412 -61.45 17.97 34.59
C LEU E 412 -61.62 17.92 36.13
N LEU E 413 -62.01 19.06 36.71
CA LEU E 413 -62.22 19.08 38.16
C LEU E 413 -63.31 18.05 38.56
N MET E 414 -64.39 17.95 37.80
CA MET E 414 -65.39 16.93 38.13
C MET E 414 -64.78 15.53 38.09
N LEU E 415 -63.87 15.33 37.15
CA LEU E 415 -63.25 14.03 36.94
C LEU E 415 -62.34 13.72 38.13
N VAL E 416 -61.93 14.75 38.85
CA VAL E 416 -61.13 14.47 40.06
C VAL E 416 -61.84 13.55 41.06
N ALA E 417 -63.06 13.90 41.47
CA ALA E 417 -63.77 13.06 42.41
C ALA E 417 -63.88 11.62 41.88
N LYS E 418 -64.56 11.46 40.76
CA LYS E 418 -64.86 10.14 40.21
C LYS E 418 -63.62 9.41 39.65
N LEU E 419 -62.51 9.46 40.37
CA LEU E 419 -61.24 8.95 39.88
C LEU E 419 -60.17 9.02 40.96
N SER E 420 -60.60 9.31 42.18
CA SER E 420 -59.69 9.39 43.32
C SER E 420 -58.91 8.09 43.50
N ARG E 421 -57.83 8.15 44.27
CA ARG E 421 -56.93 7.02 44.46
C ARG E 421 -56.06 7.31 45.67
N LEU E 422 -56.18 8.54 46.18
CA LEU E 422 -55.43 8.96 47.37
C LEU E 422 -56.24 8.60 48.59
N LYS E 423 -56.87 7.43 48.55
CA LYS E 423 -57.65 6.95 49.68
C LYS E 423 -56.84 7.07 50.97
N GLY E 424 -57.55 7.19 52.08
CA GLY E 424 -56.97 7.53 53.36
C GLY E 424 -58.14 8.18 54.05
N LEU E 425 -58.64 9.25 53.45
CA LEU E 425 -59.97 9.74 53.79
C LEU E 425 -60.47 11.00 53.10
N ASP E 426 -61.71 10.88 52.65
CA ASP E 426 -62.68 11.98 52.67
C ASP E 426 -63.33 12.43 51.36
N ALA E 427 -64.65 12.21 51.33
CA ALA E 427 -65.53 12.92 50.42
C ALA E 427 -65.54 14.37 50.90
N SER E 428 -64.57 14.71 51.74
CA SER E 428 -64.28 16.09 52.10
C SER E 428 -63.84 16.80 50.84
N ILE E 429 -62.80 16.25 50.21
CA ILE E 429 -62.39 16.70 48.89
C ILE E 429 -63.62 16.88 48.00
N GLU E 430 -64.48 15.86 47.92
CA GLU E 430 -65.61 15.92 46.99
C GLU E 430 -66.65 16.98 47.38
N HIS E 431 -66.76 17.28 48.66
CA HIS E 431 -67.72 18.26 49.09
CA HIS E 431 -67.71 18.28 49.12
C HIS E 431 -67.19 19.68 48.84
N ASP E 432 -65.86 19.85 48.96
CA ASP E 432 -65.22 21.13 48.64
C ASP E 432 -65.31 21.38 47.15
N ILE E 433 -65.07 20.32 46.38
CA ILE E 433 -65.16 20.39 44.93
C ILE E 433 -66.58 20.71 44.49
N VAL E 434 -67.55 19.98 45.02
CA VAL E 434 -68.95 20.18 44.64
C VAL E 434 -69.42 21.58 45.03
N HIS E 435 -69.03 22.00 46.24
CA HIS E 435 -69.31 23.35 46.73
C HIS E 435 -68.76 24.40 45.75
N GLY E 436 -67.48 24.27 45.44
CA GLY E 436 -66.81 25.15 44.51
C GLY E 436 -67.50 25.21 43.16
N LEU E 437 -67.84 24.06 42.62
CA LEU E 437 -68.49 23.98 41.31
C LEU E 437 -69.87 24.62 41.33
N GLN E 438 -70.56 24.51 42.46
CA GLN E 438 -71.87 25.13 42.59
C GLN E 438 -71.72 26.64 42.63
N ALA E 439 -70.65 27.10 43.29
CA ALA E 439 -70.33 28.52 43.37
C ALA E 439 -69.82 29.11 42.06
N LEU E 440 -69.24 28.26 41.20
CA LEU E 440 -68.42 28.74 40.10
C LEU E 440 -69.11 29.74 39.19
N PRO E 441 -70.33 29.43 38.74
CA PRO E 441 -70.95 30.40 37.83
C PRO E 441 -71.04 31.79 38.43
N SER E 442 -71.45 31.91 39.69
CA SER E 442 -71.53 33.23 40.32
C SER E 442 -70.15 33.85 40.50
N ARG E 443 -69.15 33.00 40.75
CA ARG E 443 -67.77 33.45 40.86
C ARG E 443 -67.22 34.07 39.56
N ILE E 444 -67.48 33.42 38.44
CA ILE E 444 -67.07 33.99 37.16
C ILE E 444 -67.76 35.33 36.97
N GLU E 445 -69.06 35.36 37.24
CA GLU E 445 -69.84 36.58 37.06
C GLU E 445 -69.28 37.68 37.96
N GLN E 446 -68.69 37.28 39.06
CA GLN E 446 -68.11 38.21 40.01
C GLN E 446 -66.86 38.80 39.38
N MET E 447 -66.10 37.94 38.70
CA MET E 447 -64.91 38.36 37.96
C MET E 447 -65.24 39.30 36.78
N LEU E 448 -66.25 38.94 36.00
CA LEU E 448 -66.68 39.81 34.92
C LEU E 448 -67.03 41.19 35.46
N SER E 449 -67.41 41.24 36.75
CA SER E 449 -67.82 42.51 37.35
C SER E 449 -66.66 43.46 37.64
N GLN E 450 -65.44 42.96 37.49
CA GLN E 450 -64.25 43.78 37.68
C GLN E 450 -63.80 44.37 36.34
N ASP E 451 -64.56 44.11 35.28
CA ASP E 451 -64.10 44.52 33.95
C ASP E 451 -63.64 45.98 33.83
N LYS E 452 -64.30 46.91 34.51
CA LYS E 452 -63.92 48.32 34.38
C LYS E 452 -62.50 48.54 34.89
N ARG E 453 -62.19 47.89 36.00
CA ARG E 453 -60.87 47.97 36.58
C ARG E 453 -59.83 47.36 35.64
N ILE E 454 -60.14 46.20 35.07
CA ILE E 454 -59.23 45.55 34.14
C ILE E 454 -59.04 46.41 32.90
N GLU E 455 -60.14 46.97 32.40
CA GLU E 455 -60.07 47.87 31.25
C GLU E 455 -59.09 49.03 31.50
N ALA E 456 -59.15 49.60 32.69
CA ALA E 456 -58.23 50.68 33.02
C ALA E 456 -56.80 50.14 33.14
N LEU E 457 -56.65 48.98 33.77
CA LEU E 457 -55.35 48.38 33.91
C LEU E 457 -54.69 48.22 32.53
N ALA E 458 -55.53 47.99 31.53
CA ALA E 458 -55.05 47.73 30.18
C ALA E 458 -54.21 48.89 29.61
N GLU E 459 -54.44 50.11 30.08
CA GLU E 459 -53.62 51.23 29.60
C GLU E 459 -52.14 51.07 29.97
N ASP E 460 -51.88 50.26 30.99
CA ASP E 460 -50.51 50.03 31.40
C ASP E 460 -49.75 49.07 30.49
N PHE E 461 -50.43 48.48 29.52
CA PHE E 461 -49.84 47.41 28.70
C PHE E 461 -49.95 47.70 27.22
N SER E 462 -50.87 48.59 26.87
CA SER E 462 -51.26 48.80 25.48
C SER E 462 -50.10 49.23 24.57
N ASP E 463 -49.10 49.89 25.15
CA ASP E 463 -47.96 50.39 24.39
C ASP E 463 -46.69 49.56 24.65
N LYS E 464 -46.85 48.43 25.33
CA LYS E 464 -45.70 47.62 25.69
C LYS E 464 -45.47 46.55 24.62
N HIS E 465 -44.23 46.12 24.45
CA HIS E 465 -43.97 45.06 23.49
C HIS E 465 -43.57 43.76 24.15
N HIS E 466 -43.42 43.81 25.47
CA HIS E 466 -43.06 42.62 26.22
C HIS E 466 -43.94 42.54 27.44
N ALA E 467 -44.03 41.36 28.00
CA ALA E 467 -44.65 41.14 29.29
C ALA E 467 -44.19 39.79 29.78
N LEU E 468 -44.16 39.62 31.08
CA LEU E 468 -43.78 38.34 31.65
C LEU E 468 -44.88 37.91 32.62
N PHE E 469 -45.46 36.73 32.45
CA PHE E 469 -46.51 36.26 33.36
C PHE E 469 -45.95 35.21 34.31
N LEU E 470 -46.16 35.40 35.62
CA LEU E 470 -45.70 34.44 36.62
C LEU E 470 -46.85 33.80 37.42
N GLY E 471 -46.72 32.51 37.69
CA GLY E 471 -47.62 31.79 38.56
C GLY E 471 -46.92 30.60 39.19
N ARG E 472 -47.41 30.15 40.35
CA ARG E 472 -46.89 28.95 40.99
C ARG E 472 -47.98 27.88 41.14
N GLY E 473 -47.60 26.62 41.06
CA GLY E 473 -48.55 25.55 41.20
C GLY E 473 -49.68 25.63 40.20
N ASP E 474 -50.91 25.49 40.67
CA ASP E 474 -52.07 25.44 39.78
C ASP E 474 -52.37 26.80 39.16
N GLN E 475 -51.60 27.81 39.53
CA GLN E 475 -51.69 29.12 38.88
C GLN E 475 -50.64 29.28 37.77
N TYR E 476 -49.63 28.42 37.76
CA TYR E 476 -48.61 28.49 36.70
C TYR E 476 -49.21 28.29 35.30
N PRO E 477 -50.10 27.28 35.14
CA PRO E 477 -50.72 27.12 33.83
C PRO E 477 -51.70 28.25 33.48
N ILE E 478 -52.28 28.90 34.48
CA ILE E 478 -53.12 30.06 34.27
C ILE E 478 -52.27 31.24 33.75
N ALA E 479 -51.06 31.37 34.27
CA ALA E 479 -50.08 32.29 33.69
C ALA E 479 -49.72 31.94 32.23
N LEU E 480 -49.54 30.64 31.93
CA LEU E 480 -49.35 30.22 30.54
C LEU E 480 -50.50 30.74 29.67
N GLU E 481 -51.74 30.55 30.12
CA GLU E 481 -52.90 30.90 29.32
C GLU E 481 -53.01 32.42 29.14
N GLY E 482 -52.83 33.17 30.22
CA GLY E 482 -52.80 34.62 30.15
C GLY E 482 -51.77 35.14 29.16
N ALA E 483 -50.58 34.55 29.18
CA ALA E 483 -49.54 34.99 28.26
C ALA E 483 -49.94 34.66 26.81
N LEU E 484 -50.46 33.45 26.61
CA LEU E 484 -50.89 33.01 25.29
C LEU E 484 -51.92 33.98 24.74
N LYS E 485 -52.86 34.39 25.61
CA LYS E 485 -53.92 35.31 25.24
C LYS E 485 -53.40 36.69 24.82
N LEU E 486 -52.39 37.20 25.51
CA LEU E 486 -51.81 38.48 25.16
C LEU E 486 -51.05 38.37 23.82
N LYS E 487 -50.35 37.26 23.60
CA LYS E 487 -49.75 37.01 22.30
C LYS E 487 -50.79 36.96 21.19
N GLU E 488 -51.81 36.12 21.37
CA GLU E 488 -52.77 35.85 20.31
C GLU E 488 -53.47 37.08 19.77
N ILE E 489 -54.04 37.91 20.64
CA ILE E 489 -54.93 38.98 20.17
C ILE E 489 -54.39 40.41 20.21
N SER E 490 -53.27 40.64 20.89
CA SER E 490 -52.65 41.96 20.87
C SER E 490 -51.25 41.96 20.25
N TYR E 491 -50.68 40.78 20.02
CA TYR E 491 -49.38 40.68 19.37
C TYR E 491 -48.25 41.19 20.28
N ILE E 492 -48.56 41.40 21.55
CA ILE E 492 -47.52 41.68 22.52
C ILE E 492 -46.73 40.39 22.74
N HIS E 493 -45.42 40.54 22.89
CA HIS E 493 -44.57 39.38 23.11
C HIS E 493 -44.55 39.04 24.61
N ALA E 494 -45.62 38.36 25.03
CA ALA E 494 -45.84 37.94 26.41
C ALA E 494 -45.34 36.50 26.62
N GLU E 495 -44.62 36.29 27.70
CA GLU E 495 -44.05 34.99 28.00
C GLU E 495 -44.37 34.61 29.43
N ALA E 496 -44.85 33.39 29.62
CA ALA E 496 -45.16 32.88 30.96
C ALA E 496 -43.95 32.14 31.50
N TYR E 497 -43.82 32.08 32.81
CA TYR E 497 -42.69 31.40 33.44
C TYR E 497 -43.11 30.96 34.83
N ALA E 498 -42.59 29.83 35.30
CA ALA E 498 -42.76 29.43 36.70
C ALA E 498 -42.18 30.53 37.60
N ALA E 499 -42.98 30.98 38.56
CA ALA E 499 -42.56 32.09 39.42
C ALA E 499 -41.18 31.84 40.00
N GLY E 500 -40.96 30.63 40.49
CA GLY E 500 -39.72 30.27 41.17
C GLY E 500 -38.51 30.27 40.26
N GLU E 501 -38.76 30.37 38.96
CA GLU E 501 -37.67 30.40 37.99
C GLU E 501 -37.30 31.81 37.55
N LEU E 502 -38.03 32.83 38.04
CA LEU E 502 -37.75 34.21 37.62
C LEU E 502 -36.26 34.57 37.72
N LYS E 503 -35.65 34.23 38.85
CA LYS E 503 -34.30 34.66 39.15
C LYS E 503 -33.29 33.93 38.27
N HIS E 504 -33.75 32.87 37.62
CA HIS E 504 -32.83 32.02 36.88
C HIS E 504 -32.54 32.46 35.43
N GLY E 505 -33.14 33.57 35.01
CA GLY E 505 -32.89 34.13 33.69
C GLY E 505 -33.69 35.37 33.32
N PRO E 506 -35.01 35.24 33.26
CA PRO E 506 -35.82 36.37 32.81
C PRO E 506 -35.61 37.66 33.62
N LEU E 507 -35.17 37.58 34.87
CA LEU E 507 -34.97 38.83 35.64
C LEU E 507 -34.03 39.80 34.90
N ALA E 508 -33.09 39.24 34.14
CA ALA E 508 -32.14 40.04 33.36
C ALA E 508 -32.80 40.87 32.24
N LEU E 509 -34.00 40.48 31.85
CA LEU E 509 -34.79 41.20 30.84
C LEU E 509 -35.57 42.40 31.38
N ILE E 510 -35.97 42.34 32.65
CA ILE E 510 -36.96 43.28 33.14
C ILE E 510 -36.54 44.75 33.11
N ASP E 511 -37.42 45.56 32.54
CA ASP E 511 -37.34 47.02 32.57
C ASP E 511 -38.73 47.56 32.26
N ALA E 512 -38.83 48.87 32.05
CA ALA E 512 -40.13 49.51 31.87
C ALA E 512 -40.91 48.99 30.65
N ASP E 513 -40.21 48.43 29.67
CA ASP E 513 -40.89 47.91 28.50
C ASP E 513 -41.33 46.45 28.68
N MET E 514 -41.17 45.93 29.89
CA MET E 514 -41.53 44.52 30.14
C MET E 514 -42.11 44.37 31.54
N PRO E 515 -43.39 44.68 31.69
CA PRO E 515 -44.14 44.52 32.94
C PRO E 515 -44.20 43.05 33.33
N VAL E 516 -44.20 42.81 34.63
CA VAL E 516 -44.36 41.48 35.20
C VAL E 516 -45.74 41.37 35.84
N ILE E 517 -46.42 40.25 35.58
CA ILE E 517 -47.71 39.94 36.20
C ILE E 517 -47.58 38.65 37.01
N VAL E 518 -48.11 38.63 38.23
CA VAL E 518 -48.19 37.39 39.02
C VAL E 518 -49.65 37.05 39.30
N VAL E 519 -50.00 35.78 39.16
CA VAL E 519 -51.38 35.35 39.33
C VAL E 519 -51.61 34.69 40.67
N ALA E 520 -52.35 35.37 41.55
CA ALA E 520 -52.81 34.80 42.83
C ALA E 520 -51.76 34.10 43.68
N PRO E 521 -50.68 34.81 44.04
CA PRO E 521 -49.64 34.22 44.89
C PRO E 521 -49.98 34.36 46.38
N ASN E 522 -49.43 33.48 47.22
CA ASN E 522 -49.50 33.68 48.66
C ASN E 522 -48.46 34.69 49.11
N ASN E 523 -48.47 34.98 50.41
CA ASN E 523 -47.62 36.02 50.97
C ASN E 523 -46.12 35.75 50.85
N GLU E 524 -45.76 34.48 50.94
CA GLU E 524 -44.35 34.07 50.89
C GLU E 524 -43.77 34.27 49.48
N LEU E 525 -44.51 33.73 48.51
CA LEU E 525 -44.20 33.93 47.10
C LEU E 525 -44.10 35.42 46.82
N LEU E 526 -45.08 36.17 47.30
CA LEU E 526 -45.07 37.60 47.05
C LEU E 526 -43.84 38.25 47.63
N GLU E 527 -43.42 37.84 48.82
CA GLU E 527 -42.22 38.43 49.42
C GLU E 527 -41.06 38.22 48.46
N LYS E 528 -40.94 36.98 47.98
CA LYS E 528 -39.87 36.67 47.03
C LYS E 528 -39.89 37.59 45.81
N LEU E 529 -41.04 37.65 45.14
CA LEU E 529 -41.15 38.45 43.91
C LEU E 529 -40.94 39.95 44.17
N LYS E 530 -41.34 40.40 45.34
CA LYS E 530 -41.19 41.79 45.77
C LYS E 530 -39.71 42.08 45.77
N SER E 531 -38.96 41.24 46.47
CA SER E 531 -37.51 41.45 46.48
C SER E 531 -36.93 41.44 45.04
N ASN E 532 -37.34 40.46 44.24
CA ASN E 532 -36.87 40.41 42.84
C ASN E 532 -37.12 41.70 42.06
N ILE E 533 -38.33 42.24 42.17
CA ILE E 533 -38.67 43.44 41.40
C ILE E 533 -37.91 44.64 41.95
N GLU E 534 -37.65 44.61 43.25
CA GLU E 534 -36.74 45.60 43.83
C GLU E 534 -35.41 45.55 43.10
N GLU E 535 -34.93 44.34 42.81
CA GLU E 535 -33.62 44.25 42.12
C GLU E 535 -33.59 45.01 40.80
N VAL E 536 -34.73 45.13 40.11
CA VAL E 536 -34.77 45.78 38.79
C VAL E 536 -35.54 47.11 38.79
N ARG E 537 -35.82 47.63 39.98
CA ARG E 537 -36.39 48.96 40.09
C ARG E 537 -35.65 50.02 39.24
N ALA E 538 -34.32 49.98 39.22
CA ALA E 538 -33.55 51.04 38.57
C ALA E 538 -33.80 51.13 37.06
N ARG E 539 -34.19 50.01 36.46
CA ARG E 539 -34.56 50.01 35.03
C ARG E 539 -36.07 50.20 34.81
N GLY E 540 -36.78 50.60 35.85
CA GLY E 540 -38.21 50.82 35.76
C GLY E 540 -39.06 49.57 35.72
N GLY E 541 -38.63 48.50 36.39
CA GLY E 541 -39.40 47.27 36.45
C GLY E 541 -40.68 47.44 37.24
N GLN E 542 -41.78 46.88 36.75
CA GLN E 542 -43.08 46.96 37.42
C GLN E 542 -43.66 45.57 37.66
N LEU E 543 -44.20 45.37 38.85
CA LEU E 543 -44.85 44.12 39.19
C LEU E 543 -46.35 44.39 39.31
N TYR E 544 -47.16 43.57 38.64
CA TYR E 544 -48.61 43.63 38.81
C TYR E 544 -49.07 42.34 39.46
N VAL E 545 -49.86 42.48 40.52
CA VAL E 545 -50.25 41.34 41.33
C VAL E 545 -51.76 41.16 41.40
N PHE E 546 -52.27 40.12 40.75
CA PHE E 546 -53.67 39.77 40.92
C PHE E 546 -53.80 38.91 42.15
N ALA E 547 -54.42 39.46 43.20
CA ALA E 547 -54.53 38.75 44.47
C ALA E 547 -55.84 39.01 45.21
N ASP E 548 -56.16 38.09 46.10
CA ASP E 548 -57.29 38.16 47.03
C ASP E 548 -57.25 39.42 47.92
N GLN E 549 -58.34 40.19 47.91
CA GLN E 549 -58.58 41.27 48.90
C GLN E 549 -58.14 40.86 50.29
N ASP E 550 -58.59 39.68 50.70
CA ASP E 550 -58.42 39.22 52.08
C ASP E 550 -56.97 39.12 52.48
N ALA E 551 -56.07 39.01 51.51
CA ALA E 551 -54.65 38.86 51.81
C ALA E 551 -54.06 40.14 52.38
N GLY E 552 -54.72 41.27 52.09
CA GLY E 552 -54.26 42.56 52.57
C GLY E 552 -52.89 42.98 52.09
N PHE E 553 -52.51 42.53 50.90
CA PHE E 553 -51.30 43.05 50.27
C PHE E 553 -51.43 44.55 50.06
N VAL E 554 -50.30 45.25 50.12
CA VAL E 554 -50.24 46.70 49.98
C VAL E 554 -49.33 47.12 48.82
N SER E 555 -49.80 48.04 48.00
CA SER E 555 -49.02 48.50 46.85
C SER E 555 -47.83 49.29 47.31
N SER E 556 -46.80 49.33 46.45
CA SER E 556 -45.67 50.23 46.59
C SER E 556 -45.53 50.97 45.27
N ASP E 557 -44.42 51.66 45.06
CA ASP E 557 -44.28 52.48 43.86
C ASP E 557 -44.02 51.65 42.61
N ASN E 558 -43.47 50.46 42.79
CA ASN E 558 -43.29 49.58 41.63
C ASN E 558 -43.96 48.21 41.78
N MET E 559 -44.75 48.03 42.85
CA MET E 559 -45.60 46.86 42.99
C MET E 559 -47.07 47.26 43.08
N HIS E 560 -47.85 46.85 42.10
CA HIS E 560 -49.24 47.26 42.06
C HIS E 560 -50.19 46.08 42.30
N ILE E 561 -50.88 46.14 43.43
CA ILE E 561 -51.81 45.08 43.80
C ILE E 561 -53.15 45.30 43.12
N ILE E 562 -53.60 44.33 42.33
CA ILE E 562 -54.93 44.40 41.74
C ILE E 562 -55.80 43.46 42.54
N GLU E 563 -56.52 44.02 43.52
CA GLU E 563 -57.34 43.23 44.44
C GLU E 563 -58.50 42.52 43.75
N MET E 564 -58.75 41.26 44.14
CA MET E 564 -59.88 40.50 43.62
C MET E 564 -60.71 39.91 44.76
N PRO E 565 -62.01 39.67 44.51
CA PRO E 565 -62.86 39.02 45.52
C PRO E 565 -62.33 37.64 45.89
N HIS E 566 -62.63 37.22 47.10
CA HIS E 566 -62.24 35.90 47.59
C HIS E 566 -62.99 34.79 46.86
N VAL E 567 -62.34 33.64 46.67
CA VAL E 567 -63.01 32.47 46.09
C VAL E 567 -62.62 31.21 46.79
N GLU E 568 -63.45 30.19 46.61
CA GLU E 568 -63.09 28.85 47.00
C GLU E 568 -61.76 28.48 46.32
N GLU E 569 -60.82 27.97 47.10
CA GLU E 569 -59.49 27.61 46.62
C GLU E 569 -59.50 26.66 45.41
N VAL E 570 -60.33 25.64 45.48
CA VAL E 570 -60.33 24.59 44.48
C VAL E 570 -60.68 25.10 43.08
N ILE E 571 -61.43 26.19 43.01
CA ILE E 571 -61.76 26.74 41.71
C ILE E 571 -60.97 28.01 41.40
N ALA E 572 -59.96 28.32 42.21
CA ALA E 572 -59.22 29.58 42.02
C ALA E 572 -58.57 29.73 40.62
N PRO E 573 -57.99 28.66 40.07
CA PRO E 573 -57.45 28.77 38.71
C PRO E 573 -58.51 29.13 37.68
N ILE E 574 -59.70 28.56 37.79
CA ILE E 574 -60.74 28.94 36.84
C ILE E 574 -61.05 30.43 37.03
N PHE E 575 -61.15 30.83 38.28
CA PHE E 575 -61.45 32.18 38.69
C PHE E 575 -60.47 33.19 38.10
N TYR E 576 -59.19 32.97 38.36
CA TYR E 576 -58.16 33.93 37.96
C TYR E 576 -57.92 33.99 36.45
N THR E 577 -58.41 33.00 35.72
CA THR E 577 -58.29 33.02 34.27
C THR E 577 -58.98 34.24 33.69
N VAL E 578 -60.12 34.61 34.27
CA VAL E 578 -60.98 35.64 33.70
C VAL E 578 -60.35 37.05 33.57
N PRO E 579 -59.72 37.56 34.64
CA PRO E 579 -59.04 38.86 34.54
C PRO E 579 -58.02 38.85 33.40
N LEU E 580 -57.39 37.70 33.13
CA LEU E 580 -56.38 37.65 32.10
C LEU E 580 -56.99 37.67 30.68
N GLN E 581 -58.15 37.05 30.51
CA GLN E 581 -58.90 37.15 29.25
C GLN E 581 -59.33 38.60 28.96
N LEU E 582 -59.88 39.26 29.98
CA LEU E 582 -60.33 40.64 29.86
C LEU E 582 -59.15 41.60 29.59
N LEU E 583 -58.02 41.37 30.25
CA LEU E 583 -56.86 42.22 30.04
C LEU E 583 -56.46 42.14 28.56
N ALA E 584 -56.32 40.92 28.05
CA ALA E 584 -55.94 40.74 26.66
C ALA E 584 -56.98 41.41 25.77
N TYR E 585 -58.24 41.20 26.10
CA TYR E 585 -59.29 41.71 25.27
C TYR E 585 -59.22 43.23 25.22
N HIS E 586 -59.07 43.85 26.38
CA HIS E 586 -59.02 45.31 26.45
C HIS E 586 -57.73 45.94 25.91
N VAL E 587 -56.62 45.22 26.03
CA VAL E 587 -55.41 45.69 25.35
C VAL E 587 -55.69 45.68 23.84
N ALA E 588 -56.32 44.61 23.37
CA ALA E 588 -56.59 44.47 21.94
C ALA E 588 -57.53 45.57 21.46
N LEU E 589 -58.49 45.97 22.32
CA LEU E 589 -59.46 46.99 21.96
C LEU E 589 -58.80 48.34 21.81
N ILE E 590 -57.94 48.66 22.75
CA ILE E 590 -57.20 49.91 22.73
C ILE E 590 -56.36 50.00 21.47
N LYS E 591 -55.71 48.89 21.11
CA LYS E 591 -54.79 48.88 19.98
C LYS E 591 -55.55 48.80 18.66
N GLY E 592 -56.76 48.25 18.70
CA GLY E 592 -57.55 48.04 17.51
C GLY E 592 -57.07 46.87 16.68
N THR E 593 -56.63 45.81 17.35
CA THR E 593 -56.25 44.60 16.63
C THR E 593 -57.44 43.70 16.38
N ASP E 594 -57.28 42.79 15.43
CA ASP E 594 -58.37 41.92 14.98
C ASP E 594 -58.66 40.83 16.02
N VAL E 595 -59.53 41.13 17.00
CA VAL E 595 -59.76 40.22 18.13
C VAL E 595 -60.28 38.86 17.69
N ASP E 596 -61.28 38.84 16.83
CA ASP E 596 -61.93 37.58 16.50
C ASP E 596 -61.07 36.76 15.51
N GLN E 597 -60.25 37.47 14.74
CA GLN E 597 -59.36 36.79 13.80
C GLN E 597 -57.96 37.37 13.80
N PRO E 598 -57.17 37.06 14.84
CA PRO E 598 -55.81 37.59 14.88
C PRO E 598 -55.00 37.15 13.64
N ARG E 599 -54.00 37.94 13.27
CA ARG E 599 -53.21 37.64 12.08
C ARG E 599 -52.57 36.25 12.15
N ASN E 600 -52.66 35.51 11.05
CA ASN E 600 -51.98 34.22 10.92
C ASN E 600 -52.47 33.06 11.79
N LEU E 601 -53.48 33.27 12.63
CA LEU E 601 -53.97 32.17 13.47
C LEU E 601 -55.22 31.53 12.90
N ALA E 602 -55.51 30.33 13.36
CA ALA E 602 -56.64 29.57 12.82
C ALA E 602 -57.45 28.98 13.94
N LYS E 603 -58.75 28.89 13.75
CA LYS E 603 -59.61 28.35 14.79
C LYS E 603 -59.15 26.95 15.20
N SER E 604 -58.86 26.09 14.25
CA SER E 604 -58.18 24.85 14.62
C SER E 604 -57.29 24.31 13.50
N VAL E 605 -56.27 23.58 13.88
CA VAL E 605 -55.26 23.11 12.95
C VAL E 605 -55.57 21.66 12.60
N THR E 606 -56.25 21.47 11.47
CA THR E 606 -56.81 20.17 11.12
C THR E 606 -55.94 19.38 10.16
N VAL E 607 -54.98 20.04 9.51
CA VAL E 607 -54.09 19.32 8.58
C VAL E 607 -52.62 19.36 9.02
N GLU E 608 -51.74 18.83 8.18
CA GLU E 608 -50.31 18.78 8.47
C GLU E 608 -49.58 20.05 8.05
N ALA F 1 -30.12 11.16 64.37
CA ALA F 1 -30.25 11.93 63.13
C ALA F 1 -29.20 13.06 62.99
N GLY F 2 -28.91 13.75 64.09
CA GLY F 2 -27.97 14.86 64.09
C GLY F 2 -27.29 15.09 65.43
N ILE F 3 -26.07 15.60 65.40
CA ILE F 3 -25.27 15.80 66.61
C ILE F 3 -24.73 17.23 66.65
N VAL F 4 -24.54 17.77 67.85
CA VAL F 4 -23.90 19.07 68.05
C VAL F 4 -23.23 19.14 69.42
N GLY F 5 -21.90 19.02 69.46
CA GLY F 5 -21.14 19.17 70.69
C GLY F 5 -20.56 20.57 70.79
N ALA F 6 -20.00 20.91 71.95
CA ALA F 6 -19.45 22.25 72.16
C ALA F 6 -18.67 22.43 73.47
N ILE F 7 -17.53 23.10 73.37
CA ILE F 7 -16.75 23.44 74.58
C ILE F 7 -16.17 24.88 74.52
N ALA F 8 -16.49 25.68 75.54
CA ALA F 8 -16.28 27.13 75.50
C ALA F 8 -16.24 27.82 76.87
N GLN F 9 -16.11 29.13 76.84
CA GLN F 9 -16.09 29.95 78.03
C GLN F 9 -17.47 30.52 78.28
N ARG F 10 -18.33 30.42 77.28
CA ARG F 10 -19.69 30.92 77.40
C ARG F 10 -20.66 29.76 77.50
N ASP F 11 -21.91 30.06 77.85
CA ASP F 11 -22.97 29.06 77.84
C ASP F 11 -23.21 28.60 76.40
N VAL F 12 -23.22 27.28 76.21
CA VAL F 12 -23.33 26.72 74.87
C VAL F 12 -24.73 26.16 74.52
N ALA F 13 -25.66 26.20 75.47
CA ALA F 13 -26.99 25.65 75.23
C ALA F 13 -27.62 26.23 73.95
N GLU F 14 -27.63 27.56 73.88
CA GLU F 14 -28.17 28.28 72.72
C GLU F 14 -27.48 27.83 71.43
N ILE F 15 -26.16 27.72 71.49
CA ILE F 15 -25.40 27.15 70.39
C ILE F 15 -25.96 25.79 70.00
N LEU F 16 -25.79 24.79 70.86
CA LEU F 16 -26.26 23.42 70.59
C LEU F 16 -27.66 23.33 69.95
N LEU F 17 -28.59 24.11 70.49
CA LEU F 17 -29.98 24.18 69.98
C LEU F 17 -30.09 24.81 68.59
N GLU F 18 -29.26 25.80 68.29
CA GLU F 18 -29.22 26.33 66.92
C GLU F 18 -28.57 25.34 65.94
N GLY F 19 -27.53 24.64 66.42
CA GLY F 19 -26.87 23.59 65.68
C GLY F 19 -27.88 22.51 65.30
N LEU F 20 -28.78 22.20 66.22
CA LEU F 20 -29.86 21.27 65.91
C LEU F 20 -30.89 21.84 64.93
N ARG F 21 -31.37 23.05 65.24
CA ARG F 21 -32.27 23.79 64.36
C ARG F 21 -31.86 23.64 62.90
N ARG F 22 -30.56 23.74 62.64
CA ARG F 22 -30.05 23.63 61.28
C ARG F 22 -29.91 22.19 60.76
N LEU F 23 -29.99 21.22 61.66
CA LEU F 23 -29.99 19.81 61.26
C LEU F 23 -31.40 19.20 61.38
N GLU F 24 -32.41 20.06 61.39
CA GLU F 24 -33.80 19.60 61.38
C GLU F 24 -34.27 18.97 60.05
N TYR F 25 -33.59 19.32 58.96
CA TYR F 25 -33.93 18.81 57.63
C TYR F 25 -33.70 17.29 57.51
N ARG F 26 -33.00 16.74 58.49
CA ARG F 26 -32.61 15.33 58.48
C ARG F 26 -33.71 14.37 58.96
N GLY F 27 -34.79 14.91 59.52
CA GLY F 27 -35.91 14.06 59.88
C GLY F 27 -35.70 13.26 61.16
N TYR F 28 -36.46 13.64 62.18
CA TYR F 28 -36.24 13.13 63.53
C TYR F 28 -37.57 13.12 64.28
N ASP F 29 -37.62 12.37 65.37
CA ASP F 29 -38.85 12.28 66.17
C ASP F 29 -38.69 12.85 67.59
N SER F 30 -37.47 12.79 68.11
CA SER F 30 -37.18 13.34 69.44
C SER F 30 -35.90 14.20 69.42
N ALA F 31 -35.57 14.84 70.54
CA ALA F 31 -34.42 15.77 70.64
C ALA F 31 -33.91 15.95 72.08
N GLY F 32 -32.71 16.51 72.23
CA GLY F 32 -32.22 16.78 73.58
C GLY F 32 -30.78 17.24 73.71
N LEU F 33 -30.44 17.82 74.86
CA LEU F 33 -29.07 18.29 75.13
C LEU F 33 -28.62 18.09 76.57
N ALA F 34 -27.31 18.03 76.76
CA ALA F 34 -26.72 17.93 78.09
C ALA F 34 -25.54 18.90 78.26
N VAL F 35 -25.70 19.83 79.19
CA VAL F 35 -24.64 20.79 79.46
C VAL F 35 -24.06 20.60 80.86
N VAL F 36 -22.88 21.19 81.07
CA VAL F 36 -22.14 21.05 82.30
C VAL F 36 -21.32 22.32 82.55
N ASP F 37 -21.40 22.80 83.79
CA ASP F 37 -20.76 24.04 84.19
C ASP F 37 -19.41 23.84 84.88
N ALA F 38 -18.98 24.88 85.59
CA ALA F 38 -17.64 24.94 86.20
C ALA F 38 -17.35 23.83 87.21
N GLU F 39 -18.18 23.73 88.23
CA GLU F 39 -17.92 22.82 89.36
C GLU F 39 -18.51 21.43 89.15
N GLY F 40 -19.79 21.27 89.50
CA GLY F 40 -20.46 19.99 89.35
C GLY F 40 -20.38 19.47 87.92
N HIS F 41 -21.46 19.58 87.15
CA HIS F 41 -22.80 19.98 87.63
C HIS F 41 -23.70 19.88 86.41
N MET F 42 -24.09 18.65 86.07
CA MET F 42 -24.71 18.39 84.78
C MET F 42 -26.22 18.67 84.74
N THR F 43 -26.70 19.04 83.57
CA THR F 43 -28.13 19.27 83.36
C THR F 43 -28.53 18.70 82.01
N ARG F 44 -29.54 17.84 82.00
CA ARG F 44 -29.98 17.17 80.78
C ARG F 44 -31.44 17.50 80.48
N LEU F 45 -31.77 17.63 79.21
CA LEU F 45 -33.15 17.91 78.82
C LEU F 45 -33.48 17.17 77.54
N ARG F 46 -34.48 16.30 77.59
CA ARG F 46 -34.90 15.50 76.44
C ARG F 46 -36.40 15.58 76.22
N ARG F 47 -36.80 15.65 74.96
CA ARG F 47 -38.22 15.76 74.62
C ARG F 47 -38.55 14.87 73.44
N LEU F 48 -39.77 14.36 73.45
CA LEU F 48 -40.39 13.79 72.27
C LEU F 48 -40.85 14.96 71.39
N GLY F 49 -40.65 14.85 70.09
CA GLY F 49 -41.23 15.81 69.18
C GLY F 49 -40.26 16.73 68.45
N LYS F 50 -40.71 17.95 68.20
CA LYS F 50 -39.94 18.88 67.40
C LYS F 50 -38.87 19.59 68.25
N VAL F 51 -37.70 19.78 67.65
CA VAL F 51 -36.59 20.49 68.29
C VAL F 51 -37.06 21.84 68.85
N GLN F 52 -38.05 22.43 68.18
CA GLN F 52 -38.73 23.65 68.64
C GLN F 52 -39.32 23.53 70.06
N MET F 53 -40.12 22.49 70.26
CA MET F 53 -40.68 22.17 71.57
C MET F 53 -39.54 22.07 72.61
N LEU F 54 -38.46 21.35 72.25
CA LEU F 54 -37.31 21.21 73.14
C LEU F 54 -36.82 22.59 73.58
N ALA F 55 -36.47 23.41 72.60
CA ALA F 55 -36.02 24.78 72.87
C ALA F 55 -36.98 25.55 73.82
N GLN F 56 -38.28 25.33 73.62
CA GLN F 56 -39.31 25.98 74.45
C GLN F 56 -39.27 25.50 75.91
N ALA F 57 -38.96 24.22 76.10
CA ALA F 57 -38.80 23.67 77.45
C ALA F 57 -37.51 24.21 78.07
N ALA F 58 -36.46 24.25 77.26
CA ALA F 58 -35.18 24.83 77.66
C ALA F 58 -35.36 26.25 78.15
N GLU F 59 -36.28 26.98 77.50
CA GLU F 59 -36.58 28.37 77.88
C GLU F 59 -37.02 28.50 79.34
N GLU F 60 -37.74 27.49 79.82
CA GLU F 60 -38.33 27.53 81.15
C GLU F 60 -37.29 27.32 82.25
N HIS F 61 -36.33 26.44 81.99
CA HIS F 61 -35.21 26.22 82.92
C HIS F 61 -33.87 26.31 82.20
N PRO F 62 -33.36 27.54 82.01
CA PRO F 62 -32.18 27.84 81.18
C PRO F 62 -30.95 27.01 81.57
N LEU F 63 -30.50 26.14 80.68
CA LEU F 63 -29.32 25.30 80.97
C LEU F 63 -28.04 26.12 81.00
N HIS F 64 -27.28 25.97 82.08
CA HIS F 64 -26.04 26.73 82.21
C HIS F 64 -24.82 25.83 82.11
N GLY F 65 -23.76 26.33 81.49
CA GLY F 65 -22.55 25.56 81.37
C GLY F 65 -21.77 25.81 80.08
N GLY F 66 -20.46 25.67 80.20
CA GLY F 66 -19.54 25.89 79.10
C GLY F 66 -19.27 24.64 78.29
N THR F 67 -19.63 23.47 78.80
CA THR F 67 -19.47 22.24 77.98
C THR F 67 -20.82 21.56 77.70
N GLY F 68 -20.97 20.91 76.55
CA GLY F 68 -22.22 20.22 76.26
C GLY F 68 -22.42 19.53 74.93
N ILE F 69 -23.20 18.44 74.94
CA ILE F 69 -23.50 17.70 73.70
C ILE F 69 -25.00 17.64 73.42
N ALA F 70 -25.37 17.58 72.14
CA ALA F 70 -26.79 17.63 71.74
C ALA F 70 -27.15 16.71 70.55
N HIS F 71 -28.42 16.31 70.48
CA HIS F 71 -28.86 15.28 69.55
C HIS F 71 -30.28 15.49 69.03
N THR F 72 -30.45 15.19 67.75
CA THR F 72 -31.75 15.07 67.11
C THR F 72 -31.89 13.61 66.66
N ARG F 73 -32.95 12.93 67.08
CA ARG F 73 -33.02 11.47 66.93
C ARG F 73 -34.06 10.95 65.93
N TRP F 74 -33.60 10.14 64.97
CA TRP F 74 -34.53 9.27 64.26
C TRP F 74 -34.43 7.87 64.86
N ALA F 75 -35.50 7.43 65.51
CA ALA F 75 -35.53 6.14 66.17
C ALA F 75 -35.29 4.97 65.21
N THR F 76 -34.13 4.32 65.36
CA THR F 76 -33.83 3.09 64.66
C THR F 76 -33.21 2.06 65.62
N HIS F 77 -33.97 1.74 66.67
CA HIS F 77 -33.58 0.79 67.75
C HIS F 77 -34.08 1.22 69.14
N GLY F 78 -35.38 1.28 69.34
CA GLY F 78 -35.94 1.67 70.62
C GLY F 78 -36.91 2.82 70.49
N GLU F 79 -38.19 2.52 70.72
CA GLU F 79 -39.32 3.46 70.60
C GLU F 79 -38.99 4.96 70.72
N PRO F 80 -39.66 5.80 69.91
CA PRO F 80 -39.51 7.26 69.98
C PRO F 80 -40.09 7.86 71.27
N SER F 81 -39.23 8.31 72.18
CA SER F 81 -39.68 8.89 73.46
C SER F 81 -38.63 9.80 74.10
N GLU F 82 -38.94 10.25 75.30
CA GLU F 82 -38.05 11.05 76.12
C GLU F 82 -37.02 10.15 76.81
N VAL F 83 -37.46 8.97 77.25
CA VAL F 83 -36.61 7.99 77.92
C VAL F 83 -35.46 7.48 77.02
N ASN F 84 -35.71 7.46 75.71
CA ASN F 84 -34.77 6.89 74.77
C ASN F 84 -33.92 7.92 74.04
N ALA F 85 -34.39 9.17 74.02
CA ALA F 85 -33.69 10.28 73.37
C ALA F 85 -32.24 10.45 73.87
N HIS F 86 -31.42 11.14 73.08
CA HIS F 86 -30.05 11.46 73.48
C HIS F 86 -30.03 12.88 74.08
N PRO F 87 -29.04 13.19 74.94
CA PRO F 87 -27.90 12.35 75.37
C PRO F 87 -28.28 11.25 76.36
N HIS F 88 -27.51 10.18 76.35
CA HIS F 88 -27.71 9.10 77.32
C HIS F 88 -26.65 9.16 78.43
N VAL F 89 -27.09 8.89 79.65
CA VAL F 89 -26.25 9.12 80.82
C VAL F 89 -25.66 7.81 81.35
N SER F 90 -24.68 7.93 82.24
CA SER F 90 -24.16 6.79 82.99
C SER F 90 -23.41 7.26 84.24
N GLU F 91 -24.08 8.05 85.08
CA GLU F 91 -23.51 8.61 86.31
C GLU F 91 -22.71 9.91 86.10
N HIS F 92 -22.01 10.01 84.98
CA HIS F 92 -21.26 11.22 84.65
C HIS F 92 -20.89 11.27 83.16
N ILE F 93 -20.64 10.10 82.58
CA ILE F 93 -20.29 10.02 81.16
C ILE F 93 -21.53 10.08 80.25
N VAL F 94 -21.64 11.17 79.50
CA VAL F 94 -22.82 11.43 78.69
C VAL F 94 -22.56 11.23 77.19
N VAL F 95 -23.54 10.71 76.47
CA VAL F 95 -23.31 10.28 75.09
C VAL F 95 -24.44 10.63 74.12
N VAL F 96 -24.07 11.24 72.99
CA VAL F 96 -24.99 11.47 71.86
C VAL F 96 -24.56 10.64 70.64
N HIS F 97 -25.42 9.76 70.13
CA HIS F 97 -25.00 8.84 69.07
C HIS F 97 -25.84 8.85 67.76
N ASN F 98 -25.15 8.94 66.63
CA ASN F 98 -25.77 8.80 65.31
C ASN F 98 -25.49 7.43 64.69
N GLY F 99 -26.53 6.63 64.47
CA GLY F 99 -26.36 5.37 63.75
C GLY F 99 -26.83 4.16 64.53
N ILE F 100 -26.25 3.01 64.22
CA ILE F 100 -26.68 1.76 64.85
C ILE F 100 -25.50 0.95 65.40
N ILE F 101 -25.54 0.62 66.70
CA ILE F 101 -24.60 -0.32 67.29
C ILE F 101 -25.15 -1.73 67.10
N GLU F 102 -24.65 -2.43 66.08
CA GLU F 102 -25.22 -3.70 65.64
C GLU F 102 -25.06 -4.83 66.68
N ASN F 103 -23.94 -4.83 67.39
CA ASN F 103 -23.71 -5.83 68.45
C ASN F 103 -24.13 -5.32 69.83
N HIS F 104 -25.24 -4.61 69.89
CA HIS F 104 -25.78 -4.08 71.14
C HIS F 104 -26.45 -5.18 71.97
N GLU F 105 -26.81 -6.28 71.31
CA GLU F 105 -27.55 -7.35 71.97
C GLU F 105 -26.68 -8.19 72.93
N PRO F 106 -25.52 -8.68 72.44
CA PRO F 106 -24.66 -9.52 73.28
C PRO F 106 -23.73 -8.71 74.18
N LEU F 107 -23.78 -7.38 74.08
CA LEU F 107 -22.95 -6.52 74.89
C LEU F 107 -23.73 -5.87 76.03
N ARG F 108 -25.02 -5.61 75.80
CA ARG F 108 -25.85 -4.95 76.79
C ARG F 108 -26.12 -5.84 78.00
N GLU F 109 -26.52 -7.09 77.76
CA GLU F 109 -26.76 -8.02 78.87
C GLU F 109 -25.43 -8.62 79.36
N GLU F 110 -24.40 -8.54 78.51
CA GLU F 110 -23.06 -8.93 78.89
C GLU F 110 -22.48 -7.90 79.87
N LEU F 111 -23.03 -6.69 79.81
CA LEU F 111 -22.56 -5.62 80.67
C LEU F 111 -23.52 -5.36 81.83
N LYS F 112 -24.73 -5.91 81.72
CA LYS F 112 -25.69 -5.89 82.83
C LYS F 112 -25.19 -6.84 83.92
N ALA F 113 -24.40 -7.83 83.51
CA ALA F 113 -23.71 -8.70 84.45
C ALA F 113 -22.52 -7.93 85.01
N ARG F 114 -22.82 -6.92 85.81
CA ARG F 114 -21.81 -6.05 86.40
C ARG F 114 -22.50 -4.84 87.03
N GLY F 115 -23.80 -4.97 87.25
CA GLY F 115 -24.59 -3.93 87.88
C GLY F 115 -24.75 -2.66 87.07
N TYR F 116 -25.13 -2.81 85.80
CA TYR F 116 -25.32 -1.65 84.91
C TYR F 116 -26.76 -1.51 84.44
N THR F 117 -27.61 -0.96 85.30
CA THR F 117 -29.02 -0.83 85.01
C THR F 117 -29.29 -0.10 83.69
N PHE F 118 -29.72 -0.86 82.68
CA PHE F 118 -30.13 -0.29 81.40
C PHE F 118 -31.55 0.28 81.51
N VAL F 119 -31.65 1.61 81.49
CA VAL F 119 -32.92 2.27 81.70
C VAL F 119 -33.63 2.67 80.40
N SER F 120 -33.07 2.31 79.25
CA SER F 120 -33.73 2.58 77.97
C SER F 120 -33.69 1.40 76.99
N GLU F 121 -34.48 1.51 75.93
CA GLU F 121 -34.60 0.48 74.92
C GLU F 121 -33.74 0.78 73.68
N THR F 122 -32.70 1.57 73.88
CA THR F 122 -31.81 1.97 72.78
C THR F 122 -30.51 1.18 72.78
N ASP F 123 -29.92 1.02 71.60
CA ASP F 123 -28.57 0.49 71.48
C ASP F 123 -27.56 1.52 72.02
N THR F 124 -27.85 2.80 71.81
CA THR F 124 -27.05 3.93 72.29
C THR F 124 -26.57 3.79 73.75
N GLU F 125 -27.39 3.19 74.60
CA GLU F 125 -27.05 3.06 76.02
C GLU F 125 -25.86 2.12 76.26
N VAL F 126 -25.72 1.09 75.43
CA VAL F 126 -24.56 0.21 75.54
C VAL F 126 -23.28 0.95 75.20
N ILE F 127 -23.43 2.18 74.69
CA ILE F 127 -22.27 3.04 74.46
C ILE F 127 -21.94 3.75 75.78
N ALA F 128 -22.98 4.26 76.44
CA ALA F 128 -22.82 5.02 77.67
C ALA F 128 -22.24 4.17 78.82
N HIS F 129 -22.73 2.93 78.94
CA HIS F 129 -22.30 2.07 80.03
C HIS F 129 -20.90 1.50 79.80
N LEU F 130 -20.65 0.93 78.63
CA LEU F 130 -19.32 0.45 78.28
C LEU F 130 -18.24 1.45 78.69
N VAL F 131 -18.32 2.66 78.14
CA VAL F 131 -17.35 3.69 78.50
C VAL F 131 -17.28 3.88 80.03
N ASN F 132 -18.42 4.05 80.67
CA ASN F 132 -18.45 4.19 82.12
C ASN F 132 -17.61 3.10 82.78
N TRP F 133 -17.82 1.86 82.32
CA TRP F 133 -17.10 0.72 82.86
C TRP F 133 -15.60 0.88 82.72
N GLU F 134 -15.16 1.23 81.53
CA GLU F 134 -13.72 1.35 81.27
C GLU F 134 -13.16 2.60 81.92
N LEU F 135 -13.95 3.23 82.79
CA LEU F 135 -13.45 4.34 83.57
C LEU F 135 -13.47 4.05 85.07
N LYS F 136 -13.36 2.77 85.42
CA LYS F 136 -13.03 2.43 86.80
C LYS F 136 -11.67 3.07 87.02
N GLN F 137 -10.73 2.64 86.19
CA GLN F 137 -9.43 3.28 86.06
C GLN F 137 -8.89 2.92 84.68
N GLY F 138 -8.29 3.89 84.00
CA GLY F 138 -7.75 3.66 82.67
C GLY F 138 -7.37 4.93 81.95
N GLY F 139 -6.58 5.78 82.62
CA GLY F 139 -6.16 7.06 82.06
C GLY F 139 -7.20 8.14 82.29
N THR F 140 -7.83 8.58 81.22
CA THR F 140 -9.02 9.41 81.32
C THR F 140 -9.86 9.20 80.06
N LEU F 141 -10.64 10.19 79.66
CA LEU F 141 -11.64 9.98 78.60
C LEU F 141 -11.08 9.35 77.31
N ARG F 142 -10.04 9.95 76.74
CA ARG F 142 -9.46 9.42 75.48
C ARG F 142 -8.89 8.00 75.61
N GLU F 143 -8.35 7.68 76.79
CA GLU F 143 -7.73 6.38 77.05
C GLU F 143 -8.77 5.27 77.12
N ALA F 144 -9.86 5.56 77.82
CA ALA F 144 -10.99 4.63 77.91
C ALA F 144 -11.69 4.46 76.56
N VAL F 145 -11.85 5.57 75.84
CA VAL F 145 -12.45 5.52 74.50
C VAL F 145 -11.61 4.70 73.51
N LEU F 146 -10.30 4.84 73.54
CA LEU F 146 -9.42 4.06 72.67
C LEU F 146 -9.35 2.57 73.06
N ARG F 147 -10.39 2.10 73.75
CA ARG F 147 -10.51 0.69 74.14
C ARG F 147 -11.97 0.26 74.06
N ALA F 148 -12.80 1.09 73.44
CA ALA F 148 -14.24 0.84 73.37
C ALA F 148 -14.75 0.72 71.92
N ILE F 149 -14.32 1.64 71.07
CA ILE F 149 -14.72 1.61 69.66
C ILE F 149 -14.33 0.30 68.97
N PRO F 150 -13.20 -0.31 69.37
CA PRO F 150 -12.83 -1.66 68.89
C PRO F 150 -13.92 -2.72 69.05
N GLN F 151 -14.51 -2.86 70.24
CA GLN F 151 -15.63 -3.79 70.41
C GLN F 151 -16.99 -3.07 70.46
N LEU F 152 -17.36 -2.46 69.35
CA LEU F 152 -18.65 -1.79 69.15
C LEU F 152 -18.98 -1.75 67.67
N ARG F 153 -19.55 -2.84 67.15
CA ARG F 153 -19.75 -2.99 65.72
C ARG F 153 -20.91 -2.15 65.14
N GLY F 154 -20.86 -1.90 63.84
CA GLY F 154 -21.90 -1.14 63.16
C GLY F 154 -21.43 0.14 62.50
N ALA F 155 -22.34 0.82 61.81
CA ALA F 155 -22.03 2.09 61.17
C ALA F 155 -22.54 3.26 62.03
N TYR F 156 -21.62 3.93 62.73
CA TYR F 156 -22.02 4.95 63.70
C TYR F 156 -21.05 6.12 63.82
N GLY F 157 -21.46 7.08 64.64
CA GLY F 157 -20.63 8.20 65.03
C GLY F 157 -21.13 8.62 66.39
N THR F 158 -20.28 8.52 67.40
CA THR F 158 -20.72 8.85 68.75
C THR F 158 -19.94 10.06 69.30
N VAL F 159 -20.58 10.86 70.15
CA VAL F 159 -19.88 11.94 70.83
C VAL F 159 -20.05 11.80 72.37
N ILE F 160 -18.91 11.64 73.04
CA ILE F 160 -18.83 11.27 74.45
C ILE F 160 -18.31 12.43 75.32
N MET F 161 -18.72 12.45 76.58
CA MET F 161 -18.39 13.53 77.51
C MET F 161 -18.23 13.02 78.93
N ASP F 162 -17.35 13.66 79.70
CA ASP F 162 -17.21 13.38 81.12
C ASP F 162 -17.77 14.56 81.92
N SER F 163 -18.15 14.33 83.17
CA SER F 163 -18.76 15.39 83.99
C SER F 163 -17.84 15.87 85.10
N ARG F 164 -17.02 14.97 85.62
CA ARG F 164 -16.06 15.33 86.64
C ARG F 164 -15.08 16.35 86.06
N HIS F 165 -14.64 16.07 84.82
CA HIS F 165 -13.71 16.94 84.10
C HIS F 165 -14.41 17.59 82.90
N PRO F 166 -14.81 18.87 83.05
CA PRO F 166 -15.67 19.54 82.06
C PRO F 166 -14.90 20.19 80.91
N ASP F 167 -13.60 19.89 80.82
CA ASP F 167 -12.70 20.55 79.89
C ASP F 167 -12.47 19.75 78.60
N THR F 168 -13.16 18.61 78.46
CA THR F 168 -12.89 17.71 77.35
C THR F 168 -14.14 17.15 76.68
N LEU F 169 -14.06 16.97 75.35
CA LEU F 169 -15.06 16.23 74.58
C LEU F 169 -14.38 15.14 73.73
N LEU F 170 -14.90 13.92 73.78
CA LEU F 170 -14.40 12.84 72.91
C LEU F 170 -15.37 12.60 71.74
N ALA F 171 -14.85 12.30 70.55
CA ALA F 171 -15.70 12.05 69.37
C ALA F 171 -15.18 10.93 68.47
N ALA F 172 -16.02 9.96 68.18
CA ALA F 172 -15.63 8.81 67.37
C ALA F 172 -16.40 8.72 66.06
N ARG F 173 -15.66 8.65 64.96
CA ARG F 173 -16.25 8.44 63.65
C ARG F 173 -16.01 7.00 63.20
N SER F 174 -17.06 6.19 63.22
CA SER F 174 -16.97 4.79 62.81
C SER F 174 -18.22 4.33 62.07
N GLY F 175 -18.65 5.12 61.09
CA GLY F 175 -19.81 4.79 60.29
C GLY F 175 -20.56 5.97 59.68
N SER F 176 -20.74 7.04 60.48
CA SER F 176 -21.42 8.24 60.01
C SER F 176 -20.57 9.49 60.29
N PRO F 177 -20.88 10.61 59.60
CA PRO F 177 -20.04 11.82 59.59
C PRO F 177 -19.95 12.60 60.91
N LEU F 178 -18.79 13.24 61.10
CA LEU F 178 -18.58 14.27 62.12
C LEU F 178 -17.59 15.27 61.55
N VAL F 179 -17.90 16.55 61.67
CA VAL F 179 -16.98 17.61 61.28
C VAL F 179 -16.78 18.59 62.45
N ILE F 180 -15.52 18.84 62.81
CA ILE F 180 -15.13 19.77 63.87
C ILE F 180 -15.07 21.24 63.38
N GLY F 181 -15.55 22.18 64.19
CA GLY F 181 -15.47 23.59 63.85
C GLY F 181 -14.62 24.41 64.83
N LEU F 182 -13.67 25.18 64.30
CA LEU F 182 -12.78 26.03 65.10
C LEU F 182 -13.34 27.44 65.19
N GLY F 183 -13.09 28.17 66.28
CA GLY F 183 -12.22 27.74 67.37
C GLY F 183 -11.64 28.86 68.24
N MET F 184 -12.22 30.07 68.18
CA MET F 184 -11.68 31.25 68.90
C MET F 184 -11.80 31.17 70.43
N GLY F 185 -11.00 30.31 71.05
CA GLY F 185 -11.09 30.07 72.49
C GLY F 185 -12.22 29.13 72.88
N GLU F 186 -12.72 28.40 71.89
CA GLU F 186 -13.87 27.53 72.06
C GLU F 186 -14.03 26.69 70.78
N ASN F 187 -14.34 25.40 70.90
CA ASN F 187 -14.50 24.54 69.73
C ASN F 187 -15.86 23.86 69.64
N PHE F 188 -16.14 23.31 68.46
CA PHE F 188 -17.45 22.72 68.14
C PHE F 188 -17.31 21.43 67.32
N ILE F 189 -18.36 20.61 67.29
CA ILE F 189 -18.34 19.33 66.58
C ILE F 189 -19.76 18.97 66.13
N ALA F 190 -20.02 19.03 64.82
CA ALA F 190 -21.37 18.73 64.32
C ALA F 190 -21.41 17.45 63.48
N SER F 191 -22.61 16.91 63.25
CA SER F 191 -22.77 15.78 62.33
C SER F 191 -22.70 16.27 60.88
N ASP F 192 -23.04 17.54 60.69
CA ASP F 192 -22.90 18.21 59.40
C ASP F 192 -22.30 19.62 59.53
N GLN F 193 -21.55 20.02 58.52
CA GLN F 193 -20.99 21.37 58.45
C GLN F 193 -22.05 22.46 58.70
N LEU F 194 -23.23 22.30 58.09
CA LEU F 194 -24.31 23.29 58.15
C LEU F 194 -24.64 23.78 59.57
N ALA F 195 -24.66 22.86 60.53
CA ALA F 195 -24.96 23.17 61.91
C ALA F 195 -23.95 24.14 62.59
N LEU F 196 -22.72 24.19 62.10
CA LEU F 196 -21.64 24.99 62.72
C LEU F 196 -21.51 26.41 62.15
N LEU F 197 -22.29 26.69 61.10
CA LEU F 197 -22.19 27.94 60.31
C LEU F 197 -22.50 29.25 61.07
N PRO F 198 -23.49 29.24 61.99
CA PRO F 198 -23.83 30.47 62.74
C PRO F 198 -22.71 30.89 63.67
N VAL F 199 -21.73 30.00 63.87
CA VAL F 199 -20.71 30.21 64.88
C VAL F 199 -19.29 30.14 64.34
N THR F 200 -19.04 29.24 63.40
CA THR F 200 -17.70 29.09 62.84
C THR F 200 -17.71 28.55 61.42
N ARG F 201 -16.79 29.05 60.59
CA ARG F 201 -16.65 28.60 59.20
C ARG F 201 -15.37 27.78 58.96
N ARG F 202 -14.60 27.51 60.02
CA ARG F 202 -13.37 26.69 59.95
C ARG F 202 -13.67 25.25 60.33
N PHE F 203 -13.35 24.30 59.46
CA PHE F 203 -13.68 22.89 59.71
C PHE F 203 -12.49 21.90 59.61
N ILE F 204 -12.50 20.90 60.49
CA ILE F 204 -11.53 19.80 60.46
C ILE F 204 -12.24 18.44 60.39
N PHE F 205 -12.61 18.00 59.18
CA PHE F 205 -13.34 16.73 58.99
C PHE F 205 -12.59 15.51 59.53
N LEU F 206 -13.27 14.70 60.34
CA LEU F 206 -12.69 13.43 60.79
C LEU F 206 -12.78 12.38 59.67
N GLU F 207 -11.74 11.59 59.51
CA GLU F 207 -11.76 10.47 58.57
C GLU F 207 -12.35 9.23 59.26
N GLU F 208 -12.61 8.20 58.47
CA GLU F 208 -13.26 7.00 58.99
C GLU F 208 -12.37 6.20 59.93
N GLY F 209 -12.64 6.31 61.23
CA GLY F 209 -11.89 5.58 62.24
C GLY F 209 -11.28 6.46 63.31
N ASP F 210 -11.18 7.75 63.02
CA ASP F 210 -10.53 8.70 63.92
C ASP F 210 -11.27 8.89 65.24
N ILE F 211 -10.51 8.92 66.33
CA ILE F 211 -11.02 9.33 67.64
C ILE F 211 -10.42 10.70 68.03
N ALA F 212 -11.26 11.74 68.07
CA ALA F 212 -10.81 13.10 68.34
C ALA F 212 -11.06 13.57 69.78
N GLU F 213 -10.11 14.34 70.30
CA GLU F 213 -10.22 14.97 71.62
C GLU F 213 -10.24 16.49 71.46
N ILE F 214 -11.29 17.13 71.98
CA ILE F 214 -11.51 18.56 71.82
C ILE F 214 -11.51 19.28 73.17
N THR F 215 -10.74 20.36 73.26
CA THR F 215 -10.79 21.27 74.42
C THR F 215 -10.98 22.74 73.95
N ARG F 216 -10.89 23.67 74.90
CA ARG F 216 -11.00 25.09 74.57
C ARG F 216 -9.91 25.49 73.57
N ARG F 217 -8.74 24.88 73.73
CA ARG F 217 -7.51 25.35 73.10
C ARG F 217 -6.95 24.41 72.02
N SER F 218 -7.40 23.16 71.99
CA SER F 218 -6.79 22.16 71.11
C SER F 218 -7.77 21.16 70.50
N VAL F 219 -7.38 20.54 69.39
CA VAL F 219 -8.18 19.52 68.71
C VAL F 219 -7.29 18.39 68.15
N ASN F 220 -7.12 17.32 68.93
CA ASN F 220 -6.27 16.18 68.52
C ASN F 220 -7.06 15.06 67.83
N ILE F 221 -6.77 14.80 66.55
CA ILE F 221 -7.47 13.74 65.83
C ILE F 221 -6.69 12.41 65.82
N PHE F 222 -6.74 11.68 66.94
CA PHE F 222 -6.04 10.40 67.05
C PHE F 222 -6.58 9.34 66.10
N ASP F 223 -6.18 8.10 66.33
CA ASP F 223 -6.63 7.00 65.50
C ASP F 223 -6.90 5.76 66.36
N LYS F 224 -7.60 4.78 65.79
CA LYS F 224 -8.03 3.61 66.56
C LYS F 224 -6.86 2.87 67.21
N THR F 225 -5.67 3.04 66.64
CA THR F 225 -4.52 2.19 67.01
C THR F 225 -3.75 2.56 68.29
N GLY F 226 -3.32 3.81 68.46
CA GLY F 226 -3.53 4.89 67.52
C GLY F 226 -3.00 6.17 68.12
N ALA F 227 -2.01 6.78 67.46
CA ALA F 227 -1.37 7.97 68.00
C ALA F 227 -1.59 9.23 67.14
N GLU F 228 -0.87 10.29 67.49
CA GLU F 228 -1.04 11.61 66.89
C GLU F 228 -1.27 11.56 65.38
N VAL F 229 -2.28 12.30 64.92
CA VAL F 229 -2.55 12.47 63.49
C VAL F 229 -3.05 13.90 63.28
N LYS F 230 -2.53 14.60 62.30
CA LYS F 230 -2.96 15.97 62.03
C LYS F 230 -3.57 16.10 60.64
N LYS F 245 -7.64 32.41 33.12
CA LYS F 245 -8.30 32.79 31.85
C LYS F 245 -7.46 32.63 30.56
N GLY F 246 -6.14 32.78 30.69
CA GLY F 246 -5.25 32.50 29.58
C GLY F 246 -5.56 33.30 28.34
N ILE F 247 -5.76 32.61 27.23
CA ILE F 247 -5.93 33.27 25.93
C ILE F 247 -7.37 33.75 25.74
N TYR F 248 -8.21 33.49 26.75
CA TYR F 248 -9.63 33.79 26.66
C TYR F 248 -10.01 35.12 27.28
N ARG F 249 -10.93 35.83 26.64
CA ARG F 249 -11.44 37.09 27.18
C ARG F 249 -12.32 36.87 28.42
N HIS F 250 -13.12 35.81 28.41
CA HIS F 250 -14.05 35.56 29.49
C HIS F 250 -13.96 34.14 29.98
N TYR F 251 -14.28 33.95 31.26
CA TYR F 251 -14.45 32.60 31.78
C TYR F 251 -15.49 31.81 30.98
N MET F 252 -16.63 32.40 30.65
CA MET F 252 -17.63 31.65 29.91
C MET F 252 -17.07 31.17 28.56
N GLN F 253 -16.24 32.01 27.95
CA GLN F 253 -15.65 31.66 26.67
C GLN F 253 -14.71 30.47 26.80
N LYS F 254 -13.83 30.57 27.81
CA LYS F 254 -12.91 29.49 28.14
C LYS F 254 -13.68 28.20 28.38
N GLU F 255 -14.73 28.31 29.18
CA GLU F 255 -15.53 27.16 29.54
C GLU F 255 -16.23 26.53 28.32
N ILE F 256 -16.66 27.35 27.37
CA ILE F 256 -17.22 26.83 26.12
C ILE F 256 -16.15 26.07 25.36
N TYR F 257 -14.96 26.63 25.27
CA TYR F 257 -13.89 26.00 24.46
C TYR F 257 -13.17 24.83 25.15
N GLU F 258 -13.36 24.70 26.46
CA GLU F 258 -12.81 23.59 27.24
C GLU F 258 -13.75 22.40 27.18
N GLN F 259 -14.86 22.54 26.47
CA GLN F 259 -15.85 21.47 26.52
C GLN F 259 -15.30 20.12 26.08
N PRO F 260 -14.42 20.10 25.07
CA PRO F 260 -13.91 18.78 24.66
C PRO F 260 -13.09 18.12 25.79
N ASN F 261 -12.19 18.86 26.43
CA ASN F 261 -11.45 18.31 27.57
C ASN F 261 -12.41 17.90 28.68
N ALA F 262 -13.44 18.71 28.89
CA ALA F 262 -14.32 18.46 30.02
C ALA F 262 -15.10 17.16 29.80
N ILE F 263 -15.59 16.96 28.58
CA ILE F 263 -16.26 15.72 28.24
C ILE F 263 -15.30 14.52 28.33
N LYS F 264 -14.07 14.70 27.88
CA LYS F 264 -13.08 13.65 28.04
C LYS F 264 -12.95 13.23 29.50
N ASN F 265 -12.89 14.21 30.40
CA ASN F 265 -12.80 13.91 31.83
C ASN F 265 -14.06 13.24 32.37
N THR F 266 -15.21 13.59 31.82
CA THR F 266 -16.46 13.00 32.28
C THR F 266 -16.48 11.52 31.87
N LEU F 267 -15.81 11.22 30.75
CA LEU F 267 -15.83 9.86 30.21
C LEU F 267 -14.82 8.92 30.87
N THR F 268 -13.73 9.50 31.38
CA THR F 268 -12.62 8.78 31.98
C THR F 268 -13.08 7.74 32.99
N GLY F 269 -12.61 6.50 32.80
CA GLY F 269 -12.95 5.39 33.69
C GLY F 269 -14.34 4.79 33.53
N ARG F 270 -15.13 5.29 32.58
CA ARG F 270 -16.57 4.94 32.51
C ARG F 270 -16.97 4.16 31.26
N ILE F 271 -15.96 3.82 30.46
CA ILE F 271 -16.18 2.96 29.30
C ILE F 271 -15.13 1.85 29.36
N SER F 272 -15.60 0.64 29.70
CA SER F 272 -14.75 -0.54 29.82
C SER F 272 -15.25 -1.60 28.87
N HIS F 273 -14.39 -2.04 27.96
CA HIS F 273 -14.72 -3.13 27.08
C HIS F 273 -16.02 -2.87 26.35
N GLY F 274 -16.11 -1.71 25.70
CA GLY F 274 -17.23 -1.37 24.84
C GLY F 274 -18.56 -1.12 25.53
N GLN F 275 -18.53 -1.02 26.87
CA GLN F 275 -19.75 -0.84 27.63
C GLN F 275 -19.64 0.28 28.64
N VAL F 276 -20.79 0.79 29.07
CA VAL F 276 -20.80 1.80 30.12
C VAL F 276 -20.44 1.14 31.45
N ASP F 277 -19.45 1.72 32.13
CA ASP F 277 -18.99 1.20 33.41
C ASP F 277 -19.20 2.21 34.55
N LEU F 278 -20.34 2.12 35.23
CA LEU F 278 -20.62 2.98 36.37
C LEU F 278 -20.31 2.27 37.68
N SER F 279 -19.37 1.33 37.64
CA SER F 279 -19.06 0.52 38.81
C SER F 279 -18.62 1.37 40.00
N GLU F 280 -18.40 2.66 39.77
CA GLU F 280 -18.00 3.55 40.85
C GLU F 280 -19.12 3.78 41.85
N LEU F 281 -20.34 3.42 41.45
CA LEU F 281 -21.52 3.58 42.30
C LEU F 281 -21.57 2.61 43.46
N GLY F 282 -20.69 1.62 43.43
CA GLY F 282 -20.65 0.60 44.46
C GLY F 282 -20.99 -0.77 43.93
N PRO F 283 -20.59 -1.81 44.67
CA PRO F 283 -20.82 -3.20 44.25
C PRO F 283 -22.31 -3.50 44.22
N ASN F 284 -23.02 -3.05 45.25
CA ASN F 284 -24.46 -3.20 45.31
C ASN F 284 -25.16 -2.54 44.13
N ALA F 285 -24.97 -1.24 44.01
CA ALA F 285 -25.56 -0.47 42.93
C ALA F 285 -25.49 -1.32 41.68
N ASP F 286 -26.48 -1.18 40.81
CA ASP F 286 -26.64 -2.06 39.67
C ASP F 286 -27.80 -3.01 40.00
N GLU F 287 -27.75 -3.58 41.19
CA GLU F 287 -28.87 -4.36 41.69
C GLU F 287 -29.93 -3.42 42.22
N LEU F 288 -29.48 -2.32 42.83
CA LEU F 288 -30.40 -1.29 43.30
C LEU F 288 -31.13 -0.63 42.12
N LEU F 289 -30.41 -0.40 41.03
CA LEU F 289 -30.99 0.25 39.84
C LEU F 289 -31.91 -0.71 39.10
N SER F 290 -31.75 -2.01 39.36
CA SER F 290 -32.60 -3.00 38.72
C SER F 290 -34.03 -2.93 39.25
N LYS F 291 -34.20 -2.28 40.40
CA LYS F 291 -35.53 -2.14 41.01
C LYS F 291 -36.31 -0.90 40.52
N VAL F 292 -35.59 0.06 39.96
CA VAL F 292 -36.19 1.33 39.53
C VAL F 292 -37.22 1.10 38.43
N GLU F 293 -38.39 1.73 38.57
CA GLU F 293 -39.41 1.58 37.54
C GLU F 293 -39.82 2.92 36.90
N HIS F 294 -39.42 4.00 37.55
CA HIS F 294 -39.78 5.34 37.10
C HIS F 294 -38.64 6.24 37.52
N ILE F 295 -38.27 7.16 36.63
CA ILE F 295 -37.28 8.18 36.97
C ILE F 295 -37.98 9.52 37.13
N GLN F 296 -37.66 10.22 38.21
CA GLN F 296 -38.13 11.58 38.45
C GLN F 296 -36.93 12.49 38.58
N ILE F 297 -36.85 13.51 37.72
CA ILE F 297 -35.73 14.44 37.76
C ILE F 297 -36.15 15.82 38.27
N LEU F 298 -35.34 16.38 39.17
CA LEU F 298 -35.58 17.69 39.75
C LEU F 298 -34.38 18.60 39.55
N ALA F 299 -34.63 19.82 39.07
CA ALA F 299 -33.55 20.77 38.80
C ALA F 299 -34.07 22.17 38.54
N CYS F 300 -33.13 23.12 38.43
CA CYS F 300 -33.46 24.51 38.09
C CYS F 300 -32.63 24.99 36.91
N GLY F 301 -33.12 26.05 36.28
CA GLY F 301 -32.46 26.67 35.14
C GLY F 301 -31.95 25.69 34.08
N THR F 302 -30.68 25.88 33.77
CA THR F 302 -30.01 25.13 32.73
C THR F 302 -29.98 23.63 33.06
N SER F 303 -29.83 23.31 34.35
CA SER F 303 -29.87 21.93 34.81
C SER F 303 -31.20 21.26 34.46
N TYR F 304 -32.27 22.03 34.59
CA TYR F 304 -33.60 21.56 34.19
C TYR F 304 -33.60 21.27 32.69
N ASN F 305 -33.04 22.19 31.91
CA ASN F 305 -32.94 21.92 30.47
C ASN F 305 -32.21 20.58 30.15
N SER F 306 -31.14 20.27 30.88
CA SER F 306 -30.45 18.99 30.63
C SER F 306 -31.35 17.80 30.93
N GLY F 307 -31.98 17.80 32.10
CA GLY F 307 -32.91 16.72 32.41
C GLY F 307 -33.98 16.57 31.35
N MET F 308 -34.52 17.71 30.92
CA MET F 308 -35.51 17.75 29.87
C MET F 308 -35.04 16.99 28.64
N VAL F 309 -33.78 17.16 28.25
CA VAL F 309 -33.27 16.34 27.16
C VAL F 309 -33.28 14.84 27.55
N SER F 310 -32.76 14.50 28.72
CA SER F 310 -32.62 13.08 29.07
C SER F 310 -33.95 12.31 29.06
N ARG F 311 -35.04 12.96 29.45
CA ARG F 311 -36.36 12.32 29.38
C ARG F 311 -36.62 11.54 28.07
N TYR F 312 -36.35 12.20 26.94
CA TYR F 312 -36.52 11.59 25.63
C TYR F 312 -35.64 10.36 25.44
N TRP F 313 -34.41 10.45 25.92
CA TRP F 313 -33.46 9.34 25.90
C TRP F 313 -33.94 8.14 26.74
N PHE F 314 -34.24 8.37 28.02
CA PHE F 314 -34.71 7.31 28.91
C PHE F 314 -35.95 6.63 28.35
N GLU F 315 -36.91 7.39 27.84
CA GLU F 315 -38.12 6.76 27.33
C GLU F 315 -37.93 6.07 25.96
N SER F 316 -37.10 6.61 25.09
CA SER F 316 -36.99 5.96 23.79
C SER F 316 -35.90 4.90 23.75
N LEU F 317 -34.78 5.17 24.42
CA LEU F 317 -33.62 4.29 24.34
C LEU F 317 -33.58 3.24 25.47
N ALA F 318 -33.97 3.63 26.68
CA ALA F 318 -34.03 2.66 27.77
C ALA F 318 -35.43 2.07 27.99
N GLY F 319 -36.45 2.70 27.41
CA GLY F 319 -37.81 2.18 27.55
C GLY F 319 -38.32 2.22 28.98
N ILE F 320 -37.83 3.19 29.74
CA ILE F 320 -38.25 3.40 31.12
C ILE F 320 -38.86 4.79 31.28
N PRO F 321 -39.95 4.89 32.06
CA PRO F 321 -40.68 6.14 32.28
C PRO F 321 -39.89 7.21 33.02
N CYS F 322 -40.04 8.45 32.59
CA CYS F 322 -39.30 9.57 33.16
C CYS F 322 -40.11 10.86 33.19
N ASP F 323 -40.12 11.53 34.34
CA ASP F 323 -40.65 12.90 34.43
C ASP F 323 -39.55 13.84 34.86
N VAL F 324 -39.69 15.10 34.45
CA VAL F 324 -38.72 16.14 34.76
C VAL F 324 -39.46 17.37 35.22
N GLU F 325 -39.03 17.97 36.33
CA GLU F 325 -39.81 19.04 36.93
C GLU F 325 -38.98 20.17 37.55
N ILE F 326 -39.38 21.41 37.26
CA ILE F 326 -38.83 22.59 37.91
C ILE F 326 -38.85 22.33 39.42
N ALA F 327 -37.69 22.38 40.06
CA ALA F 327 -37.63 22.02 41.48
C ALA F 327 -38.61 22.82 42.33
N SER F 328 -38.73 24.13 42.07
CA SER F 328 -39.66 24.95 42.83
C SER F 328 -41.10 24.47 42.66
N GLU F 329 -41.45 23.96 41.48
CA GLU F 329 -42.82 23.49 41.32
C GLU F 329 -43.07 22.27 42.20
N PHE F 330 -42.14 21.31 42.14
CA PHE F 330 -42.26 20.07 42.89
C PHE F 330 -42.33 20.31 44.39
N ARG F 331 -41.48 21.18 44.92
CA ARG F 331 -41.43 21.35 46.36
C ARG F 331 -42.67 21.98 47.00
N TYR F 332 -43.51 22.63 46.20
CA TYR F 332 -44.64 23.35 46.76
C TYR F 332 -45.98 22.70 46.47
N ARG F 333 -45.97 21.50 45.88
CA ARG F 333 -47.23 20.84 45.60
C ARG F 333 -47.29 19.47 46.28
N LYS F 334 -48.50 18.98 46.51
CA LYS F 334 -48.69 17.63 46.99
C LYS F 334 -48.72 16.70 45.78
N SER F 335 -47.66 15.94 45.59
CA SER F 335 -47.50 15.09 44.40
C SER F 335 -47.86 13.60 44.60
N ALA F 336 -48.13 12.95 43.47
CA ALA F 336 -48.42 11.52 43.47
C ALA F 336 -47.18 10.74 43.07
N VAL F 337 -46.44 10.24 44.04
CA VAL F 337 -45.24 9.44 43.77
C VAL F 337 -45.57 8.15 43.01
N ARG F 338 -44.75 7.82 42.02
CA ARG F 338 -44.90 6.58 41.26
C ARG F 338 -44.18 5.43 41.97
N ARG F 339 -44.56 4.21 41.61
CA ARG F 339 -44.00 3.02 42.23
C ARG F 339 -42.56 2.79 41.82
N ASN F 340 -41.73 2.46 42.79
CA ASN F 340 -40.33 2.18 42.55
C ASN F 340 -39.61 3.29 41.80
N SER F 341 -39.74 4.49 42.34
CA SER F 341 -39.28 5.70 41.69
C SER F 341 -37.88 6.09 42.16
N LEU F 342 -36.99 6.36 41.21
CA LEU F 342 -35.68 6.90 41.52
C LEU F 342 -35.69 8.41 41.40
N MET F 343 -35.14 9.09 42.39
CA MET F 343 -35.14 10.54 42.40
C MET F 343 -33.78 11.05 41.94
N ILE F 344 -33.73 11.68 40.78
CA ILE F 344 -32.48 12.24 40.30
C ILE F 344 -32.47 13.77 40.36
N THR F 345 -31.40 14.31 40.94
CA THR F 345 -31.22 15.75 40.89
C THR F 345 -30.03 16.09 40.00
N LEU F 346 -30.14 17.22 39.31
CA LEU F 346 -29.08 17.72 38.43
C LEU F 346 -28.70 19.09 38.95
N SER F 347 -27.41 19.31 39.17
CA SER F 347 -26.99 20.61 39.67
C SER F 347 -25.50 20.84 39.53
N GLN F 348 -25.12 21.94 38.90
CA GLN F 348 -23.71 22.27 38.80
C GLN F 348 -23.14 22.45 40.20
N SER F 349 -23.79 23.31 40.98
CA SER F 349 -23.22 23.77 42.24
C SER F 349 -23.43 22.85 43.45
N GLY F 350 -24.51 22.08 43.42
CA GLY F 350 -24.84 21.18 44.51
C GLY F 350 -25.50 21.89 45.68
N GLU F 351 -25.89 23.15 45.48
CA GLU F 351 -26.43 23.97 46.57
C GLU F 351 -27.74 24.67 46.24
N THR F 352 -28.19 24.59 45.00
CA THR F 352 -29.41 25.31 44.65
C THR F 352 -30.51 24.94 45.66
N ALA F 353 -31.06 25.96 46.30
CA ALA F 353 -31.96 25.76 47.43
C ALA F 353 -33.24 25.02 47.05
N ASP F 354 -33.83 25.39 45.91
CA ASP F 354 -35.03 24.70 45.43
C ASP F 354 -34.77 23.21 45.20
N THR F 355 -33.70 22.91 44.47
CA THR F 355 -33.34 21.53 44.17
C THR F 355 -33.10 20.70 45.45
N LEU F 356 -32.31 21.27 46.37
CA LEU F 356 -32.05 20.65 47.67
C LEU F 356 -33.35 20.37 48.46
N ALA F 357 -34.25 21.35 48.44
CA ALA F 357 -35.53 21.19 49.11
C ALA F 357 -36.31 20.02 48.52
N GLY F 358 -36.29 19.91 47.18
CA GLY F 358 -36.98 18.80 46.52
C GLY F 358 -36.39 17.46 46.92
N LEU F 359 -35.06 17.40 46.99
CA LEU F 359 -34.42 16.16 47.42
C LEU F 359 -34.90 15.77 48.83
N ARG F 360 -34.83 16.73 49.73
CA ARG F 360 -35.19 16.48 51.13
C ARG F 360 -36.65 16.08 51.29
N LEU F 361 -37.50 16.62 50.43
CA LEU F 361 -38.90 16.29 50.45
C LEU F 361 -39.07 14.85 49.96
N SER F 362 -38.26 14.48 48.98
CA SER F 362 -38.39 13.15 48.39
C SER F 362 -38.05 12.10 49.43
N LYS F 363 -37.10 12.42 50.31
CA LYS F 363 -36.76 11.48 51.39
C LYS F 363 -37.95 10.96 52.21
N GLU F 364 -38.99 11.77 52.34
CA GLU F 364 -40.12 11.42 53.19
C GLU F 364 -41.34 10.98 52.40
N LEU F 365 -41.19 10.81 51.09
CA LEU F 365 -42.34 10.53 50.22
C LEU F 365 -42.32 9.13 49.66
N GLY F 366 -41.27 8.38 49.98
CA GLY F 366 -41.20 6.98 49.63
C GLY F 366 -40.61 6.68 48.27
N TYR F 367 -39.49 7.33 47.94
CA TYR F 367 -38.73 7.02 46.75
C TYR F 367 -37.79 5.83 47.04
N LEU F 368 -37.52 4.99 46.04
CA LEU F 368 -36.51 3.95 46.21
C LEU F 368 -35.19 4.55 46.70
N GLY F 369 -34.88 5.76 46.23
CA GLY F 369 -33.63 6.40 46.59
C GLY F 369 -33.30 7.58 45.70
N SER F 370 -32.14 8.18 45.93
CA SER F 370 -31.73 9.39 45.25
C SER F 370 -30.39 9.21 44.56
N LEU F 371 -30.26 9.85 43.40
CA LEU F 371 -29.00 9.98 42.70
C LEU F 371 -28.75 11.47 42.42
N ALA F 372 -27.54 11.95 42.76
CA ALA F 372 -27.17 13.33 42.47
C ALA F 372 -26.17 13.35 41.32
N ILE F 373 -26.47 14.11 40.28
CA ILE F 373 -25.50 14.39 39.21
C ILE F 373 -24.99 15.81 39.39
N CYS F 374 -23.71 15.92 39.68
CA CYS F 374 -23.23 17.20 40.19
C CYS F 374 -21.79 17.49 39.80
N ASN F 375 -21.43 18.77 39.80
CA ASN F 375 -20.09 19.15 39.40
C ASN F 375 -19.18 19.64 40.53
N VAL F 376 -19.72 19.80 41.74
CA VAL F 376 -18.89 20.21 42.87
C VAL F 376 -18.90 19.19 44.00
N PRO F 377 -17.74 18.55 44.24
CA PRO F 377 -17.64 17.52 45.28
C PRO F 377 -17.92 18.07 46.68
N GLY F 378 -18.61 17.28 47.48
CA GLY F 378 -18.79 17.62 48.88
C GLY F 378 -19.86 18.69 49.08
N SER F 379 -20.64 18.93 48.04
CA SER F 379 -21.75 19.84 48.12
C SER F 379 -22.93 19.13 48.78
N SER F 380 -23.93 19.91 49.19
CA SER F 380 -25.07 19.38 49.92
C SER F 380 -25.80 18.30 49.11
N LEU F 381 -26.18 18.61 47.88
CA LEU F 381 -26.86 17.62 47.06
C LEU F 381 -26.08 16.32 47.02
N VAL F 382 -24.76 16.41 47.01
CA VAL F 382 -23.95 15.20 46.98
C VAL F 382 -23.99 14.47 48.33
N ARG F 383 -23.83 15.21 49.42
CA ARG F 383 -23.80 14.58 50.75
C ARG F 383 -25.10 13.91 51.08
N GLU F 384 -26.21 14.47 50.60
CA GLU F 384 -27.53 14.04 51.04
C GLU F 384 -28.18 13.04 50.09
N SER F 385 -27.45 12.58 49.08
CA SER F 385 -28.01 11.63 48.13
C SER F 385 -27.38 10.26 48.35
N ASP F 386 -28.13 9.21 48.06
CA ASP F 386 -27.64 7.85 48.24
C ASP F 386 -26.48 7.60 47.30
N LEU F 387 -26.68 7.96 46.03
CA LEU F 387 -25.66 7.77 45.01
C LEU F 387 -25.28 9.12 44.39
N ALA F 388 -24.07 9.19 43.84
CA ALA F 388 -23.62 10.39 43.14
C ALA F 388 -22.76 10.11 41.90
N LEU F 389 -22.96 10.93 40.86
CA LEU F 389 -22.07 10.93 39.70
C LEU F 389 -21.57 12.35 39.44
N MET F 390 -20.27 12.53 39.53
CA MET F 390 -19.67 13.84 39.33
C MET F 390 -19.44 14.02 37.85
N THR F 391 -19.68 15.23 37.36
CA THR F 391 -19.50 15.50 35.94
C THR F 391 -18.04 15.75 35.61
N ASN F 392 -17.27 16.14 36.63
CA ASN F 392 -15.82 16.35 36.47
C ASN F 392 -15.46 17.32 35.36
N ALA F 393 -16.20 18.42 35.29
CA ALA F 393 -16.00 19.42 34.24
C ALA F 393 -14.91 20.42 34.59
N GLY F 394 -14.36 20.32 35.80
CA GLY F 394 -13.52 21.38 36.32
C GLY F 394 -14.46 22.47 36.82
N THR F 395 -13.94 23.43 37.57
CA THR F 395 -14.81 24.48 38.08
C THR F 395 -15.34 25.42 36.98
N GLU F 396 -16.55 25.93 37.18
CA GLU F 396 -17.19 26.77 36.20
C GLU F 396 -17.45 28.14 36.82
N ILE F 397 -16.78 29.15 36.28
CA ILE F 397 -16.81 30.50 36.84
C ILE F 397 -17.89 31.42 36.25
N GLY F 398 -18.16 31.29 34.96
CA GLY F 398 -19.14 32.14 34.31
C GLY F 398 -20.48 31.90 34.96
N VAL F 399 -21.22 32.96 35.26
CA VAL F 399 -22.56 32.80 35.83
C VAL F 399 -23.45 31.90 34.96
N ALA F 400 -23.36 32.02 33.63
CA ALA F 400 -24.10 31.13 32.73
C ALA F 400 -23.38 29.80 32.46
N SER F 401 -24.06 28.69 32.71
CA SER F 401 -23.45 27.36 32.60
C SER F 401 -23.27 26.88 31.16
N THR F 402 -22.07 26.36 30.87
CA THR F 402 -21.77 25.85 29.55
C THR F 402 -21.30 24.39 29.63
N LYS F 403 -20.05 24.17 30.02
CA LYS F 403 -19.50 22.82 30.15
C LYS F 403 -20.25 22.00 31.20
N ALA F 404 -20.82 22.67 32.19
CA ALA F 404 -21.61 21.99 33.20
C ALA F 404 -22.83 21.31 32.55
N PHE F 405 -23.44 22.03 31.61
CA PHE F 405 -24.60 21.54 30.85
C PHE F 405 -24.31 20.29 30.01
N THR F 406 -23.27 20.37 29.17
CA THR F 406 -22.95 19.28 28.26
C THR F 406 -22.32 18.08 28.99
N THR F 407 -21.58 18.32 30.07
CA THR F 407 -21.13 17.17 30.87
C THR F 407 -22.31 16.50 31.57
N GLN F 408 -23.27 17.31 32.04
CA GLN F 408 -24.53 16.75 32.51
C GLN F 408 -25.15 15.85 31.44
N LEU F 409 -25.25 16.35 30.22
CA LEU F 409 -25.85 15.53 29.17
C LEU F 409 -25.08 14.22 28.98
N THR F 410 -23.75 14.30 29.07
CA THR F 410 -22.90 13.12 28.90
C THR F 410 -23.12 12.07 30.01
N VAL F 411 -23.27 12.53 31.25
CA VAL F 411 -23.57 11.59 32.34
C VAL F 411 -24.97 10.96 32.20
N LEU F 412 -25.99 11.79 31.97
CA LEU F 412 -27.34 11.25 31.79
C LEU F 412 -27.37 10.19 30.68
N LEU F 413 -26.67 10.50 29.58
CA LEU F 413 -26.60 9.55 28.49
C LEU F 413 -25.95 8.25 28.96
N MET F 414 -24.81 8.36 29.65
CA MET F 414 -24.17 7.16 30.22
C MET F 414 -25.15 6.34 31.08
N LEU F 415 -26.10 7.01 31.70
CA LEU F 415 -27.00 6.35 32.64
C LEU F 415 -28.11 5.60 31.92
N VAL F 416 -28.47 6.10 30.74
CA VAL F 416 -29.47 5.40 29.93
C VAL F 416 -29.21 3.89 29.83
N ALA F 417 -28.07 3.51 29.27
CA ALA F 417 -27.77 2.09 29.16
C ALA F 417 -27.92 1.33 30.50
N LYS F 418 -27.59 1.98 31.61
CA LYS F 418 -27.65 1.37 32.93
C LYS F 418 -29.07 1.26 33.50
N LEU F 419 -30.02 1.95 32.90
CA LEU F 419 -31.41 1.74 33.34
C LEU F 419 -32.29 1.06 32.28
N SER F 420 -31.64 0.29 31.40
CA SER F 420 -32.31 -0.31 30.25
C SER F 420 -33.43 -1.27 30.64
N ARG F 421 -34.53 -1.19 29.91
CA ARG F 421 -35.69 -2.05 30.17
C ARG F 421 -36.22 -2.68 28.88
N LEU F 422 -35.44 -2.63 27.81
CA LEU F 422 -35.94 -3.07 26.51
C LEU F 422 -35.43 -4.47 26.09
N LYS F 423 -35.06 -5.28 27.08
CA LYS F 423 -34.67 -6.68 26.87
C LYS F 423 -33.53 -6.90 25.86
N GLY F 424 -33.81 -7.74 24.87
CA GLY F 424 -32.84 -8.13 23.87
C GLY F 424 -32.42 -7.02 22.92
N LEU F 425 -33.10 -5.88 22.98
CA LEU F 425 -32.68 -4.70 22.22
C LEU F 425 -31.50 -4.05 22.90
N ASP F 426 -31.51 -4.10 24.24
CA ASP F 426 -30.54 -3.37 25.07
C ASP F 426 -29.10 -3.37 24.52
N ALA F 427 -28.56 -4.55 24.28
CA ALA F 427 -27.19 -4.67 23.81
C ALA F 427 -26.91 -3.70 22.67
N SER F 428 -27.66 -3.83 21.58
CA SER F 428 -27.35 -3.01 20.42
C SER F 428 -27.40 -1.52 20.77
N ILE F 429 -28.42 -1.14 21.54
CA ILE F 429 -28.60 0.26 21.90
C ILE F 429 -27.38 0.72 22.69
N GLU F 430 -26.98 -0.07 23.67
CA GLU F 430 -25.82 0.33 24.47
C GLU F 430 -24.67 0.60 23.52
N HIS F 431 -24.50 -0.28 22.55
CA HIS F 431 -23.40 -0.16 21.63
C HIS F 431 -23.42 1.22 20.96
N ASP F 432 -24.56 1.57 20.35
CA ASP F 432 -24.73 2.88 19.72
C ASP F 432 -24.34 4.00 20.69
N ILE F 433 -24.87 3.94 21.92
CA ILE F 433 -24.56 4.96 22.90
C ILE F 433 -23.05 5.09 23.10
N VAL F 434 -22.39 3.96 23.32
CA VAL F 434 -20.95 3.97 23.50
C VAL F 434 -20.29 4.59 22.27
N HIS F 435 -20.70 4.11 21.08
CA HIS F 435 -20.13 4.66 19.85
C HIS F 435 -20.25 6.19 19.92
N GLY F 436 -21.46 6.67 20.19
CA GLY F 436 -21.72 8.10 20.21
C GLY F 436 -20.93 8.80 21.31
N LEU F 437 -20.87 8.21 22.50
CA LEU F 437 -20.13 8.86 23.56
C LEU F 437 -18.67 9.00 23.12
N GLN F 438 -18.16 7.98 22.45
CA GLN F 438 -16.74 7.99 22.15
C GLN F 438 -16.45 8.98 21.03
N ALA F 439 -17.49 9.31 20.27
CA ALA F 439 -17.36 10.25 19.18
C ALA F 439 -17.40 11.66 19.72
N LEU F 440 -17.92 11.83 20.94
CA LEU F 440 -18.36 13.15 21.40
C LEU F 440 -17.25 14.22 21.44
N PRO F 441 -16.11 13.91 22.06
CA PRO F 441 -15.03 14.89 22.10
C PRO F 441 -14.61 15.40 20.72
N SER F 442 -14.40 14.52 19.74
CA SER F 442 -13.99 15.02 18.45
C SER F 442 -15.12 15.75 17.69
N ARG F 443 -16.38 15.35 17.91
CA ARG F 443 -17.53 16.09 17.36
C ARG F 443 -17.58 17.52 17.91
N ILE F 444 -17.43 17.67 19.22
CA ILE F 444 -17.46 19.01 19.79
C ILE F 444 -16.32 19.84 19.20
N GLU F 445 -15.16 19.21 19.03
CA GLU F 445 -14.05 19.90 18.39
C GLU F 445 -14.39 20.31 16.96
N GLN F 446 -15.14 19.48 16.26
CA GLN F 446 -15.62 19.85 14.92
C GLN F 446 -16.46 21.11 15.05
N MET F 447 -17.37 21.09 16.02
CA MET F 447 -18.34 22.16 16.15
C MET F 447 -17.71 23.51 16.51
N LEU F 448 -16.69 23.49 17.37
CA LEU F 448 -16.05 24.73 17.80
C LEU F 448 -15.35 25.42 16.64
N SER F 449 -15.04 24.68 15.58
CA SER F 449 -14.38 25.30 14.44
C SER F 449 -15.36 26.00 13.51
N GLN F 450 -16.62 26.02 13.88
CA GLN F 450 -17.64 26.79 13.16
C GLN F 450 -17.78 28.15 13.80
N ASP F 451 -17.01 28.39 14.86
CA ASP F 451 -17.15 29.62 15.63
C ASP F 451 -17.05 30.91 14.79
N LYS F 452 -16.23 30.94 13.75
CA LYS F 452 -16.12 32.18 12.95
C LYS F 452 -17.40 32.45 12.17
N ARG F 453 -18.07 31.37 11.80
CA ARG F 453 -19.33 31.43 11.08
C ARG F 453 -20.41 31.96 12.03
N ILE F 454 -20.45 31.41 13.24
CA ILE F 454 -21.39 31.84 14.25
C ILE F 454 -21.21 33.32 14.58
N GLU F 455 -19.95 33.73 14.72
CA GLU F 455 -19.60 35.10 15.07
C GLU F 455 -20.10 36.09 14.02
N ALA F 456 -20.06 35.67 12.77
CA ALA F 456 -20.52 36.53 11.69
C ALA F 456 -22.04 36.57 11.80
N LEU F 457 -22.63 35.40 12.02
CA LEU F 457 -24.08 35.25 12.15
C LEU F 457 -24.62 36.13 13.28
N ALA F 458 -23.84 36.31 14.34
CA ALA F 458 -24.33 37.06 15.51
C ALA F 458 -24.73 38.48 15.14
N GLU F 459 -24.17 38.99 14.04
CA GLU F 459 -24.43 40.38 13.65
C GLU F 459 -25.90 40.57 13.28
N ASP F 460 -26.52 39.50 12.81
CA ASP F 460 -27.96 39.50 12.52
C ASP F 460 -28.81 39.68 13.79
N PHE F 461 -28.27 39.28 14.94
CA PHE F 461 -29.06 39.28 16.17
C PHE F 461 -28.73 40.38 17.13
N SER F 462 -27.57 40.98 17.00
CA SER F 462 -27.12 41.93 18.00
C SER F 462 -28.04 43.15 18.19
N ASP F 463 -28.82 43.50 17.17
CA ASP F 463 -29.70 44.68 17.29
C ASP F 463 -31.16 44.31 17.59
N LYS F 464 -31.43 43.02 17.72
CA LYS F 464 -32.79 42.52 17.91
C LYS F 464 -33.21 42.58 19.38
N HIS F 465 -34.51 42.69 19.64
CA HIS F 465 -34.99 42.59 21.01
C HIS F 465 -35.87 41.37 21.23
N HIS F 466 -36.08 40.60 20.17
CA HIS F 466 -36.91 39.40 20.23
C HIS F 466 -36.25 38.27 19.47
N ALA F 467 -36.55 37.04 19.87
CA ALA F 467 -36.17 35.90 19.07
C ALA F 467 -37.02 34.71 19.48
N LEU F 468 -37.29 33.83 18.53
CA LEU F 468 -38.04 32.62 18.84
C LEU F 468 -37.15 31.44 18.51
N PHE F 469 -37.01 30.52 19.46
CA PHE F 469 -36.24 29.29 19.27
C PHE F 469 -37.22 28.13 19.15
N LEU F 470 -37.06 27.34 18.09
CA LEU F 470 -37.91 26.20 17.86
C LEU F 470 -37.12 24.89 17.83
N GLY F 471 -37.68 23.86 18.42
CA GLY F 471 -37.07 22.55 18.29
C GLY F 471 -38.13 21.50 18.51
N ARG F 472 -37.96 20.35 17.87
CA ARG F 472 -38.82 19.21 18.10
C ARG F 472 -38.08 18.10 18.84
N GLY F 473 -38.79 17.33 19.64
CA GLY F 473 -38.22 16.16 20.29
C GLY F 473 -37.06 16.46 21.20
N ASP F 474 -35.97 15.73 21.06
CA ASP F 474 -34.83 15.90 21.95
C ASP F 474 -34.05 17.15 21.61
N GLN F 475 -34.47 17.85 20.58
CA GLN F 475 -33.89 19.16 20.26
C GLN F 475 -34.73 20.27 20.88
N TYR F 476 -35.95 19.94 21.32
CA TYR F 476 -36.77 20.96 21.95
C TYR F 476 -36.08 21.59 23.20
N PRO F 477 -35.57 20.76 24.12
CA PRO F 477 -34.89 21.30 25.29
C PRO F 477 -33.61 22.06 24.94
N ILE F 478 -33.05 21.76 23.78
CA ILE F 478 -31.84 22.43 23.36
C ILE F 478 -32.24 23.83 22.92
N ALA F 479 -33.43 23.95 22.34
CA ALA F 479 -33.98 25.25 21.97
C ALA F 479 -34.24 26.05 23.25
N LEU F 480 -34.73 25.38 24.29
CA LEU F 480 -34.88 26.02 25.59
C LEU F 480 -33.58 26.58 26.12
N GLU F 481 -32.52 25.77 26.08
CA GLU F 481 -31.21 26.20 26.56
C GLU F 481 -30.67 27.37 25.70
N GLY F 482 -30.84 27.29 24.39
CA GLY F 482 -30.40 28.35 23.50
C GLY F 482 -31.10 29.69 23.76
N ALA F 483 -32.41 29.66 23.90
CA ALA F 483 -33.14 30.86 24.27
C ALA F 483 -32.69 31.40 25.62
N LEU F 484 -32.53 30.51 26.60
CA LEU F 484 -32.07 30.92 27.93
C LEU F 484 -30.73 31.65 27.84
N LYS F 485 -29.81 31.11 27.03
CA LYS F 485 -28.48 31.71 26.89
C LYS F 485 -28.58 33.11 26.32
N LEU F 486 -29.47 33.29 25.35
CA LEU F 486 -29.62 34.60 24.73
C LEU F 486 -30.21 35.59 25.74
N LYS F 487 -31.19 35.15 26.53
CA LYS F 487 -31.70 35.98 27.62
C LYS F 487 -30.58 36.36 28.56
N GLU F 488 -29.86 35.35 29.02
CA GLU F 488 -28.88 35.50 30.09
C GLU F 488 -27.82 36.56 29.85
N ILE F 489 -27.13 36.47 28.72
CA ILE F 489 -25.93 37.27 28.55
C ILE F 489 -26.07 38.34 27.48
N SER F 490 -27.16 38.29 26.73
CA SER F 490 -27.36 39.33 25.73
C SER F 490 -28.54 40.24 26.07
N TYR F 491 -29.37 39.81 27.03
CA TYR F 491 -30.58 40.55 27.44
C TYR F 491 -31.60 40.67 26.30
N ILE F 492 -31.56 39.73 25.37
CA ILE F 492 -32.55 39.72 24.31
C ILE F 492 -33.72 38.86 24.75
N HIS F 493 -34.93 39.34 24.48
CA HIS F 493 -36.09 38.55 24.85
C HIS F 493 -36.26 37.36 23.90
N ALA F 494 -35.49 36.30 24.16
CA ALA F 494 -35.56 35.08 23.39
C ALA F 494 -36.45 34.08 24.11
N GLU F 495 -37.34 33.43 23.37
CA GLU F 495 -38.26 32.48 23.95
C GLU F 495 -38.23 31.22 23.10
N ALA F 496 -38.25 30.06 23.76
CA ALA F 496 -38.29 28.78 23.05
C ALA F 496 -39.73 28.29 22.94
N TYR F 497 -40.01 27.53 21.89
CA TYR F 497 -41.32 26.94 21.69
C TYR F 497 -41.13 25.55 21.07
N ALA F 498 -41.98 24.60 21.44
CA ALA F 498 -42.03 23.33 20.70
C ALA F 498 -42.43 23.63 19.25
N ALA F 499 -41.67 23.10 18.30
CA ALA F 499 -41.86 23.49 16.91
C ALA F 499 -43.32 23.31 16.45
N GLY F 500 -43.95 22.24 16.93
CA GLY F 500 -45.31 21.91 16.51
C GLY F 500 -46.35 22.88 17.03
N GLU F 501 -45.94 23.71 17.98
CA GLU F 501 -46.84 24.69 18.53
C GLU F 501 -46.70 26.06 17.85
N LEU F 502 -45.75 26.22 16.93
CA LEU F 502 -45.57 27.58 16.36
C LEU F 502 -46.90 28.23 15.92
N LYS F 503 -47.73 27.47 15.24
CA LYS F 503 -48.94 27.98 14.60
C LYS F 503 -50.04 28.27 15.59
N HIS F 504 -49.90 27.80 16.82
CA HIS F 504 -50.96 27.94 17.82
C HIS F 504 -51.03 29.28 18.56
N GLY F 505 -50.03 30.13 18.34
CA GLY F 505 -50.07 31.50 18.83
C GLY F 505 -48.90 32.35 18.34
N PRO F 506 -47.68 31.91 18.65
CA PRO F 506 -46.51 32.77 18.42
C PRO F 506 -46.30 33.18 16.97
N LEU F 507 -46.89 32.46 16.02
CA LEU F 507 -46.78 32.88 14.64
C LEU F 507 -47.31 34.31 14.47
N ALA F 508 -48.27 34.70 15.30
CA ALA F 508 -48.81 36.07 15.24
C ALA F 508 -47.76 37.15 15.59
N LEU F 509 -46.77 36.77 16.38
CA LEU F 509 -45.72 37.72 16.77
C LEU F 509 -44.67 37.95 15.68
N ILE F 510 -44.53 37.01 14.74
CA ILE F 510 -43.37 37.04 13.85
C ILE F 510 -43.30 38.23 12.90
N ASP F 511 -42.15 38.91 12.93
CA ASP F 511 -41.78 39.88 11.92
C ASP F 511 -40.25 40.13 11.92
N ALA F 512 -39.83 41.17 11.19
CA ALA F 512 -38.42 41.49 11.02
C ALA F 512 -37.65 41.58 12.34
N ASP F 513 -38.30 42.07 13.38
CA ASP F 513 -37.60 42.30 14.64
C ASP F 513 -37.67 41.09 15.55
N MET F 514 -38.09 39.95 14.99
CA MET F 514 -38.20 38.71 15.76
C MET F 514 -37.82 37.51 14.91
N PRO F 515 -36.52 37.32 14.72
CA PRO F 515 -36.00 36.16 13.98
C PRO F 515 -36.40 34.84 14.65
N VAL F 516 -36.53 33.80 13.85
CA VAL F 516 -36.88 32.47 14.35
C VAL F 516 -35.73 31.52 14.11
N ILE F 517 -35.38 30.77 15.13
CA ILE F 517 -34.26 29.86 15.07
C ILE F 517 -34.76 28.44 15.25
N VAL F 518 -34.33 27.54 14.35
CA VAL F 518 -34.70 26.12 14.44
C VAL F 518 -33.48 25.28 14.64
N VAL F 519 -33.56 24.35 15.59
CA VAL F 519 -32.44 23.53 15.97
C VAL F 519 -32.62 22.13 15.37
N ALA F 520 -31.85 21.85 14.31
CA ALA F 520 -31.68 20.50 13.79
C ALA F 520 -32.95 19.78 13.37
N PRO F 521 -33.73 20.38 12.45
CA PRO F 521 -34.98 19.74 12.02
C PRO F 521 -34.75 18.69 10.93
N ASN F 522 -35.59 17.65 10.86
CA ASN F 522 -35.60 16.76 9.68
C ASN F 522 -36.34 17.42 8.51
N ASN F 523 -36.28 16.80 7.34
CA ASN F 523 -36.92 17.39 6.14
C ASN F 523 -38.40 17.77 6.32
N GLU F 524 -39.12 16.94 7.07
CA GLU F 524 -40.57 17.08 7.23
C GLU F 524 -40.96 18.29 8.08
N LEU F 525 -40.33 18.39 9.24
CA LEU F 525 -40.45 19.57 10.10
C LEU F 525 -40.03 20.87 9.39
N LEU F 526 -38.95 20.84 8.61
CA LEU F 526 -38.48 22.04 7.93
C LEU F 526 -39.47 22.43 6.85
N GLU F 527 -40.10 21.43 6.24
CA GLU F 527 -41.13 21.69 5.25
C GLU F 527 -42.26 22.49 5.92
N LYS F 528 -42.71 21.98 7.07
CA LYS F 528 -43.76 22.65 7.82
C LYS F 528 -43.39 24.10 8.21
N LEU F 529 -42.24 24.27 8.85
CA LEU F 529 -41.82 25.59 9.30
C LEU F 529 -41.58 26.57 8.14
N LYS F 530 -41.00 26.10 7.04
CA LYS F 530 -40.78 26.94 5.87
C LYS F 530 -42.14 27.47 5.43
N SER F 531 -43.10 26.56 5.29
CA SER F 531 -44.45 27.00 4.98
C SER F 531 -44.90 28.12 5.96
N ASN F 532 -44.74 27.85 7.26
CA ASN F 532 -45.11 28.81 8.30
C ASN F 532 -44.51 30.19 8.13
N ILE F 533 -43.19 30.26 7.89
CA ILE F 533 -42.53 31.54 7.65
C ILE F 533 -42.95 32.19 6.33
N GLU F 534 -43.38 31.38 5.36
CA GLU F 534 -43.98 31.93 4.17
C GLU F 534 -45.20 32.73 4.57
N GLU F 535 -46.00 32.19 5.49
CA GLU F 535 -47.21 32.92 5.94
C GLU F 535 -46.90 34.34 6.42
N VAL F 536 -45.74 34.53 7.07
CA VAL F 536 -45.40 35.85 7.58
C VAL F 536 -44.32 36.56 6.77
N ARG F 537 -44.26 36.24 5.48
CA ARG F 537 -43.35 36.90 4.56
C ARG F 537 -43.61 38.42 4.46
N ALA F 538 -44.88 38.82 4.48
CA ALA F 538 -45.20 40.22 4.30
C ALA F 538 -44.65 41.10 5.44
N ARG F 539 -44.39 40.49 6.59
CA ARG F 539 -43.78 41.21 7.72
C ARG F 539 -42.27 40.93 7.89
N GLY F 540 -41.64 40.31 6.88
CA GLY F 540 -40.22 40.02 6.92
C GLY F 540 -39.74 38.91 7.86
N GLY F 541 -40.57 37.88 8.07
CA GLY F 541 -40.19 36.77 8.93
C GLY F 541 -38.93 36.12 8.40
N GLN F 542 -37.95 35.90 9.29
CA GLN F 542 -36.66 35.32 8.90
C GLN F 542 -36.45 34.03 9.67
N LEU F 543 -36.08 32.99 8.95
CA LEU F 543 -35.96 31.67 9.55
C LEU F 543 -34.49 31.23 9.51
N TYR F 544 -33.85 31.11 10.68
CA TYR F 544 -32.46 30.63 10.76
C TYR F 544 -32.42 29.15 11.15
N VAL F 545 -31.76 28.34 10.33
CA VAL F 545 -31.80 26.90 10.51
C VAL F 545 -30.41 26.28 10.69
N PHE F 546 -30.19 25.67 11.86
CA PHE F 546 -28.98 24.91 12.13
C PHE F 546 -29.28 23.49 11.73
N ALA F 547 -28.72 23.05 10.62
CA ALA F 547 -29.04 21.71 10.10
C ALA F 547 -27.81 20.93 9.66
N ASP F 548 -27.97 19.62 9.57
CA ASP F 548 -26.97 18.70 9.06
C ASP F 548 -26.77 18.97 7.56
N GLN F 549 -25.53 19.23 7.15
CA GLN F 549 -25.23 19.47 5.75
C GLN F 549 -25.70 18.32 4.84
N ASP F 550 -25.71 17.10 5.36
CA ASP F 550 -26.10 15.94 4.56
C ASP F 550 -27.58 15.97 4.22
N ALA F 551 -28.30 16.96 4.73
CA ALA F 551 -29.73 17.05 4.50
C ALA F 551 -29.96 17.79 3.21
N GLY F 552 -28.93 18.49 2.74
CA GLY F 552 -29.01 19.21 1.49
C GLY F 552 -30.04 20.34 1.44
N PHE F 553 -30.40 20.90 2.59
CA PHE F 553 -31.31 22.05 2.60
C PHE F 553 -30.70 23.24 1.84
N VAL F 554 -31.55 24.03 1.21
CA VAL F 554 -31.06 25.12 0.38
C VAL F 554 -31.63 26.42 0.88
N SER F 555 -30.77 27.43 0.94
CA SER F 555 -31.20 28.73 1.45
C SER F 555 -32.03 29.52 0.46
N SER F 556 -32.88 30.37 1.00
CA SER F 556 -33.62 31.34 0.22
C SER F 556 -33.52 32.70 0.89
N ASP F 557 -34.36 33.65 0.51
CA ASP F 557 -34.23 35.02 1.00
C ASP F 557 -34.65 35.15 2.46
N ASN F 558 -35.63 34.34 2.83
CA ASN F 558 -36.20 34.37 4.17
C ASN F 558 -35.87 33.12 5.01
N MET F 559 -35.08 32.21 4.46
CA MET F 559 -34.67 31.00 5.18
C MET F 559 -33.17 30.73 5.03
N HIS F 560 -32.42 30.96 6.10
CA HIS F 560 -30.98 30.88 6.07
C HIS F 560 -30.50 29.58 6.71
N ILE F 561 -29.97 28.69 5.87
CA ILE F 561 -29.43 27.42 6.32
C ILE F 561 -28.02 27.60 6.83
N ILE F 562 -27.81 27.19 8.06
CA ILE F 562 -26.51 27.31 8.68
C ILE F 562 -26.04 25.88 8.87
N GLU F 563 -25.24 25.42 7.89
CA GLU F 563 -24.92 24.01 7.73
C GLU F 563 -23.95 23.55 8.80
N MET F 564 -24.17 22.34 9.29
CA MET F 564 -23.30 21.72 10.29
C MET F 564 -22.89 20.32 9.83
N PRO F 565 -21.79 19.79 10.39
CA PRO F 565 -21.34 18.43 10.10
C PRO F 565 -22.29 17.37 10.65
N HIS F 566 -22.30 16.21 10.02
CA HIS F 566 -23.13 15.09 10.45
C HIS F 566 -22.70 14.68 11.85
N VAL F 567 -23.65 14.26 12.69
CA VAL F 567 -23.33 13.69 13.99
C VAL F 567 -24.12 12.43 14.18
N GLU F 568 -23.63 11.62 15.11
CA GLU F 568 -24.40 10.49 15.60
C GLU F 568 -25.70 11.01 16.25
N GLU F 569 -26.81 10.42 15.85
CA GLU F 569 -28.13 10.79 16.32
C GLU F 569 -28.18 10.90 17.84
N VAL F 570 -27.66 9.87 18.51
CA VAL F 570 -27.78 9.81 19.95
C VAL F 570 -27.11 11.01 20.66
N ILE F 571 -26.04 11.55 20.10
CA ILE F 571 -25.39 12.71 20.73
C ILE F 571 -25.72 14.05 20.04
N ALA F 572 -26.71 14.07 19.16
CA ALA F 572 -27.02 15.32 18.46
C ALA F 572 -27.40 16.51 19.39
N PRO F 573 -28.21 16.27 20.42
CA PRO F 573 -28.58 17.43 21.26
C PRO F 573 -27.35 18.08 21.90
N ILE F 574 -26.35 17.28 22.24
CA ILE F 574 -25.15 17.84 22.83
C ILE F 574 -24.41 18.68 21.80
N PHE F 575 -24.21 18.08 20.63
CA PHE F 575 -23.59 18.71 19.46
C PHE F 575 -24.25 20.07 19.14
N TYR F 576 -25.58 20.10 19.08
CA TYR F 576 -26.29 21.32 18.65
C TYR F 576 -26.37 22.41 19.72
N THR F 577 -26.02 22.06 20.94
CA THR F 577 -25.98 23.04 22.00
C THR F 577 -24.88 24.07 21.73
N VAL F 578 -23.76 23.58 21.20
CA VAL F 578 -22.56 24.39 21.07
C VAL F 578 -22.68 25.64 20.18
N PRO F 579 -23.31 25.54 19.00
CA PRO F 579 -23.43 26.80 18.23
C PRO F 579 -24.35 27.80 18.94
N LEU F 580 -25.34 27.31 19.67
CA LEU F 580 -26.22 28.20 20.41
C LEU F 580 -25.43 28.98 21.47
N GLN F 581 -24.56 28.29 22.21
CA GLN F 581 -23.67 28.95 23.16
C GLN F 581 -22.82 30.00 22.45
N LEU F 582 -22.23 29.62 21.32
CA LEU F 582 -21.35 30.54 20.64
C LEU F 582 -22.15 31.73 20.12
N LEU F 583 -23.39 31.48 19.71
CA LEU F 583 -24.25 32.57 19.21
C LEU F 583 -24.51 33.57 20.32
N ALA F 584 -24.99 33.08 21.46
CA ALA F 584 -25.22 33.96 22.60
C ALA F 584 -23.93 34.70 22.97
N TYR F 585 -22.82 33.96 23.11
CA TYR F 585 -21.56 34.58 23.48
C TYR F 585 -21.22 35.73 22.56
N HIS F 586 -21.27 35.49 21.25
CA HIS F 586 -20.84 36.51 20.29
C HIS F 586 -21.81 37.69 20.16
N VAL F 587 -23.10 37.45 20.33
CA VAL F 587 -24.02 38.58 20.41
C VAL F 587 -23.63 39.46 21.61
N ALA F 588 -23.37 38.82 22.75
CA ALA F 588 -22.97 39.57 23.94
C ALA F 588 -21.65 40.33 23.71
N LEU F 589 -20.75 39.70 22.95
CA LEU F 589 -19.46 40.31 22.71
C LEU F 589 -19.67 41.61 21.93
N ILE F 590 -20.53 41.55 20.92
CA ILE F 590 -20.82 42.71 20.10
C ILE F 590 -21.42 43.83 20.94
N LYS F 591 -22.41 43.49 21.76
CA LYS F 591 -23.08 44.47 22.60
C LYS F 591 -22.21 45.02 23.72
N GLY F 592 -21.20 44.24 24.13
CA GLY F 592 -20.33 44.62 25.24
C GLY F 592 -20.96 44.43 26.61
N THR F 593 -21.82 43.42 26.72
CA THR F 593 -22.46 43.09 27.99
C THR F 593 -21.50 42.36 28.94
N ASP F 594 -21.83 42.36 30.23
CA ASP F 594 -21.07 41.66 31.24
C ASP F 594 -21.31 40.14 31.11
N VAL F 595 -20.53 39.49 30.25
CA VAL F 595 -20.74 38.08 29.92
C VAL F 595 -20.58 37.16 31.14
N ASP F 596 -19.48 37.32 31.86
CA ASP F 596 -19.22 36.45 33.01
C ASP F 596 -20.14 36.80 34.19
N GLN F 597 -20.68 38.01 34.19
CA GLN F 597 -21.59 38.40 35.27
C GLN F 597 -22.79 39.20 34.79
N PRO F 598 -23.70 38.55 34.05
CA PRO F 598 -24.90 39.21 33.51
C PRO F 598 -25.72 39.88 34.62
N ARG F 599 -26.37 40.99 34.29
CA ARG F 599 -27.15 41.71 35.30
C ARG F 599 -28.25 40.87 36.00
N ASN F 600 -28.34 41.02 37.32
CA ASN F 600 -29.43 40.45 38.13
C ASN F 600 -29.39 38.95 38.33
N LEU F 601 -28.41 38.28 37.73
CA LEU F 601 -28.30 36.82 37.83
C LEU F 601 -27.20 36.36 38.81
N ALA F 602 -27.30 35.11 39.27
CA ALA F 602 -26.38 34.57 40.27
C ALA F 602 -25.89 33.21 39.84
N LYS F 603 -24.61 32.91 40.09
CA LYS F 603 -24.07 31.58 39.81
C LYS F 603 -24.93 30.48 40.42
N SER F 604 -25.35 30.70 41.65
CA SER F 604 -26.10 29.70 42.37
C SER F 604 -27.05 30.41 43.32
N VAL F 605 -28.30 29.98 43.33
CA VAL F 605 -29.33 30.59 44.16
C VAL F 605 -29.55 29.75 45.41
N THR F 606 -28.82 30.10 46.47
CA THR F 606 -28.68 29.23 47.64
C THR F 606 -29.50 29.65 48.86
N VAL F 607 -30.04 30.87 48.85
CA VAL F 607 -30.84 31.34 49.99
C VAL F 607 -32.27 31.60 49.54
N GLU F 608 -33.23 31.38 50.44
CA GLU F 608 -34.64 31.59 50.11
C GLU F 608 -34.94 33.06 49.77
N ALA G 1 -24.00 -58.77 -27.80
CA ALA G 1 -23.82 -57.33 -27.72
C ALA G 1 -22.67 -56.86 -28.61
N GLY G 2 -21.51 -57.50 -28.47
CA GLY G 2 -20.35 -57.14 -29.26
C GLY G 2 -19.69 -58.33 -29.94
N ILE G 3 -19.27 -58.14 -31.18
CA ILE G 3 -18.68 -59.22 -31.97
C ILE G 3 -17.32 -58.83 -32.58
N VAL G 4 -16.28 -59.62 -32.29
CA VAL G 4 -14.98 -59.40 -32.93
C VAL G 4 -14.44 -60.68 -33.58
N GLY G 5 -13.92 -60.57 -34.79
CA GLY G 5 -13.39 -61.72 -35.48
C GLY G 5 -12.08 -61.39 -36.18
N ALA G 6 -11.16 -62.33 -36.15
CA ALA G 6 -9.84 -62.11 -36.71
C ALA G 6 -9.29 -63.38 -37.36
N ILE G 7 -8.84 -63.25 -38.59
CA ILE G 7 -8.06 -64.30 -39.24
C ILE G 7 -6.74 -63.73 -39.77
N ALA G 8 -5.65 -64.06 -39.09
CA ALA G 8 -4.35 -63.50 -39.41
C ALA G 8 -3.28 -64.56 -39.57
N GLN G 9 -2.03 -64.10 -39.61
CA GLN G 9 -0.86 -64.94 -39.66
C GLN G 9 -0.18 -64.95 -38.28
N ARG G 10 -0.74 -64.16 -37.36
CA ARG G 10 -0.23 -64.06 -35.99
C ARG G 10 -1.31 -64.40 -34.99
N ASP G 11 -0.92 -64.49 -33.72
CA ASP G 11 -1.89 -64.72 -32.65
C ASP G 11 -2.91 -63.57 -32.62
N VAL G 12 -4.18 -63.90 -32.41
CA VAL G 12 -5.24 -62.90 -32.49
C VAL G 12 -5.93 -62.61 -31.15
N ALA G 13 -5.56 -63.33 -30.11
CA ALA G 13 -6.23 -63.18 -28.81
C ALA G 13 -6.25 -61.73 -28.33
N GLU G 14 -5.07 -61.14 -28.26
CA GLU G 14 -4.87 -59.80 -27.74
C GLU G 14 -5.80 -58.81 -28.44
N ILE G 15 -5.82 -58.93 -29.78
CA ILE G 15 -6.66 -58.11 -30.66
C ILE G 15 -8.15 -58.29 -30.38
N LEU G 16 -8.58 -59.53 -30.23
CA LEU G 16 -9.98 -59.82 -29.94
C LEU G 16 -10.40 -59.16 -28.62
N LEU G 17 -9.51 -59.26 -27.63
CA LEU G 17 -9.80 -58.69 -26.30
C LEU G 17 -9.84 -57.16 -26.32
N GLU G 18 -8.93 -56.55 -27.08
CA GLU G 18 -8.95 -55.09 -27.22
C GLU G 18 -10.21 -54.64 -27.96
N GLY G 19 -10.64 -55.45 -28.93
CA GLY G 19 -11.88 -55.18 -29.64
C GLY G 19 -13.04 -55.14 -28.68
N LEU G 20 -13.12 -56.16 -27.84
CA LEU G 20 -14.15 -56.16 -26.80
C LEU G 20 -14.06 -54.94 -25.86
N ARG G 21 -12.86 -54.62 -25.38
CA ARG G 21 -12.70 -53.43 -24.54
C ARG G 21 -13.34 -52.23 -25.24
N ARG G 22 -13.08 -52.11 -26.55
CA ARG G 22 -13.67 -51.02 -27.32
C ARG G 22 -15.18 -51.11 -27.48
N LEU G 23 -15.74 -52.32 -27.37
CA LEU G 23 -17.19 -52.44 -27.51
C LEU G 23 -17.94 -52.40 -26.18
N GLU G 24 -17.22 -52.30 -25.07
CA GLU G 24 -17.87 -52.31 -23.75
C GLU G 24 -19.08 -51.37 -23.58
N TYR G 25 -19.04 -50.19 -24.20
CA TYR G 25 -20.11 -49.21 -24.02
C TYR G 25 -21.48 -49.75 -24.40
N ARG G 26 -21.51 -50.84 -25.14
CA ARG G 26 -22.77 -51.45 -25.55
C ARG G 26 -23.55 -52.06 -24.38
N GLY G 27 -22.86 -52.49 -23.33
CA GLY G 27 -23.55 -52.96 -22.14
C GLY G 27 -23.82 -54.45 -22.22
N TYR G 28 -23.29 -55.18 -21.26
CA TYR G 28 -23.19 -56.62 -21.39
C TYR G 28 -23.01 -57.26 -20.02
N ASP G 29 -23.30 -58.56 -19.93
CA ASP G 29 -23.22 -59.27 -18.66
C ASP G 29 -22.07 -60.27 -18.64
N SER G 30 -21.51 -60.55 -19.81
CA SER G 30 -20.54 -61.62 -19.96
C SER G 30 -19.85 -61.59 -21.33
N ALA G 31 -18.76 -62.35 -21.47
CA ALA G 31 -17.98 -62.32 -22.70
C ALA G 31 -17.20 -63.62 -22.89
N GLY G 32 -16.52 -63.73 -24.03
CA GLY G 32 -15.74 -64.92 -24.32
C GLY G 32 -15.17 -64.88 -25.72
N LEU G 33 -14.27 -65.82 -26.01
CA LEU G 33 -13.64 -65.93 -27.32
C LEU G 33 -13.12 -67.34 -27.58
N ALA G 34 -12.92 -67.64 -28.86
CA ALA G 34 -12.35 -68.91 -29.31
C ALA G 34 -11.33 -68.67 -30.43
N VAL G 35 -10.25 -69.44 -30.40
CA VAL G 35 -9.20 -69.39 -31.43
C VAL G 35 -8.74 -70.77 -31.87
N VAL G 36 -8.49 -70.90 -33.17
CA VAL G 36 -7.88 -72.07 -33.77
C VAL G 36 -6.50 -71.72 -34.29
N ASP G 37 -5.56 -72.63 -34.06
CA ASP G 37 -4.21 -72.55 -34.64
C ASP G 37 -4.16 -73.26 -36.00
N ALA G 38 -2.94 -73.47 -36.49
CA ALA G 38 -2.72 -74.07 -37.81
C ALA G 38 -3.55 -75.31 -38.11
N GLU G 39 -3.57 -76.26 -37.17
CA GLU G 39 -4.21 -77.56 -37.38
C GLU G 39 -5.71 -77.57 -37.07
N GLY G 40 -6.06 -77.41 -35.81
CA GLY G 40 -7.46 -77.41 -35.39
C GLY G 40 -7.63 -77.39 -33.89
N HIS G 41 -6.53 -77.27 -33.17
CA HIS G 41 -6.56 -77.23 -31.71
C HIS G 41 -7.35 -76.01 -31.23
N MET G 42 -8.67 -76.14 -31.15
CA MET G 42 -9.54 -75.02 -30.81
C MET G 42 -9.67 -74.79 -29.30
N THR G 43 -9.21 -73.62 -28.83
CA THR G 43 -9.31 -73.27 -27.43
C THR G 43 -10.42 -72.25 -27.20
N ARG G 44 -11.30 -72.52 -26.25
CA ARG G 44 -12.42 -71.63 -25.96
C ARG G 44 -12.34 -71.09 -24.53
N LEU G 45 -12.82 -69.86 -24.34
CA LEU G 45 -12.79 -69.27 -23.02
C LEU G 45 -13.93 -68.27 -22.83
N ARG G 46 -14.78 -68.54 -21.85
CA ARG G 46 -15.93 -67.70 -21.57
C ARG G 46 -16.00 -67.36 -20.08
N ARG G 47 -16.58 -66.22 -19.77
CA ARG G 47 -16.73 -65.77 -18.39
C ARG G 47 -17.90 -64.81 -18.25
N LEU G 48 -18.66 -65.01 -17.19
CA LEU G 48 -19.60 -64.00 -16.72
C LEU G 48 -18.77 -62.80 -16.27
N GLY G 49 -19.32 -61.60 -16.44
CA GLY G 49 -18.71 -60.40 -15.91
C GLY G 49 -18.18 -59.43 -16.96
N LYS G 50 -17.22 -58.60 -16.55
CA LYS G 50 -16.58 -57.62 -17.44
C LYS G 50 -15.55 -58.23 -18.39
N VAL G 51 -15.14 -57.45 -19.39
CA VAL G 51 -14.20 -57.94 -20.39
C VAL G 51 -12.81 -58.19 -19.79
N GLN G 52 -12.42 -57.33 -18.84
CA GLN G 52 -11.08 -57.42 -18.26
C GLN G 52 -10.88 -58.71 -17.43
N MET G 53 -11.97 -59.24 -16.90
CA MET G 53 -11.93 -60.51 -16.20
C MET G 53 -11.67 -61.62 -17.20
N LEU G 54 -12.41 -61.62 -18.31
CA LEU G 54 -12.14 -62.58 -19.38
C LEU G 54 -10.66 -62.51 -19.82
N ALA G 55 -10.16 -61.30 -20.02
CA ALA G 55 -8.75 -61.11 -20.43
C ALA G 55 -7.77 -61.65 -19.38
N GLN G 56 -8.07 -61.37 -18.11
CA GLN G 56 -7.32 -61.91 -17.00
C GLN G 56 -7.28 -63.44 -17.04
N ALA G 57 -8.44 -64.08 -17.13
CA ALA G 57 -8.50 -65.55 -17.24
C ALA G 57 -7.70 -66.05 -18.44
N ALA G 58 -7.66 -65.25 -19.50
CA ALA G 58 -6.91 -65.61 -20.71
C ALA G 58 -5.40 -65.52 -20.49
N GLU G 59 -4.98 -64.66 -19.55
CA GLU G 59 -3.57 -64.61 -19.14
C GLU G 59 -3.03 -65.96 -18.64
N GLU G 60 -3.79 -66.61 -17.76
CA GLU G 60 -3.41 -67.90 -17.19
C GLU G 60 -2.95 -68.90 -18.27
N HIS G 61 -3.81 -69.14 -19.25
CA HIS G 61 -3.45 -69.98 -20.40
C HIS G 61 -3.55 -69.20 -21.70
N PRO G 62 -2.40 -68.74 -22.21
CA PRO G 62 -2.35 -67.94 -23.44
C PRO G 62 -2.95 -68.68 -24.62
N LEU G 63 -3.99 -68.13 -25.23
CA LEU G 63 -4.59 -68.76 -26.40
C LEU G 63 -3.69 -68.59 -27.63
N HIS G 64 -3.31 -69.71 -28.22
CA HIS G 64 -2.49 -69.68 -29.40
C HIS G 64 -3.32 -70.04 -30.64
N GLY G 65 -3.24 -69.18 -31.64
CA GLY G 65 -4.02 -69.38 -32.85
C GLY G 65 -4.19 -68.10 -33.66
N GLY G 66 -4.26 -68.31 -34.98
CA GLY G 66 -4.41 -67.22 -35.95
C GLY G 66 -5.84 -66.97 -36.41
N THR G 67 -6.77 -67.88 -36.13
CA THR G 67 -8.17 -67.56 -36.40
C THR G 67 -8.96 -67.50 -35.10
N GLY G 68 -10.00 -66.66 -35.03
CA GLY G 68 -10.77 -66.52 -33.81
C GLY G 68 -11.97 -65.59 -33.86
N ILE G 69 -12.95 -65.87 -32.99
CA ILE G 69 -14.10 -65.00 -32.79
C ILE G 69 -14.34 -64.76 -31.30
N ALA G 70 -14.91 -63.61 -30.96
CA ALA G 70 -15.11 -63.22 -29.57
C ALA G 70 -16.35 -62.35 -29.46
N HIS G 71 -16.79 -62.11 -28.24
CA HIS G 71 -18.17 -61.71 -28.02
C HIS G 71 -18.42 -61.18 -26.61
N THR G 72 -19.20 -60.11 -26.52
CA THR G 72 -19.81 -59.69 -25.25
C THR G 72 -21.29 -59.88 -25.40
N ARG G 73 -21.96 -60.30 -24.33
CA ARG G 73 -23.36 -60.71 -24.40
C ARG G 73 -24.29 -59.87 -23.52
N TRP G 74 -25.44 -59.50 -24.07
CA TRP G 74 -26.53 -58.97 -23.26
C TRP G 74 -27.73 -59.90 -23.36
N ALA G 75 -27.89 -60.75 -22.36
CA ALA G 75 -28.80 -61.90 -22.42
C ALA G 75 -30.23 -61.54 -22.78
N THR G 76 -30.78 -62.29 -23.73
CA THR G 76 -32.18 -62.16 -24.10
C THR G 76 -32.88 -63.52 -23.93
N HIS G 77 -32.13 -64.59 -24.16
CA HIS G 77 -32.67 -65.93 -24.03
C HIS G 77 -31.74 -66.82 -23.22
N GLY G 78 -32.11 -67.05 -21.97
CA GLY G 78 -31.26 -67.78 -21.05
C GLY G 78 -30.49 -66.82 -20.17
N GLU G 79 -30.43 -67.12 -18.88
CA GLU G 79 -29.79 -66.24 -17.90
C GLU G 79 -28.32 -65.96 -18.19
N PRO G 80 -27.79 -64.85 -17.64
CA PRO G 80 -26.37 -64.53 -17.74
C PRO G 80 -25.55 -65.58 -17.00
N SER G 81 -24.63 -66.23 -17.70
CA SER G 81 -23.87 -67.33 -17.15
C SER G 81 -22.81 -67.80 -18.13
N GLU G 82 -21.80 -68.47 -17.62
CA GLU G 82 -20.72 -68.97 -18.45
C GLU G 82 -21.21 -70.00 -19.47
N VAL G 83 -22.23 -70.77 -19.09
CA VAL G 83 -22.78 -71.75 -20.03
C VAL G 83 -23.39 -71.03 -21.24
N ASN G 84 -24.20 -70.00 -20.96
CA ASN G 84 -24.91 -69.28 -22.01
C ASN G 84 -24.10 -68.21 -22.76
N ALA G 85 -22.86 -67.97 -22.31
CA ALA G 85 -22.00 -67.00 -22.98
C ALA G 85 -21.62 -67.51 -24.37
N HIS G 86 -21.24 -66.60 -25.28
CA HIS G 86 -20.71 -67.00 -26.57
C HIS G 86 -19.19 -67.05 -26.49
N PRO G 87 -18.53 -67.69 -27.47
CA PRO G 87 -19.09 -68.39 -28.64
C PRO G 87 -19.79 -69.68 -28.27
N HIS G 88 -20.76 -70.10 -29.08
CA HIS G 88 -21.38 -71.42 -28.90
C HIS G 88 -20.83 -72.36 -29.96
N VAL G 89 -20.98 -73.67 -29.73
CA VAL G 89 -20.46 -74.67 -30.66
C VAL G 89 -21.46 -75.74 -31.10
N SER G 90 -21.06 -76.48 -32.12
CA SER G 90 -21.70 -77.73 -32.52
C SER G 90 -20.55 -78.63 -32.93
N GLU G 91 -19.73 -79.01 -31.94
CA GLU G 91 -18.46 -79.67 -32.18
C GLU G 91 -17.46 -78.72 -32.84
N HIS G 92 -17.22 -78.94 -34.12
CA HIS G 92 -16.23 -78.18 -34.88
C HIS G 92 -16.76 -76.81 -35.33
N ILE G 93 -18.07 -76.62 -35.22
CA ILE G 93 -18.69 -75.36 -35.60
C ILE G 93 -18.65 -74.37 -34.43
N VAL G 94 -18.07 -73.20 -34.66
CA VAL G 94 -17.99 -72.16 -33.63
C VAL G 94 -18.64 -70.86 -34.09
N VAL G 95 -19.59 -70.38 -33.31
CA VAL G 95 -20.43 -69.25 -33.72
C VAL G 95 -20.58 -68.17 -32.65
N VAL G 96 -20.49 -66.92 -33.09
CA VAL G 96 -20.87 -65.80 -32.24
C VAL G 96 -22.07 -65.11 -32.89
N HIS G 97 -22.92 -64.51 -32.07
CA HIS G 97 -24.21 -64.03 -32.56
C HIS G 97 -24.76 -62.81 -31.81
N ASN G 98 -25.24 -61.83 -32.57
CA ASN G 98 -25.90 -60.65 -32.03
C ASN G 98 -27.35 -60.61 -32.44
N GLY G 99 -28.23 -60.29 -31.49
CA GLY G 99 -29.64 -60.17 -31.78
C GLY G 99 -30.46 -61.37 -31.36
N ILE G 100 -31.46 -61.71 -32.17
CA ILE G 100 -32.42 -62.74 -31.81
C ILE G 100 -32.87 -63.58 -33.00
N ILE G 101 -32.77 -64.90 -32.87
CA ILE G 101 -33.40 -65.80 -33.84
C ILE G 101 -34.79 -66.16 -33.34
N GLU G 102 -35.75 -65.29 -33.66
CA GLU G 102 -37.09 -65.31 -33.08
C GLU G 102 -37.71 -66.70 -33.04
N ASN G 103 -37.56 -67.46 -34.12
CA ASN G 103 -38.12 -68.82 -34.21
C ASN G 103 -37.13 -69.91 -33.81
N HIS G 104 -36.63 -69.82 -32.58
CA HIS G 104 -35.61 -70.74 -32.11
C HIS G 104 -36.19 -72.00 -31.50
N GLU G 105 -37.48 -71.96 -31.15
CA GLU G 105 -38.14 -73.11 -30.52
C GLU G 105 -38.47 -74.24 -31.49
N PRO G 106 -39.13 -73.90 -32.62
CA PRO G 106 -39.41 -74.88 -33.67
C PRO G 106 -38.13 -75.52 -34.21
N LEU G 107 -37.10 -74.69 -34.38
CA LEU G 107 -35.80 -75.14 -34.84
C LEU G 107 -35.09 -76.01 -33.81
N ARG G 108 -35.14 -75.60 -32.54
CA ARG G 108 -34.53 -76.36 -31.46
C ARG G 108 -35.13 -77.75 -31.33
N GLU G 109 -36.46 -77.83 -31.41
CA GLU G 109 -37.14 -79.13 -31.34
C GLU G 109 -36.83 -79.96 -32.58
N GLU G 110 -36.95 -79.32 -33.75
CA GLU G 110 -36.73 -79.98 -35.03
C GLU G 110 -35.31 -80.51 -35.17
N LEU G 111 -34.38 -79.91 -34.45
CA LEU G 111 -32.98 -80.34 -34.49
C LEU G 111 -32.69 -81.38 -33.40
N LYS G 112 -33.21 -81.15 -32.20
CA LYS G 112 -33.10 -82.14 -31.13
C LYS G 112 -33.63 -83.47 -31.63
N ALA G 113 -34.60 -83.39 -32.54
CA ALA G 113 -35.16 -84.60 -33.15
C ALA G 113 -34.22 -85.20 -34.20
N ARG G 114 -32.92 -84.87 -34.11
CA ARG G 114 -31.94 -85.40 -35.05
C ARG G 114 -30.63 -85.82 -34.39
N GLY G 115 -30.65 -85.95 -33.07
CA GLY G 115 -29.55 -86.57 -32.35
C GLY G 115 -28.87 -85.72 -31.29
N TYR G 116 -28.31 -84.59 -31.72
CA TYR G 116 -27.42 -83.80 -30.87
C TYR G 116 -28.17 -82.85 -29.91
N THR G 117 -27.65 -82.75 -28.69
CA THR G 117 -28.38 -82.12 -27.60
C THR G 117 -27.99 -80.68 -27.35
N PHE G 118 -28.87 -79.95 -26.67
CA PHE G 118 -28.63 -78.55 -26.33
C PHE G 118 -28.08 -78.43 -24.92
N VAL G 119 -27.14 -77.51 -24.71
CA VAL G 119 -26.52 -77.32 -23.40
C VAL G 119 -26.82 -75.93 -22.87
N SER G 120 -27.28 -75.06 -23.76
CA SER G 120 -27.56 -73.67 -23.40
C SER G 120 -29.04 -73.33 -23.54
N GLU G 121 -29.47 -72.37 -22.73
CA GLU G 121 -30.84 -71.89 -22.76
C GLU G 121 -31.00 -70.87 -23.87
N THR G 122 -29.95 -70.70 -24.67
CA THR G 122 -29.93 -69.62 -25.65
C THR G 122 -30.54 -70.00 -26.99
N ASP G 123 -30.96 -68.99 -27.75
CA ASP G 123 -31.41 -69.20 -29.12
C ASP G 123 -30.22 -69.30 -30.08
N THR G 124 -29.11 -68.70 -29.68
CA THR G 124 -27.90 -68.68 -30.48
C THR G 124 -27.42 -70.08 -30.86
N GLU G 125 -27.57 -71.02 -29.94
CA GLU G 125 -27.07 -72.39 -30.12
C GLU G 125 -27.66 -73.11 -31.33
N VAL G 126 -28.91 -72.77 -31.66
CA VAL G 126 -29.59 -73.36 -32.82
C VAL G 126 -28.87 -73.01 -34.12
N ILE G 127 -28.15 -71.87 -34.14
CA ILE G 127 -27.29 -71.55 -35.27
C ILE G 127 -26.15 -72.57 -35.32
N ALA G 128 -25.49 -72.76 -34.17
CA ALA G 128 -24.34 -73.66 -34.07
C ALA G 128 -24.62 -75.00 -34.72
N HIS G 129 -25.72 -75.63 -34.30
CA HIS G 129 -26.11 -76.93 -34.83
C HIS G 129 -26.62 -76.87 -36.27
N LEU G 130 -27.27 -75.76 -36.64
CA LEU G 130 -27.87 -75.68 -37.97
C LEU G 130 -26.84 -75.66 -39.11
N VAL G 131 -25.67 -75.06 -38.86
CA VAL G 131 -24.59 -75.06 -39.83
C VAL G 131 -23.86 -76.40 -39.78
N ASN G 132 -24.09 -77.16 -38.72
CA ASN G 132 -23.47 -78.48 -38.55
C ASN G 132 -24.17 -79.53 -39.41
N TRP G 133 -25.48 -79.64 -39.26
CA TRP G 133 -26.26 -80.57 -40.04
C TRP G 133 -26.03 -80.38 -41.54
N GLU G 134 -25.96 -79.13 -41.96
CA GLU G 134 -25.78 -78.80 -43.38
C GLU G 134 -24.41 -79.22 -43.92
N LEU G 135 -23.46 -79.46 -43.02
CA LEU G 135 -22.07 -79.65 -43.43
C LEU G 135 -21.55 -81.07 -43.20
N LYS G 136 -22.41 -81.93 -42.65
CA LYS G 136 -22.00 -83.28 -42.29
C LYS G 136 -21.75 -84.19 -43.50
N GLN G 137 -22.59 -84.04 -44.54
CA GLN G 137 -22.49 -84.90 -45.72
C GLN G 137 -21.55 -84.37 -46.81
N GLY G 138 -20.76 -83.36 -46.47
CA GLY G 138 -19.82 -82.77 -47.41
C GLY G 138 -20.04 -81.28 -47.58
N GLY G 139 -19.52 -80.73 -48.67
CA GLY G 139 -19.69 -79.32 -48.99
C GLY G 139 -18.87 -78.41 -48.09
N THR G 140 -18.85 -77.12 -48.42
CA THR G 140 -18.12 -76.15 -47.60
C THR G 140 -19.08 -75.23 -46.85
N LEU G 141 -18.51 -74.33 -46.05
CA LEU G 141 -19.31 -73.48 -45.18
C LEU G 141 -20.16 -72.47 -45.93
N ARG G 142 -19.72 -72.06 -47.12
CA ARG G 142 -20.49 -71.10 -47.90
C ARG G 142 -21.89 -71.64 -48.19
N GLU G 143 -21.95 -72.89 -48.66
CA GLU G 143 -23.21 -73.57 -48.87
C GLU G 143 -23.98 -73.70 -47.56
N ALA G 144 -23.43 -74.49 -46.64
CA ALA G 144 -24.06 -74.74 -45.35
C ALA G 144 -24.73 -73.49 -44.80
N VAL G 145 -24.01 -72.38 -44.85
CA VAL G 145 -24.52 -71.10 -44.36
C VAL G 145 -25.65 -70.57 -45.24
N LEU G 146 -25.40 -70.50 -46.56
CA LEU G 146 -26.40 -70.00 -47.50
C LEU G 146 -27.75 -70.70 -47.33
N ARG G 147 -27.70 -71.98 -46.99
CA ARG G 147 -28.92 -72.76 -46.78
C ARG G 147 -29.46 -72.60 -45.36
N ALA G 148 -28.57 -72.44 -44.40
CA ALA G 148 -28.98 -72.33 -43.00
C ALA G 148 -29.64 -70.99 -42.70
N ILE G 149 -29.37 -69.98 -43.53
CA ILE G 149 -29.89 -68.63 -43.30
C ILE G 149 -31.42 -68.52 -43.31
N PRO G 150 -32.07 -68.90 -44.43
CA PRO G 150 -33.53 -68.73 -44.55
C PRO G 150 -34.31 -69.51 -43.48
N GLN G 151 -33.61 -70.37 -42.74
CA GLN G 151 -34.23 -71.12 -41.65
C GLN G 151 -34.11 -70.36 -40.31
N LEU G 152 -33.56 -69.15 -40.37
CA LEU G 152 -33.35 -68.35 -39.17
C LEU G 152 -33.95 -66.97 -39.35
N ARG G 153 -35.18 -66.78 -38.89
CA ARG G 153 -35.84 -65.48 -39.03
C ARG G 153 -35.63 -64.60 -37.80
N GLY G 154 -35.56 -63.29 -38.04
CA GLY G 154 -35.30 -62.32 -37.00
C GLY G 154 -34.24 -61.34 -37.43
N ALA G 155 -34.12 -60.24 -36.70
CA ALA G 155 -33.05 -59.28 -36.92
C ALA G 155 -31.81 -59.73 -36.16
N TYR G 156 -30.73 -60.00 -36.87
CA TYR G 156 -29.57 -60.62 -36.24
C TYR G 156 -28.30 -60.53 -37.10
N GLY G 157 -27.16 -60.78 -36.46
CA GLY G 157 -25.90 -60.91 -37.17
C GLY G 157 -25.14 -62.10 -36.58
N THR G 158 -24.31 -62.75 -37.39
CA THR G 158 -23.59 -63.92 -36.90
C THR G 158 -22.26 -64.15 -37.61
N VAL G 159 -21.26 -64.60 -36.84
CA VAL G 159 -19.97 -64.94 -37.41
C VAL G 159 -19.62 -66.37 -37.05
N ILE G 160 -19.22 -67.14 -38.06
CA ILE G 160 -19.15 -68.59 -37.98
C ILE G 160 -17.84 -69.13 -38.50
N MET G 161 -17.32 -70.17 -37.83
CA MET G 161 -16.12 -70.84 -38.29
C MET G 161 -16.18 -72.35 -38.09
N ASP G 162 -15.24 -73.05 -38.74
CA ASP G 162 -15.09 -74.49 -38.64
C ASP G 162 -13.67 -74.78 -38.17
N SER G 163 -13.54 -75.34 -36.97
CA SER G 163 -12.22 -75.61 -36.38
C SER G 163 -11.30 -76.42 -37.31
N ARG G 164 -11.89 -77.29 -38.11
CA ARG G 164 -11.12 -78.15 -39.02
C ARG G 164 -10.54 -77.36 -40.18
N HIS G 165 -11.25 -76.32 -40.61
CA HIS G 165 -10.80 -75.43 -41.67
C HIS G 165 -10.69 -74.00 -41.12
N PRO G 166 -9.52 -73.65 -40.57
CA PRO G 166 -9.30 -72.38 -39.87
C PRO G 166 -8.95 -71.23 -40.81
N ASP G 167 -8.94 -71.52 -42.11
CA ASP G 167 -8.46 -70.57 -43.11
C ASP G 167 -9.57 -69.63 -43.56
N THR G 168 -10.81 -69.97 -43.20
CA THR G 168 -11.97 -69.22 -43.65
C THR G 168 -12.84 -68.77 -42.49
N LEU G 169 -13.62 -67.72 -42.72
CA LEU G 169 -14.63 -67.26 -41.77
C LEU G 169 -15.89 -66.90 -42.55
N LEU G 170 -17.04 -67.09 -41.92
CA LEU G 170 -18.29 -66.79 -42.57
C LEU G 170 -19.04 -65.71 -41.79
N ALA G 171 -19.58 -64.72 -42.51
CA ALA G 171 -20.38 -63.69 -41.85
C ALA G 171 -21.78 -63.60 -42.45
N ALA G 172 -22.79 -63.41 -41.59
CA ALA G 172 -24.15 -63.22 -42.08
C ALA G 172 -24.85 -62.07 -41.37
N ARG G 173 -25.17 -61.02 -42.13
CA ARG G 173 -25.90 -59.87 -41.62
C ARG G 173 -27.35 -59.93 -42.07
N SER G 174 -28.26 -60.20 -41.14
CA SER G 174 -29.69 -60.22 -41.44
C SER G 174 -30.49 -59.43 -40.41
N GLY G 175 -29.92 -58.30 -39.97
CA GLY G 175 -30.55 -57.47 -38.96
C GLY G 175 -29.53 -56.65 -38.20
N SER G 176 -28.61 -57.34 -37.52
CA SER G 176 -27.56 -56.66 -36.76
C SER G 176 -26.36 -56.31 -37.65
N PRO G 177 -25.77 -55.14 -37.42
CA PRO G 177 -24.67 -54.65 -38.25
C PRO G 177 -23.42 -55.51 -38.20
N LEU G 178 -22.67 -55.48 -39.28
CA LEU G 178 -21.35 -56.11 -39.39
C LEU G 178 -20.49 -55.34 -40.37
N VAL G 179 -19.19 -55.25 -40.07
CA VAL G 179 -18.27 -54.47 -40.86
C VAL G 179 -16.96 -55.23 -40.98
N ILE G 180 -16.25 -54.99 -42.09
CA ILE G 180 -15.01 -55.69 -42.37
C ILE G 180 -13.80 -54.75 -42.31
N GLY G 181 -12.72 -55.25 -41.70
CA GLY G 181 -11.47 -54.51 -41.63
C GLY G 181 -10.39 -55.23 -42.41
N LEU G 182 -9.78 -54.51 -43.35
CA LEU G 182 -8.78 -55.13 -44.21
C LEU G 182 -7.36 -54.83 -43.70
N GLY G 183 -6.78 -55.82 -43.01
CA GLY G 183 -5.44 -55.69 -42.49
C GLY G 183 -4.44 -56.04 -43.57
N MET G 184 -3.17 -56.07 -43.24
CA MET G 184 -2.16 -56.51 -44.20
C MET G 184 -1.73 -57.94 -43.85
N GLY G 185 -2.10 -58.87 -44.72
CA GLY G 185 -1.86 -60.29 -44.45
C GLY G 185 -2.77 -60.84 -43.37
N GLU G 186 -3.84 -60.10 -43.08
CA GLU G 186 -4.81 -60.48 -42.06
C GLU G 186 -6.11 -59.74 -42.28
N ASN G 187 -7.23 -60.38 -41.93
CA ASN G 187 -8.52 -59.74 -42.08
C ASN G 187 -9.38 -59.81 -40.82
N PHE G 188 -10.25 -58.82 -40.67
CA PHE G 188 -11.02 -58.66 -39.45
C PHE G 188 -12.50 -58.41 -39.72
N ILE G 189 -13.34 -58.71 -38.73
CA ILE G 189 -14.79 -58.52 -38.85
C ILE G 189 -15.32 -58.09 -37.49
N ALA G 190 -16.38 -57.29 -37.46
CA ALA G 190 -16.88 -56.84 -36.16
C ALA G 190 -18.28 -56.24 -36.24
N SER G 191 -18.99 -56.24 -35.12
CA SER G 191 -20.31 -55.62 -35.06
C SER G 191 -20.19 -54.09 -35.11
N ASP G 192 -19.04 -53.56 -34.72
CA ASP G 192 -18.81 -52.12 -34.72
C ASP G 192 -17.36 -51.81 -35.10
N GLN G 193 -17.17 -50.85 -36.01
CA GLN G 193 -15.83 -50.54 -36.49
C GLN G 193 -14.94 -50.01 -35.37
N LEU G 194 -15.55 -49.62 -34.26
CA LEU G 194 -14.79 -49.13 -33.10
C LEU G 194 -13.86 -50.19 -32.54
N ALA G 195 -14.16 -51.46 -32.81
CA ALA G 195 -13.35 -52.55 -32.29
C ALA G 195 -12.15 -52.89 -33.19
N LEU G 196 -12.20 -52.44 -34.43
CA LEU G 196 -11.13 -52.75 -35.39
C LEU G 196 -10.08 -51.64 -35.54
N LEU G 197 -10.43 -50.44 -35.12
CA LEU G 197 -9.54 -49.29 -35.28
C LEU G 197 -8.12 -49.46 -34.72
N PRO G 198 -7.95 -50.24 -33.64
CA PRO G 198 -6.59 -50.45 -33.14
C PRO G 198 -5.66 -51.16 -34.14
N VAL G 199 -6.21 -51.92 -35.08
CA VAL G 199 -5.35 -52.63 -36.01
C VAL G 199 -5.57 -52.27 -37.47
N THR G 200 -6.73 -51.70 -37.79
CA THR G 200 -7.02 -51.34 -39.18
C THR G 200 -7.85 -50.08 -39.32
N ARG G 201 -7.88 -49.54 -40.53
CA ARG G 201 -8.68 -48.36 -40.84
C ARG G 201 -9.39 -48.52 -42.18
N ARG G 202 -9.25 -49.70 -42.79
CA ARG G 202 -9.89 -49.99 -44.06
C ARG G 202 -11.13 -50.87 -43.87
N PHE G 203 -12.28 -50.37 -44.31
CA PHE G 203 -13.54 -51.00 -43.96
C PHE G 203 -14.47 -51.31 -45.14
N ILE G 204 -15.20 -52.40 -45.01
CA ILE G 204 -16.25 -52.76 -45.96
C ILE G 204 -17.49 -53.13 -45.16
N PHE G 205 -18.45 -52.22 -45.12
CA PHE G 205 -19.72 -52.46 -44.44
C PHE G 205 -20.59 -53.41 -45.25
N LEU G 206 -21.06 -54.47 -44.60
CA LEU G 206 -21.95 -55.41 -45.25
C LEU G 206 -23.32 -54.77 -45.48
N GLU G 207 -23.79 -54.80 -46.72
CA GLU G 207 -25.17 -54.43 -47.01
C GLU G 207 -26.06 -55.35 -46.22
N GLU G 208 -27.26 -54.87 -45.86
CA GLU G 208 -28.21 -55.72 -45.17
C GLU G 208 -28.46 -56.97 -46.01
N GLY G 209 -28.41 -58.14 -45.36
CA GLY G 209 -28.72 -59.39 -46.02
C GLY G 209 -27.53 -60.07 -46.67
N ASP G 210 -26.33 -59.57 -46.39
CA ASP G 210 -25.13 -60.14 -46.99
C ASP G 210 -24.59 -61.36 -46.26
N ILE G 211 -23.75 -62.12 -46.95
CA ILE G 211 -23.05 -63.27 -46.39
C ILE G 211 -21.64 -63.29 -47.00
N ALA G 212 -20.61 -63.12 -46.17
CA ALA G 212 -19.24 -62.98 -46.69
C ALA G 212 -18.25 -64.09 -46.29
N GLU G 213 -17.51 -64.57 -47.29
CA GLU G 213 -16.38 -65.48 -47.09
C GLU G 213 -15.09 -64.69 -46.87
N ILE G 214 -14.58 -64.76 -45.65
CA ILE G 214 -13.42 -63.95 -45.24
C ILE G 214 -12.21 -64.81 -44.92
N THR G 215 -11.18 -64.70 -45.76
CA THR G 215 -9.93 -65.39 -45.52
C THR G 215 -8.87 -64.36 -45.18
N ARG G 216 -7.72 -64.81 -44.69
CA ARG G 216 -6.65 -63.89 -44.35
C ARG G 216 -5.99 -63.34 -45.60
N ARG G 217 -6.64 -63.55 -46.75
CA ARG G 217 -6.13 -63.05 -48.03
C ARG G 217 -7.20 -62.50 -48.98
N SER G 218 -8.47 -62.80 -48.71
CA SER G 218 -9.55 -62.37 -49.61
C SER G 218 -10.88 -62.18 -48.89
N VAL G 219 -11.74 -61.36 -49.48
CA VAL G 219 -13.06 -61.09 -48.93
C VAL G 219 -14.13 -61.18 -50.01
N ASN G 220 -14.67 -62.37 -50.22
CA ASN G 220 -15.69 -62.56 -51.23
C ASN G 220 -17.10 -62.42 -50.66
N ILE G 221 -17.80 -61.37 -51.04
CA ILE G 221 -19.14 -61.12 -50.53
C ILE G 221 -20.22 -61.70 -51.44
N PHE G 222 -21.28 -62.22 -50.84
CA PHE G 222 -22.38 -62.79 -51.60
C PHE G 222 -23.73 -62.29 -51.06
N ASP G 223 -24.66 -61.96 -51.96
CA ASP G 223 -25.99 -61.53 -51.55
C ASP G 223 -26.85 -62.70 -51.06
N LYS G 224 -28.01 -62.40 -50.50
CA LYS G 224 -28.85 -63.41 -49.84
C LYS G 224 -29.27 -64.57 -50.75
N THR G 225 -29.42 -64.30 -52.04
CA THR G 225 -29.74 -65.34 -53.01
C THR G 225 -28.62 -66.38 -53.02
N GLY G 226 -27.38 -65.90 -53.00
CA GLY G 226 -26.22 -66.78 -52.96
C GLY G 226 -25.20 -66.49 -54.05
N ALA G 227 -25.47 -65.47 -54.85
CA ALA G 227 -24.62 -65.15 -56.01
C ALA G 227 -23.65 -64.01 -55.73
N GLU G 228 -22.45 -64.11 -56.31
CA GLU G 228 -21.40 -63.12 -56.08
C GLU G 228 -21.88 -61.66 -56.04
N VAL G 229 -21.12 -60.83 -55.36
CA VAL G 229 -21.35 -59.39 -55.30
C VAL G 229 -20.20 -58.77 -54.50
N LYS G 230 -19.96 -57.47 -54.66
CA LYS G 230 -18.91 -56.82 -53.90
C LYS G 230 -19.20 -55.37 -53.55
N ARG G 231 -18.78 -54.99 -52.35
CA ARG G 231 -18.94 -53.63 -51.83
C ARG G 231 -17.57 -52.97 -51.80
N GLN G 232 -17.55 -51.64 -51.84
CA GLN G 232 -16.30 -50.90 -51.87
C GLN G 232 -15.69 -50.71 -50.49
N ASP G 233 -14.37 -50.70 -50.41
CA ASP G 233 -13.67 -50.44 -49.15
C ASP G 233 -13.42 -48.95 -48.99
N ILE G 234 -13.29 -48.49 -47.75
CA ILE G 234 -13.17 -47.07 -47.48
C ILE G 234 -12.15 -46.73 -46.39
N GLU G 235 -11.21 -45.85 -46.72
CA GLU G 235 -10.24 -45.35 -45.77
C GLU G 235 -10.88 -44.30 -44.86
N SER G 236 -11.70 -44.77 -43.91
CA SER G 236 -12.40 -43.87 -42.99
C SER G 236 -11.43 -43.08 -42.11
N ASN G 237 -11.92 -41.97 -41.55
CA ASN G 237 -11.09 -41.09 -40.71
C ASN G 237 -11.71 -40.79 -39.34
N LEU G 238 -11.42 -41.64 -38.35
CA LEU G 238 -11.94 -41.45 -36.99
C LEU G 238 -10.79 -41.26 -35.99
N ALA G 242 -9.85 -27.32 -40.58
CA ALA G 242 -10.81 -28.15 -41.29
C ALA G 242 -12.08 -27.38 -41.59
N GLY G 243 -11.99 -26.52 -42.61
CA GLY G 243 -13.13 -25.75 -43.06
C GLY G 243 -12.69 -24.54 -43.87
N ASP G 244 -13.62 -23.93 -44.57
CA ASP G 244 -13.34 -22.66 -45.25
C ASP G 244 -13.72 -21.51 -44.33
N LYS G 245 -12.71 -20.78 -43.87
CA LYS G 245 -12.93 -19.57 -43.08
C LYS G 245 -13.88 -18.59 -43.77
N GLY G 246 -13.98 -18.67 -45.09
CA GLY G 246 -14.85 -17.77 -45.84
C GLY G 246 -14.32 -16.35 -45.84
N ILE G 247 -15.16 -15.40 -45.50
CA ILE G 247 -14.74 -14.01 -45.48
C ILE G 247 -13.98 -13.65 -44.18
N TYR G 248 -13.87 -14.63 -43.29
CA TYR G 248 -13.41 -14.38 -41.92
C TYR G 248 -11.89 -14.58 -41.77
N ARG G 249 -11.27 -13.77 -40.92
CA ARG G 249 -9.83 -13.92 -40.72
C ARG G 249 -9.45 -15.12 -39.84
N HIS G 250 -10.30 -15.44 -38.85
CA HIS G 250 -10.06 -16.59 -37.97
C HIS G 250 -11.26 -17.52 -37.90
N TYR G 251 -10.99 -18.77 -37.54
CA TYR G 251 -12.08 -19.72 -37.26
C TYR G 251 -12.93 -19.25 -36.10
N MET G 252 -12.32 -18.76 -35.04
CA MET G 252 -13.11 -18.26 -33.92
C MET G 252 -14.08 -17.15 -34.34
N GLN G 253 -13.62 -16.28 -35.22
CA GLN G 253 -14.46 -15.18 -35.70
C GLN G 253 -15.64 -15.70 -36.51
N LYS G 254 -15.36 -16.58 -37.46
CA LYS G 254 -16.40 -17.24 -38.22
C LYS G 254 -17.43 -17.93 -37.27
N GLU G 255 -16.92 -18.61 -36.26
CA GLU G 255 -17.76 -19.38 -35.37
C GLU G 255 -18.64 -18.44 -34.52
N ILE G 256 -18.11 -17.28 -34.17
CA ILE G 256 -18.92 -16.28 -33.48
C ILE G 256 -20.05 -15.81 -34.40
N TYR G 257 -19.71 -15.55 -35.66
CA TYR G 257 -20.70 -15.03 -36.59
C TYR G 257 -21.63 -16.12 -37.13
N GLU G 258 -21.28 -17.37 -36.89
CA GLU G 258 -22.11 -18.49 -37.32
C GLU G 258 -23.26 -18.73 -36.33
N GLN G 259 -23.25 -18.02 -35.21
CA GLN G 259 -24.15 -18.38 -34.13
C GLN G 259 -25.65 -18.32 -34.46
N PRO G 260 -26.10 -17.28 -35.17
CA PRO G 260 -27.53 -17.36 -35.53
C PRO G 260 -27.87 -18.67 -36.23
N ASN G 261 -27.12 -18.99 -37.27
CA ASN G 261 -27.43 -20.17 -38.05
C ASN G 261 -27.24 -21.48 -37.25
N ALA G 262 -26.22 -21.50 -36.39
CA ALA G 262 -25.98 -22.66 -35.55
C ALA G 262 -27.15 -22.88 -34.59
N ILE G 263 -27.60 -21.82 -33.94
CA ILE G 263 -28.73 -21.96 -33.05
C ILE G 263 -29.96 -22.45 -33.84
N LYS G 264 -30.14 -21.88 -35.02
CA LYS G 264 -31.22 -22.30 -35.91
C LYS G 264 -31.17 -23.82 -36.14
N ASN G 265 -29.98 -24.35 -36.44
CA ASN G 265 -29.85 -25.80 -36.59
C ASN G 265 -30.09 -26.56 -35.28
N THR G 266 -29.78 -25.94 -34.15
CA THR G 266 -30.02 -26.56 -32.85
C THR G 266 -31.54 -26.71 -32.58
N LEU G 267 -32.33 -25.78 -33.12
CA LEU G 267 -33.78 -25.80 -32.92
C LEU G 267 -34.52 -26.75 -33.86
N THR G 268 -33.89 -27.12 -34.96
CA THR G 268 -34.56 -27.89 -36.01
C THR G 268 -35.14 -29.18 -35.48
N GLY G 269 -36.41 -29.44 -35.82
CA GLY G 269 -37.12 -30.63 -35.40
C GLY G 269 -37.57 -30.63 -33.94
N ARG G 270 -37.17 -29.62 -33.16
CA ARG G 270 -37.41 -29.65 -31.70
C ARG G 270 -38.47 -28.67 -31.16
N ILE G 271 -39.06 -27.89 -32.06
CA ILE G 271 -40.26 -27.14 -31.74
C ILE G 271 -41.39 -27.65 -32.65
N SER G 272 -42.48 -28.14 -32.08
CA SER G 272 -43.69 -28.44 -32.87
C SER G 272 -45.01 -28.10 -32.17
N HIS G 273 -45.89 -27.44 -32.89
CA HIS G 273 -47.18 -27.00 -32.38
CA HIS G 273 -47.17 -27.01 -32.37
C HIS G 273 -47.01 -26.22 -31.06
N GLY G 274 -46.02 -25.34 -31.07
CA GLY G 274 -45.79 -24.40 -29.97
C GLY G 274 -45.20 -25.01 -28.72
N GLN G 275 -44.62 -26.19 -28.87
CA GLN G 275 -44.17 -26.98 -27.73
C GLN G 275 -42.78 -27.56 -27.99
N VAL G 276 -41.99 -27.72 -26.94
CA VAL G 276 -40.68 -28.34 -27.11
C VAL G 276 -40.84 -29.80 -27.51
N ASP G 277 -40.13 -30.23 -28.54
CA ASP G 277 -40.26 -31.60 -29.01
C ASP G 277 -38.96 -32.38 -28.98
N LEU G 278 -38.81 -33.22 -27.95
CA LEU G 278 -37.61 -34.03 -27.77
C LEU G 278 -37.87 -35.51 -28.03
N SER G 279 -38.79 -35.80 -28.94
CA SER G 279 -39.16 -37.19 -29.25
C SER G 279 -37.94 -37.98 -29.76
N GLU G 280 -36.93 -37.27 -30.25
CA GLU G 280 -35.72 -37.92 -30.69
C GLU G 280 -35.10 -38.76 -29.58
N LEU G 281 -35.44 -38.47 -28.33
CA LEU G 281 -34.87 -39.21 -27.22
C LEU G 281 -35.39 -40.64 -27.16
N GLY G 282 -36.47 -40.92 -27.89
CA GLY G 282 -37.05 -42.25 -27.90
C GLY G 282 -38.33 -42.30 -27.09
N PRO G 283 -39.14 -43.35 -27.29
CA PRO G 283 -40.49 -43.51 -26.74
C PRO G 283 -40.53 -43.58 -25.22
N ASN G 284 -39.47 -44.12 -24.61
CA ASN G 284 -39.44 -44.23 -23.16
C ASN G 284 -38.98 -42.97 -22.40
N ALA G 285 -38.44 -42.00 -23.14
CA ALA G 285 -37.80 -40.82 -22.56
C ALA G 285 -38.64 -40.10 -21.49
N ASP G 286 -39.89 -39.79 -21.83
CA ASP G 286 -40.75 -39.05 -20.92
C ASP G 286 -40.92 -39.79 -19.59
N GLU G 287 -40.67 -41.10 -19.61
CA GLU G 287 -40.67 -41.92 -18.40
C GLU G 287 -39.50 -41.59 -17.48
N LEU G 288 -38.31 -42.03 -17.89
CA LEU G 288 -37.10 -41.75 -17.14
C LEU G 288 -37.13 -40.31 -16.67
N LEU G 289 -37.46 -39.39 -17.58
CA LEU G 289 -37.45 -37.97 -17.23
C LEU G 289 -38.49 -37.61 -16.17
N SER G 290 -39.68 -38.16 -16.33
CA SER G 290 -40.76 -37.98 -15.36
C SER G 290 -40.31 -38.38 -13.96
N LYS G 291 -39.46 -39.40 -13.88
CA LYS G 291 -38.96 -39.83 -12.57
C LYS G 291 -37.95 -38.90 -11.85
N VAL G 292 -37.29 -38.01 -12.59
CA VAL G 292 -36.19 -37.21 -12.03
C VAL G 292 -36.59 -36.23 -10.92
N GLU G 293 -35.88 -36.25 -9.81
CA GLU G 293 -36.13 -35.28 -8.74
C GLU G 293 -34.97 -34.29 -8.56
N HIS G 294 -33.81 -34.61 -9.14
CA HIS G 294 -32.63 -33.78 -8.97
C HIS G 294 -31.75 -33.87 -10.19
N ILE G 295 -31.11 -32.76 -10.55
CA ILE G 295 -30.21 -32.75 -11.68
C ILE G 295 -28.76 -32.48 -11.24
N GLN G 296 -27.86 -33.34 -11.71
CA GLN G 296 -26.43 -33.13 -11.54
C GLN G 296 -25.80 -32.86 -12.90
N ILE G 297 -25.13 -31.72 -13.03
CA ILE G 297 -24.37 -31.45 -14.25
C ILE G 297 -22.87 -31.56 -13.96
N LEU G 298 -22.12 -32.14 -14.89
CA LEU G 298 -20.65 -32.15 -14.82
C LEU G 298 -20.07 -31.63 -16.13
N ALA G 299 -18.99 -30.87 -16.04
CA ALA G 299 -18.39 -30.29 -17.23
C ALA G 299 -17.08 -29.64 -16.85
N CYS G 300 -16.27 -29.30 -17.84
CA CYS G 300 -15.07 -28.51 -17.63
C CYS G 300 -15.14 -27.21 -18.46
N GLY G 301 -14.37 -26.22 -18.03
CA GLY G 301 -14.23 -24.96 -18.74
C GLY G 301 -15.51 -24.24 -19.11
N THR G 302 -15.61 -23.94 -20.41
CA THR G 302 -16.74 -23.16 -20.92
C THR G 302 -18.04 -23.97 -20.81
N SER G 303 -17.94 -25.29 -21.00
CA SER G 303 -19.10 -26.16 -20.80
C SER G 303 -19.62 -26.07 -19.36
N TYR G 304 -18.68 -25.99 -18.41
CA TYR G 304 -19.06 -25.73 -17.02
C TYR G 304 -19.79 -24.40 -16.91
N ASN G 305 -19.27 -23.35 -17.58
CA ASN G 305 -20.01 -22.09 -17.51
C ASN G 305 -21.46 -22.20 -18.04
N SER G 306 -21.66 -22.97 -19.11
CA SER G 306 -23.03 -23.12 -19.61
C SER G 306 -23.93 -23.85 -18.60
N GLY G 307 -23.41 -24.94 -18.04
CA GLY G 307 -24.16 -25.64 -17.01
C GLY G 307 -24.55 -24.69 -15.89
N MET G 308 -23.60 -23.81 -15.54
CA MET G 308 -23.84 -22.84 -14.48
C MET G 308 -24.96 -21.90 -14.84
N VAL G 309 -25.03 -21.47 -16.10
CA VAL G 309 -26.22 -20.70 -16.48
C VAL G 309 -27.46 -21.54 -16.24
N SER G 310 -27.46 -22.79 -16.67
CA SER G 310 -28.68 -23.56 -16.55
C SER G 310 -29.17 -23.85 -15.12
N ARG G 311 -28.29 -23.98 -14.11
CA ARG G 311 -28.86 -24.10 -12.76
C ARG G 311 -29.98 -23.07 -12.50
N TYR G 312 -29.70 -21.80 -12.76
CA TYR G 312 -30.70 -20.74 -12.53
C TYR G 312 -32.03 -21.04 -13.26
N TRP G 313 -31.94 -21.52 -14.49
CA TRP G 313 -33.13 -21.78 -15.29
C TRP G 313 -33.93 -22.95 -14.75
N PHE G 314 -33.22 -24.03 -14.46
CA PHE G 314 -33.84 -25.22 -13.93
C PHE G 314 -34.55 -24.93 -12.62
N GLU G 315 -33.97 -24.10 -11.78
CA GLU G 315 -34.60 -23.88 -10.49
C GLU G 315 -35.70 -22.81 -10.54
N SER G 316 -35.51 -21.74 -11.29
CA SER G 316 -36.53 -20.69 -11.31
C SER G 316 -37.71 -21.01 -12.24
N LEU G 317 -37.46 -21.71 -13.35
CA LEU G 317 -38.51 -21.94 -14.33
C LEU G 317 -39.18 -23.31 -14.14
N ALA G 318 -38.38 -24.34 -13.91
CA ALA G 318 -38.90 -25.70 -13.72
C ALA G 318 -39.10 -26.08 -12.25
N GLY G 319 -38.49 -25.34 -11.34
CA GLY G 319 -38.61 -25.65 -9.93
C GLY G 319 -38.00 -26.99 -9.57
N ILE G 320 -37.07 -27.47 -10.38
CA ILE G 320 -36.37 -28.70 -10.08
C ILE G 320 -34.92 -28.39 -9.62
N PRO G 321 -34.49 -29.02 -8.50
CA PRO G 321 -33.15 -28.86 -7.93
C PRO G 321 -32.03 -29.22 -8.91
N CYS G 322 -30.98 -28.40 -8.95
CA CYS G 322 -29.89 -28.59 -9.90
C CYS G 322 -28.55 -28.27 -9.28
N ASP G 323 -27.58 -29.16 -9.47
CA ASP G 323 -26.22 -28.86 -9.03
C ASP G 323 -25.29 -28.91 -10.22
N VAL G 324 -24.25 -28.08 -10.19
CA VAL G 324 -23.26 -28.02 -11.27
C VAL G 324 -21.88 -28.08 -10.67
N GLU G 325 -21.01 -28.90 -11.23
CA GLU G 325 -19.71 -29.07 -10.63
C GLU G 325 -18.60 -29.28 -11.65
N ILE G 326 -17.44 -28.66 -11.42
CA ILE G 326 -16.21 -28.96 -12.13
C ILE G 326 -15.99 -30.47 -12.14
N ALA G 327 -15.77 -31.05 -13.32
CA ALA G 327 -15.72 -32.50 -13.41
C ALA G 327 -14.57 -33.13 -12.59
N SER G 328 -13.40 -32.51 -12.64
CA SER G 328 -12.27 -33.00 -11.88
C SER G 328 -12.58 -32.97 -10.39
N GLU G 329 -13.36 -31.99 -9.95
CA GLU G 329 -13.72 -31.93 -8.53
C GLU G 329 -14.64 -33.07 -8.16
N PHE G 330 -15.56 -33.40 -9.06
CA PHE G 330 -16.51 -34.45 -8.79
C PHE G 330 -15.83 -35.81 -8.75
N ARG G 331 -14.90 -36.06 -9.67
CA ARG G 331 -14.35 -37.40 -9.81
C ARG G 331 -13.41 -37.85 -8.66
N TYR G 332 -12.95 -36.92 -7.84
CA TYR G 332 -11.94 -37.23 -6.83
C TYR G 332 -12.47 -37.09 -5.41
N ARG G 333 -13.77 -36.87 -5.26
CA ARG G 333 -14.32 -36.81 -3.92
C ARG G 333 -15.40 -37.87 -3.76
N LYS G 334 -15.69 -38.21 -2.51
CA LYS G 334 -16.78 -39.09 -2.20
C LYS G 334 -18.03 -38.23 -2.08
N SER G 335 -18.99 -38.43 -2.98
CA SER G 335 -20.19 -37.58 -3.04
C SER G 335 -21.39 -38.19 -2.34
N ALA G 336 -22.37 -37.35 -2.04
CA ALA G 336 -23.66 -37.80 -1.54
C ALA G 336 -24.71 -37.63 -2.63
N VAL G 337 -24.97 -38.70 -3.38
CA VAL G 337 -25.98 -38.66 -4.43
C VAL G 337 -27.38 -38.37 -3.86
N ARG G 338 -28.08 -37.47 -4.52
CA ARG G 338 -29.46 -37.13 -4.18
C ARG G 338 -30.40 -38.22 -4.71
N ARG G 339 -31.62 -38.29 -4.16
CA ARG G 339 -32.65 -39.21 -4.61
C ARG G 339 -33.10 -38.93 -6.04
N ASN G 340 -33.09 -39.98 -6.88
CA ASN G 340 -33.62 -39.89 -8.24
C ASN G 340 -32.97 -38.79 -9.04
N SER G 341 -31.66 -38.87 -9.11
CA SER G 341 -30.85 -37.81 -9.67
C SER G 341 -30.51 -38.14 -11.12
N LEU G 342 -30.74 -37.18 -12.02
CA LEU G 342 -30.31 -37.31 -13.41
C LEU G 342 -28.90 -36.75 -13.57
N MET G 343 -28.04 -37.51 -14.22
CA MET G 343 -26.67 -37.07 -14.41
C MET G 343 -26.53 -36.51 -15.81
N ILE G 344 -26.22 -35.21 -15.92
CA ILE G 344 -26.04 -34.55 -17.22
C ILE G 344 -24.58 -34.16 -17.46
N THR G 345 -24.05 -34.45 -18.65
CA THR G 345 -22.72 -33.93 -19.00
C THR G 345 -22.77 -32.95 -20.17
N LEU G 346 -21.92 -31.94 -20.11
CA LEU G 346 -21.82 -30.93 -21.14
C LEU G 346 -20.46 -31.04 -21.74
N SER G 347 -20.37 -31.12 -23.07
CA SER G 347 -19.04 -31.19 -23.68
C SER G 347 -19.10 -31.01 -25.18
N GLN G 348 -18.26 -30.10 -25.70
CA GLN G 348 -18.24 -29.82 -27.12
C GLN G 348 -17.73 -31.08 -27.82
N SER G 349 -16.62 -31.61 -27.31
CA SER G 349 -15.86 -32.65 -28.00
C SER G 349 -16.33 -34.07 -27.68
N GLY G 350 -16.95 -34.24 -26.51
CA GLY G 350 -17.32 -35.55 -26.02
C GLY G 350 -16.16 -36.43 -25.58
N GLU G 351 -14.99 -35.84 -25.38
CA GLU G 351 -13.80 -36.65 -25.09
C GLU G 351 -13.03 -36.18 -23.87
N THR G 352 -13.46 -35.09 -23.28
CA THR G 352 -12.72 -34.53 -22.16
C THR G 352 -12.53 -35.59 -21.08
N ALA G 353 -11.28 -35.89 -20.77
CA ALA G 353 -10.93 -36.92 -19.79
C ALA G 353 -11.64 -36.80 -18.44
N ASP G 354 -11.61 -35.63 -17.82
CA ASP G 354 -12.29 -35.45 -16.53
C ASP G 354 -13.80 -35.70 -16.60
N THR G 355 -14.44 -35.23 -17.68
CA THR G 355 -15.89 -35.29 -17.78
C THR G 355 -16.31 -36.74 -18.02
N LEU G 356 -15.59 -37.38 -18.93
CA LEU G 356 -15.75 -38.81 -19.17
C LEU G 356 -15.58 -39.61 -17.87
N ALA G 357 -14.51 -39.34 -17.13
CA ALA G 357 -14.28 -40.01 -15.87
C ALA G 357 -15.49 -39.80 -14.98
N GLY G 358 -16.07 -38.60 -15.06
CA GLY G 358 -17.20 -38.27 -14.22
C GLY G 358 -18.38 -39.16 -14.54
N LEU G 359 -18.69 -39.27 -15.83
CA LEU G 359 -19.82 -40.10 -16.24
C LEU G 359 -19.63 -41.56 -15.77
N ARG G 360 -18.42 -42.06 -16.04
CA ARG G 360 -18.11 -43.44 -15.75
C ARG G 360 -18.26 -43.71 -14.26
N LEU G 361 -17.71 -42.82 -13.45
CA LEU G 361 -17.87 -42.93 -12.02
C LEU G 361 -19.36 -42.92 -11.66
N SER G 362 -20.14 -42.10 -12.38
CA SER G 362 -21.56 -41.98 -12.05
C SER G 362 -22.26 -43.32 -12.26
N LYS G 363 -21.80 -44.08 -13.24
CA LYS G 363 -22.41 -45.40 -13.47
C LYS G 363 -22.53 -46.27 -12.20
N GLU G 364 -21.72 -45.98 -11.18
CA GLU G 364 -21.71 -46.84 -10.00
C GLU G 364 -22.32 -46.24 -8.75
N LEU G 365 -22.86 -45.04 -8.88
CA LEU G 365 -23.25 -44.28 -7.70
C LEU G 365 -24.75 -44.17 -7.50
N GLY G 366 -25.52 -44.84 -8.35
CA GLY G 366 -26.97 -44.83 -8.21
C GLY G 366 -27.71 -43.61 -8.73
N TYR G 367 -27.34 -43.14 -9.91
CA TYR G 367 -28.09 -42.09 -10.59
C TYR G 367 -29.20 -42.77 -11.41
N LEU G 368 -30.35 -42.13 -11.61
CA LEU G 368 -31.37 -42.67 -12.51
C LEU G 368 -30.81 -43.03 -13.88
N GLY G 369 -30.04 -42.11 -14.43
CA GLY G 369 -29.50 -42.26 -15.77
C GLY G 369 -28.60 -41.10 -16.16
N SER G 370 -28.02 -41.22 -17.35
CA SER G 370 -27.12 -40.20 -17.87
C SER G 370 -27.70 -39.56 -19.14
N LEU G 371 -27.43 -38.28 -19.32
CA LEU G 371 -27.76 -37.57 -20.55
C LEU G 371 -26.55 -36.74 -20.98
N ALA G 372 -26.16 -36.92 -22.23
CA ALA G 372 -25.02 -36.23 -22.76
C ALA G 372 -25.52 -35.11 -23.68
N ILE G 373 -25.12 -33.88 -23.38
CA ILE G 373 -25.27 -32.81 -24.36
C ILE G 373 -23.92 -32.54 -25.00
N CYS G 374 -23.87 -32.75 -26.33
CA CYS G 374 -22.59 -32.80 -27.03
C CYS G 374 -22.66 -32.29 -28.47
N ASN G 375 -21.52 -31.85 -28.99
CA ASN G 375 -21.45 -31.34 -30.36
C ASN G 375 -20.83 -32.33 -31.35
N VAL G 376 -20.20 -33.37 -30.85
CA VAL G 376 -19.56 -34.34 -31.72
C VAL G 376 -20.20 -35.70 -31.60
N PRO G 377 -20.97 -36.10 -32.61
CA PRO G 377 -21.69 -37.38 -32.61
C PRO G 377 -20.72 -38.55 -32.44
N GLY G 378 -21.19 -39.65 -31.90
CA GLY G 378 -20.37 -40.84 -31.79
C GLY G 378 -19.15 -40.69 -30.89
N SER G 379 -19.08 -39.61 -30.15
CA SER G 379 -17.98 -39.43 -29.21
C SER G 379 -18.19 -40.29 -27.95
N SER G 380 -17.14 -40.47 -27.17
CA SER G 380 -17.21 -41.33 -25.98
C SER G 380 -18.39 -40.95 -25.07
N LEU G 381 -18.53 -39.66 -24.74
CA LEU G 381 -19.58 -39.24 -23.82
C LEU G 381 -20.96 -39.61 -24.35
N VAL G 382 -21.13 -39.51 -25.67
CA VAL G 382 -22.40 -39.82 -26.31
C VAL G 382 -22.71 -41.31 -26.28
N ARG G 383 -21.72 -42.14 -26.64
CA ARG G 383 -21.88 -43.59 -26.65
C ARG G 383 -22.20 -44.13 -25.26
N GLU G 384 -21.55 -43.58 -24.24
CA GLU G 384 -21.63 -44.15 -22.91
C GLU G 384 -22.72 -43.52 -22.07
N SER G 385 -23.53 -42.63 -22.65
CA SER G 385 -24.68 -42.06 -21.94
C SER G 385 -25.96 -42.80 -22.34
N ASP G 386 -26.98 -42.76 -21.49
CA ASP G 386 -28.27 -43.37 -21.84
C ASP G 386 -28.96 -42.57 -22.91
N LEU G 387 -28.95 -41.25 -22.77
CA LEU G 387 -29.60 -40.35 -23.72
C LEU G 387 -28.58 -39.32 -24.17
N ALA G 388 -28.80 -38.75 -25.35
CA ALA G 388 -27.89 -37.75 -25.89
C ALA G 388 -28.66 -36.74 -26.73
N LEU G 389 -28.34 -35.48 -26.56
CA LEU G 389 -28.81 -34.41 -27.43
C LEU G 389 -27.61 -33.69 -28.07
N MET G 390 -27.55 -33.75 -29.40
CA MET G 390 -26.49 -33.09 -30.14
C MET G 390 -26.81 -31.61 -30.28
N THR G 391 -25.78 -30.79 -30.19
CA THR G 391 -26.00 -29.35 -30.31
C THR G 391 -26.15 -28.95 -31.78
N ASN G 392 -25.61 -29.74 -32.69
CA ASN G 392 -25.69 -29.39 -34.12
C ASN G 392 -25.07 -28.04 -34.52
N ALA G 393 -24.00 -27.62 -33.87
CA ALA G 393 -23.37 -26.34 -34.19
C ALA G 393 -22.47 -26.42 -35.43
N GLY G 394 -22.24 -27.62 -35.95
CA GLY G 394 -21.23 -27.82 -36.97
C GLY G 394 -19.88 -27.83 -36.29
N THR G 395 -18.85 -28.28 -36.98
CA THR G 395 -17.55 -28.39 -36.34
C THR G 395 -17.05 -27.02 -35.84
N GLU G 396 -16.48 -27.02 -34.64
CA GLU G 396 -15.89 -25.82 -34.06
C GLU G 396 -14.39 -26.00 -34.06
N ILE G 397 -13.69 -25.10 -34.73
CA ILE G 397 -12.25 -25.24 -34.89
C ILE G 397 -11.45 -24.38 -33.92
N GLY G 398 -11.99 -23.21 -33.57
CA GLY G 398 -11.32 -22.36 -32.60
C GLY G 398 -11.09 -23.13 -31.31
N VAL G 399 -9.94 -22.91 -30.68
CA VAL G 399 -9.64 -23.57 -29.42
C VAL G 399 -10.54 -23.03 -28.32
N ALA G 400 -10.76 -21.72 -28.30
CA ALA G 400 -11.75 -21.13 -27.39
C ALA G 400 -13.16 -21.26 -27.99
N SER G 401 -14.02 -21.98 -27.31
CA SER G 401 -15.37 -22.26 -27.77
C SER G 401 -16.37 -21.07 -27.77
N THR G 402 -17.12 -20.94 -28.85
CA THR G 402 -18.12 -19.88 -28.99
C THR G 402 -19.52 -20.43 -29.30
N LYS G 403 -19.75 -20.82 -30.55
CA LYS G 403 -21.04 -21.39 -30.94
C LYS G 403 -21.41 -22.65 -30.12
N ALA G 404 -20.42 -23.42 -29.69
CA ALA G 404 -20.68 -24.58 -28.84
C ALA G 404 -21.32 -24.18 -27.52
N PHE G 405 -20.92 -23.01 -27.02
CA PHE G 405 -21.44 -22.50 -25.76
C PHE G 405 -22.90 -22.08 -25.90
N THR G 406 -23.18 -21.22 -26.88
CA THR G 406 -24.55 -20.72 -27.09
C THR G 406 -25.51 -21.85 -27.52
N THR G 407 -25.03 -22.80 -28.32
CA THR G 407 -25.88 -23.95 -28.63
C THR G 407 -26.09 -24.89 -27.43
N GLN G 408 -25.07 -25.03 -26.58
CA GLN G 408 -25.26 -25.71 -25.30
C GLN G 408 -26.39 -25.07 -24.51
N LEU G 409 -26.36 -23.74 -24.41
CA LEU G 409 -27.41 -23.06 -23.65
C LEU G 409 -28.80 -23.25 -24.30
N THR G 410 -28.86 -23.23 -25.62
CA THR G 410 -30.12 -23.47 -26.31
C THR G 410 -30.69 -24.85 -25.97
N VAL G 411 -29.82 -25.86 -25.97
CA VAL G 411 -30.30 -27.19 -25.62
C VAL G 411 -30.74 -27.26 -24.15
N LEU G 412 -29.95 -26.63 -23.27
CA LEU G 412 -30.26 -26.65 -21.86
C LEU G 412 -31.64 -26.05 -21.61
N LEU G 413 -31.89 -24.93 -22.29
CA LEU G 413 -33.16 -24.24 -22.18
C LEU G 413 -34.29 -25.14 -22.71
N MET G 414 -34.05 -25.85 -23.81
CA MET G 414 -35.05 -26.79 -24.30
C MET G 414 -35.40 -27.85 -23.26
N LEU G 415 -34.41 -28.25 -22.48
CA LEU G 415 -34.59 -29.34 -21.53
C LEU G 415 -35.39 -28.85 -20.32
N VAL G 416 -35.20 -27.58 -19.99
CA VAL G 416 -35.90 -27.01 -18.83
C VAL G 416 -37.37 -27.36 -18.88
N ALA G 417 -38.05 -26.84 -19.89
CA ALA G 417 -39.45 -27.16 -20.13
C ALA G 417 -39.77 -28.65 -19.86
N LYS G 418 -38.96 -29.55 -20.40
CA LYS G 418 -39.22 -30.98 -20.37
C LYS G 418 -39.02 -31.63 -19.00
N LEU G 419 -38.30 -30.98 -18.10
CA LEU G 419 -38.23 -31.47 -16.72
C LEU G 419 -39.08 -30.62 -15.79
N SER G 420 -40.18 -30.07 -16.32
CA SER G 420 -41.00 -29.13 -15.56
C SER G 420 -41.61 -29.76 -14.29
N ARG G 421 -41.55 -29.04 -13.18
CA ARG G 421 -42.01 -29.55 -11.90
C ARG G 421 -42.75 -28.47 -11.09
N LEU G 422 -43.35 -27.50 -11.77
CA LEU G 422 -44.02 -26.38 -11.09
C LEU G 422 -45.54 -26.36 -11.28
N LYS G 423 -46.12 -27.49 -11.67
CA LYS G 423 -47.57 -27.63 -11.71
C LYS G 423 -48.27 -26.72 -12.73
N GLY G 424 -49.27 -25.99 -12.25
CA GLY G 424 -50.10 -25.14 -13.09
C GLY G 424 -49.34 -24.10 -13.90
N LEU G 425 -48.16 -23.73 -13.41
CA LEU G 425 -47.32 -22.73 -14.07
C LEU G 425 -46.61 -23.29 -15.31
N ASP G 426 -46.46 -24.61 -15.36
CA ASP G 426 -45.70 -25.25 -16.42
C ASP G 426 -46.04 -24.69 -17.82
N ALA G 427 -47.33 -24.75 -18.18
CA ALA G 427 -47.74 -24.61 -19.57
C ALA G 427 -47.28 -23.28 -20.17
N SER G 428 -47.70 -22.19 -19.55
CA SER G 428 -47.32 -20.89 -20.02
C SER G 428 -45.81 -20.72 -19.94
N ILE G 429 -45.18 -21.27 -18.91
CA ILE G 429 -43.73 -21.16 -18.85
C ILE G 429 -43.12 -21.76 -20.11
N GLU G 430 -43.60 -22.95 -20.48
CA GLU G 430 -43.04 -23.60 -21.66
C GLU G 430 -43.28 -22.70 -22.86
N HIS G 431 -44.48 -22.14 -22.97
CA HIS G 431 -44.77 -21.33 -24.14
C HIS G 431 -43.77 -20.18 -24.19
N ASP G 432 -43.50 -19.56 -23.05
CA ASP G 432 -42.63 -18.40 -23.13
C ASP G 432 -41.27 -18.88 -23.59
N ILE G 433 -40.84 -20.03 -23.05
CA ILE G 433 -39.53 -20.52 -23.42
C ILE G 433 -39.47 -20.71 -24.93
N VAL G 434 -40.55 -21.29 -25.47
CA VAL G 434 -40.58 -21.58 -26.91
C VAL G 434 -40.46 -20.24 -27.67
N HIS G 435 -41.24 -19.26 -27.21
CA HIS G 435 -41.21 -17.93 -27.83
C HIS G 435 -39.75 -17.42 -27.85
N GLY G 436 -39.08 -17.54 -26.71
CA GLY G 436 -37.73 -17.03 -26.59
C GLY G 436 -36.83 -17.78 -27.55
N LEU G 437 -36.99 -19.10 -27.55
CA LEU G 437 -36.13 -19.88 -28.40
C LEU G 437 -36.34 -19.41 -29.84
N GLN G 438 -37.59 -19.15 -30.21
CA GLN G 438 -37.83 -18.86 -31.62
C GLN G 438 -37.25 -17.50 -31.99
N ALA G 439 -37.12 -16.63 -31.00
CA ALA G 439 -36.67 -15.28 -31.29
C ALA G 439 -35.16 -15.25 -31.28
N LEU G 440 -34.55 -16.36 -30.84
CA LEU G 440 -33.14 -16.33 -30.45
C LEU G 440 -32.17 -16.01 -31.60
N PRO G 441 -32.34 -16.69 -32.74
CA PRO G 441 -31.42 -16.43 -33.86
C PRO G 441 -31.45 -14.96 -34.30
N SER G 442 -32.62 -14.36 -34.43
CA SER G 442 -32.63 -13.00 -34.98
C SER G 442 -32.10 -12.01 -33.94
N ARG G 443 -32.31 -12.31 -32.67
CA ARG G 443 -31.67 -11.53 -31.62
C ARG G 443 -30.13 -11.57 -31.72
N ILE G 444 -29.57 -12.75 -31.95
CA ILE G 444 -28.11 -12.85 -32.00
C ILE G 444 -27.61 -12.04 -33.18
N GLU G 445 -28.34 -12.12 -34.27
CA GLU G 445 -28.04 -11.35 -35.47
C GLU G 445 -28.05 -9.83 -35.18
N GLN G 446 -29.08 -9.38 -34.47
CA GLN G 446 -29.22 -8.00 -34.05
C GLN G 446 -28.00 -7.63 -33.19
N MET G 447 -27.57 -8.58 -32.36
CA MET G 447 -26.42 -8.33 -31.51
C MET G 447 -25.13 -8.23 -32.34
N LEU G 448 -24.92 -9.17 -33.25
CA LEU G 448 -23.77 -9.09 -34.13
C LEU G 448 -23.64 -7.76 -34.91
N SER G 449 -24.74 -7.08 -35.21
CA SER G 449 -24.58 -5.85 -35.98
C SER G 449 -24.05 -4.69 -35.12
N GLN G 450 -23.83 -4.96 -33.84
CA GLN G 450 -23.20 -4.02 -32.92
C GLN G 450 -21.69 -4.16 -32.90
N ASP G 451 -21.13 -4.98 -33.77
CA ASP G 451 -19.72 -5.34 -33.66
C ASP G 451 -18.78 -4.13 -33.71
N LYS G 452 -19.03 -3.17 -34.60
CA LYS G 452 -18.14 -1.99 -34.71
C LYS G 452 -18.03 -1.25 -33.39
N ARG G 453 -19.12 -1.22 -32.63
CA ARG G 453 -19.09 -0.63 -31.29
C ARG G 453 -18.17 -1.39 -30.32
N ILE G 454 -18.29 -2.71 -30.30
CA ILE G 454 -17.44 -3.58 -29.49
C ILE G 454 -15.98 -3.44 -29.97
N GLU G 455 -15.79 -3.32 -31.28
CA GLU G 455 -14.47 -3.17 -31.85
C GLU G 455 -13.83 -1.86 -31.37
N ALA G 456 -14.58 -0.78 -31.37
CA ALA G 456 -14.03 0.46 -30.86
C ALA G 456 -13.76 0.34 -29.36
N LEU G 457 -14.69 -0.31 -28.63
CA LEU G 457 -14.58 -0.49 -27.19
C LEU G 457 -13.31 -1.24 -26.80
N ALA G 458 -12.88 -2.17 -27.66
CA ALA G 458 -11.76 -3.01 -27.30
C ALA G 458 -10.48 -2.19 -27.06
N GLU G 459 -10.42 -1.00 -27.66
CA GLU G 459 -9.24 -0.17 -27.48
C GLU G 459 -9.00 0.21 -26.02
N ASP G 460 -10.07 0.37 -25.26
CA ASP G 460 -9.95 0.62 -23.82
C ASP G 460 -9.31 -0.53 -23.04
N PHE G 461 -9.30 -1.74 -23.59
CA PHE G 461 -8.84 -2.91 -22.85
C PHE G 461 -7.51 -3.47 -23.33
N SER G 462 -7.11 -3.07 -24.52
CA SER G 462 -6.02 -3.73 -25.22
C SER G 462 -4.65 -3.59 -24.53
N ASP G 463 -4.53 -2.63 -23.63
CA ASP G 463 -3.26 -2.43 -22.93
C ASP G 463 -3.37 -2.73 -21.44
N LYS G 464 -4.51 -3.26 -21.02
CA LYS G 464 -4.73 -3.59 -19.63
C LYS G 464 -4.14 -4.96 -19.32
N HIS G 465 -3.76 -5.18 -18.07
CA HIS G 465 -3.30 -6.52 -17.69
C HIS G 465 -4.22 -7.17 -16.67
N HIS G 466 -5.26 -6.43 -16.26
CA HIS G 466 -6.28 -6.88 -15.33
C HIS G 466 -7.67 -6.44 -15.77
N ALA G 467 -8.67 -7.15 -15.29
CA ALA G 467 -10.04 -6.75 -15.50
C ALA G 467 -10.88 -7.58 -14.56
N LEU G 468 -11.98 -6.98 -14.11
CA LEU G 468 -12.93 -7.66 -13.24
C LEU G 468 -14.31 -7.66 -13.91
N PHE G 469 -14.86 -8.86 -14.09
CA PHE G 469 -16.16 -9.03 -14.69
C PHE G 469 -17.16 -9.32 -13.57
N LEU G 470 -18.25 -8.56 -13.52
CA LEU G 470 -19.28 -8.77 -12.51
C LEU G 470 -20.62 -9.14 -13.14
N GLY G 471 -21.33 -10.05 -12.47
CA GLY G 471 -22.69 -10.41 -12.82
C GLY G 471 -23.46 -10.97 -11.65
N ARG G 472 -24.79 -10.90 -11.72
CA ARG G 472 -25.67 -11.46 -10.70
C ARG G 472 -26.60 -12.49 -11.33
N GLY G 473 -26.89 -13.56 -10.60
CA GLY G 473 -27.88 -14.53 -11.01
C GLY G 473 -27.54 -15.20 -12.32
N ASP G 474 -28.51 -15.31 -13.22
CA ASP G 474 -28.25 -15.98 -14.48
C ASP G 474 -27.24 -15.23 -15.38
N GLN G 475 -26.85 -14.03 -14.97
CA GLN G 475 -25.77 -13.31 -15.65
C GLN G 475 -24.39 -13.58 -15.03
N TYR G 476 -24.35 -14.03 -13.78
CA TYR G 476 -23.08 -14.35 -13.14
C TYR G 476 -22.21 -15.30 -14.00
N PRO G 477 -22.79 -16.40 -14.49
CA PRO G 477 -21.96 -17.32 -15.26
C PRO G 477 -21.59 -16.75 -16.61
N ILE G 478 -22.28 -15.70 -17.05
CA ILE G 478 -21.95 -15.00 -18.29
C ILE G 478 -20.74 -14.13 -18.04
N ALA G 479 -20.72 -13.48 -16.88
CA ALA G 479 -19.49 -12.85 -16.39
C ALA G 479 -18.32 -13.83 -16.33
N LEU G 480 -18.58 -15.07 -15.87
CA LEU G 480 -17.52 -16.09 -15.84
C LEU G 480 -16.94 -16.34 -17.24
N GLU G 481 -17.84 -16.58 -18.20
CA GLU G 481 -17.47 -16.93 -19.57
C GLU G 481 -16.75 -15.76 -20.28
N GLY G 482 -17.19 -14.52 -20.02
CA GLY G 482 -16.50 -13.37 -20.60
C GLY G 482 -15.06 -13.21 -20.10
N ALA G 483 -14.89 -13.36 -18.80
CA ALA G 483 -13.57 -13.32 -18.20
C ALA G 483 -12.67 -14.45 -18.72
N LEU G 484 -13.22 -15.66 -18.80
CA LEU G 484 -12.49 -16.78 -19.37
C LEU G 484 -12.00 -16.44 -20.77
N LYS G 485 -12.88 -15.84 -21.57
CA LYS G 485 -12.52 -15.50 -22.96
C LYS G 485 -11.39 -14.49 -23.00
N LEU G 486 -11.46 -13.46 -22.18
CA LEU G 486 -10.36 -12.51 -22.10
C LEU G 486 -9.04 -13.19 -21.67
N LYS G 487 -9.08 -14.05 -20.67
CA LYS G 487 -7.90 -14.84 -20.31
C LYS G 487 -7.38 -15.62 -21.52
N GLU G 488 -8.29 -16.34 -22.18
CA GLU G 488 -7.93 -17.31 -23.20
C GLU G 488 -7.19 -16.69 -24.39
N ILE G 489 -7.77 -15.66 -25.02
CA ILE G 489 -7.23 -15.18 -26.28
C ILE G 489 -6.47 -13.86 -26.23
N SER G 490 -6.62 -13.09 -25.16
CA SER G 490 -5.83 -11.86 -25.03
C SER G 490 -4.78 -11.94 -23.92
N TYR G 491 -4.83 -13.01 -23.13
CA TYR G 491 -3.89 -13.21 -22.04
C TYR G 491 -3.96 -12.10 -21.00
N ILE G 492 -5.14 -11.51 -20.85
CA ILE G 492 -5.35 -10.48 -19.84
C ILE G 492 -5.84 -11.17 -18.57
N HIS G 493 -5.34 -10.75 -17.43
CA HIS G 493 -5.77 -11.38 -16.20
C HIS G 493 -7.15 -10.84 -15.79
N ALA G 494 -8.17 -11.40 -16.43
CA ALA G 494 -9.55 -11.09 -16.19
C ALA G 494 -10.12 -12.13 -15.22
N GLU G 495 -10.85 -11.65 -14.22
CA GLU G 495 -11.43 -12.51 -13.21
C GLU G 495 -12.90 -12.11 -13.04
N ALA G 496 -13.77 -13.13 -12.95
CA ALA G 496 -15.19 -12.90 -12.74
C ALA G 496 -15.51 -13.00 -11.25
N TYR G 497 -16.60 -12.36 -10.84
CA TYR G 497 -17.02 -12.35 -9.43
C TYR G 497 -18.53 -12.13 -9.38
N ALA G 498 -19.19 -12.68 -8.38
CA ALA G 498 -20.61 -12.39 -8.19
C ALA G 498 -20.68 -10.92 -7.82
N ALA G 499 -21.63 -10.18 -8.40
CA ALA G 499 -21.68 -8.73 -8.19
C ALA G 499 -21.74 -8.42 -6.69
N GLY G 500 -22.55 -9.20 -5.99
CA GLY G 500 -22.80 -8.95 -4.59
C GLY G 500 -21.55 -9.02 -3.74
N GLU G 501 -20.48 -9.58 -4.28
CA GLU G 501 -19.28 -9.81 -3.48
C GLU G 501 -18.18 -8.80 -3.77
N LEU G 502 -18.44 -7.88 -4.71
CA LEU G 502 -17.40 -6.91 -5.07
C LEU G 502 -16.75 -6.31 -3.83
N LYS G 503 -17.59 -5.93 -2.86
CA LYS G 503 -17.18 -5.20 -1.68
C LYS G 503 -16.36 -6.04 -0.69
N HIS G 504 -16.53 -7.36 -0.76
CA HIS G 504 -15.87 -8.26 0.18
C HIS G 504 -14.43 -8.61 -0.14
N GLY G 505 -13.86 -8.02 -1.20
CA GLY G 505 -12.45 -8.23 -1.48
C GLY G 505 -11.89 -7.47 -2.66
N PRO G 506 -12.38 -7.79 -3.87
CA PRO G 506 -11.73 -7.26 -5.07
C PRO G 506 -11.74 -5.74 -5.16
N LEU G 507 -12.61 -5.06 -4.40
CA LEU G 507 -12.70 -3.62 -4.51
C LEU G 507 -11.35 -2.96 -4.17
N ALA G 508 -10.57 -3.58 -3.27
CA ALA G 508 -9.24 -3.08 -2.87
C ALA G 508 -8.22 -3.12 -4.01
N LEU G 509 -8.55 -3.88 -5.06
CA LEU G 509 -7.71 -4.00 -6.24
C LEU G 509 -7.99 -2.91 -7.28
N ILE G 510 -9.22 -2.41 -7.32
CA ILE G 510 -9.63 -1.60 -8.47
C ILE G 510 -8.86 -0.31 -8.57
N ASP G 511 -8.29 -0.08 -9.76
CA ASP G 511 -7.68 1.20 -10.10
C ASP G 511 -7.74 1.35 -11.62
N ALA G 512 -7.08 2.38 -12.15
CA ALA G 512 -7.12 2.63 -13.58
C ALA G 512 -6.63 1.47 -14.46
N ASP G 513 -5.82 0.57 -13.91
CA ASP G 513 -5.33 -0.56 -14.70
C ASP G 513 -6.19 -1.83 -14.55
N MET G 514 -7.29 -1.72 -13.82
CA MET G 514 -8.19 -2.86 -13.63
C MET G 514 -9.64 -2.44 -13.83
N PRO G 515 -10.05 -2.34 -15.09
CA PRO G 515 -11.43 -1.94 -15.40
C PRO G 515 -12.42 -2.96 -14.88
N VAL G 516 -13.66 -2.53 -14.67
CA VAL G 516 -14.70 -3.42 -14.17
C VAL G 516 -15.81 -3.46 -15.19
N ILE G 517 -16.27 -4.66 -15.49
CA ILE G 517 -17.34 -4.85 -16.46
C ILE G 517 -18.55 -5.48 -15.77
N VAL G 518 -19.71 -4.87 -15.91
CA VAL G 518 -20.94 -5.45 -15.38
C VAL G 518 -21.79 -5.94 -16.52
N VAL G 519 -22.34 -7.14 -16.37
CA VAL G 519 -23.17 -7.73 -17.41
C VAL G 519 -24.67 -7.67 -17.08
N ALA G 520 -25.38 -6.75 -17.72
CA ALA G 520 -26.84 -6.73 -17.74
C ALA G 520 -27.49 -6.58 -16.35
N PRO G 521 -27.06 -5.57 -15.59
CA PRO G 521 -27.61 -5.35 -14.26
C PRO G 521 -28.92 -4.60 -14.34
N ASN G 522 -29.80 -4.81 -13.36
CA ASN G 522 -30.98 -3.98 -13.28
C ASN G 522 -30.59 -2.67 -12.61
N ASN G 523 -31.57 -1.79 -12.43
CA ASN G 523 -31.30 -0.47 -11.88
C ASN G 523 -30.77 -0.48 -10.43
N GLU G 524 -31.37 -1.32 -9.59
CA GLU G 524 -30.98 -1.47 -8.19
C GLU G 524 -29.50 -1.89 -8.05
N LEU G 525 -29.16 -2.96 -8.76
CA LEU G 525 -27.79 -3.46 -8.79
C LEU G 525 -26.80 -2.41 -9.26
N LEU G 526 -27.16 -1.74 -10.35
CA LEU G 526 -26.28 -0.74 -10.94
C LEU G 526 -26.06 0.42 -9.96
N GLU G 527 -27.08 0.80 -9.23
CA GLU G 527 -26.88 1.85 -8.23
C GLU G 527 -25.87 1.37 -7.18
N LYS G 528 -26.05 0.14 -6.71
CA LYS G 528 -25.04 -0.41 -5.78
C LYS G 528 -23.61 -0.33 -6.31
N LEU G 529 -23.42 -0.75 -7.57
CA LEU G 529 -22.07 -0.81 -8.15
C LEU G 529 -21.49 0.57 -8.42
N LYS G 530 -22.36 1.52 -8.79
CA LYS G 530 -21.95 2.89 -9.04
C LYS G 530 -21.41 3.46 -7.73
N SER G 531 -22.16 3.24 -6.65
CA SER G 531 -21.66 3.66 -5.34
C SER G 531 -20.28 3.00 -5.06
N ASN G 532 -20.18 1.70 -5.35
CA ASN G 532 -18.90 1.02 -5.24
C ASN G 532 -17.74 1.68 -5.98
N ILE G 533 -17.91 2.02 -7.26
CA ILE G 533 -16.81 2.54 -8.06
C ILE G 533 -16.47 3.97 -7.60
N GLU G 534 -17.50 4.66 -7.10
CA GLU G 534 -17.26 5.98 -6.51
C GLU G 534 -16.29 5.82 -5.36
N GLU G 535 -16.47 4.77 -4.56
CA GLU G 535 -15.53 4.53 -3.47
C GLU G 535 -14.06 4.55 -3.92
N VAL G 536 -13.80 4.19 -5.18
CA VAL G 536 -12.42 4.13 -5.66
C VAL G 536 -12.18 5.14 -6.78
N ARG G 537 -13.00 6.17 -6.82
CA ARG G 537 -12.71 7.30 -7.69
C ARG G 537 -11.25 7.79 -7.60
N ALA G 538 -10.71 7.87 -6.38
CA ALA G 538 -9.39 8.48 -6.20
C ALA G 538 -8.31 7.74 -6.98
N ARG G 539 -8.55 6.48 -7.33
CA ARG G 539 -7.59 5.69 -8.13
C ARG G 539 -8.04 5.48 -9.59
N GLY G 540 -9.04 6.22 -10.05
CA GLY G 540 -9.48 6.14 -11.43
C GLY G 540 -10.22 4.86 -11.77
N GLY G 541 -10.96 4.33 -10.81
CA GLY G 541 -11.82 3.18 -11.06
C GLY G 541 -12.78 3.51 -12.21
N GLN G 542 -12.86 2.63 -13.21
CA GLN G 542 -13.79 2.78 -14.32
C GLN G 542 -14.76 1.60 -14.34
N LEU G 543 -16.03 1.92 -14.56
CA LEU G 543 -17.10 0.93 -14.63
C LEU G 543 -17.68 0.83 -16.06
N TYR G 544 -17.64 -0.38 -16.64
CA TYR G 544 -18.23 -0.62 -17.97
C TYR G 544 -19.51 -1.44 -17.84
N VAL G 545 -20.61 -0.91 -18.37
CA VAL G 545 -21.90 -1.56 -18.20
C VAL G 545 -22.56 -1.93 -19.53
N PHE G 546 -22.71 -3.23 -19.78
CA PHE G 546 -23.52 -3.68 -20.89
C PHE G 546 -24.96 -3.77 -20.40
N ALA G 547 -25.84 -3.01 -21.02
CA ALA G 547 -27.23 -3.00 -20.59
C ALA G 547 -28.20 -2.62 -21.70
N ASP G 548 -29.45 -3.02 -21.49
CA ASP G 548 -30.55 -2.74 -22.40
C ASP G 548 -30.67 -1.23 -22.64
N GLN G 549 -30.68 -0.83 -23.91
CA GLN G 549 -30.92 0.59 -24.23
C GLN G 549 -32.20 1.15 -23.59
N ASP G 550 -33.20 0.29 -23.36
CA ASP G 550 -34.45 0.74 -22.76
C ASP G 550 -34.33 1.06 -21.27
N ALA G 551 -33.25 0.63 -20.65
CA ALA G 551 -33.13 0.79 -19.19
C ALA G 551 -32.85 2.25 -18.83
N GLY G 552 -32.47 3.05 -19.83
CA GLY G 552 -32.25 4.47 -19.64
C GLY G 552 -31.04 4.90 -18.82
N PHE G 553 -30.08 4.01 -18.64
CA PHE G 553 -28.85 4.37 -17.90
C PHE G 553 -28.08 5.49 -18.60
N VAL G 554 -27.46 6.35 -17.79
CA VAL G 554 -26.72 7.50 -18.32
C VAL G 554 -25.22 7.43 -18.00
N SER G 555 -24.39 7.55 -19.03
CA SER G 555 -22.95 7.54 -18.82
C SER G 555 -22.45 8.78 -18.10
N SER G 556 -21.42 8.56 -17.30
CA SER G 556 -20.72 9.61 -16.57
C SER G 556 -19.24 9.34 -16.77
N ASP G 557 -18.39 10.20 -16.20
CA ASP G 557 -16.95 10.15 -16.49
C ASP G 557 -16.29 8.84 -16.08
N ASN G 558 -16.85 8.17 -15.07
CA ASN G 558 -16.32 6.89 -14.63
C ASN G 558 -17.30 5.70 -14.78
N MET G 559 -18.42 5.92 -15.46
CA MET G 559 -19.35 4.81 -15.73
C MET G 559 -19.79 4.88 -17.19
N HIS G 560 -19.40 3.87 -17.96
CA HIS G 560 -19.62 3.89 -19.39
C HIS G 560 -20.69 2.89 -19.78
N ILE G 561 -21.86 3.39 -20.16
CA ILE G 561 -22.96 2.54 -20.57
C ILE G 561 -22.75 2.09 -22.01
N ILE G 562 -22.80 0.79 -22.24
CA ILE G 562 -22.72 0.27 -23.59
C ILE G 562 -24.06 -0.36 -23.91
N GLU G 563 -24.94 0.47 -24.46
CA GLU G 563 -26.32 0.10 -24.72
C GLU G 563 -26.40 -1.08 -25.69
N MET G 564 -27.29 -2.03 -25.38
CA MET G 564 -27.55 -3.16 -26.26
C MET G 564 -29.03 -3.14 -26.64
N PRO G 565 -29.37 -3.74 -27.78
CA PRO G 565 -30.79 -3.87 -28.14
C PRO G 565 -31.56 -4.69 -27.09
N HIS G 566 -32.86 -4.45 -27.00
CA HIS G 566 -33.68 -5.20 -26.06
C HIS G 566 -33.71 -6.67 -26.46
N VAL G 567 -33.86 -7.54 -25.47
CA VAL G 567 -33.98 -8.98 -25.72
C VAL G 567 -35.01 -9.58 -24.74
N GLU G 568 -35.67 -10.66 -25.15
CA GLU G 568 -36.53 -11.43 -24.24
C GLU G 568 -35.73 -11.89 -23.01
N GLU G 569 -36.30 -11.78 -21.82
CA GLU G 569 -35.57 -12.09 -20.58
C GLU G 569 -35.03 -13.51 -20.53
N VAL G 570 -35.86 -14.45 -20.95
CA VAL G 570 -35.54 -15.84 -20.78
C VAL G 570 -34.29 -16.27 -21.59
N ILE G 571 -34.00 -15.58 -22.69
CA ILE G 571 -32.79 -15.85 -23.45
C ILE G 571 -31.71 -14.81 -23.24
N ALA G 572 -31.84 -13.95 -22.22
CA ALA G 572 -30.88 -12.84 -22.15
C ALA G 572 -29.42 -13.26 -21.85
N PRO G 573 -29.23 -14.33 -21.07
CA PRO G 573 -27.86 -14.78 -20.79
C PRO G 573 -27.12 -15.19 -22.06
N ILE G 574 -27.84 -15.81 -22.99
CA ILE G 574 -27.27 -16.23 -24.27
C ILE G 574 -26.90 -15.01 -25.12
N PHE G 575 -27.83 -14.05 -25.18
CA PHE G 575 -27.69 -12.82 -25.93
C PHE G 575 -26.46 -12.04 -25.43
N TYR G 576 -26.35 -11.91 -24.12
CA TYR G 576 -25.29 -11.13 -23.52
C TYR G 576 -23.90 -11.77 -23.63
N THR G 577 -23.84 -13.01 -24.12
CA THR G 577 -22.58 -13.70 -24.26
C THR G 577 -21.81 -13.09 -25.42
N VAL G 578 -22.55 -12.70 -26.46
CA VAL G 578 -21.97 -12.34 -27.74
C VAL G 578 -21.07 -11.10 -27.72
N PRO G 579 -21.51 -10.02 -27.07
CA PRO G 579 -20.59 -8.87 -26.97
C PRO G 579 -19.32 -9.24 -26.21
N LEU G 580 -19.43 -10.16 -25.26
CA LEU G 580 -18.22 -10.52 -24.51
C LEU G 580 -17.27 -11.36 -25.36
N GLN G 581 -17.81 -12.21 -26.22
CA GLN G 581 -16.99 -12.92 -27.22
C GLN G 581 -16.33 -11.88 -28.16
N LEU G 582 -17.13 -10.97 -28.71
CA LEU G 582 -16.61 -9.96 -29.63
C LEU G 582 -15.54 -9.09 -28.96
N LEU G 583 -15.76 -8.75 -27.70
CA LEU G 583 -14.79 -7.96 -26.97
C LEU G 583 -13.44 -8.65 -26.95
N ALA G 584 -13.41 -9.90 -26.46
CA ALA G 584 -12.15 -10.67 -26.41
C ALA G 584 -11.52 -10.81 -27.78
N TYR G 585 -12.32 -11.15 -28.79
CA TYR G 585 -11.79 -11.24 -30.15
C TYR G 585 -11.14 -9.93 -30.58
N HIS G 586 -11.78 -8.80 -30.36
CA HIS G 586 -11.22 -7.55 -30.87
C HIS G 586 -10.01 -7.04 -30.08
N VAL G 587 -9.95 -7.40 -28.80
CA VAL G 587 -8.76 -7.12 -28.02
C VAL G 587 -7.60 -7.97 -28.55
N ALA G 588 -7.87 -9.23 -28.83
CA ALA G 588 -6.82 -10.10 -29.34
C ALA G 588 -6.29 -9.60 -30.68
N LEU G 589 -7.20 -9.16 -31.54
CA LEU G 589 -6.85 -8.70 -32.89
C LEU G 589 -5.90 -7.54 -32.80
N ILE G 590 -6.21 -6.60 -31.91
CA ILE G 590 -5.37 -5.44 -31.69
C ILE G 590 -3.97 -5.84 -31.21
N LYS G 591 -3.89 -6.77 -30.27
CA LYS G 591 -2.58 -7.15 -29.74
C LYS G 591 -1.86 -8.02 -30.74
N GLY G 592 -2.61 -8.68 -31.60
CA GLY G 592 -2.01 -9.60 -32.55
C GLY G 592 -1.67 -10.96 -31.95
N THR G 593 -2.51 -11.43 -31.04
CA THR G 593 -2.28 -12.73 -30.44
C THR G 593 -2.97 -13.84 -31.21
N ASP G 594 -2.59 -15.07 -30.92
CA ASP G 594 -3.05 -16.22 -31.69
C ASP G 594 -4.48 -16.59 -31.31
N VAL G 595 -5.46 -15.92 -31.93
CA VAL G 595 -6.87 -16.14 -31.62
C VAL G 595 -7.30 -17.60 -31.70
N ASP G 596 -6.96 -18.26 -32.80
CA ASP G 596 -7.40 -19.64 -33.04
C ASP G 596 -6.65 -20.69 -32.25
N GLN G 597 -5.44 -20.34 -31.83
CA GLN G 597 -4.64 -21.24 -31.01
C GLN G 597 -3.87 -20.50 -29.93
N PRO G 598 -4.60 -20.04 -28.91
CA PRO G 598 -3.97 -19.32 -27.81
C PRO G 598 -2.87 -20.16 -27.16
N ARG G 599 -1.82 -19.54 -26.66
CA ARG G 599 -0.72 -20.27 -26.04
C ARG G 599 -1.16 -21.18 -24.89
N ASN G 600 -0.57 -22.38 -24.87
CA ASN G 600 -0.72 -23.30 -23.74
C ASN G 600 -2.08 -23.96 -23.63
N LEU G 601 -2.98 -23.68 -24.57
CA LEU G 601 -4.31 -24.30 -24.47
C LEU G 601 -4.52 -25.40 -25.50
N ALA G 602 -5.46 -26.28 -25.21
CA ALA G 602 -5.80 -27.40 -26.09
C ALA G 602 -7.26 -27.28 -26.44
N LYS G 603 -7.63 -27.68 -27.65
CA LYS G 603 -9.05 -27.76 -27.99
C LYS G 603 -9.80 -28.69 -27.03
N SER G 604 -9.18 -29.83 -26.72
CA SER G 604 -9.80 -30.82 -25.86
C SER G 604 -8.79 -31.61 -25.02
N VAL G 605 -9.00 -31.65 -23.72
CA VAL G 605 -8.03 -32.25 -22.80
C VAL G 605 -8.38 -33.73 -22.60
N THR G 606 -7.79 -34.58 -23.45
CA THR G 606 -8.20 -35.99 -23.53
C THR G 606 -7.23 -36.98 -22.87
N VAL G 607 -6.04 -36.52 -22.49
CA VAL G 607 -5.14 -37.37 -21.72
C VAL G 607 -5.12 -36.92 -20.28
N GLU G 608 -4.62 -37.78 -19.39
CA GLU G 608 -4.69 -37.51 -17.96
C GLU G 608 -3.64 -36.49 -17.49
N ALA H 1 0.45 -27.10 27.29
CA ALA H 1 -0.13 -25.80 26.96
C ALA H 1 0.79 -24.67 27.40
N GLY H 2 1.27 -24.73 28.63
CA GLY H 2 2.17 -23.70 29.12
C GLY H 2 3.38 -24.28 29.83
N ILE H 3 4.56 -23.73 29.53
CA ILE H 3 5.79 -24.15 30.21
C ILE H 3 6.54 -23.01 30.89
N VAL H 4 7.02 -23.26 32.10
CA VAL H 4 7.88 -22.33 32.83
C VAL H 4 9.00 -23.09 33.53
N GLY H 5 10.18 -22.49 33.59
CA GLY H 5 11.34 -23.14 34.17
C GLY H 5 12.26 -22.13 34.80
N ALA H 6 12.90 -22.53 35.90
CA ALA H 6 13.74 -21.60 36.63
C ALA H 6 14.98 -22.26 37.20
N ILE H 7 16.07 -21.50 37.20
CA ILE H 7 17.32 -21.98 37.76
C ILE H 7 18.08 -20.83 38.40
N ALA H 8 17.98 -20.79 39.72
CA ALA H 8 18.36 -19.62 40.49
C ALA H 8 19.06 -19.99 41.80
N GLN H 9 19.55 -18.98 42.51
CA GLN H 9 20.01 -19.19 43.87
C GLN H 9 18.78 -19.30 44.75
N ARG H 10 17.91 -18.30 44.68
CA ARG H 10 16.69 -18.25 45.49
C ARG H 10 15.69 -19.36 45.17
N ASP H 11 14.72 -19.57 46.05
CA ASP H 11 13.63 -20.51 45.77
C ASP H 11 12.81 -20.02 44.58
N VAL H 12 12.44 -20.93 43.69
CA VAL H 12 11.74 -20.54 42.47
C VAL H 12 10.28 -21.02 42.40
N ALA H 13 9.77 -21.65 43.45
CA ALA H 13 8.42 -22.19 43.39
C ALA H 13 7.34 -21.12 43.13
N GLU H 14 7.39 -20.04 43.90
CA GLU H 14 6.45 -18.95 43.76
C GLU H 14 6.55 -18.29 42.37
N ILE H 15 7.77 -18.24 41.84
CA ILE H 15 8.07 -17.71 40.50
C ILE H 15 7.44 -18.59 39.41
N LEU H 16 7.62 -19.90 39.57
CA LEU H 16 6.98 -20.86 38.68
C LEU H 16 5.45 -20.73 38.68
N LEU H 17 4.86 -20.74 39.87
CA LEU H 17 3.42 -20.61 39.98
C LEU H 17 2.91 -19.29 39.37
N GLU H 18 3.64 -18.20 39.59
CA GLU H 18 3.22 -16.94 39.02
C GLU H 18 3.31 -16.97 37.48
N GLY H 19 4.36 -17.60 36.95
CA GLY H 19 4.46 -17.81 35.51
C GLY H 19 3.22 -18.51 34.96
N LEU H 20 2.93 -19.68 35.54
CA LEU H 20 1.74 -20.43 35.13
C LEU H 20 0.51 -19.52 35.20
N ARG H 21 0.42 -18.71 36.25
CA ARG H 21 -0.70 -17.79 36.41
C ARG H 21 -0.79 -16.89 35.19
N ARG H 22 0.35 -16.45 34.70
CA ARG H 22 0.32 -15.55 33.56
C ARG H 22 0.13 -16.25 32.22
N LEU H 23 0.19 -17.59 32.24
CA LEU H 23 -0.09 -18.35 31.02
C LEU H 23 -1.51 -18.89 30.99
N GLU H 24 -2.26 -18.64 32.06
CA GLU H 24 -3.58 -19.23 32.22
C GLU H 24 -4.55 -18.88 31.11
N TYR H 25 -4.41 -17.71 30.50
CA TYR H 25 -5.31 -17.35 29.43
C TYR H 25 -5.27 -18.38 28.31
N ARG H 26 -4.30 -19.28 28.34
CA ARG H 26 -4.26 -20.35 27.36
C ARG H 26 -4.98 -21.59 27.91
N GLY H 27 -5.88 -22.15 27.12
CA GLY H 27 -6.72 -23.26 27.57
C GLY H 27 -5.94 -24.40 28.19
N TYR H 28 -6.29 -24.73 29.43
CA TYR H 28 -5.67 -25.86 30.11
C TYR H 28 -6.70 -26.55 31.01
N ASP H 29 -6.42 -27.80 31.36
CA ASP H 29 -7.31 -28.58 32.22
C ASP H 29 -6.59 -29.07 33.48
N SER H 30 -5.29 -28.83 33.55
CA SER H 30 -4.53 -29.24 34.73
C SER H 30 -3.18 -28.53 34.79
N ALA H 31 -2.50 -28.66 35.93
CA ALA H 31 -1.20 -28.02 36.11
C ALA H 31 -0.32 -28.81 37.04
N GLY H 32 0.98 -28.54 36.97
CA GLY H 32 1.91 -29.19 37.86
C GLY H 32 3.23 -28.45 37.89
N LEU H 33 4.03 -28.71 38.92
CA LEU H 33 5.36 -28.16 39.02
C LEU H 33 6.22 -29.15 39.79
N ALA H 34 7.53 -29.11 39.57
CA ALA H 34 8.50 -29.91 40.31
C ALA H 34 9.75 -29.07 40.56
N VAL H 35 10.18 -29.04 41.82
CA VAL H 35 11.40 -28.31 42.19
C VAL H 35 12.39 -29.18 42.96
N VAL H 36 13.67 -28.88 42.81
CA VAL H 36 14.72 -29.67 43.40
C VAL H 36 15.59 -28.77 44.26
N ASP H 37 15.82 -29.16 45.52
CA ASP H 37 16.77 -28.43 46.37
C ASP H 37 18.21 -28.79 46.01
N ALA H 38 19.17 -28.14 46.68
CA ALA H 38 20.60 -28.41 46.40
C ALA H 38 21.02 -29.84 46.74
N GLU H 39 20.44 -30.41 47.79
CA GLU H 39 20.69 -31.81 48.17
C GLU H 39 20.09 -32.82 47.18
N GLY H 40 19.43 -32.32 46.15
CA GLY H 40 18.85 -33.16 45.12
C GLY H 40 17.52 -33.78 45.52
N HIS H 41 16.85 -33.19 46.50
CA HIS H 41 15.52 -33.65 46.88
CA HIS H 41 15.52 -33.66 46.87
C HIS H 41 14.46 -32.99 46.00
N MET H 42 13.72 -33.81 45.26
CA MET H 42 12.75 -33.32 44.30
C MET H 42 11.31 -33.44 44.79
N THR H 43 10.64 -32.30 44.90
CA THR H 43 9.24 -32.25 45.29
C THR H 43 8.34 -31.94 44.09
N ARG H 44 7.42 -32.85 43.78
CA ARG H 44 6.50 -32.68 42.65
C ARG H 44 5.02 -32.63 43.04
N LEU H 45 4.32 -31.62 42.52
CA LEU H 45 2.89 -31.42 42.78
C LEU H 45 2.11 -31.29 41.47
N ARG H 46 1.03 -32.05 41.36
CA ARG H 46 0.16 -31.98 40.18
C ARG H 46 -1.31 -31.96 40.59
N ARG H 47 -2.10 -31.15 39.91
CA ARG H 47 -3.53 -31.10 40.21
C ARG H 47 -4.40 -30.88 38.98
N LEU H 48 -5.56 -31.52 39.01
CA LEU H 48 -6.56 -31.38 37.97
C LEU H 48 -7.28 -30.07 38.22
N GLY H 49 -7.61 -29.33 37.17
CA GLY H 49 -8.29 -28.07 37.32
C GLY H 49 -7.36 -26.88 37.24
N LYS H 50 -7.80 -25.76 37.79
CA LYS H 50 -7.10 -24.50 37.61
C LYS H 50 -5.76 -24.41 38.34
N VAL H 51 -4.98 -23.39 37.99
CA VAL H 51 -3.69 -23.18 38.63
C VAL H 51 -3.92 -22.92 40.12
N GLN H 52 -5.05 -22.32 40.46
CA GLN H 52 -5.37 -22.05 41.85
C GLN H 52 -5.27 -23.30 42.71
N MET H 53 -5.79 -24.42 42.22
CA MET H 53 -5.69 -25.70 42.93
C MET H 53 -4.25 -26.05 43.21
N LEU H 54 -3.40 -25.92 42.19
CA LEU H 54 -1.98 -26.20 42.33
C LEU H 54 -1.35 -25.34 43.41
N ALA H 55 -1.68 -24.06 43.38
CA ALA H 55 -1.12 -23.11 44.35
C ALA H 55 -1.53 -23.50 45.78
N GLN H 56 -2.80 -23.82 45.96
CA GLN H 56 -3.30 -24.31 47.25
C GLN H 56 -2.53 -25.55 47.70
N ALA H 57 -2.49 -26.57 46.86
CA ALA H 57 -1.71 -27.76 47.17
C ALA H 57 -0.30 -27.38 47.63
N ALA H 58 0.27 -26.36 46.99
CA ALA H 58 1.61 -25.91 47.34
C ALA H 58 1.66 -25.22 48.71
N GLU H 59 0.54 -24.64 49.14
CA GLU H 59 0.48 -23.96 50.44
C GLU H 59 1.00 -24.79 51.63
N GLU H 60 0.83 -26.11 51.56
CA GLU H 60 1.17 -27.00 52.67
C GLU H 60 2.66 -27.30 52.69
N HIS H 61 3.28 -27.19 51.52
CA HIS H 61 4.65 -27.64 51.34
C HIS H 61 5.67 -26.52 51.44
N PRO H 62 6.73 -26.76 52.21
CA PRO H 62 7.91 -25.90 52.11
C PRO H 62 8.59 -26.29 50.81
N LEU H 63 8.22 -25.63 49.72
CA LEU H 63 8.79 -25.98 48.43
C LEU H 63 10.11 -25.26 48.21
N HIS H 64 11.18 -25.79 48.80
CA HIS H 64 12.51 -25.18 48.70
C HIS H 64 13.28 -25.76 47.53
N GLY H 65 14.17 -24.96 46.97
CA GLY H 65 14.94 -25.39 45.82
C GLY H 65 15.02 -24.27 44.81
N GLY H 66 16.11 -24.23 44.05
CA GLY H 66 16.38 -23.15 43.14
C GLY H 66 16.21 -23.60 41.71
N THR H 67 15.98 -24.89 41.51
CA THR H 67 15.73 -25.39 40.16
C THR H 67 14.35 -26.03 40.03
N GLY H 68 13.64 -25.69 38.98
CA GLY H 68 12.36 -26.34 38.77
C GLY H 68 11.68 -26.06 37.45
N ILE H 69 10.62 -26.82 37.19
CA ILE H 69 9.86 -26.63 35.97
C ILE H 69 8.39 -26.78 36.31
N ALA H 70 7.53 -26.28 35.43
CA ALA H 70 6.11 -26.21 35.67
C ALA H 70 5.35 -26.13 34.34
N HIS H 71 4.08 -26.53 34.37
CA HIS H 71 3.34 -26.81 33.16
C HIS H 71 1.83 -26.72 33.40
N THR H 72 1.14 -26.14 32.43
CA THR H 72 -0.29 -26.30 32.36
C THR H 72 -0.58 -27.17 31.14
N ARG H 73 -1.54 -28.09 31.29
CA ARG H 73 -1.81 -29.09 30.26
C ARG H 73 -3.13 -28.87 29.53
N TRP H 74 -3.11 -29.09 28.22
CA TRP H 74 -4.33 -29.25 27.43
C TRP H 74 -4.28 -30.65 26.83
N ALA H 75 -5.05 -31.56 27.42
CA ALA H 75 -4.93 -32.98 27.11
C ALA H 75 -5.16 -33.31 25.63
N THR H 76 -4.22 -34.03 25.03
CA THR H 76 -4.45 -34.65 23.73
C THR H 76 -4.40 -36.16 23.86
N HIS H 77 -3.57 -36.65 24.77
CA HIS H 77 -3.30 -38.08 24.90
C HIS H 77 -3.50 -38.60 26.33
N GLY H 78 -4.72 -39.04 26.62
CA GLY H 78 -5.07 -39.46 27.96
C GLY H 78 -5.95 -38.43 28.65
N GLU H 79 -7.01 -38.87 29.29
CA GLU H 79 -7.95 -37.97 29.96
C GLU H 79 -7.22 -36.97 30.88
N PRO H 80 -7.83 -35.79 31.07
CA PRO H 80 -7.33 -34.88 32.11
C PRO H 80 -7.44 -35.56 33.47
N SER H 81 -6.33 -35.71 34.17
CA SER H 81 -6.29 -36.33 35.48
C SER H 81 -4.93 -36.04 36.11
N GLU H 82 -4.87 -35.99 37.44
CA GLU H 82 -3.60 -35.80 38.12
C GLU H 82 -2.57 -36.80 37.62
N VAL H 83 -3.01 -38.03 37.38
CA VAL H 83 -2.13 -39.06 36.87
C VAL H 83 -1.45 -38.67 35.56
N ASN H 84 -2.15 -37.91 34.72
CA ASN H 84 -1.67 -37.59 33.39
C ASN H 84 -0.97 -36.24 33.27
N ALA H 85 -1.10 -35.42 34.30
CA ALA H 85 -0.53 -34.09 34.29
C ALA H 85 1.00 -34.12 34.17
N HIS H 86 1.58 -33.00 33.74
CA HIS H 86 3.05 -32.86 33.78
C HIS H 86 3.38 -32.10 35.05
N PRO H 87 4.66 -32.11 35.47
CA PRO H 87 5.82 -32.79 34.87
C PRO H 87 5.69 -34.29 35.04
N HIS H 88 6.24 -35.02 34.08
CA HIS H 88 6.26 -36.47 34.10
C HIS H 88 7.66 -36.93 34.44
N VAL H 89 7.75 -38.02 35.19
CA VAL H 89 9.04 -38.48 35.72
C VAL H 89 9.45 -39.84 35.19
N SER H 90 10.76 -40.08 35.18
CA SER H 90 11.32 -41.41 35.03
C SER H 90 12.46 -41.50 36.03
N GLU H 91 12.09 -41.77 37.28
CA GLU H 91 12.99 -41.63 38.42
C GLU H 91 13.54 -40.21 38.53
N HIS H 92 14.80 -40.03 38.14
CA HIS H 92 15.48 -38.75 38.32
C HIS H 92 15.27 -37.78 37.14
N ILE H 93 14.75 -38.30 36.03
CA ILE H 93 14.44 -37.49 34.87
C ILE H 93 13.05 -36.88 35.03
N VAL H 94 12.98 -35.56 34.90
CA VAL H 94 11.71 -34.85 35.03
C VAL H 94 11.49 -33.98 33.80
N VAL H 95 10.26 -33.98 33.30
CA VAL H 95 10.01 -33.47 31.97
C VAL H 95 8.69 -32.72 31.85
N VAL H 96 8.73 -31.53 31.24
CA VAL H 96 7.50 -30.87 30.79
C VAL H 96 7.50 -30.69 29.27
N HIS H 97 6.31 -30.79 28.68
CA HIS H 97 6.20 -30.87 27.23
C HIS H 97 4.95 -30.21 26.62
N ASN H 98 5.17 -29.42 25.56
CA ASN H 98 4.08 -28.87 24.76
C ASN H 98 4.08 -29.54 23.38
N GLY H 99 2.91 -29.96 22.92
CA GLY H 99 2.82 -30.55 21.59
C GLY H 99 2.37 -32.01 21.57
N ILE H 100 2.76 -32.71 20.51
CA ILE H 100 2.36 -34.10 20.28
C ILE H 100 3.48 -34.98 19.73
N ILE H 101 3.87 -35.99 20.49
CA ILE H 101 4.78 -37.02 20.00
C ILE H 101 3.96 -38.09 19.30
N GLU H 102 3.95 -38.11 17.98
CA GLU H 102 3.03 -39.01 17.29
C GLU H 102 3.54 -40.43 17.02
N ASN H 103 4.83 -40.65 17.21
CA ASN H 103 5.34 -42.02 17.19
C ASN H 103 5.40 -42.57 18.62
N HIS H 104 4.42 -42.17 19.42
CA HIS H 104 4.40 -42.50 20.84
C HIS H 104 4.13 -43.99 21.16
N GLU H 105 3.38 -44.67 20.29
CA GLU H 105 3.11 -46.11 20.50
C GLU H 105 4.33 -47.01 20.26
N PRO H 106 5.02 -46.84 19.12
CA PRO H 106 6.29 -47.54 18.87
C PRO H 106 7.25 -47.33 20.04
N LEU H 107 7.43 -46.08 20.45
CA LEU H 107 8.39 -45.75 21.48
C LEU H 107 7.98 -46.31 22.84
N ARG H 108 6.69 -46.23 23.15
CA ARG H 108 6.18 -46.77 24.41
C ARG H 108 6.36 -48.29 24.48
N GLU H 109 6.13 -48.98 23.37
CA GLU H 109 6.35 -50.42 23.35
C GLU H 109 7.84 -50.75 23.51
N GLU H 110 8.68 -50.09 22.72
CA GLU H 110 10.11 -50.33 22.85
C GLU H 110 10.62 -50.09 24.28
N LEU H 111 10.14 -49.02 24.92
CA LEU H 111 10.59 -48.70 26.27
C LEU H 111 10.01 -49.65 27.32
N LYS H 112 8.78 -50.13 27.06
CA LYS H 112 8.17 -51.13 27.93
C LYS H 112 9.00 -52.40 27.90
N ALA H 113 9.43 -52.79 26.70
CA ALA H 113 10.24 -53.99 26.50
C ALA H 113 11.62 -53.85 27.14
N ARG H 114 12.07 -52.62 27.33
CA ARG H 114 13.38 -52.36 27.92
C ARG H 114 13.32 -52.31 29.45
N GLY H 115 12.12 -52.50 30.00
CA GLY H 115 11.96 -52.54 31.44
C GLY H 115 11.25 -51.37 32.10
N TYR H 116 10.71 -50.45 31.30
CA TYR H 116 10.07 -49.28 31.87
C TYR H 116 8.59 -49.51 32.12
N THR H 117 8.08 -48.88 33.17
CA THR H 117 6.67 -48.96 33.46
C THR H 117 5.98 -47.64 33.17
N PHE H 118 5.02 -47.66 32.25
CA PHE H 118 4.28 -46.45 31.96
C PHE H 118 3.10 -46.31 32.90
N VAL H 119 3.20 -45.37 33.84
CA VAL H 119 2.11 -45.14 34.78
C VAL H 119 1.00 -44.22 34.24
N SER H 120 1.17 -43.68 33.02
CA SER H 120 0.19 -42.74 32.46
C SER H 120 -0.18 -43.00 31.00
N GLU H 121 -1.28 -42.39 30.57
CA GLU H 121 -1.78 -42.56 29.20
C GLU H 121 -1.20 -41.55 28.22
N THR H 122 -0.33 -40.66 28.70
CA THR H 122 0.18 -39.60 27.83
C THR H 122 1.18 -40.09 26.81
N ASP H 123 1.36 -39.29 25.77
CA ASP H 123 2.43 -39.45 24.82
C ASP H 123 3.72 -38.88 25.41
N THR H 124 3.56 -37.88 26.27
CA THR H 124 4.68 -37.21 26.90
C THR H 124 5.62 -38.16 27.67
N GLU H 125 5.05 -39.13 28.37
CA GLU H 125 5.85 -40.01 29.23
C GLU H 125 7.01 -40.72 28.52
N VAL H 126 6.82 -41.12 27.26
CA VAL H 126 7.92 -41.80 26.56
C VAL H 126 9.16 -40.94 26.49
N ILE H 127 9.00 -39.62 26.56
CA ILE H 127 10.16 -38.75 26.54
C ILE H 127 10.96 -38.99 27.81
N ALA H 128 10.26 -38.93 28.94
CA ALA H 128 10.92 -39.08 30.25
C ALA H 128 11.75 -40.37 30.34
N HIS H 129 11.12 -41.49 29.98
CA HIS H 129 11.83 -42.77 29.97
C HIS H 129 12.93 -42.76 28.93
N LEU H 130 12.66 -42.16 27.76
CA LEU H 130 13.63 -42.25 26.68
C LEU H 130 14.93 -41.58 27.11
N VAL H 131 14.84 -40.31 27.46
CA VAL H 131 15.97 -39.61 28.04
C VAL H 131 16.60 -40.48 29.14
N ASN H 132 15.76 -41.02 30.02
CA ASN H 132 16.27 -41.84 31.10
C ASN H 132 17.13 -42.96 30.54
N TRP H 133 16.56 -43.72 29.61
CA TRP H 133 17.30 -44.77 28.91
C TRP H 133 18.60 -44.23 28.34
N GLU H 134 18.54 -43.10 27.66
CA GLU H 134 19.72 -42.57 26.99
C GLU H 134 20.77 -42.10 27.98
N LEU H 135 20.36 -41.85 29.21
CA LEU H 135 21.31 -41.41 30.21
C LEU H 135 21.90 -42.64 30.87
N LYS H 136 21.14 -43.73 30.86
CA LYS H 136 21.58 -44.99 31.44
C LYS H 136 22.92 -45.41 30.82
N GLN H 137 23.08 -45.09 29.54
CA GLN H 137 24.29 -45.47 28.81
C GLN H 137 25.46 -44.58 29.20
N GLY H 138 25.16 -43.42 29.77
CA GLY H 138 26.19 -42.50 30.24
C GLY H 138 26.18 -41.17 29.51
N GLY H 139 27.18 -40.35 29.79
CA GLY H 139 27.29 -39.03 29.19
C GLY H 139 26.65 -37.98 30.07
N THR H 140 26.61 -36.75 29.58
CA THR H 140 25.91 -35.68 30.28
C THR H 140 24.44 -35.63 29.87
N LEU H 141 23.63 -34.93 30.66
CA LEU H 141 22.21 -34.75 30.32
C LEU H 141 22.06 -34.20 28.90
N ARG H 142 22.95 -33.29 28.52
CA ARG H 142 22.92 -32.74 27.17
C ARG H 142 23.11 -33.81 26.09
N GLU H 143 24.11 -34.68 26.27
CA GLU H 143 24.38 -35.74 25.29
C GLU H 143 23.23 -36.75 25.20
N ALA H 144 22.71 -37.17 26.34
CA ALA H 144 21.53 -38.02 26.38
C ALA H 144 20.38 -37.37 25.60
N VAL H 145 20.13 -36.09 25.86
CA VAL H 145 19.06 -35.39 25.15
C VAL H 145 19.31 -35.37 23.64
N LEU H 146 20.54 -35.09 23.24
CA LEU H 146 20.86 -35.09 21.81
C LEU H 146 20.56 -36.46 21.18
N ARG H 147 20.92 -37.54 21.87
CA ARG H 147 20.58 -38.86 21.36
C ARG H 147 19.08 -39.12 21.29
N ALA H 148 18.33 -38.54 22.23
CA ALA H 148 16.89 -38.79 22.31
C ALA H 148 16.03 -37.99 21.31
N ILE H 149 16.34 -36.71 21.14
CA ILE H 149 15.53 -35.84 20.27
C ILE H 149 15.20 -36.46 18.91
N PRO H 150 16.21 -37.01 18.21
CA PRO H 150 16.00 -37.55 16.86
C PRO H 150 15.03 -38.72 16.82
N GLN H 151 14.84 -39.42 17.93
CA GLN H 151 13.92 -40.56 17.92
C GLN H 151 12.47 -40.14 18.02
N LEU H 152 12.26 -38.86 18.30
CA LEU H 152 10.92 -38.31 18.45
C LEU H 152 10.39 -37.83 17.11
N ARG H 153 9.11 -38.08 16.85
CA ARG H 153 8.45 -37.51 15.67
C ARG H 153 7.25 -36.67 16.08
N GLY H 154 7.21 -35.43 15.59
CA GLY H 154 6.07 -34.55 15.81
C GLY H 154 6.39 -33.17 16.37
N ALA H 155 5.60 -32.76 17.36
CA ALA H 155 5.72 -31.44 17.95
C ALA H 155 6.18 -31.52 19.41
N TYR H 156 7.25 -30.82 19.74
CA TYR H 156 7.69 -30.78 21.12
C TYR H 156 8.40 -29.49 21.45
N GLY H 157 7.89 -28.80 22.46
CA GLY H 157 8.68 -27.81 23.17
C GLY H 157 8.86 -28.48 24.50
N THR H 158 10.08 -28.86 24.85
CA THR H 158 10.22 -29.59 26.09
C THR H 158 11.36 -29.07 26.94
N VAL H 159 11.14 -29.03 28.25
CA VAL H 159 12.21 -28.73 29.20
C VAL H 159 12.38 -29.91 30.14
N ILE H 160 13.63 -30.19 30.46
CA ILE H 160 14.05 -31.46 31.01
C ILE H 160 15.11 -31.23 32.07
N MET H 161 14.92 -31.84 33.24
CA MET H 161 15.95 -31.76 34.28
C MET H 161 16.28 -33.11 34.93
N ASP H 162 17.48 -33.17 35.49
CA ASP H 162 17.96 -34.32 36.24
C ASP H 162 18.00 -33.90 37.69
N SER H 163 17.10 -34.45 38.50
CA SER H 163 17.09 -34.08 39.92
C SER H 163 18.40 -34.37 40.64
N ARG H 164 19.22 -35.30 40.11
CA ARG H 164 20.51 -35.63 40.73
C ARG H 164 21.56 -34.55 40.49
N HIS H 165 21.29 -33.65 39.54
CA HIS H 165 22.20 -32.58 39.19
C HIS H 165 21.39 -31.36 38.80
N PRO H 166 20.93 -30.60 39.82
CA PRO H 166 19.95 -29.53 39.66
C PRO H 166 20.54 -28.23 39.09
N ASP H 167 21.79 -28.24 38.66
CA ASP H 167 22.42 -26.99 38.24
C ASP H 167 22.28 -26.75 36.75
N THR H 168 21.58 -27.66 36.07
CA THR H 168 21.39 -27.60 34.62
C THR H 168 19.96 -27.97 34.16
N LEU H 169 19.44 -27.24 33.17
CA LEU H 169 18.23 -27.64 32.46
C LEU H 169 18.53 -27.82 30.96
N LEU H 170 17.80 -28.73 30.32
CA LEU H 170 17.88 -28.87 28.87
C LEU H 170 16.53 -28.53 28.24
N ALA H 171 16.54 -27.83 27.11
CA ALA H 171 15.28 -27.54 26.41
C ALA H 171 15.41 -27.81 24.92
N ALA H 172 14.34 -28.28 24.29
CA ALA H 172 14.35 -28.52 22.86
C ALA H 172 13.10 -27.97 22.22
N ARG H 173 13.28 -27.24 21.13
CA ARG H 173 12.15 -26.71 20.37
C ARG H 173 11.98 -27.34 18.97
N SER H 174 10.78 -27.84 18.70
CA SER H 174 10.44 -28.27 17.37
C SER H 174 8.93 -28.29 17.19
N GLY H 175 8.37 -27.16 16.74
CA GLY H 175 6.94 -27.08 16.49
C GLY H 175 6.18 -26.46 17.65
N SER H 176 6.91 -25.91 18.61
CA SER H 176 6.31 -25.21 19.73
C SER H 176 7.34 -24.27 20.38
N PRO H 177 6.95 -23.01 20.63
CA PRO H 177 7.87 -21.93 21.05
C PRO H 177 8.47 -22.13 22.45
N LEU H 178 9.71 -21.68 22.61
CA LEU H 178 10.37 -21.59 23.88
C LEU H 178 11.20 -20.31 23.86
N VAL H 179 11.28 -19.65 25.00
CA VAL H 179 12.06 -18.44 25.12
C VAL H 179 12.75 -18.38 26.47
N ILE H 180 14.00 -17.92 26.47
CA ILE H 180 14.81 -17.89 27.67
C ILE H 180 14.84 -16.49 28.26
N GLY H 181 14.69 -16.42 29.58
CA GLY H 181 14.77 -15.15 30.28
C GLY H 181 16.08 -15.05 31.04
N LEU H 182 16.84 -13.98 30.79
CA LEU H 182 18.12 -13.83 31.47
C LEU H 182 17.97 -12.94 32.69
N GLY H 183 18.42 -13.44 33.83
CA GLY H 183 18.41 -12.66 35.05
C GLY H 183 19.80 -12.31 35.55
N MET H 184 19.83 -11.79 36.77
CA MET H 184 21.06 -11.51 37.50
C MET H 184 21.48 -12.73 38.29
N GLY H 185 22.37 -13.55 37.74
CA GLY H 185 22.82 -14.71 38.48
C GLY H 185 21.76 -15.77 38.61
N GLU H 186 20.72 -15.65 37.78
CA GLU H 186 19.66 -16.66 37.67
C GLU H 186 19.18 -16.67 36.22
N ASN H 187 18.66 -17.80 35.76
CA ASN H 187 18.05 -17.86 34.41
C ASN H 187 16.70 -18.57 34.37
N PHE H 188 15.95 -18.32 33.30
CA PHE H 188 14.56 -18.78 33.19
C PHE H 188 14.21 -19.24 31.78
N ILE H 189 13.07 -19.90 31.65
CA ILE H 189 12.60 -20.29 30.34
C ILE H 189 11.10 -20.44 30.41
N ALA H 190 10.44 -20.35 29.25
CA ALA H 190 8.99 -20.38 29.21
C ALA H 190 8.56 -20.62 27.78
N SER H 191 7.35 -21.14 27.60
CA SER H 191 6.81 -21.27 26.26
C SER H 191 6.21 -19.94 25.82
N ASP H 192 6.15 -18.98 26.72
CA ASP H 192 5.45 -17.72 26.47
C ASP H 192 6.06 -16.61 27.31
N GLN H 193 6.61 -15.60 26.64
CA GLN H 193 7.38 -14.58 27.34
C GLN H 193 6.59 -13.87 28.43
N LEU H 194 5.26 -13.90 28.34
CA LEU H 194 4.44 -13.20 29.32
C LEU H 194 4.68 -13.77 30.73
N ALA H 195 5.13 -15.02 30.78
CA ALA H 195 5.36 -15.69 32.05
C ALA H 195 6.64 -15.20 32.73
N LEU H 196 7.60 -14.73 31.93
CA LEU H 196 8.89 -14.29 32.48
C LEU H 196 8.90 -12.82 32.90
N LEU H 197 7.86 -12.07 32.56
CA LEU H 197 7.83 -10.63 32.81
C LEU H 197 8.10 -10.23 34.28
N PRO H 198 7.57 -11.00 35.24
CA PRO H 198 7.79 -10.64 36.65
C PRO H 198 9.26 -10.68 37.08
N VAL H 199 10.11 -11.40 36.35
CA VAL H 199 11.50 -11.51 36.77
C VAL H 199 12.56 -11.00 35.79
N THR H 200 12.21 -10.81 34.52
CA THR H 200 13.16 -10.27 33.54
C THR H 200 12.48 -9.73 32.28
N ARG H 201 13.21 -8.90 31.52
CA ARG H 201 12.71 -8.46 30.23
C ARG H 201 13.70 -8.81 29.14
N ARG H 202 14.75 -9.55 29.49
CA ARG H 202 15.77 -9.92 28.52
C ARG H 202 15.56 -11.34 28.04
N PHE H 203 15.37 -11.49 26.74
CA PHE H 203 15.00 -12.78 26.18
C PHE H 203 15.92 -13.25 25.09
N ILE H 204 16.04 -14.57 24.98
CA ILE H 204 16.60 -15.21 23.81
C ILE H 204 15.55 -16.19 23.30
N PHE H 205 14.98 -15.89 22.14
CA PHE H 205 14.02 -16.80 21.54
C PHE H 205 14.74 -18.00 20.91
N LEU H 206 14.35 -19.20 21.33
CA LEU H 206 14.83 -20.41 20.67
C LEU H 206 14.13 -20.54 19.32
N GLU H 207 14.87 -20.97 18.31
CA GLU H 207 14.27 -21.10 17.00
C GLU H 207 14.06 -22.57 16.70
N GLU H 208 13.35 -22.83 15.61
CA GLU H 208 13.02 -24.18 15.23
C GLU H 208 14.29 -25.02 15.20
N GLY H 209 14.23 -26.19 15.83
CA GLY H 209 15.35 -27.11 15.81
C GLY H 209 16.38 -26.88 16.90
N ASP H 210 16.25 -25.77 17.64
CA ASP H 210 17.24 -25.47 18.68
C ASP H 210 17.16 -26.40 19.89
N ILE H 211 18.28 -26.47 20.60
CA ILE H 211 18.44 -27.24 21.82
C ILE H 211 19.35 -26.44 22.74
N ALA H 212 18.89 -26.17 23.96
CA ALA H 212 19.64 -25.31 24.87
C ALA H 212 19.96 -25.98 26.20
N GLU H 213 21.12 -25.63 26.72
CA GLU H 213 21.58 -26.08 28.02
C GLU H 213 21.70 -24.83 28.87
N ILE H 214 20.90 -24.76 29.93
CA ILE H 214 20.80 -23.57 30.77
C ILE H 214 21.27 -23.82 32.21
N THR H 215 22.14 -22.95 32.70
CA THR H 215 22.51 -22.95 34.10
C THR H 215 22.19 -21.58 34.67
N ARG H 216 22.45 -21.40 35.95
CA ARG H 216 22.29 -20.12 36.62
C ARG H 216 22.99 -19.01 35.86
N ARG H 217 24.13 -19.35 35.24
CA ARG H 217 25.03 -18.32 34.70
C ARG H 217 25.45 -18.54 33.26
N SER H 218 25.01 -19.65 32.68
CA SER H 218 25.34 -19.92 31.27
C SER H 218 24.11 -20.26 30.44
N VAL H 219 24.16 -19.89 29.16
CA VAL H 219 23.22 -20.43 28.19
C VAL H 219 24.01 -20.90 26.98
N ASN H 220 23.84 -22.16 26.61
CA ASN H 220 24.48 -22.67 25.41
C ASN H 220 23.48 -23.30 24.47
N ILE H 221 23.32 -22.72 23.28
CA ILE H 221 22.36 -23.20 22.32
C ILE H 221 23.06 -23.93 21.18
N PHE H 222 22.34 -24.82 20.50
CA PHE H 222 22.94 -25.59 19.40
C PHE H 222 21.90 -26.43 18.68
N ASP H 223 22.26 -26.99 17.53
CA ASP H 223 21.34 -27.79 16.75
C ASP H 223 21.51 -29.29 17.03
N LYS H 224 20.71 -30.10 16.34
CA LYS H 224 20.64 -31.53 16.63
C LYS H 224 21.99 -32.21 16.45
N THR H 225 22.93 -31.52 15.83
CA THR H 225 24.24 -32.07 15.56
C THR H 225 25.26 -31.72 16.65
N GLY H 226 24.79 -31.04 17.69
CA GLY H 226 25.67 -30.63 18.76
C GLY H 226 26.44 -29.37 18.39
N ALA H 227 26.24 -28.92 17.16
CA ALA H 227 26.92 -27.73 16.67
C ALA H 227 26.37 -26.46 17.30
N GLU H 228 27.19 -25.81 18.12
CA GLU H 228 26.79 -24.57 18.79
C GLU H 228 26.30 -23.54 17.77
N VAL H 229 25.06 -23.09 17.94
CA VAL H 229 24.48 -22.03 17.13
C VAL H 229 24.25 -20.82 18.02
N LYS H 230 24.28 -19.62 17.44
CA LYS H 230 24.13 -18.44 18.28
C LYS H 230 22.86 -17.65 18.03
N ARG H 231 22.27 -17.18 19.12
CA ARG H 231 21.05 -16.39 19.08
C ARG H 231 21.28 -15.11 19.87
N GLN H 232 20.64 -14.03 19.44
CA GLN H 232 20.85 -12.74 20.06
C GLN H 232 19.90 -12.52 21.23
N ASP H 233 20.43 -12.12 22.38
CA ASP H 233 19.56 -11.73 23.47
C ASP H 233 19.12 -10.31 23.17
N ILE H 234 17.84 -10.02 23.35
CA ILE H 234 17.41 -8.66 23.17
C ILE H 234 16.49 -8.16 24.27
N GLU H 235 16.85 -7.01 24.81
CA GLU H 235 15.98 -6.30 25.71
C GLU H 235 14.61 -6.20 25.06
N SER H 236 13.56 -6.34 25.87
CA SER H 236 12.21 -6.22 25.38
C SER H 236 11.76 -4.81 25.67
N ASN H 237 11.89 -3.93 24.68
CA ASN H 237 11.44 -2.56 24.83
C ASN H 237 9.94 -2.42 24.55
N LEU H 238 9.19 -3.50 24.83
CA LEU H 238 7.75 -3.53 24.61
C LEU H 238 6.95 -3.00 25.81
N GLN H 239 5.85 -2.33 25.52
CA GLN H 239 4.90 -1.90 26.55
C GLN H 239 3.76 -2.91 26.61
N TYR H 240 3.85 -3.83 27.56
CA TYR H 240 2.87 -4.91 27.69
C TYR H 240 1.55 -4.41 28.28
N ASP H 241 1.61 -3.24 28.91
CA ASP H 241 0.43 -2.66 29.55
C ASP H 241 -0.22 -1.56 28.71
N ALA H 242 0.16 -1.48 27.44
CA ALA H 242 -0.26 -0.37 26.58
C ALA H 242 -1.70 -0.46 26.08
N GLY H 243 -2.07 -1.57 25.43
CA GLY H 243 -3.43 -1.74 24.94
C GLY H 243 -3.78 -3.20 24.66
N ASP H 244 -4.77 -3.44 23.79
CA ASP H 244 -5.22 -4.82 23.59
C ASP H 244 -4.51 -5.62 22.49
N LYS H 245 -3.54 -5.02 21.81
CA LYS H 245 -2.73 -5.76 20.86
C LYS H 245 -1.73 -6.68 21.58
N GLY H 246 -1.62 -6.51 22.89
CA GLY H 246 -0.62 -7.23 23.66
C GLY H 246 0.78 -7.09 23.07
N ILE H 247 1.40 -8.24 22.79
CA ILE H 247 2.78 -8.26 22.32
C ILE H 247 2.88 -8.10 20.82
N TYR H 248 1.74 -8.08 20.13
CA TYR H 248 1.72 -8.09 18.66
C TYR H 248 1.77 -6.70 18.01
N ARG H 249 2.24 -6.65 16.78
CA ARG H 249 2.25 -5.41 15.99
C ARG H 249 0.86 -5.07 15.40
N HIS H 250 0.06 -6.08 15.11
CA HIS H 250 -1.23 -5.86 14.45
C HIS H 250 -2.31 -6.73 15.04
N TYR H 251 -3.54 -6.24 15.04
CA TYR H 251 -4.68 -7.05 15.44
C TYR H 251 -4.75 -8.33 14.64
N MET H 252 -4.48 -8.25 13.34
CA MET H 252 -4.65 -9.43 12.49
C MET H 252 -3.56 -10.44 12.84
N GLN H 253 -2.39 -9.95 13.18
CA GLN H 253 -1.29 -10.81 13.58
C GLN H 253 -1.63 -11.55 14.87
N LYS H 254 -2.07 -10.78 15.86
CA LYS H 254 -2.52 -11.37 17.12
C LYS H 254 -3.63 -12.41 16.89
N GLU H 255 -4.57 -12.09 15.99
CA GLU H 255 -5.67 -13.00 15.71
C GLU H 255 -5.18 -14.23 14.96
N ILE H 256 -4.09 -14.11 14.21
CA ILE H 256 -3.52 -15.31 13.61
C ILE H 256 -2.86 -16.20 14.68
N TYR H 257 -2.00 -15.60 15.49
CA TYR H 257 -1.30 -16.33 16.54
C TYR H 257 -2.20 -16.84 17.69
N GLU H 258 -3.37 -16.23 17.86
CA GLU H 258 -4.32 -16.62 18.91
C GLU H 258 -5.12 -17.86 18.52
N GLN H 259 -4.91 -18.34 17.30
CA GLN H 259 -5.78 -19.37 16.75
C GLN H 259 -5.88 -20.69 17.56
N PRO H 260 -4.76 -21.19 18.10
CA PRO H 260 -4.83 -22.38 18.97
C PRO H 260 -5.78 -22.20 20.18
N ASN H 261 -5.70 -21.06 20.84
CA ASN H 261 -6.55 -20.83 22.00
C ASN H 261 -8.01 -20.58 21.63
N ALA H 262 -8.23 -19.89 20.52
CA ALA H 262 -9.57 -19.64 20.01
C ALA H 262 -10.21 -20.98 19.71
N ILE H 263 -9.40 -21.85 19.15
CA ILE H 263 -9.90 -23.17 18.83
C ILE H 263 -10.22 -23.95 20.12
N LYS H 264 -9.33 -23.93 21.10
CA LYS H 264 -9.65 -24.58 22.39
C LYS H 264 -10.98 -24.05 22.93
N ASN H 265 -11.18 -22.74 22.89
CA ASN H 265 -12.47 -22.15 23.26
C ASN H 265 -13.66 -22.65 22.42
N THR H 266 -13.44 -22.94 21.15
CA THR H 266 -14.53 -23.48 20.32
C THR H 266 -14.85 -24.90 20.77
N LEU H 267 -13.84 -25.60 21.24
CA LEU H 267 -13.99 -27.00 21.64
C LEU H 267 -14.54 -27.18 23.05
N THR H 268 -14.53 -26.12 23.83
CA THR H 268 -14.87 -26.23 25.23
C THR H 268 -16.29 -26.74 25.46
N GLY H 269 -16.40 -27.94 26.01
CA GLY H 269 -17.67 -28.49 26.43
C GLY H 269 -18.37 -29.24 25.32
N ARG H 270 -17.64 -29.55 24.27
CA ARG H 270 -18.23 -30.17 23.09
C ARG H 270 -17.55 -31.48 22.75
N ILE H 271 -16.61 -31.89 23.59
CA ILE H 271 -16.14 -33.25 23.56
C ILE H 271 -16.44 -33.93 24.89
N SER H 272 -17.20 -35.02 24.84
CA SER H 272 -17.49 -35.81 26.04
C SER H 272 -17.34 -37.28 25.72
N HIS H 273 -16.43 -37.94 26.45
CA HIS H 273 -16.25 -39.37 26.30
C HIS H 273 -15.95 -39.75 24.85
N GLY H 274 -15.01 -39.02 24.24
CA GLY H 274 -14.53 -39.32 22.91
C GLY H 274 -15.57 -39.10 21.82
N GLN H 275 -16.55 -38.27 22.12
CA GLN H 275 -17.64 -38.04 21.18
C GLN H 275 -18.02 -36.57 21.16
N VAL H 276 -18.55 -36.12 20.04
CA VAL H 276 -18.99 -34.72 19.92
C VAL H 276 -20.25 -34.51 20.74
N ASP H 277 -20.21 -33.50 21.60
CA ASP H 277 -21.32 -33.20 22.50
C ASP H 277 -21.97 -31.86 22.13
N LEU H 278 -23.09 -31.88 21.43
CA LEU H 278 -23.75 -30.64 21.05
C LEU H 278 -25.07 -30.46 21.81
N SER H 279 -25.11 -31.00 23.02
CA SER H 279 -26.30 -30.94 23.86
C SER H 279 -26.72 -29.49 24.11
N GLU H 280 -25.75 -28.58 24.10
CA GLU H 280 -26.06 -27.16 24.31
C GLU H 280 -27.22 -26.71 23.46
N LEU H 281 -27.50 -27.44 22.39
CA LEU H 281 -28.54 -27.06 21.43
C LEU H 281 -29.95 -27.25 21.96
N GLY H 282 -30.08 -28.01 23.04
CA GLY H 282 -31.38 -28.28 23.62
C GLY H 282 -31.67 -29.76 23.67
N PRO H 283 -32.64 -30.15 24.50
CA PRO H 283 -33.00 -31.55 24.73
C PRO H 283 -33.60 -32.18 23.48
N ASN H 284 -34.35 -31.39 22.72
CA ASN H 284 -35.04 -31.88 21.53
C ASN H 284 -34.30 -31.51 20.26
N ALA H 285 -32.98 -31.34 20.36
CA ALA H 285 -32.16 -30.97 19.22
C ALA H 285 -32.01 -32.12 18.24
N ASP H 286 -31.49 -33.24 18.75
CA ASP H 286 -31.35 -34.44 17.95
C ASP H 286 -32.69 -34.76 17.26
N GLU H 287 -33.78 -34.29 17.87
CA GLU H 287 -35.10 -34.48 17.29
C GLU H 287 -35.20 -33.79 15.92
N LEU H 288 -34.92 -32.48 15.88
CA LEU H 288 -34.94 -31.77 14.60
C LEU H 288 -33.85 -32.27 13.65
N LEU H 289 -32.64 -32.43 14.18
CA LEU H 289 -31.51 -32.78 13.32
C LEU H 289 -31.63 -34.17 12.66
N SER H 290 -32.30 -35.09 13.33
CA SER H 290 -32.48 -36.44 12.79
C SER H 290 -33.29 -36.40 11.52
N LYS H 291 -34.13 -35.37 11.40
CA LYS H 291 -35.04 -35.25 10.28
C LYS H 291 -34.38 -34.67 9.02
N VAL H 292 -33.18 -34.11 9.19
CA VAL H 292 -32.50 -33.40 8.11
C VAL H 292 -31.97 -34.34 7.02
N GLU H 293 -32.34 -34.07 5.77
CA GLU H 293 -31.86 -34.89 4.66
C GLU H 293 -30.93 -34.11 3.74
N HIS H 294 -30.78 -32.82 4.01
CA HIS H 294 -30.08 -31.94 3.10
C HIS H 294 -29.67 -30.66 3.83
N ILE H 295 -28.46 -30.20 3.55
CA ILE H 295 -27.97 -28.98 4.14
C ILE H 295 -27.80 -27.89 3.08
N GLN H 296 -28.29 -26.70 3.39
CA GLN H 296 -28.03 -25.51 2.58
C GLN H 296 -27.23 -24.53 3.41
N ILE H 297 -26.08 -24.09 2.89
CA ILE H 297 -25.32 -23.05 3.57
C ILE H 297 -25.34 -21.73 2.80
N LEU H 298 -25.55 -20.61 3.51
CA LEU H 298 -25.45 -19.27 2.92
C LEU H 298 -24.41 -18.47 3.66
N ALA H 299 -23.60 -17.69 2.94
CA ALA H 299 -22.59 -16.83 3.56
C ALA H 299 -21.98 -15.86 2.55
N CYS H 300 -21.24 -14.88 3.05
CA CYS H 300 -20.43 -13.99 2.18
C CYS H 300 -18.94 -14.08 2.53
N GLY H 301 -18.09 -13.76 1.57
CA GLY H 301 -16.66 -13.71 1.78
C GLY H 301 -16.03 -14.95 2.39
N THR H 302 -15.19 -14.71 3.40
CA THR H 302 -14.42 -15.76 4.05
C THR H 302 -15.32 -16.83 4.64
N SER H 303 -16.46 -16.40 5.19
CA SER H 303 -17.47 -17.34 5.71
C SER H 303 -17.97 -18.26 4.62
N TYR H 304 -18.12 -17.70 3.42
CA TYR H 304 -18.48 -18.54 2.28
C TYR H 304 -17.38 -19.56 2.05
N ASN H 305 -16.14 -19.11 2.16
CA ASN H 305 -15.03 -20.08 2.06
C ASN H 305 -15.07 -21.25 3.06
N SER H 306 -15.28 -20.97 4.35
CA SER H 306 -15.41 -22.09 5.30
C SER H 306 -16.58 -23.01 4.92
N GLY H 307 -17.74 -22.41 4.65
CA GLY H 307 -18.86 -23.23 4.19
C GLY H 307 -18.41 -24.17 3.09
N MET H 308 -17.67 -23.60 2.15
CA MET H 308 -17.20 -24.36 0.99
C MET H 308 -16.32 -25.52 1.39
N VAL H 309 -15.47 -25.33 2.39
CA VAL H 309 -14.71 -26.48 2.88
C VAL H 309 -15.70 -27.54 3.40
N SER H 310 -16.64 -27.10 4.22
CA SER H 310 -17.50 -28.04 4.91
C SER H 310 -18.30 -28.92 3.96
N ARG H 311 -18.73 -28.37 2.84
CA ARG H 311 -19.42 -29.20 1.85
C ARG H 311 -18.76 -30.57 1.61
N TYR H 312 -17.45 -30.55 1.36
CA TYR H 312 -16.68 -31.77 1.16
C TYR H 312 -16.79 -32.74 2.36
N TRP H 313 -16.68 -32.18 3.55
CA TRP H 313 -16.78 -32.96 4.78
C TRP H 313 -18.14 -33.61 4.91
N PHE H 314 -19.19 -32.81 4.82
CA PHE H 314 -20.53 -33.30 5.00
C PHE H 314 -20.77 -34.44 4.03
N GLU H 315 -20.45 -34.22 2.77
CA GLU H 315 -20.77 -35.27 1.81
C GLU H 315 -19.90 -36.53 1.93
N SER H 316 -18.61 -36.39 2.24
CA SER H 316 -17.73 -37.56 2.23
C SER H 316 -17.78 -38.36 3.54
N LEU H 317 -17.83 -37.66 4.67
CA LEU H 317 -17.79 -38.25 5.99
C LEU H 317 -19.16 -38.44 6.62
N ALA H 318 -20.14 -37.61 6.25
CA ALA H 318 -21.48 -37.79 6.82
C ALA H 318 -22.48 -38.26 5.76
N GLY H 319 -22.08 -38.20 4.50
CA GLY H 319 -22.97 -38.62 3.43
C GLY H 319 -24.32 -37.94 3.35
N ILE H 320 -24.43 -36.71 3.85
CA ILE H 320 -25.60 -35.86 3.58
C ILE H 320 -25.29 -34.91 2.43
N PRO H 321 -26.22 -34.81 1.48
CA PRO H 321 -26.18 -33.73 0.48
C PRO H 321 -25.92 -32.39 1.14
N CYS H 322 -25.00 -31.59 0.60
CA CYS H 322 -24.74 -30.24 1.09
C CYS H 322 -24.56 -29.23 -0.06
N ASP H 323 -25.25 -28.10 0.02
CA ASP H 323 -25.10 -27.03 -0.97
C ASP H 323 -24.64 -25.76 -0.26
N VAL H 324 -23.71 -25.04 -0.88
CA VAL H 324 -23.16 -23.81 -0.32
C VAL H 324 -23.32 -22.71 -1.37
N GLU H 325 -23.80 -21.54 -0.96
CA GLU H 325 -24.07 -20.50 -1.94
C GLU H 325 -23.77 -19.11 -1.42
N ILE H 326 -23.17 -18.28 -2.28
CA ILE H 326 -22.98 -16.87 -1.98
C ILE H 326 -24.34 -16.29 -1.57
N ALA H 327 -24.40 -15.61 -0.45
CA ALA H 327 -25.69 -15.16 0.03
C ALA H 327 -26.48 -14.25 -0.94
N SER H 328 -25.80 -13.29 -1.57
CA SER H 328 -26.50 -12.37 -2.46
C SER H 328 -27.07 -13.07 -3.69
N GLU H 329 -26.42 -14.15 -4.10
CA GLU H 329 -26.96 -14.93 -5.21
C GLU H 329 -28.28 -15.59 -4.81
N PHE H 330 -28.32 -16.14 -3.59
CA PHE H 330 -29.51 -16.81 -3.07
C PHE H 330 -30.65 -15.82 -2.91
N ARG H 331 -30.37 -14.68 -2.30
CA ARG H 331 -31.46 -13.76 -2.02
C ARG H 331 -32.18 -13.24 -3.26
N TYR H 332 -31.54 -13.23 -4.43
CA TYR H 332 -32.14 -12.58 -5.59
C TYR H 332 -32.69 -13.51 -6.67
N ARG H 333 -32.67 -14.81 -6.41
CA ARG H 333 -33.15 -15.77 -7.39
C ARG H 333 -34.27 -16.63 -6.80
N LYS H 334 -35.09 -17.23 -7.66
CA LYS H 334 -36.15 -18.09 -7.17
C LYS H 334 -35.57 -19.48 -7.16
N SER H 335 -35.41 -20.06 -5.98
CA SER H 335 -34.76 -21.37 -5.86
C SER H 335 -35.72 -22.54 -5.66
N ALA H 336 -35.18 -23.74 -5.81
CA ALA H 336 -35.97 -24.93 -5.59
C ALA H 336 -35.43 -25.64 -4.35
N VAL H 337 -36.19 -25.57 -3.27
CA VAL H 337 -35.77 -26.12 -2.00
C VAL H 337 -35.77 -27.65 -2.00
N ARG H 338 -34.71 -28.23 -1.46
CA ARG H 338 -34.64 -29.67 -1.28
C ARG H 338 -35.53 -30.10 -0.09
N ARG H 339 -35.97 -31.36 -0.10
CA ARG H 339 -36.81 -31.87 0.99
C ARG H 339 -36.01 -31.99 2.29
N ASN H 340 -36.65 -31.64 3.40
CA ASN H 340 -36.06 -31.78 4.73
C ASN H 340 -34.70 -31.13 4.82
N SER H 341 -34.68 -29.86 4.41
CA SER H 341 -33.45 -29.12 4.26
C SER H 341 -33.22 -28.24 5.48
N LEU H 342 -31.99 -28.27 5.97
CA LEU H 342 -31.53 -27.43 7.07
C LEU H 342 -30.82 -26.20 6.52
N MET H 343 -31.22 -25.03 6.99
CA MET H 343 -30.61 -23.81 6.49
C MET H 343 -29.52 -23.39 7.45
N ILE H 344 -28.27 -23.34 7.01
CA ILE H 344 -27.20 -22.86 7.88
C ILE H 344 -26.59 -21.56 7.37
N THR H 345 -26.49 -20.57 8.23
CA THR H 345 -25.74 -19.36 7.87
C THR H 345 -24.43 -19.33 8.64
N LEU H 346 -23.36 -18.91 7.96
CA LEU H 346 -22.07 -18.69 8.60
C LEU H 346 -21.79 -17.19 8.57
N SER H 347 -21.38 -16.63 9.69
CA SER H 347 -21.05 -15.21 9.71
C SER H 347 -20.27 -14.90 10.97
N GLN H 348 -19.16 -14.19 10.82
CA GLN H 348 -18.42 -13.74 11.99
C GLN H 348 -19.28 -12.73 12.79
N SER H 349 -19.77 -11.72 12.10
CA SER H 349 -20.42 -10.57 12.71
C SER H 349 -21.89 -10.80 13.10
N GLY H 350 -22.53 -11.78 12.47
CA GLY H 350 -23.96 -12.01 12.62
C GLY H 350 -24.85 -10.92 12.03
N GLU H 351 -24.26 -9.91 11.40
CA GLU H 351 -25.00 -8.74 10.93
C GLU H 351 -24.93 -8.48 9.41
N THR H 352 -24.20 -9.29 8.66
CA THR H 352 -24.02 -9.06 7.21
C THR H 352 -25.36 -9.05 6.46
N ALA H 353 -25.63 -7.94 5.76
CA ALA H 353 -26.95 -7.71 5.17
C ALA H 353 -27.42 -8.79 4.18
N ASP H 354 -26.58 -9.18 3.22
CA ASP H 354 -26.96 -10.27 2.30
C ASP H 354 -27.31 -11.57 3.03
N THR H 355 -26.46 -11.96 3.99
CA THR H 355 -26.68 -13.22 4.71
C THR H 355 -27.97 -13.18 5.54
N LEU H 356 -28.14 -12.10 6.28
CA LEU H 356 -29.36 -11.85 7.04
C LEU H 356 -30.59 -11.94 6.11
N ALA H 357 -30.54 -11.25 4.98
CA ALA H 357 -31.66 -11.28 4.04
C ALA H 357 -31.92 -12.72 3.57
N GLY H 358 -30.83 -13.47 3.39
CA GLY H 358 -30.93 -14.85 2.96
C GLY H 358 -31.74 -15.65 3.94
N LEU H 359 -31.36 -15.56 5.21
CA LEU H 359 -32.08 -16.26 6.27
C LEU H 359 -33.56 -15.87 6.28
N ARG H 360 -33.80 -14.57 6.32
CA ARG H 360 -35.16 -14.05 6.40
C ARG H 360 -36.05 -14.58 5.27
N LEU H 361 -35.53 -14.51 4.05
CA LEU H 361 -36.21 -15.09 2.91
C LEU H 361 -36.45 -16.58 3.13
N SER H 362 -35.46 -17.28 3.70
CA SER H 362 -35.61 -18.71 3.86
C SER H 362 -36.78 -19.01 4.79
N LYS H 363 -37.06 -18.11 5.72
CA LYS H 363 -38.22 -18.26 6.59
C LYS H 363 -39.50 -18.65 5.83
N GLU H 364 -39.69 -18.12 4.62
CA GLU H 364 -40.92 -18.36 3.87
C GLU H 364 -40.80 -19.39 2.74
N LEU H 365 -39.76 -20.22 2.77
CA LEU H 365 -39.53 -21.15 1.66
C LEU H 365 -39.66 -22.66 1.99
N GLY H 366 -39.98 -22.99 3.23
CA GLY H 366 -40.13 -24.40 3.57
C GLY H 366 -38.87 -25.14 3.98
N TYR H 367 -37.99 -24.50 4.73
CA TYR H 367 -36.86 -25.21 5.30
C TYR H 367 -37.31 -25.83 6.63
N LEU H 368 -36.70 -26.94 7.04
CA LEU H 368 -37.01 -27.53 8.33
C LEU H 368 -36.76 -26.52 9.43
N GLY H 369 -35.77 -25.66 9.20
CA GLY H 369 -35.34 -24.70 10.21
C GLY H 369 -33.94 -24.15 9.94
N SER H 370 -33.49 -23.26 10.80
CA SER H 370 -32.22 -22.58 10.56
C SER H 370 -31.24 -22.77 11.71
N LEU H 371 -29.96 -22.94 11.38
CA LEU H 371 -28.86 -22.94 12.35
C LEU H 371 -27.85 -21.87 12.00
N ALA H 372 -27.52 -21.05 12.99
CA ALA H 372 -26.57 -19.96 12.81
C ALA H 372 -25.22 -20.33 13.43
N ILE H 373 -24.17 -20.30 12.62
CA ILE H 373 -22.82 -20.35 13.14
C ILE H 373 -22.23 -18.94 13.14
N CYS H 374 -21.99 -18.44 14.35
CA CYS H 374 -21.65 -17.02 14.49
C CYS H 374 -20.60 -16.74 15.58
N ASN H 375 -19.96 -15.59 15.51
CA ASN H 375 -18.94 -15.25 16.51
C ASN H 375 -19.33 -14.12 17.45
N VAL H 376 -20.46 -13.49 17.18
CA VAL H 376 -20.93 -12.41 18.03
C VAL H 376 -22.29 -12.76 18.64
N PRO H 377 -22.34 -12.94 19.97
CA PRO H 377 -23.60 -13.30 20.62
C PRO H 377 -24.55 -12.11 20.59
N GLY H 378 -25.83 -12.39 20.41
CA GLY H 378 -26.83 -11.34 20.39
C GLY H 378 -27.03 -10.66 19.04
N SER H 379 -26.35 -11.18 18.01
CA SER H 379 -26.45 -10.60 16.67
C SER H 379 -27.71 -11.07 15.93
N SER H 380 -28.13 -10.29 14.95
CA SER H 380 -29.37 -10.59 14.27
C SER H 380 -29.43 -12.03 13.82
N LEU H 381 -28.36 -12.51 13.19
CA LEU H 381 -28.38 -13.88 12.68
C LEU H 381 -28.60 -14.92 13.80
N VAL H 382 -27.98 -14.69 14.95
CA VAL H 382 -28.18 -15.61 16.07
C VAL H 382 -29.60 -15.54 16.60
N ARG H 383 -30.08 -14.34 16.90
CA ARG H 383 -31.43 -14.12 17.39
C ARG H 383 -32.52 -14.74 16.50
N GLU H 384 -32.37 -14.55 15.18
CA GLU H 384 -33.42 -14.93 14.24
C GLU H 384 -33.36 -16.37 13.76
N SER H 385 -32.36 -17.13 14.22
CA SER H 385 -32.28 -18.55 13.87
C SER H 385 -32.92 -19.44 14.93
N ASP H 386 -33.32 -20.66 14.54
CA ASP H 386 -33.80 -21.66 15.49
C ASP H 386 -32.71 -22.12 16.45
N LEU H 387 -31.61 -22.61 15.90
CA LEU H 387 -30.48 -23.04 16.68
C LEU H 387 -29.26 -22.18 16.38
N ALA H 388 -28.34 -22.09 17.32
CA ALA H 388 -27.12 -21.30 17.14
C ALA H 388 -25.92 -21.99 17.81
N LEU H 389 -24.78 -21.99 17.12
CA LEU H 389 -23.50 -22.39 17.68
C LEU H 389 -22.52 -21.22 17.55
N MET H 390 -22.03 -20.77 18.70
CA MET H 390 -21.08 -19.68 18.71
C MET H 390 -19.68 -20.26 18.59
N THR H 391 -18.82 -19.55 17.89
CA THR H 391 -17.46 -20.01 17.66
C THR H 391 -16.55 -19.70 18.84
N ASN H 392 -16.96 -18.75 19.66
CA ASN H 392 -16.21 -18.44 20.88
C ASN H 392 -14.77 -18.02 20.61
N ALA H 393 -14.50 -17.41 19.46
CA ALA H 393 -13.13 -17.07 19.11
C ALA H 393 -12.61 -15.80 19.80
N GLY H 394 -13.47 -15.13 20.54
CA GLY H 394 -13.16 -13.80 21.06
C GLY H 394 -13.30 -12.77 19.94
N THR H 395 -13.38 -11.50 20.32
CA THR H 395 -13.59 -10.45 19.33
C THR H 395 -12.47 -10.42 18.32
N GLU H 396 -12.83 -10.13 17.07
CA GLU H 396 -11.89 -10.06 15.97
C GLU H 396 -11.89 -8.63 15.39
N ILE H 397 -10.74 -7.97 15.44
CA ILE H 397 -10.69 -6.55 15.12
C ILE H 397 -10.19 -6.32 13.71
N GLY H 398 -9.22 -7.12 13.29
CA GLY H 398 -8.75 -7.10 11.92
C GLY H 398 -9.92 -7.17 10.95
N VAL H 399 -9.88 -6.35 9.90
CA VAL H 399 -10.93 -6.35 8.89
C VAL H 399 -10.95 -7.67 8.13
N ALA H 400 -9.77 -8.23 7.88
CA ALA H 400 -9.70 -9.56 7.29
C ALA H 400 -9.90 -10.60 8.39
N SER H 401 -10.69 -11.62 8.12
CA SER H 401 -10.97 -12.65 9.10
C SER H 401 -9.93 -13.78 9.12
N THR H 402 -9.49 -14.16 10.32
CA THR H 402 -8.55 -15.25 10.48
C THR H 402 -9.07 -16.31 11.47
N LYS H 403 -8.94 -16.06 12.76
CA LYS H 403 -9.47 -16.98 13.77
C LYS H 403 -10.97 -17.27 13.61
N ALA H 404 -11.73 -16.28 13.12
CA ALA H 404 -13.16 -16.50 12.83
C ALA H 404 -13.37 -17.64 11.80
N PHE H 405 -12.48 -17.68 10.82
CA PHE H 405 -12.51 -18.68 9.76
C PHE H 405 -12.18 -20.07 10.31
N THR H 406 -11.04 -20.20 10.98
CA THR H 406 -10.63 -21.50 11.50
C THR H 406 -11.58 -22.05 12.59
N THR H 407 -12.06 -21.17 13.48
CA THR H 407 -13.07 -21.60 14.45
C THR H 407 -14.39 -22.04 13.78
N GLN H 408 -14.84 -21.28 12.77
CA GLN H 408 -15.98 -21.72 11.92
C GLN H 408 -15.75 -23.14 11.39
N LEU H 409 -14.57 -23.38 10.83
CA LEU H 409 -14.26 -24.71 10.31
C LEU H 409 -14.37 -25.76 11.43
N THR H 410 -13.97 -25.37 12.63
CA THR H 410 -14.01 -26.29 13.76
C THR H 410 -15.48 -26.69 14.09
N VAL H 411 -16.33 -25.68 14.20
CA VAL H 411 -17.75 -25.97 14.40
C VAL H 411 -18.35 -26.85 13.27
N LEU H 412 -17.99 -26.53 12.04
CA LEU H 412 -18.55 -27.27 10.91
C LEU H 412 -18.11 -28.72 10.94
N LEU H 413 -16.85 -28.95 11.33
CA LEU H 413 -16.37 -30.31 11.46
C LEU H 413 -17.08 -31.05 12.61
N MET H 414 -17.37 -30.38 13.72
CA MET H 414 -18.16 -31.02 14.78
C MET H 414 -19.59 -31.39 14.33
N LEU H 415 -20.21 -30.58 13.47
CA LEU H 415 -21.55 -30.91 12.94
C LEU H 415 -21.58 -32.26 12.18
N VAL H 416 -20.44 -32.64 11.63
CA VAL H 416 -20.39 -33.82 10.76
C VAL H 416 -20.83 -35.09 11.50
N ALA H 417 -20.20 -35.36 12.65
CA ALA H 417 -20.64 -36.46 13.48
C ALA H 417 -22.16 -36.36 13.82
N LYS H 418 -22.59 -35.22 14.35
CA LYS H 418 -23.98 -35.11 14.79
C LYS H 418 -24.99 -35.09 13.64
N LEU H 419 -24.53 -35.15 12.39
CA LEU H 419 -25.46 -35.12 11.25
C LEU H 419 -25.28 -36.28 10.29
N SER H 420 -24.74 -37.38 10.80
CA SER H 420 -24.33 -38.51 9.99
C SER H 420 -25.49 -39.28 9.35
N ARG H 421 -25.18 -40.00 8.28
CA ARG H 421 -26.18 -40.68 7.45
C ARG H 421 -25.54 -41.87 6.71
N LEU H 422 -24.32 -42.21 7.10
CA LEU H 422 -23.63 -43.37 6.53
C LEU H 422 -23.83 -44.64 7.34
N LYS H 423 -24.91 -44.69 8.12
CA LYS H 423 -25.15 -45.72 9.15
C LYS H 423 -24.20 -45.70 10.38
N GLY H 424 -23.10 -46.46 10.38
CA GLY H 424 -22.67 -47.28 9.28
C GLY H 424 -21.88 -48.49 9.72
N LEU H 425 -20.64 -48.65 9.25
CA LEU H 425 -19.97 -47.73 8.30
C LEU H 425 -19.52 -46.40 8.93
N ASP H 426 -19.80 -46.23 10.21
CA ASP H 426 -19.36 -45.04 10.94
C ASP H 426 -18.60 -45.45 12.21
N ALA H 427 -18.88 -44.75 13.31
CA ALA H 427 -18.20 -44.98 14.58
C ALA H 427 -16.75 -44.50 14.51
N SER H 428 -15.97 -45.09 13.61
CA SER H 428 -14.59 -44.66 13.43
C SER H 428 -14.49 -43.28 12.79
N ILE H 429 -15.52 -42.87 12.03
CA ILE H 429 -15.53 -41.51 11.49
C ILE H 429 -15.54 -40.48 12.61
N GLU H 430 -16.47 -40.64 13.54
CA GLU H 430 -16.51 -39.75 14.70
C GLU H 430 -15.24 -39.85 15.55
N HIS H 431 -14.68 -41.04 15.68
CA HIS H 431 -13.45 -41.18 16.47
C HIS H 431 -12.31 -40.39 15.83
N ASP H 432 -12.14 -40.59 14.53
CA ASP H 432 -11.16 -39.84 13.76
C ASP H 432 -11.34 -38.33 13.91
N ILE H 433 -12.58 -37.88 13.73
CA ILE H 433 -12.88 -36.46 13.84
C ILE H 433 -12.52 -35.91 15.21
N VAL H 434 -12.93 -36.62 16.25
CA VAL H 434 -12.61 -36.19 17.61
C VAL H 434 -11.09 -36.19 17.90
N HIS H 435 -10.38 -37.16 17.34
CA HIS H 435 -8.92 -37.24 17.47
C HIS H 435 -8.24 -35.99 16.85
N GLY H 436 -8.59 -35.73 15.59
CA GLY H 436 -8.12 -34.53 14.90
C GLY H 436 -8.47 -33.27 15.68
N LEU H 437 -9.70 -33.18 16.15
CA LEU H 437 -10.11 -31.99 16.89
C LEU H 437 -9.25 -31.83 18.12
N GLN H 438 -8.90 -32.94 18.76
CA GLN H 438 -8.13 -32.90 20.00
C GLN H 438 -6.73 -32.39 19.71
N ALA H 439 -6.15 -32.87 18.61
CA ALA H 439 -4.84 -32.39 18.17
C ALA H 439 -4.81 -30.96 17.56
N LEU H 440 -5.97 -30.43 17.14
CA LEU H 440 -5.98 -29.23 16.29
C LEU H 440 -5.15 -28.09 16.87
N PRO H 441 -5.39 -27.76 18.14
CA PRO H 441 -4.75 -26.56 18.70
C PRO H 441 -3.24 -26.62 18.61
N SER H 442 -2.65 -27.79 18.85
CA SER H 442 -1.21 -27.83 18.88
C SER H 442 -0.71 -28.01 17.46
N ARG H 443 -1.58 -28.51 16.59
CA ARG H 443 -1.26 -28.58 15.17
C ARG H 443 -1.15 -27.17 14.61
N ILE H 444 -2.10 -26.32 14.96
CA ILE H 444 -2.05 -24.93 14.52
C ILE H 444 -0.75 -24.30 15.03
N GLU H 445 -0.40 -24.58 16.29
CA GLU H 445 0.83 -24.01 16.88
C GLU H 445 2.05 -24.51 16.10
N GLN H 446 1.97 -25.75 15.66
CA GLN H 446 3.03 -26.33 14.86
C GLN H 446 3.20 -25.50 13.60
N MET H 447 2.08 -25.14 12.96
CA MET H 447 2.12 -24.31 11.77
C MET H 447 2.72 -22.94 12.06
N LEU H 448 2.28 -22.32 13.15
CA LEU H 448 2.81 -21.00 13.51
C LEU H 448 4.32 -21.06 13.65
N SER H 449 4.85 -22.18 14.14
CA SER H 449 6.29 -22.30 14.33
C SER H 449 7.08 -22.31 13.02
N GLN H 450 6.38 -22.47 11.91
CA GLN H 450 7.01 -22.40 10.60
C GLN H 450 7.06 -20.97 10.10
N ASP H 451 6.73 -20.01 10.95
CA ASP H 451 6.56 -18.64 10.46
C ASP H 451 7.82 -18.05 9.81
N LYS H 452 9.00 -18.34 10.35
CA LYS H 452 10.23 -17.78 9.77
C LYS H 452 10.37 -18.18 8.31
N ARG H 453 9.95 -19.41 8.00
CA ARG H 453 10.08 -19.88 6.62
C ARG H 453 9.09 -19.15 5.72
N ILE H 454 7.87 -18.93 6.21
CA ILE H 454 6.85 -18.22 5.46
C ILE H 454 7.27 -16.78 5.27
N GLU H 455 7.89 -16.21 6.30
CA GLU H 455 8.39 -14.87 6.18
C GLU H 455 9.38 -14.80 5.01
N ALA H 456 10.29 -15.76 4.97
CA ALA H 456 11.31 -15.80 3.93
C ALA H 456 10.65 -15.92 2.57
N LEU H 457 9.68 -16.81 2.47
CA LEU H 457 8.97 -17.07 1.22
C LEU H 457 8.32 -15.80 0.68
N ALA H 458 7.68 -15.04 1.57
CA ALA H 458 7.05 -13.77 1.23
C ALA H 458 7.89 -12.85 0.32
N GLU H 459 9.22 -12.91 0.44
CA GLU H 459 10.06 -12.06 -0.41
C GLU H 459 9.81 -12.38 -1.88
N ASP H 460 9.35 -13.60 -2.14
CA ASP H 460 9.13 -14.04 -3.52
C ASP H 460 7.86 -13.47 -4.14
N PHE H 461 6.97 -12.93 -3.29
CA PHE H 461 5.70 -12.38 -3.75
C PHE H 461 5.61 -10.91 -3.52
N SER H 462 6.54 -10.38 -2.74
CA SER H 462 6.48 -8.99 -2.31
C SER H 462 6.27 -8.02 -3.49
N ASP H 463 6.86 -8.29 -4.63
CA ASP H 463 6.79 -7.35 -5.75
C ASP H 463 5.94 -7.85 -6.93
N LYS H 464 5.18 -8.91 -6.68
CA LYS H 464 4.30 -9.46 -7.72
C LYS H 464 2.96 -8.73 -7.78
N HIS H 465 2.34 -8.68 -8.96
CA HIS H 465 1.02 -8.08 -9.09
C HIS H 465 -0.07 -9.08 -9.39
N HIS H 466 0.32 -10.31 -9.73
CA HIS H 466 -0.62 -11.40 -9.91
C HIS H 466 -0.16 -12.61 -9.10
N ALA H 467 -1.09 -13.50 -8.78
CA ALA H 467 -0.74 -14.83 -8.29
C ALA H 467 -1.91 -15.74 -8.59
N LEU H 468 -1.65 -17.03 -8.68
CA LEU H 468 -2.70 -18.03 -8.89
C LEU H 468 -2.60 -19.09 -7.79
N PHE H 469 -3.69 -19.29 -7.06
CA PHE H 469 -3.73 -20.27 -5.98
C PHE H 469 -4.55 -21.46 -6.45
N LEU H 470 -3.93 -22.64 -6.41
CA LEU H 470 -4.60 -23.89 -6.81
C LEU H 470 -4.90 -24.83 -5.64
N GLY H 471 -6.07 -25.47 -5.69
CA GLY H 471 -6.37 -26.53 -4.74
C GLY H 471 -7.34 -27.53 -5.33
N ARG H 472 -7.35 -28.74 -4.78
CA ARG H 472 -8.31 -29.77 -5.16
C ARG H 472 -9.10 -30.25 -3.94
N GLY H 473 -10.35 -30.63 -4.18
CA GLY H 473 -11.21 -31.11 -3.11
C GLY H 473 -11.25 -30.18 -1.91
N ASP H 474 -11.09 -30.74 -0.72
CA ASP H 474 -11.25 -29.94 0.49
C ASP H 474 -10.17 -28.87 0.67
N GLN H 475 -9.18 -28.86 -0.22
CA GLN H 475 -8.13 -27.84 -0.22
C GLN H 475 -8.42 -26.70 -1.20
N TYR H 476 -9.39 -26.92 -2.10
CA TYR H 476 -9.77 -25.89 -3.07
C TYR H 476 -10.30 -24.60 -2.41
N PRO H 477 -11.20 -24.74 -1.42
CA PRO H 477 -11.64 -23.54 -0.71
C PRO H 477 -10.52 -22.91 0.13
N ILE H 478 -9.51 -23.70 0.51
CA ILE H 478 -8.35 -23.14 1.20
C ILE H 478 -7.59 -22.21 0.23
N ALA H 479 -7.37 -22.70 -0.98
CA ALA H 479 -6.86 -21.85 -2.03
C ALA H 479 -7.77 -20.62 -2.22
N LEU H 480 -9.09 -20.82 -2.19
CA LEU H 480 -9.98 -19.67 -2.32
C LEU H 480 -9.64 -18.62 -1.28
N GLU H 481 -9.46 -19.06 -0.04
CA GLU H 481 -9.23 -18.18 1.11
C GLU H 481 -7.81 -17.58 1.08
N GLY H 482 -6.82 -18.39 0.75
CA GLY H 482 -5.48 -17.87 0.55
C GLY H 482 -5.45 -16.75 -0.48
N ALA H 483 -6.16 -16.95 -1.58
CA ALA H 483 -6.18 -15.95 -2.65
C ALA H 483 -6.87 -14.67 -2.20
N LEU H 484 -8.00 -14.82 -1.52
CA LEU H 484 -8.72 -13.70 -0.91
C LEU H 484 -7.83 -12.87 0.03
N LYS H 485 -7.11 -13.56 0.93
CA LYS H 485 -6.25 -12.90 1.90
C LYS H 485 -5.20 -12.03 1.22
N LEU H 486 -4.56 -12.59 0.20
CA LEU H 486 -3.57 -11.86 -0.58
C LEU H 486 -4.19 -10.65 -1.30
N LYS H 487 -5.40 -10.80 -1.85
CA LYS H 487 -6.13 -9.64 -2.40
C LYS H 487 -6.34 -8.60 -1.31
N GLU H 488 -6.91 -9.05 -0.20
CA GLU H 488 -7.30 -8.19 0.93
C GLU H 488 -6.21 -7.24 1.41
N ILE H 489 -5.11 -7.80 1.89
CA ILE H 489 -4.19 -7.00 2.70
C ILE H 489 -2.90 -6.65 2.00
N SER H 490 -2.67 -7.22 0.82
CA SER H 490 -1.49 -6.84 0.03
C SER H 490 -1.84 -6.19 -1.30
N TYR H 491 -3.12 -6.26 -1.70
CA TYR H 491 -3.63 -5.68 -2.95
C TYR H 491 -3.02 -6.32 -4.17
N ILE H 492 -2.51 -7.53 -4.03
CA ILE H 492 -2.03 -8.28 -5.19
C ILE H 492 -3.23 -8.92 -5.85
N HIS H 493 -3.24 -8.96 -7.18
CA HIS H 493 -4.36 -9.58 -7.86
C HIS H 493 -4.20 -11.11 -7.88
N ALA H 494 -4.57 -11.74 -6.75
CA ALA H 494 -4.42 -13.18 -6.60
C ALA H 494 -5.77 -13.83 -6.85
N GLU H 495 -5.77 -14.95 -7.58
CA GLU H 495 -7.01 -15.62 -7.93
C GLU H 495 -6.87 -17.12 -7.71
N ALA H 496 -7.87 -17.72 -7.09
CA ALA H 496 -7.89 -19.17 -6.87
C ALA H 496 -8.64 -19.89 -8.00
N TYR H 497 -8.31 -21.15 -8.21
CA TYR H 497 -8.89 -21.94 -9.27
C TYR H 497 -8.85 -23.40 -8.84
N ALA H 498 -9.80 -24.22 -9.30
CA ALA H 498 -9.73 -25.64 -9.02
C ALA H 498 -8.51 -26.19 -9.76
N ALA H 499 -7.73 -27.04 -9.09
CA ALA H 499 -6.46 -27.47 -9.66
C ALA H 499 -6.68 -28.05 -11.05
N GLY H 500 -7.70 -28.89 -11.17
CA GLY H 500 -8.02 -29.57 -12.41
C GLY H 500 -8.40 -28.64 -13.54
N GLU H 501 -8.70 -27.39 -13.23
CA GLU H 501 -9.09 -26.47 -14.28
C GLU H 501 -7.90 -25.63 -14.79
N LEU H 502 -6.73 -25.76 -14.15
CA LEU H 502 -5.58 -24.94 -14.59
C LEU H 502 -5.41 -24.89 -16.12
N LYS H 503 -5.51 -26.04 -16.77
CA LYS H 503 -5.14 -26.17 -18.19
C LYS H 503 -6.25 -25.65 -19.11
N HIS H 504 -7.42 -25.38 -18.54
CA HIS H 504 -8.56 -24.96 -19.31
C HIS H 504 -8.64 -23.44 -19.51
N GLY H 505 -7.62 -22.70 -19.05
CA GLY H 505 -7.56 -21.26 -19.29
C GLY H 505 -6.41 -20.54 -18.61
N PRO H 506 -6.40 -20.54 -17.28
CA PRO H 506 -5.37 -19.75 -16.58
C PRO H 506 -3.93 -20.08 -16.98
N LEU H 507 -3.69 -21.26 -17.52
CA LEU H 507 -2.33 -21.63 -17.91
C LEU H 507 -1.76 -20.60 -18.89
N ALA H 508 -2.63 -20.06 -19.76
CA ALA H 508 -2.27 -19.02 -20.71
C ALA H 508 -1.67 -17.75 -20.08
N LEU H 509 -2.02 -17.51 -18.82
CA LEU H 509 -1.61 -16.29 -18.13
C LEU H 509 -0.24 -16.40 -17.48
N ILE H 510 0.18 -17.62 -17.20
CA ILE H 510 1.34 -17.81 -16.32
C ILE H 510 2.65 -17.29 -16.91
N ASP H 511 3.38 -16.54 -16.09
CA ASP H 511 4.73 -16.08 -16.41
C ASP H 511 5.35 -15.58 -15.12
N ALA H 512 6.59 -15.09 -15.20
CA ALA H 512 7.27 -14.65 -13.98
C ALA H 512 6.48 -13.66 -13.09
N ASP H 513 5.60 -12.84 -13.65
CA ASP H 513 4.85 -11.91 -12.81
CA ASP H 513 4.81 -11.91 -12.87
C ASP H 513 3.61 -12.57 -12.18
N MET H 514 3.47 -13.88 -12.33
CA MET H 514 2.30 -14.59 -11.79
C MET H 514 2.66 -15.98 -11.29
N PRO H 515 3.19 -16.04 -10.06
CA PRO H 515 3.53 -17.27 -9.32
C PRO H 515 2.31 -18.17 -9.12
N VAL H 516 2.53 -19.47 -9.11
CA VAL H 516 1.45 -20.40 -8.85
C VAL H 516 1.68 -21.09 -7.50
N ILE H 517 0.63 -21.16 -6.70
CA ILE H 517 0.66 -21.84 -5.42
C ILE H 517 -0.34 -23.00 -5.45
N VAL H 518 0.11 -24.17 -5.01
CA VAL H 518 -0.75 -25.33 -4.82
C VAL H 518 -0.78 -25.66 -3.33
N VAL H 519 -1.95 -25.94 -2.78
CA VAL H 519 -2.03 -26.30 -1.37
C VAL H 519 -2.25 -27.79 -1.18
N ALA H 520 -1.25 -28.47 -0.62
CA ALA H 520 -1.40 -29.86 -0.13
C ALA H 520 -1.86 -30.86 -1.18
N PRO H 521 -1.17 -30.92 -2.31
CA PRO H 521 -1.57 -31.88 -3.35
C PRO H 521 -1.00 -33.27 -3.09
N ASN H 522 -1.70 -34.32 -3.53
CA ASN H 522 -1.10 -35.66 -3.49
C ASN H 522 -0.18 -35.84 -4.69
N ASN H 523 0.58 -36.94 -4.68
CA ASN H 523 1.60 -37.18 -5.70
C ASN H 523 1.08 -37.11 -7.14
N GLU H 524 -0.11 -37.64 -7.38
CA GLU H 524 -0.71 -37.71 -8.70
C GLU H 524 -1.02 -36.31 -9.24
N LEU H 525 -1.75 -35.55 -8.42
CA LEU H 525 -1.98 -34.14 -8.69
C LEU H 525 -0.67 -33.37 -8.91
N LEU H 526 0.28 -33.54 -7.99
CA LEU H 526 1.54 -32.82 -8.12
C LEU H 526 2.13 -33.10 -9.47
N GLU H 527 2.22 -34.36 -9.89
CA GLU H 527 2.82 -34.63 -11.18
C GLU H 527 2.08 -33.93 -12.33
N LYS H 528 0.73 -33.94 -12.26
CA LYS H 528 -0.01 -33.20 -13.28
C LYS H 528 0.39 -31.70 -13.36
N LEU H 529 0.43 -31.05 -12.19
CA LEU H 529 0.77 -29.63 -12.09
C LEU H 529 2.22 -29.32 -12.48
N LYS H 530 3.12 -30.24 -12.16
CA LYS H 530 4.53 -30.15 -12.52
C LYS H 530 4.65 -30.12 -14.04
N SER H 531 3.98 -31.07 -14.69
CA SER H 531 3.95 -31.02 -16.16
C SER H 531 3.37 -29.68 -16.69
N ASN H 532 2.28 -29.22 -16.08
CA ASN H 532 1.71 -27.93 -16.45
C ASN H 532 2.70 -26.75 -16.39
N ILE H 533 3.40 -26.62 -15.27
CA ILE H 533 4.37 -25.51 -15.09
C ILE H 533 5.56 -25.69 -16.04
N GLU H 534 5.87 -26.94 -16.37
CA GLU H 534 6.87 -27.19 -17.41
C GLU H 534 6.41 -26.48 -18.67
N GLU H 535 5.18 -26.74 -19.11
CA GLU H 535 4.70 -26.05 -20.32
C GLU H 535 5.00 -24.53 -20.34
N VAL H 536 5.30 -23.93 -19.18
CA VAL H 536 5.46 -22.48 -19.15
C VAL H 536 6.76 -22.02 -18.50
N ARG H 537 7.69 -22.95 -18.32
CA ARG H 537 9.05 -22.59 -17.91
C ARG H 537 9.64 -21.43 -18.74
N ALA H 538 9.37 -21.44 -20.04
CA ALA H 538 9.95 -20.45 -20.95
C ALA H 538 9.55 -19.02 -20.64
N ARG H 539 8.43 -18.84 -19.94
CA ARG H 539 7.96 -17.50 -19.57
C ARG H 539 8.22 -17.22 -18.10
N GLY H 540 9.03 -18.06 -17.48
CA GLY H 540 9.39 -17.90 -16.08
C GLY H 540 8.33 -18.28 -15.07
N GLY H 541 7.62 -19.38 -15.32
CA GLY H 541 6.54 -19.82 -14.46
C GLY H 541 7.05 -20.57 -13.24
N GLN H 542 6.67 -20.10 -12.06
CA GLN H 542 7.10 -20.71 -10.81
C GLN H 542 5.93 -21.38 -10.12
N LEU H 543 6.16 -22.61 -9.68
CA LEU H 543 5.18 -23.38 -8.93
C LEU H 543 5.69 -23.47 -7.48
N TYR H 544 4.91 -22.95 -6.53
CA TYR H 544 5.22 -23.11 -5.11
C TYR H 544 4.24 -24.11 -4.50
N VAL H 545 4.78 -25.09 -3.79
CA VAL H 545 3.99 -26.24 -3.34
C VAL H 545 4.04 -26.42 -1.83
N PHE H 546 2.91 -26.20 -1.17
CA PHE H 546 2.80 -26.49 0.26
C PHE H 546 2.38 -27.95 0.42
N ALA H 547 3.29 -28.78 0.91
CA ALA H 547 2.98 -30.21 1.03
C ALA H 547 3.56 -30.88 2.28
N ASP H 548 2.98 -32.02 2.63
CA ASP H 548 3.46 -32.88 3.71
C ASP H 548 4.93 -33.24 3.44
N GLN H 549 5.80 -32.99 4.39
CA GLN H 549 7.20 -33.43 4.26
C GLN H 549 7.33 -34.96 4.15
N ASP H 550 6.34 -35.71 4.64
CA ASP H 550 6.41 -37.18 4.60
C ASP H 550 6.27 -37.68 3.19
N ALA H 551 5.86 -36.79 2.29
CA ALA H 551 5.54 -37.19 0.92
C ALA H 551 6.81 -37.38 0.11
N GLY H 552 7.89 -36.74 0.55
CA GLY H 552 9.17 -36.83 -0.15
C GLY H 552 9.24 -36.09 -1.48
N PHE H 553 8.45 -35.02 -1.62
CA PHE H 553 8.51 -34.20 -2.83
C PHE H 553 9.85 -33.48 -2.93
N VAL H 554 10.35 -33.36 -4.15
CA VAL H 554 11.67 -32.81 -4.38
C VAL H 554 11.60 -31.57 -5.27
N SER H 555 12.28 -30.50 -4.84
CA SER H 555 12.25 -29.24 -5.58
C SER H 555 13.06 -29.30 -6.85
N SER H 556 12.51 -28.73 -7.93
CA SER H 556 13.26 -28.44 -9.15
C SER H 556 13.60 -26.94 -9.18
N ASP H 557 13.95 -26.42 -10.35
CA ASP H 557 14.31 -25.00 -10.42
C ASP H 557 13.10 -24.09 -10.65
N ASN H 558 11.99 -24.65 -11.12
CA ASN H 558 10.79 -23.85 -11.22
C ASN H 558 9.60 -24.44 -10.45
N MET H 559 9.89 -25.46 -9.64
CA MET H 559 8.91 -25.99 -8.70
C MET H 559 9.54 -26.03 -7.32
N HIS H 560 8.99 -25.25 -6.39
CA HIS H 560 9.58 -25.10 -5.08
C HIS H 560 8.71 -25.69 -3.99
N ILE H 561 9.19 -26.78 -3.40
CA ILE H 561 8.48 -27.44 -2.31
C ILE H 561 8.76 -26.73 -1.00
N ILE H 562 7.69 -26.39 -0.31
CA ILE H 562 7.77 -25.81 1.03
C ILE H 562 7.14 -26.83 1.96
N GLU H 563 8.00 -27.66 2.55
CA GLU H 563 7.58 -28.79 3.35
C GLU H 563 6.89 -28.34 4.60
N MET H 564 5.85 -29.09 4.97
CA MET H 564 5.10 -28.86 6.20
C MET H 564 5.02 -30.16 7.00
N PRO H 565 4.88 -30.05 8.32
CA PRO H 565 4.74 -31.27 9.13
C PRO H 565 3.46 -32.05 8.82
N HIS H 566 3.50 -33.35 9.07
CA HIS H 566 2.37 -34.24 8.85
C HIS H 566 1.21 -33.80 9.72
N VAL H 567 -0.02 -33.97 9.23
CA VAL H 567 -1.21 -33.79 10.07
C VAL H 567 -2.27 -34.82 9.80
N GLU H 568 -3.19 -34.93 10.76
CA GLU H 568 -4.40 -35.70 10.57
C GLU H 568 -5.16 -35.20 9.33
N GLU H 569 -5.48 -36.12 8.43
CA GLU H 569 -6.16 -35.76 7.21
C GLU H 569 -7.44 -34.93 7.41
N VAL H 570 -8.24 -35.31 8.38
CA VAL H 570 -9.55 -34.71 8.56
C VAL H 570 -9.47 -33.24 8.92
N ILE H 571 -8.37 -32.81 9.53
CA ILE H 571 -8.21 -31.40 9.84
C ILE H 571 -7.17 -30.72 8.94
N ALA H 572 -6.77 -31.40 7.87
CA ALA H 572 -5.74 -30.84 7.00
C ALA H 572 -6.10 -29.47 6.38
N PRO H 573 -7.38 -29.26 6.01
CA PRO H 573 -7.75 -27.92 5.50
C PRO H 573 -7.57 -26.79 6.52
N ILE H 574 -7.82 -27.03 7.80
CA ILE H 574 -7.65 -25.98 8.80
C ILE H 574 -6.17 -25.70 8.97
N PHE H 575 -5.41 -26.79 9.02
CA PHE H 575 -3.95 -26.77 9.11
C PHE H 575 -3.33 -25.90 8.01
N TYR H 576 -3.69 -26.16 6.75
CA TYR H 576 -3.07 -25.45 5.63
C TYR H 576 -3.54 -24.00 5.44
N THR H 577 -4.57 -23.60 6.16
CA THR H 577 -4.99 -22.22 6.10
C THR H 577 -3.89 -21.31 6.66
N VAL H 578 -3.26 -21.75 7.75
CA VAL H 578 -2.33 -20.91 8.50
C VAL H 578 -1.16 -20.36 7.67
N PRO H 579 -0.49 -21.21 6.90
CA PRO H 579 0.61 -20.66 6.11
C PRO H 579 0.16 -19.64 5.05
N LEU H 580 -1.07 -19.74 4.56
CA LEU H 580 -1.55 -18.78 3.56
C LEU H 580 -1.90 -17.45 4.23
N GLN H 581 -2.41 -17.53 5.46
CA GLN H 581 -2.60 -16.35 6.29
C GLN H 581 -1.26 -15.67 6.58
N LEU H 582 -0.27 -16.47 6.97
CA LEU H 582 1.03 -15.92 7.32
C LEU H 582 1.72 -15.32 6.09
N LEU H 583 1.56 -15.97 4.94
CA LEU H 583 2.12 -15.46 3.71
C LEU H 583 1.58 -14.08 3.41
N ALA H 584 0.26 -13.93 3.45
CA ALA H 584 -0.34 -12.66 3.10
C ALA H 584 0.13 -11.61 4.10
N TYR H 585 0.19 -11.98 5.37
CA TYR H 585 0.59 -11.02 6.40
C TYR H 585 2.02 -10.52 6.17
N HIS H 586 2.92 -11.43 5.82
CA HIS H 586 4.31 -11.05 5.67
C HIS H 586 4.59 -10.28 4.40
N VAL H 587 3.75 -10.51 3.39
CA VAL H 587 3.86 -9.76 2.15
C VAL H 587 3.43 -8.33 2.44
N ALA H 588 2.40 -8.18 3.25
CA ALA H 588 1.88 -6.86 3.57
C ALA H 588 2.86 -6.07 4.43
N LEU H 589 3.56 -6.81 5.30
CA LEU H 589 4.59 -6.21 6.13
C LEU H 589 5.73 -5.65 5.28
N ILE H 590 6.14 -6.43 4.27
CA ILE H 590 7.21 -6.02 3.37
C ILE H 590 6.78 -4.80 2.55
N LYS H 591 5.59 -4.84 1.97
CA LYS H 591 5.09 -3.71 1.19
C LYS H 591 4.70 -2.52 2.07
N GLY H 592 4.40 -2.80 3.35
CA GLY H 592 4.04 -1.78 4.29
C GLY H 592 2.62 -1.30 4.08
N THR H 593 1.73 -2.22 3.72
CA THR H 593 0.32 -1.86 3.56
C THR H 593 -0.47 -1.93 4.87
N ASP H 594 -1.64 -1.28 4.90
CA ASP H 594 -2.49 -1.21 6.08
C ASP H 594 -3.19 -2.55 6.41
N VAL H 595 -2.49 -3.46 7.09
CA VAL H 595 -2.97 -4.80 7.41
C VAL H 595 -4.31 -4.81 8.16
N ASP H 596 -4.42 -3.99 9.20
CA ASP H 596 -5.63 -4.00 10.03
C ASP H 596 -6.81 -3.31 9.36
N GLN H 597 -6.54 -2.35 8.49
CA GLN H 597 -7.57 -1.58 7.82
C GLN H 597 -7.26 -1.39 6.32
N PRO H 598 -7.32 -2.48 5.55
CA PRO H 598 -7.03 -2.46 4.11
C PRO H 598 -7.95 -1.47 3.39
N ARG H 599 -7.46 -0.82 2.34
CA ARG H 599 -8.23 0.20 1.63
C ARG H 599 -9.56 -0.33 1.10
N ASN H 600 -10.63 0.45 1.30
CA ASN H 600 -11.95 0.13 0.73
C ASN H 600 -12.71 -1.07 1.32
N LEU H 601 -12.11 -1.82 2.26
CA LEU H 601 -12.85 -2.93 2.87
C LEU H 601 -13.41 -2.53 4.24
N ALA H 602 -14.44 -3.24 4.68
CA ALA H 602 -15.08 -2.98 5.96
C ALA H 602 -15.14 -4.28 6.77
N LYS H 603 -15.21 -4.17 8.09
CA LYS H 603 -15.29 -5.36 8.93
C LYS H 603 -16.53 -6.14 8.58
N SER H 604 -17.66 -5.43 8.49
CA SER H 604 -18.89 -6.08 8.05
C SER H 604 -19.76 -5.16 7.21
N VAL H 605 -20.42 -5.73 6.22
CA VAL H 605 -21.25 -4.94 5.31
C VAL H 605 -22.71 -5.07 5.75
N THR H 606 -23.19 -4.05 6.47
CA THR H 606 -24.50 -4.12 7.12
C THR H 606 -25.59 -3.27 6.45
N VAL H 607 -25.17 -2.27 5.69
CA VAL H 607 -26.12 -1.44 4.96
C VAL H 607 -26.34 -1.98 3.54
N GLU H 608 -27.55 -1.82 3.03
CA GLU H 608 -27.95 -2.36 1.74
C GLU H 608 -27.27 -1.66 0.55
#